data_1RF8
#
_entry.id   1RF8
#
loop_
_entity.id
_entity.type
_entity.pdbx_description
1 polymer 'Eukaryotic translation initiation factor 4E'
2 polymer 'Eukaryotic initiation factor 4F subunit p150'
3 non-polymer 'S-[(1-oxyl-2,2,5,5-tetramethyl-2,5-dihydro-1H-pyrrol-3-yl)methyl] methanesulfonothioate'
4 non-polymer "7N-METHYL-8-HYDROGUANOSINE-5'-DIPHOSPHATE"
#
loop_
_entity_poly.entity_id
_entity_poly.type
_entity_poly.pdbx_seq_one_letter_code
_entity_poly.pdbx_strand_id
1 'polypeptide(L)'
;MSVEEVSKKFEENVSVDDTTATPKTVLSDSAHFDVKHPLNTKWTLWYTKPAVDKSESWSDLLRPVTSFQTVEEFWAIIQN
IPEPHELPLKSDYHVFRNDVRPEWEDEANAKGGKWSFQLCGKGADIDELWLCTLLAVIGETIDEDDSQINGVVLSIRKGG
NKFALWTKCEDKEPLLRIGGKFKQVLKLTDDGHLEFFPHCSANGRHPQPSITL
;
A
2 'polypeptide(L)'
;GSIGLEAEIETTTDETDDGTNTVSHILNVLKDATPIEDVFSFNYPEGIEGPDIKYKKEHVKYTYGPTFLLQFKDKLNVKA
DAEWVQSTASKIVIPPGMGR
;
B
#
# COMPACT_ATOMS: atom_id res chain seq x y z
N MET A 1 -29.84 6.20 26.66
CA MET A 1 -29.09 6.06 25.38
C MET A 1 -29.32 4.70 24.74
N SER A 2 -30.00 4.70 23.60
CA SER A 2 -30.30 3.46 22.89
C SER A 2 -29.04 2.89 22.25
N VAL A 3 -29.07 1.61 21.92
CA VAL A 3 -27.93 0.94 21.31
C VAL A 3 -28.36 0.16 20.07
N GLU A 4 -27.38 -0.46 19.41
CA GLU A 4 -27.65 -1.23 18.20
C GLU A 4 -28.89 -2.11 18.38
N GLU A 5 -30.03 -1.61 17.91
CA GLU A 5 -31.28 -2.36 18.01
C GLU A 5 -32.16 -2.12 16.79
N VAL A 6 -32.57 -0.87 16.60
CA VAL A 6 -33.42 -0.51 15.47
C VAL A 6 -34.78 -1.20 15.57
N SER A 7 -35.48 -0.97 16.67
CA SER A 7 -36.80 -1.56 16.88
C SER A 7 -37.91 -0.57 16.53
N LYS A 8 -37.59 0.37 15.65
CA LYS A 8 -38.57 1.38 15.24
C LYS A 8 -38.34 1.80 13.79
N LYS A 9 -39.42 2.09 13.08
CA LYS A 9 -39.34 2.51 11.69
C LYS A 9 -39.37 4.03 11.57
N PHE A 10 -39.07 4.71 12.68
CA PHE A 10 -39.07 6.17 12.70
C PHE A 10 -37.67 6.71 12.42
N GLU A 11 -36.68 6.14 13.10
CA GLU A 11 -35.30 6.56 12.93
C GLU A 11 -34.93 6.62 11.45
N GLU A 12 -35.46 5.69 10.68
CA GLU A 12 -35.18 5.62 9.24
C GLU A 12 -36.43 5.96 8.44
N ASN A 13 -36.24 6.62 7.30
CA ASN A 13 -37.35 6.99 6.44
C ASN A 13 -37.16 6.44 5.03
N VAL A 14 -37.87 5.35 4.73
CA VAL A 14 -37.77 4.73 3.42
C VAL A 14 -38.32 5.65 2.33
N SER A 15 -37.44 6.44 1.73
CA SER A 15 -37.84 7.36 0.67
C SER A 15 -36.64 8.17 0.18
N VAL A 16 -36.43 8.17 -1.13
CA VAL A 16 -35.33 8.90 -1.73
C VAL A 16 -35.75 9.60 -3.01
N ASP A 17 -34.80 10.24 -3.68
CA ASP A 17 -35.07 10.96 -4.92
C ASP A 17 -33.86 11.77 -5.37
N ASP A 18 -33.42 11.53 -6.60
CA ASP A 18 -32.27 12.25 -7.15
C ASP A 18 -31.12 12.26 -6.16
N THR A 19 -31.04 11.22 -5.33
CA THR A 19 -29.98 11.11 -4.33
C THR A 19 -28.64 11.53 -4.92
N THR A 20 -28.26 12.78 -4.68
CA THR A 20 -27.00 13.31 -5.18
C THR A 20 -25.84 12.38 -4.82
N ALA A 21 -24.66 12.69 -5.35
CA ALA A 21 -23.47 11.89 -5.09
C ALA A 21 -23.60 10.49 -5.69
N THR A 22 -22.52 9.72 -5.63
CA THR A 22 -22.51 8.37 -6.17
C THR A 22 -21.10 7.79 -6.15
N PRO A 23 -20.69 7.22 -5.02
CA PRO A 23 -19.36 6.64 -4.86
C PRO A 23 -19.26 5.24 -5.47
N LYS A 24 -18.05 4.87 -5.88
CA LYS A 24 -17.81 3.56 -6.48
C LYS A 24 -16.41 3.07 -6.16
N THR A 25 -16.30 2.18 -5.17
CA THR A 25 -15.02 1.64 -4.77
C THR A 25 -14.58 0.52 -5.72
N VAL A 26 -13.27 0.27 -5.75
CA VAL A 26 -12.73 -0.77 -6.62
C VAL A 26 -13.29 -2.14 -6.26
N LEU A 27 -13.94 -2.23 -5.10
CA LEU A 27 -14.53 -3.48 -4.63
C LEU A 27 -15.86 -3.74 -5.34
N SER A 28 -16.75 -2.76 -5.31
CA SER A 28 -18.05 -2.90 -5.94
C SER A 28 -17.98 -2.59 -7.44
N ASP A 29 -16.90 -1.94 -7.84
CA ASP A 29 -16.70 -1.59 -9.25
C ASP A 29 -16.21 -2.80 -10.04
N SER A 30 -14.92 -3.11 -9.90
CA SER A 30 -14.32 -4.24 -10.60
C SER A 30 -13.88 -3.83 -12.00
N ALA A 31 -14.08 -2.56 -12.34
CA ALA A 31 -13.70 -2.05 -13.65
C ALA A 31 -14.23 -0.63 -13.88
N HIS A 32 -14.24 0.16 -12.82
CA HIS A 32 -14.72 1.54 -12.90
C HIS A 32 -14.75 2.21 -11.53
N PHE A 33 -13.58 2.57 -11.03
CA PHE A 33 -13.47 3.22 -9.73
C PHE A 33 -13.86 4.69 -9.85
N ASP A 34 -15.09 5.01 -9.47
CA ASP A 34 -15.59 6.37 -9.55
C ASP A 34 -15.25 7.19 -8.32
N VAL A 35 -14.31 6.70 -7.51
CA VAL A 35 -13.90 7.40 -6.30
C VAL A 35 -12.41 7.24 -6.03
N LYS A 36 -11.76 8.34 -5.64
CA LYS A 36 -10.34 8.33 -5.34
C LYS A 36 -10.10 8.11 -3.85
N HIS A 37 -9.36 7.08 -3.51
CA HIS A 37 -9.09 6.75 -2.10
C HIS A 37 -7.90 7.54 -1.55
N PRO A 38 -8.17 8.52 -0.68
CA PRO A 38 -7.15 9.36 -0.06
C PRO A 38 -6.83 8.90 1.36
N LEU A 39 -5.74 9.41 1.91
CA LEU A 39 -5.34 9.05 3.26
C LEU A 39 -4.89 10.29 4.03
N ASN A 40 -4.15 10.12 5.12
CA ASN A 40 -3.68 11.24 5.91
C ASN A 40 -2.20 11.12 6.18
N THR A 41 -1.49 10.51 5.24
CA THR A 41 -0.07 10.30 5.37
C THR A 41 0.63 10.44 4.02
N LYS A 42 1.95 10.33 4.05
CA LYS A 42 2.76 10.43 2.85
C LYS A 42 3.70 9.24 2.77
N TRP A 43 3.73 8.58 1.61
CA TRP A 43 4.59 7.41 1.44
C TRP A 43 4.87 7.12 -0.02
N THR A 44 6.15 7.13 -0.39
CA THR A 44 6.55 6.84 -1.75
C THR A 44 6.71 5.34 -1.89
N LEU A 45 6.84 4.88 -3.13
CA LEU A 45 6.94 3.47 -3.37
C LEU A 45 8.11 3.13 -4.28
N TRP A 46 9.23 2.77 -3.67
CA TRP A 46 10.44 2.43 -4.43
C TRP A 46 10.70 0.93 -4.41
N TYR A 47 11.02 0.39 -5.58
CA TYR A 47 11.32 -1.04 -5.71
C TYR A 47 12.70 -1.24 -6.33
N THR A 48 13.61 -1.81 -5.55
CA THR A 48 14.97 -2.05 -6.02
C THR A 48 15.09 -3.37 -6.77
N LYS A 49 15.87 -3.37 -7.83
CA LYS A 49 16.09 -4.56 -8.64
C LYS A 49 17.58 -4.86 -8.76
N PRO A 50 18.26 -5.01 -7.61
CA PRO A 50 19.69 -5.29 -7.56
C PRO A 50 20.14 -6.30 -8.62
N ALA A 51 20.95 -5.83 -9.56
CA ALA A 51 21.45 -6.68 -10.62
C ALA A 51 22.63 -6.02 -11.32
N VAL A 52 22.48 -4.73 -11.59
CA VAL A 52 23.53 -3.97 -12.23
C VAL A 52 24.36 -3.24 -11.19
N ASP A 53 24.07 -3.51 -9.92
CA ASP A 53 24.79 -2.88 -8.81
C ASP A 53 26.28 -3.14 -8.94
N LYS A 54 26.62 -4.14 -9.73
CA LYS A 54 28.01 -4.49 -9.96
C LYS A 54 28.87 -3.25 -10.01
N SER A 55 28.40 -2.27 -10.76
CA SER A 55 29.10 -1.01 -10.93
C SER A 55 28.15 0.16 -11.17
N GLU A 56 26.85 -0.10 -11.11
CA GLU A 56 25.86 0.95 -11.33
C GLU A 56 25.78 1.90 -10.13
N SER A 57 24.79 1.68 -9.27
CA SER A 57 24.61 2.51 -8.09
C SER A 57 23.30 2.19 -7.40
N TRP A 58 23.34 1.99 -6.08
CA TRP A 58 22.14 1.68 -5.33
C TRP A 58 21.03 2.65 -5.71
N SER A 59 21.44 3.84 -6.13
CA SER A 59 20.49 4.88 -6.53
C SER A 59 20.18 4.79 -8.03
N ASP A 60 20.95 3.99 -8.74
CA ASP A 60 20.76 3.83 -10.18
C ASP A 60 19.81 2.68 -10.46
N LEU A 61 19.62 1.81 -9.47
CA LEU A 61 18.73 0.67 -9.62
C LEU A 61 17.38 0.99 -9.02
N LEU A 62 17.37 1.30 -7.73
CA LEU A 62 16.13 1.65 -7.04
C LEU A 62 15.18 2.39 -7.96
N ARG A 63 13.96 1.89 -8.06
CA ARG A 63 12.94 2.51 -8.90
C ARG A 63 11.83 3.10 -8.04
N PRO A 64 11.92 4.41 -7.75
CA PRO A 64 10.93 5.10 -6.93
C PRO A 64 9.69 5.44 -7.74
N VAL A 65 8.53 5.11 -7.20
CA VAL A 65 7.28 5.36 -7.89
C VAL A 65 6.16 5.77 -6.91
N THR A 66 4.95 5.26 -7.12
CA THR A 66 3.78 5.57 -6.29
C THR A 66 4.15 6.26 -4.98
N SER A 67 3.80 7.53 -4.90
CA SER A 67 4.03 8.32 -3.72
C SER A 67 2.81 9.15 -3.44
N PHE A 68 1.86 8.52 -2.77
CA PHE A 68 0.60 9.19 -2.46
C PHE A 68 -0.03 8.67 -1.19
N GLN A 69 -1.25 9.15 -0.91
CA GLN A 69 -1.98 8.75 0.27
C GLN A 69 -3.24 7.99 -0.15
N THR A 70 -3.05 7.03 -1.04
CA THR A 70 -4.16 6.23 -1.53
C THR A 70 -3.88 4.75 -1.31
N VAL A 71 -4.46 3.91 -2.16
CA VAL A 71 -4.26 2.49 -2.04
C VAL A 71 -4.14 1.83 -3.41
N GLU A 72 -4.83 2.37 -4.40
CA GLU A 72 -4.78 1.84 -5.76
C GLU A 72 -3.36 1.86 -6.29
N GLU A 73 -2.55 2.75 -5.74
CA GLU A 73 -1.18 2.89 -6.17
C GLU A 73 -0.32 1.73 -5.65
N PHE A 74 0.02 1.79 -4.38
CA PHE A 74 0.84 0.75 -3.78
C PHE A 74 0.29 -0.63 -4.06
N TRP A 75 -1.03 -0.75 -4.18
CA TRP A 75 -1.64 -2.04 -4.45
C TRP A 75 -1.18 -2.56 -5.81
N ALA A 76 -1.11 -1.68 -6.81
CA ALA A 76 -0.66 -2.10 -8.13
C ALA A 76 0.67 -2.84 -8.03
N ILE A 77 1.70 -2.17 -7.52
CA ILE A 77 3.00 -2.80 -7.38
C ILE A 77 2.88 -4.19 -6.73
N ILE A 78 1.89 -4.36 -5.87
CA ILE A 78 1.66 -5.66 -5.23
C ILE A 78 1.08 -6.62 -6.26
N GLN A 79 0.26 -6.06 -7.13
CA GLN A 79 -0.35 -6.84 -8.20
C GLN A 79 0.72 -7.63 -8.92
N ASN A 80 1.95 -7.16 -8.80
CA ASN A 80 3.10 -7.84 -9.38
C ASN A 80 3.26 -9.21 -8.76
N ILE A 81 2.54 -9.42 -7.66
CA ILE A 81 2.58 -10.66 -6.92
C ILE A 81 4.01 -11.18 -6.82
N PRO A 82 4.95 -10.31 -6.43
CA PRO A 82 6.35 -10.67 -6.25
C PRO A 82 6.53 -11.30 -4.88
N GLU A 83 5.93 -10.66 -3.89
CA GLU A 83 5.97 -11.14 -2.52
C GLU A 83 7.40 -11.43 -2.06
N PRO A 84 7.55 -12.00 -0.85
CA PRO A 84 8.84 -12.34 -0.29
C PRO A 84 9.33 -13.70 -0.75
N HIS A 85 8.66 -14.25 -1.75
CA HIS A 85 9.01 -15.57 -2.29
C HIS A 85 8.30 -15.82 -3.61
N GLU A 86 8.04 -14.76 -4.36
CA GLU A 86 7.36 -14.88 -5.64
C GLU A 86 8.07 -14.04 -6.71
N LEU A 87 9.18 -13.41 -6.34
CA LEU A 87 9.93 -12.58 -7.27
C LEU A 87 11.42 -12.81 -7.15
N PRO A 88 12.20 -12.35 -8.13
CA PRO A 88 13.66 -12.50 -8.13
C PRO A 88 14.26 -12.00 -6.83
N LEU A 89 14.79 -12.92 -6.04
CA LEU A 89 15.38 -12.58 -4.75
C LEU A 89 16.40 -11.45 -4.89
N LYS A 90 17.15 -11.21 -3.83
CA LYS A 90 18.17 -10.17 -3.84
C LYS A 90 17.55 -8.82 -4.20
N SER A 91 16.25 -8.73 -3.98
CA SER A 91 15.50 -7.52 -4.31
C SER A 91 15.25 -6.66 -3.07
N ASP A 92 14.66 -5.48 -3.29
CA ASP A 92 14.35 -4.55 -2.21
C ASP A 92 13.09 -3.76 -2.53
N TYR A 93 12.39 -3.33 -1.49
CA TYR A 93 11.16 -2.56 -1.65
C TYR A 93 10.90 -1.72 -0.41
N HIS A 94 10.89 -0.40 -0.56
CA HIS A 94 10.65 0.48 0.58
C HIS A 94 9.60 1.54 0.28
N VAL A 95 8.60 1.61 1.16
CA VAL A 95 7.52 2.58 1.03
C VAL A 95 7.39 3.36 2.35
N PHE A 96 7.47 4.67 2.26
CA PHE A 96 7.40 5.51 3.45
C PHE A 96 7.57 7.00 3.11
N ARG A 97 7.69 7.83 4.14
CA ARG A 97 7.88 9.27 3.98
C ARG A 97 7.20 10.04 5.10
N ASN A 98 6.18 9.44 5.69
CA ASN A 98 5.42 10.06 6.78
C ASN A 98 6.30 10.94 7.66
N ASP A 99 7.57 10.56 7.78
CA ASP A 99 8.49 11.33 8.62
C ASP A 99 9.72 11.79 7.83
N VAL A 100 10.29 10.90 7.03
CA VAL A 100 11.47 11.22 6.25
C VAL A 100 11.26 10.87 4.78
N ARG A 101 12.17 10.11 4.17
CA ARG A 101 12.00 9.75 2.76
C ARG A 101 13.29 9.23 2.12
N PRO A 102 14.40 9.99 2.23
CA PRO A 102 15.68 9.62 1.67
C PRO A 102 15.84 8.13 1.42
N GLU A 103 15.99 7.34 2.49
CA GLU A 103 16.15 5.89 2.36
C GLU A 103 16.86 5.32 3.59
N TRP A 104 17.31 4.09 3.51
CA TRP A 104 18.00 3.47 4.63
C TRP A 104 19.30 4.23 4.91
N GLU A 105 19.67 5.11 3.98
CA GLU A 105 20.87 5.91 4.11
C GLU A 105 20.55 7.26 4.76
N ASP A 106 19.27 7.53 5.04
CA ASP A 106 18.88 8.78 5.66
C ASP A 106 17.59 8.60 6.46
N GLU A 107 16.64 7.89 5.88
CA GLU A 107 15.38 7.63 6.56
C GLU A 107 15.67 7.21 7.98
N ALA A 108 16.75 6.46 8.15
CA ALA A 108 17.17 6.01 9.47
C ALA A 108 17.30 7.24 10.35
N ASN A 109 17.90 8.29 9.78
CA ASN A 109 18.03 9.55 10.46
C ASN A 109 16.70 9.88 11.11
N ALA A 110 15.65 9.41 10.44
CA ALA A 110 14.29 9.62 10.88
C ALA A 110 13.87 8.62 11.95
N LYS A 111 13.58 7.40 11.51
CA LYS A 111 13.15 6.33 12.42
C LYS A 111 14.17 6.08 13.50
N GLY A 112 15.42 5.95 13.10
CA GLY A 112 16.46 5.68 14.07
C GLY A 112 16.59 4.19 14.37
N GLY A 113 15.52 3.43 14.12
CA GLY A 113 15.56 2.00 14.38
C GLY A 113 15.08 1.18 13.20
N LYS A 114 15.85 0.16 12.83
CA LYS A 114 15.50 -0.71 11.71
C LYS A 114 15.14 -2.12 12.19
N TRP A 115 13.86 -2.43 12.15
CA TRP A 115 13.39 -3.75 12.57
C TRP A 115 13.24 -4.67 11.35
N SER A 116 14.23 -5.53 11.13
CA SER A 116 14.21 -6.44 10.00
C SER A 116 13.77 -7.84 10.42
N PHE A 117 13.31 -8.62 9.44
CA PHE A 117 12.86 -9.98 9.72
C PHE A 117 13.45 -10.95 8.70
N GLN A 118 14.48 -11.67 9.13
CA GLN A 118 15.15 -12.64 8.27
C GLN A 118 14.39 -13.96 8.23
N LEU A 119 14.17 -14.46 7.02
CA LEU A 119 13.45 -15.72 6.83
C LEU A 119 14.22 -16.64 5.90
N CYS A 120 14.32 -17.91 6.28
CA CYS A 120 15.02 -18.91 5.48
C CYS A 120 14.28 -19.18 4.16
N GLY A 121 13.09 -18.62 4.04
CA GLY A 121 12.31 -18.81 2.83
C GLY A 121 11.27 -19.91 2.98
N LYS A 122 10.01 -19.57 2.76
CA LYS A 122 8.93 -20.54 2.87
C LYS A 122 8.11 -20.60 1.58
N GLY A 123 7.25 -19.62 1.38
CA GLY A 123 6.42 -19.57 0.20
C GLY A 123 5.07 -20.21 0.42
N ALA A 124 4.19 -19.50 1.11
CA ALA A 124 2.86 -20.00 1.40
C ALA A 124 1.82 -18.88 1.38
N ASP A 125 1.83 -18.07 2.43
CA ASP A 125 0.90 -16.95 2.54
C ASP A 125 1.43 -15.87 3.48
N ILE A 126 2.75 -15.70 3.49
CA ILE A 126 3.39 -14.71 4.33
C ILE A 126 3.24 -13.30 3.76
N ASP A 127 3.19 -13.22 2.45
CA ASP A 127 3.06 -11.93 1.76
C ASP A 127 1.81 -11.18 2.22
N GLU A 128 0.84 -11.92 2.75
CA GLU A 128 -0.41 -11.32 3.22
C GLU A 128 -0.22 -10.76 4.62
N LEU A 129 0.56 -11.47 5.43
CA LEU A 129 0.82 -11.08 6.80
C LEU A 129 1.84 -9.94 6.85
N TRP A 130 2.89 -10.04 6.03
CA TRP A 130 3.92 -9.02 5.98
C TRP A 130 3.30 -7.71 5.52
N LEU A 131 2.35 -7.82 4.60
CA LEU A 131 1.67 -6.65 4.05
C LEU A 131 0.66 -6.10 5.05
N CYS A 132 -0.30 -6.94 5.44
CA CYS A 132 -1.33 -6.53 6.39
C CYS A 132 -0.72 -5.60 7.43
N THR A 133 0.54 -5.84 7.75
CA THR A 133 1.25 -5.03 8.73
C THR A 133 1.80 -3.77 8.09
N LEU A 134 2.37 -3.89 6.90
CA LEU A 134 2.93 -2.74 6.20
C LEU A 134 1.80 -1.86 5.66
N LEU A 135 0.93 -2.46 4.86
CA LEU A 135 -0.20 -1.73 4.30
C LEU A 135 -0.92 -0.95 5.39
N ALA A 136 -1.17 -1.60 6.52
CA ALA A 136 -1.84 -0.96 7.64
C ALA A 136 -0.96 0.14 8.26
N VAL A 137 0.34 -0.12 8.29
CA VAL A 137 1.31 0.81 8.85
C VAL A 137 1.32 2.14 8.09
N ILE A 138 1.27 2.07 6.77
CA ILE A 138 1.29 3.25 5.92
C ILE A 138 -0.12 3.77 5.67
N GLY A 139 -1.04 2.84 5.52
CA GLY A 139 -2.43 3.18 5.27
C GLY A 139 -3.16 3.54 6.54
N GLU A 140 -2.69 3.02 7.67
CA GLU A 140 -3.29 3.29 8.96
C GLU A 140 -2.28 3.83 9.95
N THR A 141 -1.58 4.88 9.54
CA THR A 141 -0.56 5.50 10.39
C THR A 141 -1.18 6.49 11.36
N ILE A 142 -2.45 6.82 11.12
CA ILE A 142 -3.16 7.76 11.99
C ILE A 142 -2.82 7.51 13.45
N ASP A 143 -2.87 6.23 13.85
CA ASP A 143 -2.58 5.86 15.23
C ASP A 143 -2.75 4.36 15.44
N GLU A 144 -2.40 3.89 16.63
CA GLU A 144 -2.52 2.48 16.96
C GLU A 144 -1.39 1.67 16.30
N ASP A 145 -1.39 1.65 14.97
CA ASP A 145 -0.38 0.92 14.22
C ASP A 145 0.88 1.77 14.04
N ASP A 146 0.86 2.64 13.03
CA ASP A 146 1.98 3.51 12.75
C ASP A 146 1.84 4.81 13.54
N SER A 147 1.50 4.67 14.81
CA SER A 147 1.32 5.81 15.70
C SER A 147 2.23 6.97 15.31
N GLN A 148 3.53 6.71 15.29
CA GLN A 148 4.51 7.74 14.93
C GLN A 148 5.61 7.16 14.05
N ILE A 149 5.44 5.91 13.62
CA ILE A 149 6.43 5.24 12.78
C ILE A 149 6.95 6.19 11.70
N ASN A 150 7.98 5.76 10.99
CA ASN A 150 8.57 6.57 9.93
C ASN A 150 8.41 5.90 8.57
N GLY A 151 8.60 4.58 8.52
CA GLY A 151 8.47 3.89 7.25
C GLY A 151 8.85 2.43 7.33
N VAL A 152 8.66 1.72 6.21
CA VAL A 152 8.97 0.31 6.12
C VAL A 152 9.87 0.01 4.93
N VAL A 153 10.51 -1.16 4.96
CA VAL A 153 11.41 -1.55 3.89
C VAL A 153 11.34 -3.06 3.62
N LEU A 154 11.85 -3.47 2.46
CA LEU A 154 11.86 -4.86 2.07
C LEU A 154 13.22 -5.21 1.46
N SER A 155 13.66 -6.46 1.64
CA SER A 155 14.94 -6.88 1.10
C SER A 155 15.02 -8.40 1.02
N ILE A 156 14.95 -8.92 -0.19
CA ILE A 156 15.03 -10.35 -0.41
C ILE A 156 16.43 -10.74 -0.86
N ARG A 157 16.84 -11.97 -0.54
CA ARG A 157 18.16 -12.47 -0.91
C ARG A 157 18.15 -13.98 -1.05
N LYS A 158 19.33 -14.59 -1.03
CA LYS A 158 19.44 -16.03 -1.17
C LYS A 158 18.69 -16.74 -0.04
N GLY A 159 19.06 -16.44 1.20
CA GLY A 159 18.41 -17.07 2.34
C GLY A 159 16.93 -17.28 2.12
N GLY A 160 16.25 -16.26 1.60
CA GLY A 160 14.83 -16.35 1.35
C GLY A 160 14.18 -15.00 1.18
N ASN A 161 14.09 -14.24 2.28
CA ASN A 161 13.48 -12.92 2.25
C ASN A 161 13.70 -12.20 3.58
N LYS A 162 13.71 -10.87 3.54
CA LYS A 162 13.90 -10.08 4.75
C LYS A 162 13.21 -8.73 4.64
N PHE A 163 12.26 -8.50 5.54
CA PHE A 163 11.52 -7.23 5.54
C PHE A 163 11.96 -6.34 6.69
N ALA A 164 12.08 -5.06 6.42
CA ALA A 164 12.50 -4.10 7.42
C ALA A 164 11.36 -3.20 7.86
N LEU A 165 11.39 -2.78 9.12
CA LEU A 165 10.37 -1.91 9.69
C LEU A 165 11.04 -0.71 10.34
N TRP A 166 10.79 0.48 9.82
CA TRP A 166 11.41 1.67 10.36
C TRP A 166 10.46 2.42 11.26
N THR A 167 10.95 2.77 12.44
CA THR A 167 10.13 3.47 13.41
C THR A 167 10.72 4.83 13.78
N LYS A 168 9.89 5.86 13.70
CA LYS A 168 10.31 7.21 14.03
C LYS A 168 11.29 7.19 15.19
N CYS A 169 11.10 6.22 16.10
CA CYS A 169 11.94 6.05 17.29
C CYS A 169 11.06 5.81 18.51
N GLU A 170 10.40 6.86 18.96
CA GLU A 170 9.51 6.80 20.12
C GLU A 170 9.98 5.76 21.14
N ASP A 171 11.30 5.60 21.25
CA ASP A 171 11.85 4.65 22.18
C ASP A 171 11.84 3.25 21.58
N LYS A 172 12.95 2.54 21.76
CA LYS A 172 13.06 1.19 21.23
C LYS A 172 12.21 0.23 22.03
N GLU A 173 12.02 0.51 23.31
CA GLU A 173 11.21 -0.37 24.13
C GLU A 173 9.93 -0.72 23.38
N PRO A 174 9.11 0.29 23.06
CA PRO A 174 7.88 0.10 22.30
C PRO A 174 8.13 -0.66 21.01
N LEU A 175 9.36 -0.57 20.49
CA LEU A 175 9.71 -1.26 19.27
C LEU A 175 9.78 -2.75 19.52
N LEU A 176 10.61 -3.15 20.48
CA LEU A 176 10.72 -4.56 20.82
C LEU A 176 9.33 -5.15 20.89
N ARG A 177 8.36 -4.29 21.20
CA ARG A 177 6.96 -4.72 21.28
C ARG A 177 6.39 -4.87 19.87
N ILE A 178 6.56 -3.83 19.06
CA ILE A 178 6.08 -3.85 17.69
C ILE A 178 6.70 -5.02 16.94
N GLY A 179 8.04 -5.10 16.99
CA GLY A 179 8.74 -6.19 16.33
C GLY A 179 8.09 -7.52 16.63
N GLY A 180 7.88 -7.79 17.92
CA GLY A 180 7.25 -9.03 18.31
C GLY A 180 6.04 -9.34 17.44
N LYS A 181 5.22 -8.33 17.22
CA LYS A 181 4.04 -8.49 16.37
C LYS A 181 4.47 -8.90 14.97
N PHE A 182 5.44 -8.16 14.43
CA PHE A 182 5.95 -8.47 13.10
C PHE A 182 6.57 -9.85 13.09
N LYS A 183 7.02 -10.30 14.27
CA LYS A 183 7.62 -11.61 14.41
C LYS A 183 6.67 -12.68 13.88
N GLN A 184 5.48 -12.74 14.46
CA GLN A 184 4.47 -13.70 14.03
C GLN A 184 4.20 -13.54 12.54
N VAL A 185 4.17 -12.29 12.09
CA VAL A 185 3.93 -12.00 10.69
C VAL A 185 4.88 -12.83 9.83
N LEU A 186 6.07 -13.06 10.36
CA LEU A 186 7.08 -13.85 9.67
C LEU A 186 6.65 -15.30 9.60
N LYS A 187 5.57 -15.62 10.32
CA LYS A 187 5.04 -16.97 10.35
C LYS A 187 5.97 -17.92 11.08
N LEU A 188 6.66 -17.40 12.09
CA LEU A 188 7.58 -18.19 12.89
C LEU A 188 6.86 -18.83 14.07
N THR A 189 7.62 -19.20 15.11
CA THR A 189 7.03 -19.82 16.29
C THR A 189 8.09 -20.16 17.32
N ASP A 190 8.49 -19.16 18.10
CA ASP A 190 9.49 -19.35 19.14
C ASP A 190 10.90 -19.25 18.55
N ASP A 191 10.98 -19.23 17.23
CA ASP A 191 12.27 -19.13 16.54
C ASP A 191 12.90 -17.76 16.77
N GLY A 192 12.14 -16.85 17.37
CA GLY A 192 12.64 -15.52 17.63
C GLY A 192 12.58 -14.62 16.41
N HIS A 193 13.12 -15.13 15.29
CA HIS A 193 13.14 -14.41 14.02
C HIS A 193 12.86 -12.92 14.18
N LEU A 194 13.91 -12.12 14.00
CA LEU A 194 13.79 -10.67 14.10
C LEU A 194 15.17 -10.03 13.98
N GLU A 195 15.19 -8.77 13.53
CA GLU A 195 16.46 -8.06 13.38
C GLU A 195 16.32 -6.61 13.85
N PHE A 196 17.28 -6.16 14.64
CA PHE A 196 17.27 -4.79 15.15
C PHE A 196 18.54 -4.07 14.73
N PHE A 197 18.39 -3.05 13.89
CA PHE A 197 19.53 -2.29 13.40
C PHE A 197 19.36 -0.80 13.68
N PRO A 198 20.18 -0.24 14.58
CA PRO A 198 20.14 1.18 14.93
C PRO A 198 20.62 2.06 13.78
N HIS A 199 19.84 3.07 13.44
CA HIS A 199 20.20 3.97 12.36
C HIS A 199 21.68 4.32 12.41
N CYS A 200 22.14 4.74 13.57
CA CYS A 200 23.53 5.10 13.77
C CYS A 200 24.46 4.09 13.09
N SER A 201 23.98 2.86 12.97
CA SER A 201 24.75 1.79 12.35
C SER A 201 24.25 1.51 10.92
N ALA A 202 22.97 1.80 10.69
CA ALA A 202 22.37 1.57 9.38
C ALA A 202 23.16 2.29 8.28
N ASN A 203 23.35 3.59 8.45
CA ASN A 203 24.08 4.40 7.48
C ASN A 203 25.53 3.96 7.37
N GLY A 204 26.23 3.99 8.50
CA GLY A 204 27.63 3.59 8.52
C GLY A 204 27.82 2.09 8.62
N ARG A 205 26.74 1.34 8.40
CA ARG A 205 26.79 -0.11 8.46
C ARG A 205 27.73 -0.57 9.58
N HIS A 206 27.65 0.09 10.72
CA HIS A 206 28.50 -0.24 11.86
C HIS A 206 28.18 -1.66 12.36
N PRO A 207 29.22 -2.39 12.80
CA PRO A 207 29.06 -3.76 13.30
C PRO A 207 28.36 -3.80 14.66
N GLN A 208 27.62 -4.87 14.90
CA GLN A 208 26.90 -5.03 16.15
C GLN A 208 25.76 -4.02 16.26
N PRO A 209 24.69 -4.22 15.48
CA PRO A 209 23.52 -3.33 15.49
C PRO A 209 22.80 -3.34 16.83
N SER A 210 21.86 -4.27 16.99
CA SER A 210 21.10 -4.40 18.22
C SER A 210 20.90 -5.86 18.57
N ILE A 211 20.24 -6.59 17.67
CA ILE A 211 19.99 -8.00 17.87
C ILE A 211 19.45 -8.65 16.61
N THR A 212 19.39 -9.98 16.62
CA THR A 212 18.90 -10.72 15.47
C THR A 212 18.34 -12.08 15.90
N LEU A 213 17.04 -12.12 16.11
CA LEU A 213 16.37 -13.34 16.52
C LEU A 213 16.01 -14.20 15.31
N GLY B 1 -54.95 -11.98 -16.99
CA GLY B 1 -53.77 -12.70 -16.45
C GLY B 1 -52.46 -12.02 -16.81
N SER B 2 -52.18 -11.94 -18.11
CA SER B 2 -50.96 -11.30 -18.59
C SER B 2 -51.23 -10.43 -19.82
N ILE B 3 -50.90 -9.15 -19.72
CA ILE B 3 -51.12 -8.23 -20.82
C ILE B 3 -49.81 -7.57 -21.25
N GLY B 4 -49.00 -8.30 -22.01
CA GLY B 4 -47.74 -7.77 -22.47
C GLY B 4 -46.56 -8.66 -22.12
N LEU B 5 -45.38 -8.08 -21.99
CA LEU B 5 -44.18 -8.82 -21.66
C LEU B 5 -43.78 -8.58 -20.22
N GLU B 6 -44.06 -9.57 -19.36
CA GLU B 6 -43.71 -9.46 -17.94
C GLU B 6 -42.21 -9.52 -17.74
N ALA B 7 -41.48 -9.88 -18.79
CA ALA B 7 -40.03 -9.97 -18.73
C ALA B 7 -39.37 -8.75 -19.34
N GLU B 8 -38.86 -7.86 -18.49
CA GLU B 8 -38.20 -6.65 -18.95
C GLU B 8 -36.78 -6.54 -18.39
N ILE B 9 -35.81 -6.39 -19.29
CA ILE B 9 -34.42 -6.28 -18.89
C ILE B 9 -34.03 -4.82 -18.68
N GLU B 10 -33.22 -4.58 -17.64
CA GLU B 10 -32.77 -3.23 -17.34
C GLU B 10 -31.26 -3.18 -17.13
N THR B 11 -30.56 -2.48 -18.02
CA THR B 11 -29.12 -2.37 -17.94
C THR B 11 -28.49 -3.66 -17.44
N THR B 12 -28.23 -4.58 -18.36
CA THR B 12 -27.62 -5.86 -18.01
C THR B 12 -26.13 -5.87 -18.31
N THR B 13 -25.78 -5.53 -19.54
CA THR B 13 -24.39 -5.49 -19.97
C THR B 13 -23.56 -6.58 -19.28
N ASP B 14 -22.98 -6.23 -18.14
CA ASP B 14 -22.17 -7.16 -17.37
C ASP B 14 -21.31 -8.01 -18.30
N GLU B 15 -20.33 -7.38 -18.93
CA GLU B 15 -19.43 -8.07 -19.85
C GLU B 15 -18.35 -7.13 -20.37
N THR B 16 -17.23 -7.07 -19.66
CA THR B 16 -16.12 -6.22 -20.06
C THR B 16 -14.80 -6.98 -20.06
N ASP B 17 -14.08 -6.91 -21.18
CA ASP B 17 -12.81 -7.60 -21.31
C ASP B 17 -12.95 -9.08 -20.96
N ASP B 18 -11.87 -9.84 -21.17
CA ASP B 18 -11.87 -11.27 -20.88
C ASP B 18 -11.42 -11.53 -19.45
N GLY B 19 -11.57 -10.53 -18.59
CA GLY B 19 -11.17 -10.68 -17.20
C GLY B 19 -9.76 -10.17 -16.95
N THR B 20 -9.24 -9.39 -17.88
CA THR B 20 -7.90 -8.84 -17.76
C THR B 20 -7.95 -7.37 -17.34
N ASN B 21 -7.25 -7.04 -16.27
CA ASN B 21 -7.22 -5.67 -15.77
C ASN B 21 -5.98 -4.94 -16.25
N THR B 22 -6.17 -3.75 -16.80
CA THR B 22 -5.07 -2.94 -17.31
C THR B 22 -4.99 -1.60 -16.60
N VAL B 23 -3.77 -1.14 -16.33
CA VAL B 23 -3.56 0.13 -15.66
C VAL B 23 -4.29 1.26 -16.37
N SER B 24 -4.08 1.37 -17.69
CA SER B 24 -4.72 2.40 -18.48
C SER B 24 -6.23 2.29 -18.42
N HIS B 25 -6.74 1.06 -18.48
CA HIS B 25 -8.17 0.81 -18.44
C HIS B 25 -8.77 1.33 -17.13
N ILE B 26 -8.26 0.83 -16.01
CA ILE B 26 -8.74 1.25 -14.71
C ILE B 26 -8.44 2.72 -14.45
N LEU B 27 -7.17 3.09 -14.57
CA LEU B 27 -6.77 4.48 -14.37
C LEU B 27 -7.63 5.38 -15.24
N ASN B 28 -8.03 4.87 -16.39
CA ASN B 28 -8.87 5.61 -17.31
C ASN B 28 -10.23 5.87 -16.68
N VAL B 29 -10.66 4.94 -15.81
CA VAL B 29 -11.94 5.07 -15.13
C VAL B 29 -11.91 6.30 -14.21
N LEU B 30 -10.74 6.57 -13.65
CA LEU B 30 -10.57 7.70 -12.76
C LEU B 30 -10.75 9.03 -13.50
N LYS B 31 -10.26 9.07 -14.74
CA LYS B 31 -10.37 10.28 -15.56
C LYS B 31 -11.78 10.86 -15.47
N ASP B 32 -12.76 9.98 -15.29
CA ASP B 32 -14.15 10.40 -15.19
C ASP B 32 -14.82 9.79 -13.97
N ALA B 33 -14.23 10.04 -12.79
CA ALA B 33 -14.77 9.50 -11.55
C ALA B 33 -15.21 10.63 -10.61
N THR B 34 -15.76 10.25 -9.46
CA THR B 34 -16.21 11.23 -8.48
C THR B 34 -15.25 11.27 -7.30
N PRO B 35 -15.37 12.30 -6.45
CA PRO B 35 -14.50 12.45 -5.29
C PRO B 35 -14.77 11.37 -4.23
N ILE B 36 -14.10 11.51 -3.09
CA ILE B 36 -14.26 10.54 -2.00
C ILE B 36 -14.54 11.23 -0.67
N GLU B 37 -15.37 10.59 0.14
CA GLU B 37 -15.72 11.12 1.45
C GLU B 37 -14.80 10.50 2.51
N ASP B 38 -14.24 9.33 2.15
CA ASP B 38 -13.33 8.56 3.02
C ASP B 38 -13.79 7.11 3.11
N VAL B 39 -12.84 6.21 3.36
CA VAL B 39 -13.13 4.77 3.45
C VAL B 39 -14.50 4.52 4.04
N PHE B 40 -14.56 4.58 5.36
CA PHE B 40 -15.80 4.38 6.07
C PHE B 40 -16.82 5.42 5.61
N SER B 41 -16.35 6.43 4.86
CA SER B 41 -17.27 7.45 4.38
C SER B 41 -18.14 6.87 3.26
N PHE B 42 -17.64 5.82 2.62
CA PHE B 42 -18.40 5.18 1.55
C PHE B 42 -18.51 3.68 1.76
N ASN B 43 -19.76 3.20 1.81
CA ASN B 43 -20.02 1.78 1.99
C ASN B 43 -19.97 1.05 0.66
N TYR B 44 -18.93 0.24 0.46
CA TYR B 44 -18.76 -0.50 -0.78
C TYR B 44 -19.69 -1.72 -0.82
N PRO B 45 -20.71 -1.69 -1.69
CA PRO B 45 -21.68 -2.77 -1.83
C PRO B 45 -21.21 -3.85 -2.80
N GLU B 46 -20.70 -4.94 -2.25
CA GLU B 46 -20.21 -6.05 -3.07
C GLU B 46 -19.57 -7.12 -2.20
N GLY B 47 -20.35 -7.70 -1.30
CA GLY B 47 -19.83 -8.72 -0.42
C GLY B 47 -18.84 -8.18 0.58
N ILE B 48 -18.69 -6.85 0.61
CA ILE B 48 -17.77 -6.20 1.52
C ILE B 48 -18.33 -4.88 2.02
N GLU B 49 -17.60 -4.23 2.92
CA GLU B 49 -18.03 -2.96 3.48
C GLU B 49 -17.17 -2.57 4.68
N GLY B 50 -16.65 -1.34 4.67
CA GLY B 50 -15.82 -0.88 5.76
C GLY B 50 -16.50 0.20 6.59
N PRO B 51 -17.24 -0.20 7.63
CA PRO B 51 -17.96 0.74 8.48
C PRO B 51 -17.08 1.29 9.62
N ASP B 52 -16.61 0.42 10.49
CA ASP B 52 -15.77 0.84 11.61
C ASP B 52 -14.45 0.09 11.67
N ILE B 53 -14.30 -0.91 10.78
CA ILE B 53 -13.09 -1.73 10.72
C ILE B 53 -11.89 -1.06 11.41
N LYS B 54 -11.28 -0.10 10.73
CA LYS B 54 -10.14 0.61 11.29
C LYS B 54 -10.58 1.86 12.04
N TYR B 55 -11.85 2.22 11.89
CA TYR B 55 -12.41 3.39 12.57
C TYR B 55 -12.12 3.34 14.06
N LYS B 56 -11.80 2.16 14.58
CA LYS B 56 -11.50 2.01 15.99
C LYS B 56 -10.04 2.29 16.31
N LYS B 57 -9.23 2.43 15.26
CA LYS B 57 -7.80 2.69 15.43
C LYS B 57 -7.55 3.93 16.30
N GLU B 58 -8.60 4.70 16.53
CA GLU B 58 -8.49 5.91 17.34
C GLU B 58 -8.09 7.10 16.48
N HIS B 59 -8.99 8.07 16.36
CA HIS B 59 -8.75 9.25 15.57
C HIS B 59 -9.15 9.04 14.11
N VAL B 60 -9.30 7.76 13.72
CA VAL B 60 -9.69 7.45 12.35
C VAL B 60 -9.17 8.49 11.35
N LYS B 61 -10.07 9.14 10.63
CA LYS B 61 -9.69 10.16 9.66
C LYS B 61 -9.36 9.53 8.31
N TYR B 62 -8.39 8.62 8.31
CA TYR B 62 -7.98 7.95 7.09
C TYR B 62 -7.36 6.59 7.41
N THR B 63 -8.17 5.70 7.96
CA THR B 63 -7.70 4.38 8.32
C THR B 63 -8.37 3.32 7.44
N TYR B 64 -7.57 2.67 6.61
CA TYR B 64 -8.09 1.66 5.70
C TYR B 64 -7.79 0.27 6.23
N GLY B 65 -8.85 -0.42 6.66
CA GLY B 65 -8.70 -1.76 7.20
C GLY B 65 -7.65 -2.58 6.46
N PRO B 66 -7.00 -3.52 7.16
CA PRO B 66 -5.98 -4.38 6.56
C PRO B 66 -6.59 -5.31 5.52
N THR B 67 -7.73 -5.88 5.86
CA THR B 67 -8.44 -6.78 4.96
C THR B 67 -9.05 -6.00 3.80
N PHE B 68 -9.58 -4.82 4.10
CA PHE B 68 -10.16 -3.97 3.07
C PHE B 68 -9.16 -3.74 1.95
N LEU B 69 -8.02 -3.16 2.32
CA LEU B 69 -6.96 -2.90 1.36
C LEU B 69 -6.68 -4.15 0.53
N LEU B 70 -6.76 -5.30 1.19
CA LEU B 70 -6.53 -6.58 0.52
C LEU B 70 -7.47 -6.71 -0.68
N GLN B 71 -8.76 -6.54 -0.43
CA GLN B 71 -9.75 -6.63 -1.50
C GLN B 71 -9.28 -5.82 -2.71
N PHE B 72 -8.78 -4.62 -2.43
CA PHE B 72 -8.27 -3.73 -3.46
C PHE B 72 -7.28 -4.49 -4.35
N LYS B 73 -6.36 -5.20 -3.71
CA LYS B 73 -5.35 -5.97 -4.41
C LYS B 73 -5.98 -6.91 -5.44
N ASP B 74 -7.15 -7.45 -5.10
CA ASP B 74 -7.85 -8.37 -5.99
C ASP B 74 -8.22 -7.68 -7.30
N LYS B 75 -8.83 -6.51 -7.21
CA LYS B 75 -9.24 -5.77 -8.39
C LYS B 75 -8.15 -4.83 -8.90
N LEU B 76 -7.11 -4.63 -8.11
CA LEU B 76 -6.01 -3.74 -8.48
C LEU B 76 -5.09 -4.38 -9.52
N ASN B 77 -5.18 -5.70 -9.66
CA ASN B 77 -4.34 -6.43 -10.61
C ASN B 77 -4.08 -5.60 -11.88
N VAL B 78 -3.04 -4.76 -11.84
CA VAL B 78 -2.69 -3.91 -12.96
C VAL B 78 -1.31 -3.26 -12.74
N LYS B 79 -0.25 -4.05 -12.98
CA LYS B 79 1.11 -3.53 -12.80
C LYS B 79 1.24 -2.15 -13.41
N ALA B 80 1.14 -1.12 -12.57
CA ALA B 80 1.24 0.27 -13.03
C ALA B 80 2.67 0.80 -12.93
N ASP B 81 2.81 2.10 -13.15
CA ASP B 81 4.11 2.77 -13.09
C ASP B 81 4.10 4.03 -13.95
N ALA B 82 3.52 3.92 -15.14
CA ALA B 82 3.44 5.05 -16.07
C ALA B 82 2.11 5.80 -15.91
N GLU B 83 1.02 5.11 -16.26
CA GLU B 83 -0.30 5.69 -16.13
C GLU B 83 -0.46 6.25 -14.73
N TRP B 84 0.35 5.73 -13.80
CA TRP B 84 0.30 6.18 -12.42
C TRP B 84 0.43 7.69 -12.32
N VAL B 85 1.54 8.22 -12.82
CA VAL B 85 1.73 9.66 -12.76
C VAL B 85 0.53 10.33 -13.39
N GLN B 86 -0.01 9.70 -14.42
CA GLN B 86 -1.17 10.23 -15.12
C GLN B 86 -2.42 10.25 -14.22
N SER B 87 -2.71 9.12 -13.57
CA SER B 87 -3.89 9.03 -12.70
C SER B 87 -3.56 9.37 -11.24
N THR B 88 -2.52 8.75 -10.70
CA THR B 88 -2.12 9.00 -9.33
C THR B 88 -2.13 10.49 -9.03
N ALA B 89 -1.65 11.28 -9.99
CA ALA B 89 -1.60 12.74 -9.83
C ALA B 89 -3.01 13.33 -9.72
N SER B 90 -4.02 12.52 -10.03
CA SER B 90 -5.41 12.97 -9.98
C SER B 90 -6.06 12.62 -8.64
N LYS B 91 -5.65 11.49 -8.06
CA LYS B 91 -6.21 11.04 -6.79
C LYS B 91 -6.55 12.23 -5.89
N ILE B 92 -7.82 12.36 -5.53
CA ILE B 92 -8.27 13.46 -4.68
C ILE B 92 -8.53 13.00 -3.26
N VAL B 93 -8.25 13.89 -2.30
CA VAL B 93 -8.45 13.59 -0.89
C VAL B 93 -9.40 14.61 -0.25
N ILE B 94 -10.42 14.10 0.43
CA ILE B 94 -11.39 14.96 1.10
C ILE B 94 -11.47 14.67 2.59
N PRO B 95 -11.41 15.73 3.42
CA PRO B 95 -11.47 15.59 4.88
C PRO B 95 -12.87 15.21 5.36
N PRO B 96 -12.97 14.10 6.12
CA PRO B 96 -14.26 13.63 6.65
C PRO B 96 -14.80 14.55 7.74
N GLY B 97 -15.63 15.51 7.33
CA GLY B 97 -16.21 16.44 8.27
C GLY B 97 -17.72 16.56 8.11
N MET B 98 -18.15 17.60 7.40
CA MET B 98 -19.56 17.83 7.16
C MET B 98 -20.26 18.25 8.45
N GLY B 99 -20.69 17.27 9.24
CA GLY B 99 -21.36 17.56 10.50
C GLY B 99 -20.77 18.76 11.20
N ARG B 100 -19.81 18.51 12.08
CA ARG B 100 -19.17 19.59 12.83
C ARG B 100 -17.65 19.52 12.67
N MET A 1 -22.81 -6.17 28.25
CA MET A 1 -22.86 -5.08 29.25
C MET A 1 -22.04 -5.41 30.49
N SER A 2 -22.13 -4.55 31.50
CA SER A 2 -21.38 -4.75 32.74
C SER A 2 -21.88 -3.80 33.82
N VAL A 3 -21.47 -2.54 33.74
CA VAL A 3 -21.87 -1.54 34.71
C VAL A 3 -22.90 -0.58 34.14
N GLU A 4 -23.74 -1.10 33.24
CA GLU A 4 -24.78 -0.29 32.61
C GLU A 4 -26.10 -0.43 33.38
N GLU A 5 -27.19 0.02 32.74
CA GLU A 5 -28.51 -0.06 33.35
C GLU A 5 -29.56 -0.42 32.32
N VAL A 6 -29.86 0.53 31.43
CA VAL A 6 -30.86 0.31 30.39
C VAL A 6 -30.24 0.49 29.00
N SER A 7 -29.60 -0.56 28.50
CA SER A 7 -28.97 -0.51 27.19
C SER A 7 -29.79 -1.30 26.17
N LYS A 8 -31.06 -1.50 26.47
CA LYS A 8 -31.95 -2.23 25.57
C LYS A 8 -32.22 -1.44 24.30
N LYS A 9 -32.52 -2.15 23.21
CA LYS A 9 -32.79 -1.51 21.94
C LYS A 9 -31.56 -0.76 21.42
N PHE A 10 -31.66 -0.26 20.19
CA PHE A 10 -30.55 0.48 19.59
C PHE A 10 -30.98 1.88 19.18
N GLU A 11 -30.03 2.68 18.74
CA GLU A 11 -30.31 4.05 18.30
C GLU A 11 -31.39 4.07 17.23
N GLU A 12 -32.46 4.83 17.48
CA GLU A 12 -33.56 4.94 16.54
C GLU A 12 -33.15 5.77 15.32
N ASN A 13 -32.47 5.13 14.38
CA ASN A 13 -32.03 5.81 13.18
C ASN A 13 -33.21 6.32 12.36
N VAL A 14 -33.08 7.54 11.83
CA VAL A 14 -34.15 8.13 11.03
C VAL A 14 -33.60 8.75 9.76
N SER A 15 -33.35 7.91 8.75
CA SER A 15 -32.82 8.38 7.47
C SER A 15 -31.61 9.29 7.69
N VAL A 16 -31.07 9.80 6.59
CA VAL A 16 -29.90 10.69 6.66
C VAL A 16 -29.81 11.57 5.42
N ASP A 17 -30.97 11.99 4.92
CA ASP A 17 -31.02 12.85 3.74
C ASP A 17 -29.96 13.95 3.82
N ASP A 18 -28.82 13.69 3.21
CA ASP A 18 -27.72 14.66 3.20
C ASP A 18 -26.50 14.10 2.48
N THR A 19 -26.65 13.84 1.19
CA THR A 19 -25.55 13.30 0.39
C THR A 19 -25.88 13.38 -1.10
N THR A 20 -24.85 13.42 -1.93
CA THR A 20 -25.03 13.49 -3.38
C THR A 20 -23.98 12.63 -4.10
N ALA A 21 -23.71 12.97 -5.35
CA ALA A 21 -22.74 12.23 -6.14
C ALA A 21 -23.03 10.73 -6.11
N THR A 22 -21.98 9.94 -6.31
CA THR A 22 -22.12 8.48 -6.30
C THR A 22 -20.80 7.82 -5.92
N PRO A 23 -20.73 7.27 -4.69
CA PRO A 23 -19.53 6.59 -4.20
C PRO A 23 -19.41 5.17 -4.74
N LYS A 24 -18.28 4.88 -5.38
CA LYS A 24 -18.05 3.56 -5.94
C LYS A 24 -16.55 3.33 -6.17
N THR A 25 -15.94 2.56 -5.28
CA THR A 25 -14.51 2.27 -5.39
C THR A 25 -14.27 1.01 -6.22
N VAL A 26 -13.07 0.46 -6.10
CA VAL A 26 -12.70 -0.74 -6.84
C VAL A 26 -13.25 -2.00 -6.16
N LEU A 27 -13.72 -1.84 -4.92
CA LEU A 27 -14.26 -2.96 -4.17
C LEU A 27 -15.71 -3.21 -4.53
N SER A 28 -16.54 -2.18 -4.38
CA SER A 28 -17.96 -2.29 -4.70
C SER A 28 -18.15 -2.54 -6.18
N ASP A 29 -17.24 -1.99 -6.99
CA ASP A 29 -17.31 -2.16 -8.44
C ASP A 29 -16.54 -3.41 -8.88
N SER A 30 -15.23 -3.40 -8.65
CA SER A 30 -14.38 -4.52 -9.02
C SER A 30 -13.94 -4.42 -10.48
N ALA A 31 -14.34 -3.34 -11.14
CA ALA A 31 -14.00 -3.13 -12.54
C ALA A 31 -14.45 -1.74 -13.01
N HIS A 32 -14.44 -0.79 -12.09
CA HIS A 32 -14.85 0.57 -12.40
C HIS A 32 -14.82 1.43 -11.14
N PHE A 33 -13.64 1.92 -10.78
CA PHE A 33 -13.48 2.75 -9.58
C PHE A 33 -13.81 4.21 -9.90
N ASP A 34 -14.73 4.78 -9.12
CA ASP A 34 -15.14 6.16 -9.32
C ASP A 34 -14.88 7.00 -8.08
N VAL A 35 -14.06 6.49 -7.17
CA VAL A 35 -13.75 7.20 -5.93
C VAL A 35 -12.29 7.05 -5.54
N LYS A 36 -11.63 8.17 -5.23
CA LYS A 36 -10.23 8.15 -4.83
C LYS A 36 -10.12 8.10 -3.31
N HIS A 37 -9.20 7.30 -2.79
CA HIS A 37 -9.05 7.17 -1.34
C HIS A 37 -8.29 8.36 -0.75
N PRO A 38 -8.94 9.07 0.18
CA PRO A 38 -8.38 10.24 0.85
C PRO A 38 -7.73 9.89 2.19
N LEU A 39 -6.47 10.25 2.35
CA LEU A 39 -5.75 9.99 3.58
C LEU A 39 -5.12 11.26 4.12
N ASN A 40 -4.21 11.14 5.08
CA ASN A 40 -3.56 12.30 5.66
C ASN A 40 -2.06 12.08 5.77
N THR A 41 -1.60 10.95 5.25
CA THR A 41 -0.18 10.61 5.30
C THR A 41 0.44 10.72 3.92
N LYS A 42 1.75 10.52 3.87
CA LYS A 42 2.48 10.58 2.61
C LYS A 42 3.42 9.38 2.50
N TRP A 43 3.47 8.75 1.33
CA TRP A 43 4.31 7.60 1.14
C TRP A 43 4.66 7.37 -0.32
N THR A 44 5.95 7.43 -0.61
CA THR A 44 6.45 7.21 -1.95
C THR A 44 6.75 5.73 -2.12
N LEU A 45 6.74 5.25 -3.35
CA LEU A 45 6.96 3.84 -3.61
C LEU A 45 8.12 3.60 -4.55
N TRP A 46 9.31 3.34 -3.98
CA TRP A 46 10.48 3.09 -4.81
C TRP A 46 10.86 1.62 -4.83
N TYR A 47 11.21 1.13 -6.02
CA TYR A 47 11.62 -0.25 -6.19
C TYR A 47 13.05 -0.33 -6.73
N THR A 48 13.77 -1.38 -6.38
CA THR A 48 15.15 -1.55 -6.82
C THR A 48 15.48 -3.02 -7.00
N LYS A 49 16.70 -3.26 -7.42
CA LYS A 49 17.19 -4.61 -7.65
C LYS A 49 18.71 -4.66 -7.53
N PRO A 50 19.23 -4.82 -6.30
CA PRO A 50 20.67 -4.87 -6.05
C PRO A 50 21.37 -5.92 -6.91
N ALA A 51 21.58 -5.59 -8.18
CA ALA A 51 22.24 -6.50 -9.10
C ALA A 51 23.10 -5.72 -10.07
N VAL A 52 22.48 -4.76 -10.74
CA VAL A 52 23.18 -3.92 -11.71
C VAL A 52 24.07 -2.92 -10.97
N ASP A 53 23.94 -2.88 -9.65
CA ASP A 53 24.74 -1.96 -8.84
C ASP A 53 26.21 -2.25 -9.03
N LYS A 54 26.51 -3.45 -9.50
CA LYS A 54 27.88 -3.87 -9.74
C LYS A 54 28.67 -2.71 -10.31
N SER A 55 28.07 -2.04 -11.27
CA SER A 55 28.67 -0.90 -11.92
C SER A 55 27.70 0.27 -11.98
N GLU A 56 26.48 0.06 -11.50
CA GLU A 56 25.46 1.10 -11.52
C GLU A 56 25.55 1.97 -10.26
N SER A 57 24.74 1.65 -9.26
CA SER A 57 24.72 2.39 -8.01
C SER A 57 23.38 2.20 -7.31
N TRP A 58 23.40 1.92 -6.03
CA TRP A 58 22.15 1.73 -5.29
C TRP A 58 21.21 2.87 -5.61
N SER A 59 21.78 4.01 -5.98
CA SER A 59 21.00 5.20 -6.31
C SER A 59 20.63 5.21 -7.80
N ASP A 60 21.30 4.38 -8.58
CA ASP A 60 21.05 4.30 -10.01
C ASP A 60 19.97 3.26 -10.32
N LEU A 61 19.75 2.36 -9.35
CA LEU A 61 18.75 1.31 -9.52
C LEU A 61 17.40 1.79 -9.00
N LEU A 62 17.31 1.93 -7.69
CA LEU A 62 16.10 2.38 -7.03
C LEU A 62 15.29 3.31 -7.94
N ARG A 63 13.99 3.06 -8.01
CA ARG A 63 13.10 3.88 -8.83
C ARG A 63 11.89 4.30 -8.01
N PRO A 64 11.82 5.58 -7.63
CA PRO A 64 10.71 6.11 -6.84
C PRO A 64 9.47 6.36 -7.69
N VAL A 65 8.38 5.72 -7.33
CA VAL A 65 7.14 5.86 -8.08
C VAL A 65 5.96 6.19 -7.14
N THR A 66 4.80 5.55 -7.36
CA THR A 66 3.59 5.78 -6.58
C THR A 66 3.89 6.45 -5.24
N SER A 67 3.55 7.72 -5.16
CA SER A 67 3.75 8.49 -3.94
C SER A 67 2.49 9.24 -3.59
N PHE A 68 1.58 8.55 -2.93
CA PHE A 68 0.33 9.14 -2.53
C PHE A 68 -0.04 8.76 -1.11
N GLN A 69 -1.22 9.16 -0.68
CA GLN A 69 -1.70 8.86 0.66
C GLN A 69 -2.86 7.89 0.58
N THR A 70 -3.36 7.67 -0.63
CA THR A 70 -4.47 6.75 -0.85
C THR A 70 -4.09 5.34 -0.42
N VAL A 71 -3.61 4.55 -1.37
CA VAL A 71 -3.20 3.18 -1.09
C VAL A 71 -3.24 2.32 -2.35
N GLU A 72 -4.24 2.56 -3.17
CA GLU A 72 -4.42 1.80 -4.41
C GLU A 72 -3.12 1.74 -5.20
N GLU A 73 -2.64 2.90 -5.63
CA GLU A 73 -1.41 2.97 -6.41
C GLU A 73 -0.40 1.95 -5.92
N PHE A 74 -0.11 1.98 -4.63
CA PHE A 74 0.83 1.04 -4.05
C PHE A 74 0.36 -0.38 -4.28
N TRP A 75 -0.87 -0.66 -3.89
CA TRP A 75 -1.44 -1.98 -4.08
C TRP A 75 -1.05 -2.51 -5.46
N ALA A 76 -1.17 -1.66 -6.47
CA ALA A 76 -0.80 -2.05 -7.84
C ALA A 76 0.58 -2.70 -7.87
N ILE A 77 1.60 -1.93 -7.48
CA ILE A 77 2.96 -2.45 -7.47
C ILE A 77 3.02 -3.79 -6.73
N ILE A 78 2.09 -4.00 -5.82
CA ILE A 78 2.02 -5.25 -5.05
C ILE A 78 1.30 -6.30 -5.88
N GLN A 79 0.31 -5.85 -6.63
CA GLN A 79 -0.47 -6.75 -7.48
C GLN A 79 0.46 -7.63 -8.28
N ASN A 80 1.68 -7.15 -8.48
CA ASN A 80 2.68 -7.90 -9.21
C ASN A 80 3.01 -9.18 -8.45
N ILE A 81 2.60 -9.21 -7.20
CA ILE A 81 2.85 -10.34 -6.33
C ILE A 81 4.22 -10.95 -6.59
N PRO A 82 5.28 -10.12 -6.65
CA PRO A 82 6.64 -10.58 -6.87
C PRO A 82 7.37 -10.83 -5.56
N GLU A 83 6.81 -10.26 -4.50
CA GLU A 83 7.36 -10.41 -3.17
C GLU A 83 7.10 -11.79 -2.59
N PRO A 84 5.85 -12.30 -2.68
CA PRO A 84 5.51 -13.63 -2.15
C PRO A 84 6.27 -14.76 -2.83
N HIS A 85 7.59 -14.65 -2.86
CA HIS A 85 8.43 -15.66 -3.49
C HIS A 85 8.12 -15.74 -4.97
N GLU A 86 7.91 -14.59 -5.58
CA GLU A 86 7.59 -14.49 -6.99
C GLU A 86 8.62 -13.67 -7.74
N LEU A 87 9.52 -13.04 -6.98
CA LEU A 87 10.57 -12.21 -7.56
C LEU A 87 11.92 -12.92 -7.52
N PRO A 88 12.77 -12.70 -8.54
CA PRO A 88 14.09 -13.33 -8.61
C PRO A 88 15.01 -12.87 -7.48
N LEU A 89 14.53 -13.00 -6.24
CA LEU A 89 15.29 -12.62 -5.07
C LEU A 89 16.12 -11.36 -5.29
N LYS A 90 17.02 -11.10 -4.35
CA LYS A 90 17.89 -9.93 -4.43
C LYS A 90 17.11 -8.66 -4.76
N SER A 91 15.82 -8.70 -4.48
CA SER A 91 14.94 -7.56 -4.75
C SER A 91 14.93 -6.58 -3.58
N ASP A 92 14.41 -5.39 -3.81
CA ASP A 92 14.33 -4.37 -2.77
C ASP A 92 13.31 -3.30 -3.12
N TYR A 93 12.43 -2.99 -2.17
CA TYR A 93 11.40 -1.97 -2.37
C TYR A 93 11.07 -1.29 -1.04
N HIS A 94 10.67 -0.02 -1.10
CA HIS A 94 10.35 0.71 0.12
C HIS A 94 9.18 1.67 -0.09
N VAL A 95 8.28 1.71 0.90
CA VAL A 95 7.13 2.60 0.86
C VAL A 95 7.01 3.31 2.21
N PHE A 96 7.14 4.63 2.19
CA PHE A 96 7.07 5.40 3.43
C PHE A 96 7.40 6.87 3.20
N ARG A 97 7.24 7.68 4.25
CA ARG A 97 7.53 9.11 4.18
C ARG A 97 6.78 9.87 5.27
N ASN A 98 5.70 9.27 5.76
CA ASN A 98 4.88 9.88 6.81
C ASN A 98 5.70 10.76 7.74
N ASP A 99 6.94 10.36 7.98
CA ASP A 99 7.82 11.11 8.87
C ASP A 99 9.05 11.62 8.14
N VAL A 100 9.67 10.76 7.34
CA VAL A 100 10.86 11.11 6.59
C VAL A 100 10.66 10.79 5.10
N ARG A 101 11.62 10.12 4.47
CA ARG A 101 11.46 9.78 3.05
C ARG A 101 12.79 9.43 2.38
N PRO A 102 13.84 10.26 2.55
CA PRO A 102 15.14 10.05 1.94
C PRO A 102 15.43 8.59 1.60
N GLU A 103 15.65 7.76 2.63
CA GLU A 103 15.94 6.34 2.40
C GLU A 103 16.64 5.73 3.60
N TRP A 104 16.98 4.45 3.50
CA TRP A 104 17.68 3.78 4.59
C TRP A 104 18.91 4.58 5.00
N GLU A 105 19.33 5.49 4.12
CA GLU A 105 20.48 6.33 4.36
C GLU A 105 20.09 7.62 5.07
N ASP A 106 18.79 7.82 5.29
CA ASP A 106 18.31 9.01 5.98
C ASP A 106 17.00 8.71 6.70
N GLU A 107 16.10 8.00 6.05
CA GLU A 107 14.83 7.64 6.64
C GLU A 107 15.09 7.07 8.02
N ALA A 108 16.20 6.34 8.13
CA ALA A 108 16.61 5.76 9.39
C ALA A 108 16.74 6.88 10.40
N ASN A 109 17.28 8.01 9.93
CA ASN A 109 17.42 9.19 10.75
C ASN A 109 16.10 9.44 11.45
N ALA A 110 15.05 9.12 10.71
CA ALA A 110 13.68 9.29 11.17
C ALA A 110 13.28 8.20 12.15
N LYS A 111 12.98 7.02 11.61
CA LYS A 111 12.57 5.88 12.42
C LYS A 111 13.55 5.65 13.55
N GLY A 112 14.82 5.59 13.21
CA GLY A 112 15.84 5.35 14.20
C GLY A 112 16.07 3.86 14.43
N GLY A 113 15.04 3.04 14.15
CA GLY A 113 15.18 1.61 14.33
C GLY A 113 14.61 0.80 13.18
N LYS A 114 15.44 -0.05 12.58
CA LYS A 114 15.00 -0.87 11.44
C LYS A 114 14.87 -2.33 11.84
N TRP A 115 13.64 -2.86 11.74
CA TRP A 115 13.37 -4.24 12.08
C TRP A 115 13.42 -5.11 10.82
N SER A 116 14.57 -5.72 10.56
CA SER A 116 14.75 -6.56 9.38
C SER A 116 14.66 -8.04 9.73
N PHE A 117 13.71 -8.72 9.09
CA PHE A 117 13.51 -10.16 9.32
C PHE A 117 13.92 -10.96 8.09
N GLN A 118 14.80 -11.93 8.30
CA GLN A 118 15.27 -12.78 7.21
C GLN A 118 14.48 -14.08 7.14
N LEU A 119 13.75 -14.27 6.04
CA LEU A 119 12.95 -15.47 5.86
C LEU A 119 13.65 -16.45 4.92
N CYS A 120 13.66 -17.71 5.30
CA CYS A 120 14.30 -18.75 4.49
C CYS A 120 13.54 -18.97 3.18
N GLY A 121 12.24 -18.68 3.20
CA GLY A 121 11.43 -18.86 2.01
C GLY A 121 10.34 -19.89 2.21
N LYS A 122 9.40 -19.95 1.26
CA LYS A 122 8.30 -20.89 1.32
C LYS A 122 7.35 -20.71 0.15
N GLY A 123 6.44 -19.75 0.26
CA GLY A 123 5.49 -19.50 -0.81
C GLY A 123 4.15 -20.15 -0.55
N ALA A 124 3.26 -19.41 0.11
CA ALA A 124 1.93 -19.92 0.41
C ALA A 124 0.97 -18.79 0.79
N ASP A 125 1.47 -17.84 1.56
CA ASP A 125 0.65 -16.70 1.99
C ASP A 125 1.34 -15.93 3.11
N ILE A 126 2.66 -15.77 3.00
CA ILE A 126 3.43 -15.05 3.99
C ILE A 126 3.52 -13.57 3.67
N ASP A 127 3.93 -13.27 2.44
CA ASP A 127 4.08 -11.90 2.00
C ASP A 127 2.77 -11.12 2.08
N GLU A 128 1.67 -11.84 2.27
CA GLU A 128 0.36 -11.20 2.37
C GLU A 128 0.08 -10.84 3.82
N LEU A 129 0.79 -11.48 4.73
CA LEU A 129 0.63 -11.25 6.15
C LEU A 129 1.57 -10.13 6.59
N TRP A 130 2.83 -10.20 6.17
CA TRP A 130 3.80 -9.18 6.52
C TRP A 130 3.33 -7.86 5.94
N LEU A 131 2.82 -7.94 4.72
CA LEU A 131 2.30 -6.77 4.02
C LEU A 131 1.17 -6.12 4.80
N CYS A 132 0.11 -6.90 5.06
CA CYS A 132 -1.03 -6.38 5.80
C CYS A 132 -0.53 -5.51 6.95
N THR A 133 0.65 -5.88 7.47
CA THR A 133 1.27 -5.14 8.55
C THR A 133 1.88 -3.85 8.05
N LEU A 134 2.55 -3.93 6.90
CA LEU A 134 3.18 -2.76 6.30
C LEU A 134 2.12 -1.74 5.91
N LEU A 135 1.22 -2.14 4.99
CA LEU A 135 0.16 -1.27 4.54
C LEU A 135 -0.40 -0.48 5.72
N ALA A 136 -0.65 -1.17 6.82
CA ALA A 136 -1.18 -0.56 8.02
C ALA A 136 -0.31 0.61 8.49
N VAL A 137 1.01 0.45 8.39
CA VAL A 137 1.94 1.46 8.82
C VAL A 137 1.81 2.76 8.03
N ILE A 138 1.59 2.65 6.73
CA ILE A 138 1.46 3.84 5.90
C ILE A 138 0.00 4.30 5.81
N GLY A 139 -0.89 3.33 5.65
CA GLY A 139 -2.31 3.64 5.55
C GLY A 139 -2.96 3.81 6.90
N GLU A 140 -2.40 3.16 7.93
CA GLU A 140 -2.92 3.24 9.28
C GLU A 140 -1.86 3.78 10.23
N THR A 141 -1.29 4.92 9.88
CA THR A 141 -0.26 5.54 10.69
C THR A 141 -0.85 6.60 11.61
N ILE A 142 -2.17 6.62 11.71
CA ILE A 142 -2.85 7.59 12.56
C ILE A 142 -2.07 7.80 13.86
N ASP A 143 -1.74 6.69 14.51
CA ASP A 143 -0.98 6.73 15.76
C ASP A 143 -1.22 5.47 16.58
N GLU A 144 -2.43 5.33 17.12
CA GLU A 144 -2.78 4.16 17.93
C GLU A 144 -2.62 2.87 17.15
N ASP A 145 -2.47 2.99 15.82
CA ASP A 145 -2.32 1.82 14.97
C ASP A 145 -0.89 1.28 15.01
N ASP A 146 -0.02 1.89 14.20
CA ASP A 146 1.38 1.46 14.14
C ASP A 146 2.22 2.18 15.20
N SER A 147 1.76 3.36 15.60
CA SER A 147 2.46 4.17 16.61
C SER A 147 3.37 5.20 15.94
N GLN A 148 2.76 6.19 15.31
CA GLN A 148 3.51 7.24 14.63
C GLN A 148 4.76 6.69 13.98
N ILE A 149 4.63 5.49 13.39
CA ILE A 149 5.76 4.86 12.72
C ILE A 149 6.43 5.83 11.74
N ASN A 150 7.38 5.35 10.96
CA ASN A 150 8.08 6.20 10.00
C ASN A 150 8.00 5.62 8.59
N GLY A 151 8.20 4.30 8.47
CA GLY A 151 8.15 3.71 7.15
C GLY A 151 8.53 2.24 7.14
N VAL A 152 8.41 1.62 5.97
CA VAL A 152 8.75 0.22 5.80
C VAL A 152 9.69 0.00 4.62
N VAL A 153 10.38 -1.14 4.63
CA VAL A 153 11.32 -1.47 3.57
C VAL A 153 11.27 -2.95 3.23
N LEU A 154 11.70 -3.28 2.03
CA LEU A 154 11.73 -4.66 1.57
C LEU A 154 13.03 -4.95 0.84
N SER A 155 13.58 -6.15 1.03
CA SER A 155 14.81 -6.53 0.37
C SER A 155 14.97 -8.03 0.36
N ILE A 156 14.74 -8.63 -0.79
CA ILE A 156 14.86 -10.06 -0.93
C ILE A 156 16.26 -10.45 -1.39
N ARG A 157 16.68 -11.66 -1.03
CA ARG A 157 17.99 -12.17 -1.38
C ARG A 157 17.89 -13.65 -1.76
N LYS A 158 18.71 -14.09 -2.69
CA LYS A 158 18.71 -15.48 -3.14
C LYS A 158 18.33 -16.42 -1.99
N GLY A 159 17.14 -17.00 -2.07
CA GLY A 159 16.68 -17.91 -1.04
C GLY A 159 16.73 -17.29 0.34
N GLY A 160 16.36 -16.02 0.45
CA GLY A 160 16.38 -15.35 1.73
C GLY A 160 15.75 -13.96 1.66
N ASN A 161 14.42 -13.92 1.69
CA ASN A 161 13.70 -12.65 1.64
C ASN A 161 13.88 -11.89 2.96
N LYS A 162 13.75 -10.57 2.90
CA LYS A 162 13.90 -9.74 4.09
C LYS A 162 13.01 -8.50 4.02
N PHE A 163 12.44 -8.13 5.16
CA PHE A 163 11.58 -6.95 5.25
C PHE A 163 12.08 -6.03 6.35
N ALA A 164 12.33 -4.77 6.00
CA ALA A 164 12.84 -3.81 6.97
C ALA A 164 11.74 -2.83 7.42
N LEU A 165 11.21 -3.06 8.61
CA LEU A 165 10.16 -2.19 9.16
C LEU A 165 10.80 -1.04 9.91
N TRP A 166 10.49 0.19 9.52
CA TRP A 166 11.05 1.35 10.17
C TRP A 166 10.06 1.96 11.14
N THR A 167 10.55 2.25 12.34
CA THR A 167 9.71 2.81 13.36
C THR A 167 10.19 4.20 13.75
N LYS A 168 9.29 5.17 13.69
CA LYS A 168 9.62 6.54 14.04
C LYS A 168 10.64 6.57 15.18
N CYS A 169 10.50 5.60 16.09
CA CYS A 169 11.37 5.44 17.26
C CYS A 169 10.53 5.27 18.52
N GLU A 170 9.95 6.38 18.97
CA GLU A 170 9.10 6.39 20.16
C GLU A 170 9.49 5.28 21.14
N ASP A 171 10.78 5.05 21.26
CA ASP A 171 11.28 4.01 22.15
C ASP A 171 11.10 2.65 21.51
N LYS A 172 12.17 1.86 21.51
CA LYS A 172 12.15 0.52 20.90
C LYS A 172 11.21 -0.42 21.64
N GLU A 173 10.94 -0.12 22.92
CA GLU A 173 10.05 -0.96 23.70
C GLU A 173 8.87 -1.41 22.83
N PRO A 174 8.05 -0.46 22.39
CA PRO A 174 6.89 -0.74 21.53
C PRO A 174 7.30 -1.46 20.25
N LEU A 175 8.57 -1.35 19.88
CA LEU A 175 9.07 -2.00 18.68
C LEU A 175 9.24 -3.49 18.94
N LEU A 176 10.03 -3.80 19.97
CA LEU A 176 10.24 -5.18 20.34
C LEU A 176 8.90 -5.90 20.34
N ARG A 177 7.84 -5.11 20.57
CA ARG A 177 6.48 -5.64 20.57
C ARG A 177 6.03 -5.88 19.13
N ILE A 178 6.20 -4.87 18.29
CA ILE A 178 5.83 -4.98 16.88
C ILE A 178 6.61 -6.12 16.24
N GLY A 179 7.93 -6.07 16.36
CA GLY A 179 8.76 -7.11 15.80
C GLY A 179 8.19 -8.48 16.08
N GLY A 180 7.79 -8.71 17.33
CA GLY A 180 7.20 -9.98 17.69
C GLY A 180 6.06 -10.35 16.77
N LYS A 181 5.21 -9.38 16.46
CA LYS A 181 4.08 -9.60 15.57
C LYS A 181 4.59 -10.00 14.19
N PHE A 182 5.51 -9.20 13.66
CA PHE A 182 6.10 -9.48 12.36
C PHE A 182 6.81 -10.83 12.38
N LYS A 183 7.20 -11.25 13.58
CA LYS A 183 7.89 -12.53 13.76
C LYS A 183 7.01 -13.68 13.28
N GLN A 184 5.84 -13.82 13.90
CA GLN A 184 4.91 -14.88 13.53
C GLN A 184 4.59 -14.83 12.05
N VAL A 185 4.46 -13.61 11.53
CA VAL A 185 4.16 -13.42 10.13
C VAL A 185 5.10 -14.24 9.27
N LEU A 186 6.34 -14.36 9.75
CA LEU A 186 7.36 -15.12 9.04
C LEU A 186 7.22 -16.60 9.37
N LYS A 187 6.20 -16.93 10.15
CA LYS A 187 5.94 -18.31 10.54
C LYS A 187 7.12 -18.91 11.29
N LEU A 188 7.84 -18.06 12.03
CA LEU A 188 9.01 -18.51 12.78
C LEU A 188 8.66 -18.70 14.25
N THR A 189 9.66 -18.57 15.12
CA THR A 189 9.45 -18.72 16.56
C THR A 189 10.74 -18.43 17.34
N ASP A 190 11.04 -17.15 17.51
CA ASP A 190 12.24 -16.74 18.23
C ASP A 190 13.47 -17.41 17.66
N ASP A 191 13.35 -17.90 16.43
CA ASP A 191 14.46 -18.58 15.77
C ASP A 191 15.64 -17.63 15.58
N GLY A 192 15.46 -16.61 14.74
CA GLY A 192 16.51 -15.65 14.48
C GLY A 192 16.40 -15.02 13.10
N HIS A 193 15.24 -14.47 12.80
CA HIS A 193 15.00 -13.83 11.51
C HIS A 193 14.95 -12.32 11.64
N LEU A 194 14.11 -11.83 12.53
CA LEU A 194 13.98 -10.39 12.75
C LEU A 194 15.36 -9.82 13.05
N GLU A 195 15.48 -8.50 12.99
CA GLU A 195 16.78 -7.89 13.26
C GLU A 195 16.64 -6.43 13.66
N PHE A 196 16.77 -6.16 14.96
CA PHE A 196 16.69 -4.81 15.46
C PHE A 196 18.03 -4.10 15.23
N PHE A 197 18.03 -3.14 14.31
CA PHE A 197 19.24 -2.41 13.97
C PHE A 197 19.04 -0.90 14.12
N PRO A 198 19.82 -0.25 14.98
CA PRO A 198 19.74 1.19 15.21
C PRO A 198 20.10 1.98 13.95
N HIS A 199 19.29 2.98 13.62
CA HIS A 199 19.53 3.81 12.44
C HIS A 199 21.01 4.15 12.31
N CYS A 200 21.65 4.36 13.45
CA CYS A 200 23.07 4.70 13.48
C CYS A 200 23.89 3.72 12.66
N SER A 201 23.33 2.54 12.40
CA SER A 201 24.02 1.53 11.63
C SER A 201 23.96 1.83 10.13
N ALA A 202 22.77 2.20 9.66
CA ALA A 202 22.59 2.51 8.24
C ALA A 202 23.57 3.57 7.77
N ASN A 203 23.63 4.69 8.49
CA ASN A 203 24.54 5.77 8.15
C ASN A 203 25.96 5.26 7.92
N GLY A 204 26.36 4.28 8.73
CA GLY A 204 27.70 3.72 8.61
C GLY A 204 28.39 3.58 9.94
N ARG A 205 27.95 2.60 10.74
CA ARG A 205 28.53 2.36 12.05
C ARG A 205 29.03 0.92 12.17
N HIS A 206 29.33 0.32 11.03
CA HIS A 206 29.82 -1.07 11.02
C HIS A 206 28.71 -2.04 11.41
N PRO A 207 28.59 -3.16 10.70
CA PRO A 207 27.58 -4.18 10.98
C PRO A 207 27.45 -4.49 12.47
N GLN A 208 26.56 -3.78 13.14
CA GLN A 208 26.34 -3.98 14.57
C GLN A 208 24.85 -3.98 14.90
N PRO A 209 24.16 -5.09 14.61
CA PRO A 209 22.72 -5.22 14.87
C PRO A 209 22.39 -5.02 16.35
N SER A 210 21.24 -5.55 16.77
CA SER A 210 20.81 -5.44 18.15
C SER A 210 20.21 -6.77 18.59
N ILE A 211 19.20 -7.22 17.86
CA ILE A 211 18.55 -8.48 18.18
C ILE A 211 18.21 -9.27 16.92
N THR A 212 17.75 -10.50 17.12
CA THR A 212 17.37 -11.36 16.01
C THR A 212 16.25 -12.30 16.42
N LEU A 213 15.03 -11.96 16.00
CA LEU A 213 13.86 -12.75 16.35
C LEU A 213 13.33 -13.51 15.14
N GLY B 1 1.23 -10.63 -48.39
CA GLY B 1 0.23 -9.77 -47.69
C GLY B 1 -0.52 -8.86 -48.64
N SER B 2 -1.63 -9.35 -49.17
CA SER B 2 -2.43 -8.57 -50.11
C SER B 2 -3.50 -7.76 -49.36
N ILE B 3 -3.76 -8.13 -48.11
CA ILE B 3 -4.75 -7.43 -47.30
C ILE B 3 -4.08 -6.43 -46.36
N GLY B 4 -3.70 -5.29 -46.92
CA GLY B 4 -3.06 -4.25 -46.13
C GLY B 4 -3.39 -2.86 -46.61
N LEU B 5 -2.87 -1.86 -45.91
CA LEU B 5 -3.12 -0.46 -46.27
C LEU B 5 -4.59 -0.10 -46.07
N GLU B 6 -5.44 -0.59 -46.97
CA GLU B 6 -6.87 -0.32 -46.89
C GLU B 6 -7.15 1.16 -47.08
N ALA B 7 -7.14 1.91 -45.98
CA ALA B 7 -7.40 3.35 -46.03
C ALA B 7 -7.37 3.95 -44.63
N GLU B 8 -8.14 3.38 -43.73
CA GLU B 8 -8.21 3.87 -42.35
C GLU B 8 -7.69 2.81 -41.38
N ILE B 9 -6.94 3.25 -40.38
CA ILE B 9 -6.39 2.34 -39.38
C ILE B 9 -7.28 2.29 -38.13
N GLU B 10 -7.41 1.10 -37.56
CA GLU B 10 -8.22 0.92 -36.35
C GLU B 10 -8.09 -0.50 -35.81
N THR B 11 -6.98 -0.77 -35.12
CA THR B 11 -6.73 -2.09 -34.56
C THR B 11 -6.06 -1.98 -33.19
N THR B 12 -6.19 -3.04 -32.39
CA THR B 12 -5.60 -3.05 -31.06
C THR B 12 -4.47 -4.07 -30.99
N THR B 13 -3.66 -3.99 -29.93
CA THR B 13 -2.54 -4.90 -29.73
C THR B 13 -2.70 -5.69 -28.44
N ASP B 14 -3.59 -5.22 -27.57
CA ASP B 14 -3.84 -5.88 -26.29
C ASP B 14 -5.33 -5.97 -25.99
N GLU B 15 -6.02 -6.82 -26.73
CA GLU B 15 -7.46 -6.99 -26.54
C GLU B 15 -7.78 -8.39 -26.02
N THR B 16 -6.90 -8.91 -25.17
CA THR B 16 -7.09 -10.24 -24.59
C THR B 16 -7.45 -10.14 -23.12
N ASP B 17 -8.08 -11.18 -22.59
CA ASP B 17 -8.49 -11.21 -21.19
C ASP B 17 -8.77 -12.63 -20.73
N ASP B 18 -8.55 -12.90 -19.45
CA ASP B 18 -8.78 -14.22 -18.89
C ASP B 18 -9.23 -14.12 -17.43
N GLY B 19 -9.92 -13.02 -17.10
CA GLY B 19 -10.39 -12.83 -15.74
C GLY B 19 -9.40 -12.04 -14.90
N THR B 20 -8.44 -11.41 -15.56
CA THR B 20 -7.43 -10.62 -14.87
C THR B 20 -7.61 -9.13 -15.15
N ASN B 21 -7.27 -8.30 -14.17
CA ASN B 21 -7.40 -6.85 -14.32
C ASN B 21 -6.08 -6.25 -14.80
N THR B 22 -6.17 -5.10 -15.46
CA THR B 22 -4.98 -4.41 -15.97
C THR B 22 -4.93 -2.96 -15.48
N VAL B 23 -3.76 -2.35 -15.60
CA VAL B 23 -3.58 -0.96 -15.17
C VAL B 23 -4.28 0.00 -16.12
N SER B 24 -4.28 -0.33 -17.41
CA SER B 24 -4.92 0.51 -18.42
C SER B 24 -6.43 0.57 -18.21
N HIS B 25 -7.04 -0.60 -18.00
CA HIS B 25 -8.48 -0.68 -17.79
C HIS B 25 -8.90 0.17 -16.59
N ILE B 26 -8.34 -0.14 -15.44
CA ILE B 26 -8.65 0.60 -14.21
C ILE B 26 -8.48 2.10 -14.42
N LEU B 27 -7.47 2.47 -15.21
CA LEU B 27 -7.19 3.87 -15.49
C LEU B 27 -8.40 4.53 -16.13
N ASN B 28 -8.89 3.91 -17.21
CA ASN B 28 -10.04 4.43 -17.93
C ASN B 28 -11.20 4.73 -16.98
N VAL B 29 -11.37 3.89 -15.96
CA VAL B 29 -12.44 4.07 -15.00
C VAL B 29 -12.26 5.37 -14.22
N LEU B 30 -11.00 5.76 -14.01
CA LEU B 30 -10.68 6.97 -13.27
C LEU B 30 -11.25 8.20 -13.97
N LYS B 31 -11.33 8.13 -15.30
CA LYS B 31 -11.85 9.25 -16.08
C LYS B 31 -13.20 9.73 -15.53
N ASP B 32 -14.19 8.84 -15.57
CA ASP B 32 -15.51 9.16 -15.07
C ASP B 32 -15.66 8.77 -13.60
N ALA B 33 -14.73 9.27 -12.78
CA ALA B 33 -14.74 8.96 -11.36
C ALA B 33 -15.11 10.21 -10.53
N THR B 34 -15.73 9.97 -9.39
CA THR B 34 -16.13 11.05 -8.50
C THR B 34 -15.21 11.09 -7.28
N PRO B 35 -15.16 12.24 -6.59
CA PRO B 35 -14.32 12.41 -5.39
C PRO B 35 -14.67 11.42 -4.29
N ILE B 36 -14.07 11.62 -3.12
CA ILE B 36 -14.30 10.76 -1.97
C ILE B 36 -14.62 11.57 -0.72
N GLU B 37 -15.53 11.04 0.09
CA GLU B 37 -15.92 11.70 1.33
C GLU B 37 -15.08 11.18 2.49
N ASP B 38 -14.59 9.95 2.33
CA ASP B 38 -13.76 9.28 3.33
C ASP B 38 -14.05 7.79 3.38
N VAL B 39 -13.04 7.01 3.71
CA VAL B 39 -13.16 5.56 3.81
C VAL B 39 -14.52 5.14 4.28
N PHE B 40 -14.70 5.16 5.59
CA PHE B 40 -15.96 4.81 6.19
C PHE B 40 -17.05 5.70 5.64
N SER B 41 -16.65 6.78 4.93
CA SER B 41 -17.65 7.68 4.36
C SER B 41 -18.41 6.95 3.27
N PHE B 42 -17.79 5.93 2.69
CA PHE B 42 -18.44 5.14 1.64
C PHE B 42 -18.58 3.68 2.02
N ASN B 43 -19.79 3.16 1.90
CA ASN B 43 -20.08 1.77 2.22
C ASN B 43 -20.09 0.94 0.94
N TYR B 44 -19.05 0.13 0.76
CA TYR B 44 -18.93 -0.71 -0.42
C TYR B 44 -19.54 -2.09 -0.19
N PRO B 45 -20.71 -2.34 -0.80
CA PRO B 45 -21.42 -3.61 -0.65
C PRO B 45 -20.93 -4.67 -1.63
N GLU B 46 -19.69 -5.12 -1.46
CA GLU B 46 -19.11 -6.12 -2.33
C GLU B 46 -18.18 -7.05 -1.57
N GLY B 47 -18.73 -7.73 -0.55
CA GLY B 47 -17.94 -8.65 0.24
C GLY B 47 -17.22 -7.96 1.38
N ILE B 48 -17.06 -6.64 1.27
CA ILE B 48 -16.38 -5.86 2.30
C ILE B 48 -17.22 -4.66 2.71
N GLU B 49 -16.72 -3.92 3.70
CA GLU B 49 -17.42 -2.74 4.20
C GLU B 49 -16.71 -2.16 5.42
N GLY B 50 -16.32 -0.90 5.34
CA GLY B 50 -15.62 -0.27 6.44
C GLY B 50 -16.47 0.78 7.15
N PRO B 51 -17.08 0.42 8.28
CA PRO B 51 -17.92 1.32 9.05
C PRO B 51 -17.13 2.12 10.09
N ASP B 52 -16.68 1.45 11.14
CA ASP B 52 -15.92 2.10 12.20
C ASP B 52 -14.59 1.39 12.46
N ILE B 53 -14.39 0.25 11.79
CA ILE B 53 -13.17 -0.55 11.98
C ILE B 53 -12.02 0.22 12.61
N LYS B 54 -11.28 0.98 11.81
CA LYS B 54 -10.16 1.77 12.33
C LYS B 54 -10.59 3.18 12.70
N TYR B 55 -11.78 3.56 12.25
CA TYR B 55 -12.31 4.89 12.53
C TYR B 55 -12.16 5.25 14.01
N LYS B 56 -12.11 4.23 14.87
CA LYS B 56 -11.99 4.45 16.31
C LYS B 56 -10.52 4.48 16.74
N LYS B 57 -9.62 4.08 15.85
CA LYS B 57 -8.19 4.06 16.17
C LYS B 57 -7.82 5.22 17.08
N GLU B 58 -8.42 6.37 16.81
CA GLU B 58 -8.18 7.59 17.59
C GLU B 58 -8.24 8.83 16.72
N HIS B 59 -7.11 9.13 16.07
CA HIS B 59 -7.01 10.30 15.20
C HIS B 59 -7.95 10.19 14.00
N VAL B 60 -8.47 8.99 13.75
CA VAL B 60 -9.36 8.78 12.62
C VAL B 60 -8.95 9.64 11.42
N LYS B 61 -9.91 9.97 10.56
CA LYS B 61 -9.63 10.79 9.38
C LYS B 61 -9.11 9.93 8.23
N TYR B 62 -8.05 9.17 8.50
CA TYR B 62 -7.46 8.30 7.50
C TYR B 62 -6.97 7.01 8.15
N THR B 63 -7.89 6.29 8.77
CA THR B 63 -7.56 5.04 9.43
C THR B 63 -8.47 3.93 8.94
N TYR B 64 -7.90 2.96 8.24
CA TYR B 64 -8.66 1.86 7.70
C TYR B 64 -8.06 0.52 8.13
N GLY B 65 -8.92 -0.47 8.30
CA GLY B 65 -8.47 -1.78 8.73
C GLY B 65 -7.49 -2.41 7.76
N PRO B 66 -6.37 -2.94 8.26
CA PRO B 66 -5.36 -3.58 7.43
C PRO B 66 -6.00 -4.57 6.46
N THR B 67 -7.09 -5.19 6.90
CA THR B 67 -7.80 -6.14 6.08
C THR B 67 -8.51 -5.44 4.93
N PHE B 68 -9.09 -4.28 5.21
CA PHE B 68 -9.77 -3.50 4.18
C PHE B 68 -8.83 -3.23 3.03
N LEU B 69 -7.83 -2.39 3.27
CA LEU B 69 -6.85 -2.06 2.26
C LEU B 69 -6.40 -3.33 1.55
N LEU B 70 -6.47 -4.45 2.26
CA LEU B 70 -6.10 -5.74 1.68
C LEU B 70 -7.03 -6.09 0.54
N GLN B 71 -8.34 -5.98 0.80
CA GLN B 71 -9.35 -6.25 -0.22
C GLN B 71 -9.05 -5.41 -1.45
N PHE B 72 -8.56 -4.20 -1.19
CA PHE B 72 -8.19 -3.27 -2.26
C PHE B 72 -7.26 -3.95 -3.24
N LYS B 73 -6.24 -4.61 -2.69
CA LYS B 73 -5.25 -5.31 -3.49
C LYS B 73 -5.92 -6.32 -4.41
N ASP B 74 -6.53 -7.35 -3.82
CA ASP B 74 -7.20 -8.39 -4.59
C ASP B 74 -7.88 -7.80 -5.82
N LYS B 75 -8.39 -6.59 -5.68
CA LYS B 75 -9.08 -5.91 -6.77
C LYS B 75 -8.11 -5.09 -7.62
N LEU B 76 -7.07 -4.56 -6.99
CA LEU B 76 -6.08 -3.76 -7.69
C LEU B 76 -5.37 -4.59 -8.76
N ASN B 77 -5.58 -5.91 -8.72
CA ASN B 77 -4.97 -6.83 -9.69
C ASN B 77 -4.61 -6.13 -10.99
N VAL B 78 -3.42 -5.53 -11.03
CA VAL B 78 -2.94 -4.83 -12.20
C VAL B 78 -1.43 -4.64 -12.13
N LYS B 79 -0.77 -4.71 -13.28
CA LYS B 79 0.68 -4.55 -13.35
C LYS B 79 1.10 -3.10 -13.15
N ALA B 80 0.64 -2.49 -12.05
CA ALA B 80 0.98 -1.10 -11.74
C ALA B 80 1.23 -0.28 -12.99
N ASP B 81 2.48 -0.29 -13.44
CA ASP B 81 2.87 0.46 -14.64
C ASP B 81 3.26 1.88 -14.26
N ALA B 82 4.52 2.04 -13.84
CA ALA B 82 5.03 3.37 -13.43
C ALA B 82 4.32 4.50 -14.19
N GLU B 83 4.20 4.34 -15.50
CA GLU B 83 3.54 5.36 -16.32
C GLU B 83 2.24 5.78 -15.64
N TRP B 84 1.49 4.79 -15.18
CA TRP B 84 0.24 5.03 -14.48
C TRP B 84 0.48 5.98 -13.31
N VAL B 85 1.67 5.87 -12.70
CA VAL B 85 2.03 6.73 -11.59
C VAL B 85 1.89 8.19 -12.01
N GLN B 86 2.56 8.55 -13.09
CA GLN B 86 2.46 9.90 -13.60
C GLN B 86 1.00 10.29 -13.71
N SER B 87 0.15 9.27 -13.85
CA SER B 87 -1.28 9.47 -13.94
C SER B 87 -1.95 9.41 -12.57
N THR B 88 -1.36 8.64 -11.65
CA THR B 88 -1.91 8.51 -10.31
C THR B 88 -2.22 9.89 -9.75
N ALA B 89 -1.49 10.89 -10.22
CA ALA B 89 -1.68 12.26 -9.78
C ALA B 89 -3.17 12.60 -9.71
N SER B 90 -3.98 11.89 -10.49
CA SER B 90 -5.42 12.13 -10.51
C SER B 90 -6.03 11.93 -9.13
N LYS B 91 -5.57 10.92 -8.41
CA LYS B 91 -6.07 10.63 -7.07
C LYS B 91 -6.42 11.93 -6.35
N ILE B 92 -7.65 12.03 -5.84
CA ILE B 92 -8.09 13.23 -5.14
C ILE B 92 -8.59 12.92 -3.74
N VAL B 93 -8.15 13.73 -2.78
CA VAL B 93 -8.56 13.57 -1.39
C VAL B 93 -9.25 14.82 -0.88
N ILE B 94 -10.24 14.65 -0.01
CA ILE B 94 -10.96 15.78 0.54
C ILE B 94 -10.20 16.40 1.70
N PRO B 95 -10.04 17.73 1.69
CA PRO B 95 -9.32 18.45 2.74
C PRO B 95 -10.14 18.58 4.02
N PRO B 96 -9.52 19.09 5.08
CA PRO B 96 -10.19 19.28 6.38
C PRO B 96 -11.48 20.09 6.25
N GLY B 97 -12.61 19.39 6.30
CA GLY B 97 -13.90 20.07 6.20
C GLY B 97 -14.92 19.53 7.18
N MET B 98 -15.16 20.29 8.25
CA MET B 98 -16.12 19.88 9.27
C MET B 98 -16.51 21.06 10.15
N GLY B 99 -15.52 21.62 10.85
CA GLY B 99 -15.78 22.74 11.72
C GLY B 99 -14.63 23.74 11.75
N ARG B 100 -13.93 23.80 12.87
CA ARG B 100 -12.80 24.72 13.01
C ARG B 100 -13.17 26.12 12.53
N MET A 1 -41.23 41.14 -6.74
CA MET A 1 -40.58 41.37 -8.06
C MET A 1 -39.47 42.41 -7.96
N SER A 2 -38.62 42.25 -6.95
CA SER A 2 -37.50 43.18 -6.75
C SER A 2 -36.17 42.43 -6.71
N VAL A 3 -35.55 42.28 -7.87
CA VAL A 3 -34.27 41.59 -7.98
C VAL A 3 -33.17 42.35 -7.24
N GLU A 4 -33.25 42.35 -5.92
CA GLU A 4 -32.26 43.04 -5.10
C GLU A 4 -31.15 42.09 -4.66
N GLU A 5 -30.04 42.65 -4.20
CA GLU A 5 -28.91 41.85 -3.74
C GLU A 5 -28.62 42.08 -2.26
N VAL A 6 -27.60 41.41 -1.75
CA VAL A 6 -27.23 41.54 -0.35
C VAL A 6 -28.45 41.40 0.56
N SER A 7 -29.06 40.23 0.53
CA SER A 7 -30.25 39.97 1.35
C SER A 7 -29.98 38.86 2.36
N LYS A 8 -28.70 38.54 2.56
CA LYS A 8 -28.31 37.50 3.50
C LYS A 8 -28.22 38.06 4.92
N LYS A 9 -29.37 38.31 5.53
CA LYS A 9 -29.41 38.85 6.89
C LYS A 9 -29.65 37.74 7.90
N PHE A 10 -30.53 36.80 7.57
CA PHE A 10 -30.85 35.69 8.46
C PHE A 10 -30.00 34.47 8.13
N GLU A 11 -28.96 34.68 7.32
CA GLU A 11 -28.06 33.59 6.93
C GLU A 11 -28.86 32.35 6.51
N GLU A 12 -29.89 32.57 5.71
CA GLU A 12 -30.73 31.47 5.23
C GLU A 12 -29.94 30.54 4.33
N ASN A 13 -29.48 29.42 4.88
CA ASN A 13 -28.72 28.45 4.12
C ASN A 13 -29.31 27.05 4.28
N VAL A 14 -29.78 26.50 3.17
CA VAL A 14 -30.37 25.16 3.16
C VAL A 14 -29.50 24.17 2.40
N SER A 15 -29.80 22.89 2.55
CA SER A 15 -29.04 21.84 1.87
C SER A 15 -29.98 20.78 1.30
N VAL A 16 -30.57 21.07 0.15
CA VAL A 16 -31.48 20.14 -0.51
C VAL A 16 -31.05 19.86 -1.94
N ASP A 17 -31.29 18.63 -2.39
CA ASP A 17 -30.92 18.22 -3.74
C ASP A 17 -29.45 18.52 -4.01
N ASP A 18 -28.57 17.75 -3.40
CA ASP A 18 -27.13 17.93 -3.58
C ASP A 18 -26.60 17.04 -4.70
N THR A 19 -25.35 17.26 -5.08
CA THR A 19 -24.73 16.48 -6.14
C THR A 19 -24.60 15.01 -5.75
N THR A 20 -25.73 14.30 -5.78
CA THR A 20 -25.74 12.88 -5.42
C THR A 20 -25.30 12.02 -6.59
N ALA A 21 -24.09 11.47 -6.50
CA ALA A 21 -23.55 10.62 -7.54
C ALA A 21 -23.32 9.19 -7.04
N THR A 22 -23.09 8.28 -7.96
CA THR A 22 -22.86 6.88 -7.61
C THR A 22 -21.36 6.58 -7.54
N PRO A 23 -20.88 6.22 -6.35
CA PRO A 23 -19.46 5.90 -6.13
C PRO A 23 -19.12 4.49 -6.59
N LYS A 24 -17.82 4.19 -6.68
CA LYS A 24 -17.37 2.89 -7.12
C LYS A 24 -15.93 2.62 -6.65
N THR A 25 -15.80 1.90 -5.55
CA THR A 25 -14.49 1.58 -5.01
C THR A 25 -13.90 0.35 -5.70
N VAL A 26 -12.60 0.14 -5.51
CA VAL A 26 -11.93 -1.01 -6.11
C VAL A 26 -12.53 -2.32 -5.61
N LEU A 27 -13.34 -2.23 -4.57
CA LEU A 27 -13.99 -3.42 -3.99
C LEU A 27 -15.11 -3.91 -4.90
N SER A 28 -16.17 -3.12 -5.01
CA SER A 28 -17.31 -3.48 -5.83
C SER A 28 -17.12 -3.02 -7.27
N ASP A 29 -16.10 -2.20 -7.50
CA ASP A 29 -15.80 -1.67 -8.83
C ASP A 29 -16.19 -2.68 -9.91
N SER A 30 -15.74 -3.92 -9.76
CA SER A 30 -16.04 -4.97 -10.73
C SER A 30 -15.67 -4.51 -12.13
N ALA A 31 -14.44 -4.02 -12.30
CA ALA A 31 -13.97 -3.54 -13.58
C ALA A 31 -14.51 -2.14 -13.85
N HIS A 32 -14.50 -1.30 -12.83
CA HIS A 32 -14.99 0.07 -12.95
C HIS A 32 -14.85 0.82 -11.62
N PHE A 33 -13.97 1.81 -11.61
CA PHE A 33 -13.73 2.61 -10.42
C PHE A 33 -14.06 4.07 -10.69
N ASP A 34 -15.02 4.61 -9.94
CA ASP A 34 -15.44 5.99 -10.11
C ASP A 34 -15.14 6.85 -8.88
N VAL A 35 -14.29 6.34 -8.00
CA VAL A 35 -13.94 7.08 -6.78
C VAL A 35 -12.48 6.86 -6.40
N LYS A 36 -11.80 7.97 -6.08
CA LYS A 36 -10.41 7.91 -5.66
C LYS A 36 -10.31 7.93 -4.15
N HIS A 37 -9.67 6.89 -3.58
CA HIS A 37 -9.53 6.77 -2.13
C HIS A 37 -8.34 7.56 -1.59
N PRO A 38 -8.60 8.71 -0.93
CA PRO A 38 -7.57 9.54 -0.35
C PRO A 38 -7.47 9.34 1.16
N LEU A 39 -6.28 9.57 1.72
CA LEU A 39 -6.09 9.43 3.16
C LEU A 39 -5.71 10.78 3.77
N ASN A 40 -4.88 10.77 4.81
CA ASN A 40 -4.47 12.00 5.46
C ASN A 40 -2.96 12.05 5.64
N THR A 41 -2.29 11.02 5.16
CA THR A 41 -0.84 10.94 5.27
C THR A 41 -0.16 11.32 3.97
N LYS A 42 1.16 11.33 3.99
CA LYS A 42 1.95 11.68 2.82
C LYS A 42 3.20 10.83 2.77
N TRP A 43 3.36 10.04 1.70
CA TRP A 43 4.52 9.19 1.58
C TRP A 43 4.87 8.90 0.13
N THR A 44 5.96 8.17 -0.08
CA THR A 44 6.42 7.83 -1.41
C THR A 44 6.73 6.34 -1.50
N LEU A 45 6.40 5.76 -2.64
CA LEU A 45 6.64 4.34 -2.86
C LEU A 45 7.94 4.16 -3.64
N TRP A 46 8.82 3.31 -3.15
CA TRP A 46 10.10 3.09 -3.81
C TRP A 46 10.30 1.62 -4.17
N TYR A 47 10.75 1.35 -5.39
CA TYR A 47 10.98 -0.02 -5.84
C TYR A 47 12.44 -0.22 -6.24
N THR A 48 12.85 -1.48 -6.36
CA THR A 48 14.21 -1.83 -6.72
C THR A 48 14.25 -3.17 -7.45
N LYS A 49 15.25 -3.37 -8.29
CA LYS A 49 15.38 -4.61 -9.05
C LYS A 49 16.84 -4.96 -9.34
N PRO A 50 17.51 -4.17 -10.19
CA PRO A 50 18.90 -4.40 -10.57
C PRO A 50 19.73 -5.00 -9.45
N ALA A 51 20.00 -4.21 -8.40
CA ALA A 51 20.79 -4.68 -7.28
C ALA A 51 22.28 -4.61 -7.60
N VAL A 52 22.59 -4.24 -8.84
CA VAL A 52 23.98 -4.13 -9.29
C VAL A 52 24.73 -3.02 -8.55
N ASP A 53 24.01 -2.26 -7.72
CA ASP A 53 24.61 -1.17 -6.97
C ASP A 53 26.02 -1.52 -6.54
N LYS A 54 26.24 -2.81 -6.31
CA LYS A 54 27.55 -3.31 -5.93
C LYS A 54 28.64 -2.50 -6.60
N SER A 55 28.45 -2.29 -7.88
CA SER A 55 29.38 -1.52 -8.69
C SER A 55 28.64 -0.42 -9.46
N GLU A 56 27.32 -0.44 -9.39
CA GLU A 56 26.51 0.56 -10.08
C GLU A 56 26.12 1.69 -9.14
N SER A 57 24.87 1.70 -8.67
CA SER A 57 24.39 2.73 -7.77
C SER A 57 22.99 2.41 -7.27
N TRP A 58 22.87 2.19 -5.97
CA TRP A 58 21.57 1.91 -5.40
C TRP A 58 20.58 2.96 -5.89
N SER A 59 21.04 4.21 -5.92
CA SER A 59 20.23 5.32 -6.39
C SER A 59 19.97 5.22 -7.88
N ASP A 60 20.67 4.31 -8.54
CA ASP A 60 20.51 4.12 -9.98
C ASP A 60 19.50 3.03 -10.25
N LEU A 61 19.48 2.03 -9.38
CA LEU A 61 18.56 0.91 -9.50
C LEU A 61 17.18 1.32 -9.04
N LEU A 62 17.06 1.56 -7.74
CA LEU A 62 15.82 1.96 -7.15
C LEU A 62 15.38 3.32 -7.66
N ARG A 63 14.09 3.56 -7.62
CA ARG A 63 13.53 4.83 -8.07
C ARG A 63 12.26 5.15 -7.29
N PRO A 64 11.94 6.44 -7.16
CA PRO A 64 10.75 6.88 -6.43
C PRO A 64 9.48 6.73 -7.25
N VAL A 65 8.43 6.22 -6.61
CA VAL A 65 7.16 6.01 -7.27
C VAL A 65 6.01 6.52 -6.43
N THR A 66 4.82 5.93 -6.65
CA THR A 66 3.59 6.31 -5.95
C THR A 66 3.87 7.07 -4.66
N SER A 67 3.51 8.34 -4.67
CA SER A 67 3.69 9.16 -3.49
C SER A 67 2.39 9.86 -3.15
N PHE A 68 1.54 9.14 -2.44
CA PHE A 68 0.24 9.68 -2.06
C PHE A 68 -0.23 9.10 -0.74
N GLN A 69 -1.46 9.45 -0.38
CA GLN A 69 -2.07 8.98 0.85
C GLN A 69 -3.08 7.89 0.55
N THR A 70 -3.51 7.87 -0.71
CA THR A 70 -4.47 6.89 -1.18
C THR A 70 -3.96 5.48 -0.93
N VAL A 71 -4.35 4.56 -1.79
CA VAL A 71 -3.96 3.18 -1.65
C VAL A 71 -3.93 2.47 -3.01
N GLU A 72 -4.90 2.79 -3.85
CA GLU A 72 -4.98 2.18 -5.17
C GLU A 72 -3.64 2.21 -5.90
N GLU A 73 -2.91 3.29 -5.73
CA GLU A 73 -1.63 3.43 -6.39
C GLU A 73 -0.61 2.42 -5.87
N PHE A 74 -0.17 2.61 -4.63
CA PHE A 74 0.81 1.71 -4.05
C PHE A 74 0.29 0.29 -4.02
N TRP A 75 -1.02 0.11 -3.93
CA TRP A 75 -1.58 -1.22 -3.90
C TRP A 75 -1.15 -1.99 -5.12
N ALA A 76 -1.15 -1.35 -6.30
CA ALA A 76 -0.73 -2.03 -7.52
C ALA A 76 0.76 -2.36 -7.47
N ILE A 77 1.61 -1.32 -7.37
CA ILE A 77 3.04 -1.52 -7.31
C ILE A 77 3.41 -2.57 -6.27
N ILE A 78 2.84 -2.44 -5.08
CA ILE A 78 3.09 -3.39 -4.00
C ILE A 78 2.30 -4.66 -4.22
N GLN A 79 1.21 -4.55 -4.93
CA GLN A 79 0.36 -5.69 -5.20
C GLN A 79 1.19 -6.89 -5.61
N ASN A 80 2.21 -6.65 -6.43
CA ASN A 80 3.07 -7.73 -6.89
C ASN A 80 3.89 -8.29 -5.74
N ILE A 81 3.99 -7.51 -4.66
CA ILE A 81 4.74 -7.88 -3.45
C ILE A 81 5.40 -9.24 -3.61
N PRO A 82 6.74 -9.27 -3.66
CA PRO A 82 7.50 -10.50 -3.83
C PRO A 82 6.75 -11.72 -3.33
N GLU A 83 5.85 -12.22 -4.16
CA GLU A 83 5.05 -13.40 -3.81
C GLU A 83 5.88 -14.44 -3.08
N PRO A 84 5.22 -15.46 -2.50
CA PRO A 84 5.90 -16.54 -1.77
C PRO A 84 6.96 -17.23 -2.62
N HIS A 85 8.02 -16.49 -2.93
CA HIS A 85 9.10 -17.01 -3.74
C HIS A 85 8.63 -17.23 -5.17
N GLU A 86 8.01 -16.20 -5.75
CA GLU A 86 7.49 -16.27 -7.10
C GLU A 86 8.16 -15.26 -8.02
N LEU A 87 8.80 -14.25 -7.44
CA LEU A 87 9.48 -13.22 -8.21
C LEU A 87 10.92 -13.62 -8.48
N PRO A 88 11.65 -12.80 -9.26
CA PRO A 88 13.05 -13.04 -9.60
C PRO A 88 13.99 -12.65 -8.46
N LEU A 89 13.59 -12.94 -7.23
CA LEU A 89 14.37 -12.64 -6.05
C LEU A 89 15.17 -11.36 -6.20
N LYS A 90 16.16 -11.19 -5.32
CA LYS A 90 17.02 -10.01 -5.34
C LYS A 90 16.21 -8.76 -5.59
N SER A 91 14.97 -8.80 -5.19
CA SER A 91 14.06 -7.66 -5.38
C SER A 91 14.03 -6.77 -4.15
N ASP A 92 13.46 -5.57 -4.31
CA ASP A 92 13.37 -4.63 -3.19
C ASP A 92 12.29 -3.58 -3.44
N TYR A 93 11.51 -3.30 -2.40
CA TYR A 93 10.44 -2.31 -2.49
C TYR A 93 10.16 -1.74 -1.11
N HIS A 94 9.72 -0.49 -1.05
CA HIS A 94 9.44 0.16 0.21
C HIS A 94 8.37 1.24 0.09
N VAL A 95 7.81 1.61 1.22
CA VAL A 95 6.78 2.65 1.30
C VAL A 95 6.89 3.34 2.65
N PHE A 96 7.22 4.63 2.64
CA PHE A 96 7.39 5.35 3.88
C PHE A 96 7.60 6.85 3.65
N ARG A 97 7.59 7.61 4.75
CA ARG A 97 7.78 9.07 4.70
C ARG A 97 7.07 9.75 5.86
N ASN A 98 5.94 9.18 6.28
CA ASN A 98 5.15 9.73 7.38
C ASN A 98 6.01 10.46 8.39
N ASP A 99 7.07 9.81 8.85
CA ASP A 99 7.96 10.40 9.83
C ASP A 99 9.21 10.97 9.18
N VAL A 100 9.92 10.14 8.42
CA VAL A 100 11.12 10.55 7.74
C VAL A 100 10.86 10.61 6.24
N ARG A 101 11.79 10.14 5.41
CA ARG A 101 11.54 10.18 3.97
C ARG A 101 12.77 9.89 3.13
N PRO A 102 13.84 10.67 3.32
CA PRO A 102 15.08 10.52 2.57
C PRO A 102 15.32 9.13 1.98
N GLU A 103 15.66 8.14 2.80
CA GLU A 103 15.91 6.79 2.28
C GLU A 103 16.69 5.95 3.27
N TRP A 104 16.91 4.69 2.97
CA TRP A 104 17.65 3.83 3.86
C TRP A 104 18.92 4.53 4.33
N GLU A 105 19.35 5.54 3.58
CA GLU A 105 20.54 6.29 3.89
C GLU A 105 20.24 7.50 4.79
N ASP A 106 18.98 7.94 4.80
CA ASP A 106 18.58 9.07 5.63
C ASP A 106 17.22 8.85 6.31
N GLU A 107 16.50 7.81 5.90
CA GLU A 107 15.21 7.47 6.47
C GLU A 107 15.41 6.93 7.88
N ALA A 108 16.53 6.25 8.07
CA ALA A 108 16.87 5.70 9.38
C ALA A 108 17.47 6.82 10.21
N ASN A 109 18.12 7.74 9.51
CA ASN A 109 18.72 8.91 10.14
C ASN A 109 17.66 9.65 10.92
N ALA A 110 16.43 9.56 10.42
CA ALA A 110 15.30 10.19 11.05
C ALA A 110 15.38 10.03 12.57
N LYS A 111 16.00 8.92 12.98
CA LYS A 111 16.21 8.59 14.39
C LYS A 111 15.30 7.45 14.81
N GLY A 112 15.11 6.50 13.91
CA GLY A 112 14.26 5.37 14.21
C GLY A 112 15.04 4.07 14.33
N GLY A 113 14.96 3.25 13.30
CA GLY A 113 15.66 1.97 13.31
C GLY A 113 15.32 1.10 12.12
N LYS A 114 16.04 -0.01 11.96
CA LYS A 114 15.80 -0.92 10.84
C LYS A 114 15.49 -2.33 11.33
N TRP A 115 14.23 -2.74 11.19
CA TRP A 115 13.80 -4.07 11.61
C TRP A 115 13.73 -5.00 10.41
N SER A 116 14.79 -5.78 10.18
CA SER A 116 14.84 -6.70 9.06
C SER A 116 14.46 -8.12 9.48
N PHE A 117 14.00 -8.90 8.51
CA PHE A 117 13.61 -10.28 8.76
C PHE A 117 14.18 -11.20 7.69
N GLN A 118 15.15 -12.01 8.08
CA GLN A 118 15.79 -12.94 7.15
C GLN A 118 15.05 -14.27 7.13
N LEU A 119 14.39 -14.56 6.01
CA LEU A 119 13.65 -15.80 5.86
C LEU A 119 14.23 -16.65 4.74
N CYS A 120 13.89 -17.94 4.75
CA CYS A 120 14.37 -18.86 3.73
C CYS A 120 13.45 -18.86 2.52
N GLY A 121 12.15 -18.83 2.78
CA GLY A 121 11.18 -18.82 1.69
C GLY A 121 10.39 -20.11 1.61
N LYS A 122 9.35 -20.22 2.43
CA LYS A 122 8.51 -21.41 2.45
C LYS A 122 7.67 -21.49 1.17
N GLY A 123 6.73 -20.56 1.03
CA GLY A 123 5.88 -20.54 -0.14
C GLY A 123 4.46 -20.98 0.14
N ALA A 124 3.61 -20.03 0.52
CA ALA A 124 2.23 -20.32 0.83
C ALA A 124 1.38 -19.06 0.81
N ASP A 125 1.68 -18.15 1.73
CA ASP A 125 0.96 -16.88 1.84
C ASP A 125 1.55 -16.04 2.95
N ILE A 126 2.87 -16.00 3.02
CA ILE A 126 3.56 -15.22 4.04
C ILE A 126 3.60 -13.74 3.70
N ASP A 127 3.69 -13.44 2.41
CA ASP A 127 3.75 -12.07 1.95
C ASP A 127 2.45 -11.32 2.25
N GLU A 128 1.37 -12.06 2.46
CA GLU A 128 0.07 -11.45 2.74
C GLU A 128 -0.01 -11.03 4.20
N LEU A 129 0.71 -11.76 5.05
CA LEU A 129 0.71 -11.48 6.48
C LEU A 129 1.52 -10.24 6.80
N TRP A 130 2.78 -10.21 6.38
CA TRP A 130 3.62 -9.05 6.63
C TRP A 130 2.91 -7.82 6.11
N LEU A 131 2.37 -7.96 4.91
CA LEU A 131 1.65 -6.89 4.25
C LEU A 131 0.53 -6.36 5.13
N CYS A 132 -0.46 -7.21 5.41
CA CYS A 132 -1.59 -6.81 6.24
C CYS A 132 -1.14 -5.85 7.32
N THR A 133 0.06 -6.09 7.82
CA THR A 133 0.63 -5.25 8.88
C THR A 133 1.26 -3.99 8.31
N LEU A 134 1.96 -4.12 7.18
CA LEU A 134 2.60 -2.97 6.56
C LEU A 134 1.56 -2.13 5.83
N LEU A 135 0.82 -2.77 4.94
CA LEU A 135 -0.22 -2.08 4.18
C LEU A 135 -1.08 -1.24 5.13
N ALA A 136 -1.42 -1.82 6.28
CA ALA A 136 -2.23 -1.11 7.26
C ALA A 136 -1.42 -0.05 7.99
N VAL A 137 -0.12 -0.30 8.06
CA VAL A 137 0.81 0.57 8.75
C VAL A 137 0.96 1.93 8.06
N ILE A 138 0.93 1.96 6.74
CA ILE A 138 1.08 3.20 6.01
C ILE A 138 -0.25 3.93 5.86
N GLY A 139 -1.29 3.16 5.55
CA GLY A 139 -2.62 3.74 5.39
C GLY A 139 -3.06 4.49 6.64
N GLU A 140 -2.75 3.93 7.81
CA GLU A 140 -3.10 4.54 9.07
C GLU A 140 -1.84 4.89 9.85
N THR A 141 -0.94 5.60 9.18
CA THR A 141 0.32 5.99 9.79
C THR A 141 0.13 7.18 10.72
N ILE A 142 -1.02 7.84 10.60
CA ILE A 142 -1.33 8.99 11.43
C ILE A 142 -0.78 8.79 12.84
N ASP A 143 -1.09 7.63 13.42
CA ASP A 143 -0.65 7.29 14.76
C ASP A 143 -1.39 6.05 15.26
N GLU A 144 -1.33 5.82 16.57
CA GLU A 144 -1.99 4.66 17.17
C GLU A 144 -1.36 3.37 16.68
N ASP A 145 -1.52 3.10 15.38
CA ASP A 145 -0.96 1.89 14.78
C ASP A 145 0.51 2.10 14.42
N ASP A 146 0.76 3.01 13.49
CA ASP A 146 2.13 3.31 13.06
C ASP A 146 2.67 4.54 13.77
N SER A 147 2.28 4.69 15.03
CA SER A 147 2.73 5.83 15.84
C SER A 147 4.23 5.75 16.09
N GLN A 148 4.68 4.59 16.57
CA GLN A 148 6.10 4.39 16.85
C GLN A 148 6.83 3.87 15.62
N ILE A 149 6.28 4.18 14.44
CA ILE A 149 6.88 3.74 13.19
C ILE A 149 7.13 4.93 12.27
N ASN A 150 7.95 4.71 11.23
CA ASN A 150 8.27 5.77 10.28
C ASN A 150 8.22 5.26 8.84
N GLY A 151 8.62 4.01 8.63
CA GLY A 151 8.59 3.47 7.29
C GLY A 151 8.89 1.98 7.24
N VAL A 152 8.76 1.40 6.04
CA VAL A 152 9.01 -0.02 5.86
C VAL A 152 9.81 -0.30 4.59
N VAL A 153 10.49 -1.44 4.55
CA VAL A 153 11.29 -1.82 3.40
C VAL A 153 11.20 -3.31 3.13
N LEU A 154 11.52 -3.70 1.89
CA LEU A 154 11.50 -5.09 1.48
C LEU A 154 12.69 -5.40 0.60
N SER A 155 13.20 -6.62 0.67
CA SER A 155 14.34 -7.02 -0.14
C SER A 155 14.45 -8.53 -0.24
N ILE A 156 14.13 -9.06 -1.41
CA ILE A 156 14.22 -10.49 -1.64
C ILE A 156 15.59 -10.85 -2.17
N ARG A 157 15.99 -12.09 -1.95
CA ARG A 157 17.29 -12.57 -2.41
C ARG A 157 17.22 -14.07 -2.71
N LYS A 158 18.15 -14.55 -3.54
CA LYS A 158 18.19 -15.95 -3.90
C LYS A 158 17.74 -16.85 -2.76
N GLY A 159 18.51 -16.86 -1.68
CA GLY A 159 18.18 -17.68 -0.53
C GLY A 159 16.67 -17.72 -0.27
N GLY A 160 16.12 -16.58 0.12
CA GLY A 160 14.69 -16.51 0.40
C GLY A 160 14.14 -15.11 0.23
N ASN A 161 14.13 -14.34 1.32
CA ASN A 161 13.62 -12.98 1.28
C ASN A 161 13.99 -12.23 2.56
N LYS A 162 14.01 -10.91 2.48
CA LYS A 162 14.33 -10.08 3.64
C LYS A 162 13.52 -8.79 3.63
N PHE A 163 12.69 -8.61 4.66
CA PHE A 163 11.86 -7.42 4.76
C PHE A 163 12.28 -6.56 5.95
N ALA A 164 12.34 -5.26 5.75
CA ALA A 164 12.74 -4.34 6.80
C ALA A 164 11.55 -3.53 7.30
N LEU A 165 11.63 -3.12 8.56
CA LEU A 165 10.57 -2.33 9.18
C LEU A 165 11.20 -1.12 9.86
N TRP A 166 11.01 0.06 9.27
CA TRP A 166 11.58 1.27 9.81
C TRP A 166 10.68 1.89 10.84
N THR A 167 11.19 1.93 12.07
CA THR A 167 10.45 2.47 13.19
C THR A 167 11.02 3.80 13.66
N LYS A 168 10.18 4.83 13.61
CA LYS A 168 10.59 6.17 14.04
C LYS A 168 11.47 6.11 15.28
N CYS A 169 11.25 5.07 16.09
CA CYS A 169 12.00 4.84 17.34
C CYS A 169 11.04 4.65 18.51
N GLU A 170 10.36 5.73 18.88
CA GLU A 170 9.40 5.70 19.99
C GLU A 170 9.84 4.70 21.07
N ASP A 171 11.15 4.59 21.26
CA ASP A 171 11.70 3.66 22.24
C ASP A 171 11.80 2.26 21.67
N LYS A 172 12.97 1.65 21.81
CA LYS A 172 13.20 0.30 21.29
C LYS A 172 12.37 -0.72 22.03
N GLU A 173 11.87 -0.34 23.21
CA GLU A 173 11.04 -1.24 23.97
C GLU A 173 9.87 -1.70 23.13
N PRO A 174 9.02 -0.75 22.72
CA PRO A 174 7.86 -1.03 21.88
C PRO A 174 8.27 -1.59 20.52
N LEU A 175 9.54 -1.39 20.15
CA LEU A 175 10.02 -1.91 18.87
C LEU A 175 10.32 -3.38 18.98
N LEU A 176 11.18 -3.74 19.94
CA LEU A 176 11.52 -5.13 20.15
C LEU A 176 10.25 -5.93 20.36
N ARG A 177 9.19 -5.22 20.74
CA ARG A 177 7.90 -5.86 20.97
C ARG A 177 7.18 -6.12 19.66
N ILE A 178 7.03 -5.06 18.85
CA ILE A 178 6.38 -5.18 17.57
C ILE A 178 7.16 -6.13 16.65
N GLY A 179 8.48 -6.07 16.74
CA GLY A 179 9.31 -6.95 15.93
C GLY A 179 9.05 -8.40 16.21
N GLY A 180 9.02 -8.76 17.50
CA GLY A 180 8.75 -10.13 17.88
C GLY A 180 7.49 -10.67 17.22
N LYS A 181 6.38 -9.99 17.46
CA LYS A 181 5.11 -10.40 16.88
C LYS A 181 5.18 -10.38 15.36
N PHE A 182 5.69 -9.28 14.80
CA PHE A 182 5.82 -9.15 13.36
C PHE A 182 6.73 -10.25 12.81
N LYS A 183 7.52 -10.85 13.70
CA LYS A 183 8.44 -11.91 13.33
C LYS A 183 7.68 -13.19 12.97
N GLN A 184 6.90 -13.68 13.93
CA GLN A 184 6.11 -14.90 13.72
C GLN A 184 5.17 -14.73 12.54
N VAL A 185 4.61 -13.53 12.41
CA VAL A 185 3.70 -13.24 11.32
C VAL A 185 4.31 -13.68 9.99
N LEU A 186 5.64 -13.54 9.92
CA LEU A 186 6.36 -13.92 8.71
C LEU A 186 6.38 -15.44 8.58
N LYS A 187 5.92 -16.11 9.62
CA LYS A 187 5.86 -17.57 9.63
C LYS A 187 7.26 -18.15 9.81
N LEU A 188 8.03 -17.55 10.71
CA LEU A 188 9.38 -18.01 10.98
C LEU A 188 9.40 -19.51 11.27
N THR A 189 10.55 -19.99 11.73
CA THR A 189 10.71 -21.40 12.06
C THR A 189 12.16 -21.71 12.42
N ASP A 190 13.10 -21.07 11.73
CA ASP A 190 14.51 -21.29 11.96
C ASP A 190 15.10 -20.19 12.86
N ASP A 191 14.24 -19.54 13.64
CA ASP A 191 14.67 -18.48 14.53
C ASP A 191 15.76 -17.62 13.88
N GLY A 192 16.47 -16.86 14.69
CA GLY A 192 17.52 -15.99 14.18
C GLY A 192 17.20 -15.44 12.81
N HIS A 193 15.94 -15.08 12.60
CA HIS A 193 15.50 -14.56 11.31
C HIS A 193 15.35 -13.04 11.35
N LEU A 194 14.72 -12.53 12.40
CA LEU A 194 14.54 -11.09 12.55
C LEU A 194 15.89 -10.43 12.77
N GLU A 195 15.95 -9.12 12.59
CA GLU A 195 17.21 -8.42 12.78
C GLU A 195 16.97 -6.98 13.21
N PHE A 196 17.27 -6.70 14.48
CA PHE A 196 17.11 -5.35 15.01
C PHE A 196 18.41 -4.57 14.83
N PHE A 197 18.34 -3.53 14.00
CA PHE A 197 19.51 -2.70 13.72
C PHE A 197 19.19 -1.22 13.92
N PRO A 198 20.10 -0.48 14.55
CA PRO A 198 19.93 0.95 14.79
C PRO A 198 20.20 1.76 13.54
N HIS A 199 19.32 2.70 13.22
CA HIS A 199 19.48 3.54 12.04
C HIS A 199 20.95 3.86 11.81
N CYS A 200 21.65 4.19 12.88
CA CYS A 200 23.07 4.52 12.82
C CYS A 200 23.85 3.50 12.00
N SER A 201 23.30 2.30 11.84
CA SER A 201 23.97 1.24 11.09
C SER A 201 23.86 1.46 9.58
N ALA A 202 22.78 2.09 9.15
CA ALA A 202 22.56 2.35 7.74
C ALA A 202 23.22 3.66 7.29
N ASN A 203 24.40 3.93 7.83
CA ASN A 203 25.14 5.14 7.49
C ASN A 203 26.58 5.06 7.97
N GLY A 204 27.12 3.85 8.02
CA GLY A 204 28.49 3.67 8.45
C GLY A 204 28.59 3.28 9.91
N ARG A 205 27.81 2.27 10.31
CA ARG A 205 27.81 1.81 11.68
C ARG A 205 27.15 0.44 11.80
N HIS A 206 27.33 -0.39 10.77
CA HIS A 206 26.74 -1.73 10.75
C HIS A 206 27.04 -2.48 12.04
N PRO A 207 28.32 -2.50 12.45
CA PRO A 207 28.75 -3.19 13.68
C PRO A 207 28.11 -2.61 14.93
N GLN A 208 26.78 -2.68 14.99
CA GLN A 208 26.04 -2.16 16.14
C GLN A 208 24.57 -2.54 16.06
N PRO A 209 24.28 -3.84 15.85
CA PRO A 209 22.91 -4.35 15.75
C PRO A 209 22.19 -4.34 17.09
N SER A 210 21.10 -5.10 17.17
CA SER A 210 20.32 -5.18 18.40
C SER A 210 20.02 -6.64 18.72
N ILE A 211 19.36 -7.34 17.81
CA ILE A 211 19.02 -8.74 18.03
C ILE A 211 18.65 -9.47 16.75
N THR A 212 18.51 -10.78 16.87
CA THR A 212 18.15 -11.64 15.74
C THR A 212 17.15 -12.70 16.22
N LEU A 213 15.90 -12.54 15.84
CA LEU A 213 14.86 -13.47 16.26
C LEU A 213 14.30 -14.28 15.10
N GLY B 1 13.63 -17.94 -27.54
CA GLY B 1 14.06 -16.80 -26.70
C GLY B 1 13.99 -17.10 -25.21
N SER B 2 12.91 -17.78 -24.81
CA SER B 2 12.72 -18.14 -23.40
C SER B 2 11.70 -19.27 -23.27
N ILE B 3 12.16 -20.42 -22.79
CA ILE B 3 11.28 -21.58 -22.61
C ILE B 3 11.59 -22.30 -21.31
N GLY B 4 10.73 -23.23 -20.94
CA GLY B 4 10.92 -23.99 -19.71
C GLY B 4 9.73 -23.92 -18.79
N LEU B 5 8.66 -23.27 -19.25
CA LEU B 5 7.44 -23.13 -18.45
C LEU B 5 6.43 -22.23 -19.14
N GLU B 6 5.18 -22.66 -19.19
CA GLU B 6 4.12 -21.89 -19.82
C GLU B 6 2.88 -21.81 -18.92
N ALA B 7 2.19 -22.94 -18.79
CA ALA B 7 0.99 -23.00 -17.95
C ALA B 7 1.04 -24.19 -17.00
N GLU B 8 0.42 -24.03 -15.84
CA GLU B 8 0.40 -25.08 -14.83
C GLU B 8 -1.01 -25.61 -14.64
N ILE B 9 -1.27 -26.81 -15.15
CA ILE B 9 -2.59 -27.42 -15.03
C ILE B 9 -2.54 -28.64 -14.11
N GLU B 10 -3.36 -28.61 -13.06
CA GLU B 10 -3.42 -29.69 -12.10
C GLU B 10 -4.69 -29.62 -11.25
N THR B 11 -4.92 -28.46 -10.65
CA THR B 11 -6.10 -28.26 -9.82
C THR B 11 -7.08 -27.31 -10.50
N THR B 12 -6.56 -26.25 -11.10
CA THR B 12 -7.39 -25.26 -11.79
C THR B 12 -8.22 -25.91 -12.89
N THR B 13 -9.50 -26.12 -12.61
CA THR B 13 -10.41 -26.73 -13.57
C THR B 13 -11.21 -25.67 -14.30
N ASP B 14 -10.62 -24.50 -14.46
CA ASP B 14 -11.29 -23.39 -15.15
C ASP B 14 -10.67 -23.16 -16.52
N GLU B 15 -11.49 -23.24 -17.56
CA GLU B 15 -11.02 -23.04 -18.92
C GLU B 15 -12.05 -22.24 -19.74
N THR B 16 -12.59 -21.18 -19.14
CA THR B 16 -13.58 -20.35 -19.80
C THR B 16 -12.98 -19.01 -20.21
N ASP B 17 -12.17 -18.43 -19.32
CA ASP B 17 -11.54 -17.15 -19.58
C ASP B 17 -10.15 -17.09 -18.96
N ASP B 18 -9.51 -15.93 -19.06
CA ASP B 18 -8.16 -15.75 -18.52
C ASP B 18 -8.22 -15.11 -17.13
N GLY B 19 -8.79 -13.91 -17.05
CA GLY B 19 -8.89 -13.23 -15.78
C GLY B 19 -7.69 -12.35 -15.49
N THR B 20 -6.99 -11.94 -16.55
CA THR B 20 -5.82 -11.09 -16.41
C THR B 20 -6.22 -9.62 -16.31
N ASN B 21 -5.76 -8.95 -15.25
CA ASN B 21 -6.07 -7.55 -15.04
C ASN B 21 -4.85 -6.67 -15.32
N THR B 22 -5.07 -5.57 -16.03
CA THR B 22 -3.99 -4.65 -16.36
C THR B 22 -4.33 -3.24 -15.90
N VAL B 23 -3.33 -2.51 -15.42
CA VAL B 23 -3.52 -1.15 -14.96
C VAL B 23 -4.03 -0.25 -16.08
N SER B 24 -3.64 -0.57 -17.30
CA SER B 24 -4.06 0.20 -18.47
C SER B 24 -5.58 0.27 -18.55
N HIS B 25 -6.22 -0.89 -18.47
CA HIS B 25 -7.68 -0.96 -18.54
C HIS B 25 -8.30 -0.30 -17.31
N ILE B 26 -7.71 -0.55 -16.16
CA ILE B 26 -8.20 0.02 -14.90
C ILE B 26 -8.27 1.53 -15.01
N LEU B 27 -7.12 2.16 -15.25
CA LEU B 27 -7.04 3.60 -15.37
C LEU B 27 -7.98 4.11 -16.47
N ASN B 28 -8.09 3.31 -17.53
CA ASN B 28 -8.95 3.67 -18.65
C ASN B 28 -10.34 4.07 -18.19
N VAL B 29 -10.94 3.26 -17.31
CA VAL B 29 -12.26 3.55 -16.80
C VAL B 29 -12.24 4.76 -15.86
N LEU B 30 -11.14 4.90 -15.12
CA LEU B 30 -10.99 6.01 -14.18
C LEU B 30 -11.27 7.35 -14.87
N LYS B 31 -10.98 7.42 -16.16
CA LYS B 31 -11.21 8.65 -16.92
C LYS B 31 -12.57 9.24 -16.58
N ASP B 32 -13.57 8.38 -16.46
CA ASP B 32 -14.92 8.80 -16.14
C ASP B 32 -15.27 8.46 -14.70
N ALA B 33 -14.41 8.86 -13.77
CA ALA B 33 -14.62 8.57 -12.35
C ALA B 33 -14.99 9.83 -11.58
N THR B 34 -15.62 9.65 -10.43
CA THR B 34 -16.02 10.78 -9.59
C THR B 34 -15.13 10.86 -8.35
N PRO B 35 -15.27 11.93 -7.56
CA PRO B 35 -14.47 12.12 -6.36
C PRO B 35 -14.82 11.13 -5.25
N ILE B 36 -14.29 11.38 -4.06
CA ILE B 36 -14.53 10.49 -2.93
C ILE B 36 -14.99 11.26 -1.70
N GLU B 37 -15.91 10.66 -0.95
CA GLU B 37 -16.43 11.27 0.26
C GLU B 37 -15.64 10.76 1.47
N ASP B 38 -14.99 9.60 1.28
CA ASP B 38 -14.16 8.95 2.30
C ASP B 38 -14.64 7.52 2.53
N VAL B 39 -13.72 6.64 2.88
CA VAL B 39 -14.04 5.23 3.13
C VAL B 39 -15.32 5.11 3.93
N PHE B 40 -15.24 5.56 5.17
CA PHE B 40 -16.37 5.55 6.05
C PHE B 40 -17.48 6.41 5.47
N SER B 41 -17.14 7.19 4.42
CA SER B 41 -18.14 8.04 3.78
C SER B 41 -18.89 7.26 2.72
N PHE B 42 -18.24 6.24 2.15
CA PHE B 42 -18.88 5.41 1.12
C PHE B 42 -18.89 3.94 1.52
N ASN B 43 -20.08 3.35 1.50
CA ASN B 43 -20.23 1.93 1.85
C ASN B 43 -19.95 1.05 0.65
N TYR B 44 -18.82 0.35 0.70
CA TYR B 44 -18.43 -0.53 -0.40
C TYR B 44 -19.09 -1.89 -0.28
N PRO B 45 -20.03 -2.20 -1.19
CA PRO B 45 -20.76 -3.47 -1.19
C PRO B 45 -19.83 -4.66 -1.45
N GLU B 46 -20.34 -5.68 -2.12
CA GLU B 46 -19.55 -6.87 -2.44
C GLU B 46 -19.35 -7.74 -1.20
N GLY B 47 -20.19 -7.50 -0.18
CA GLY B 47 -20.09 -8.28 1.04
C GLY B 47 -19.16 -7.65 2.06
N ILE B 48 -18.81 -6.39 1.84
CA ILE B 48 -17.92 -5.67 2.75
C ILE B 48 -18.46 -4.27 3.04
N GLU B 49 -17.77 -3.55 3.92
CA GLU B 49 -18.19 -2.20 4.29
C GLU B 49 -17.35 -1.67 5.44
N GLY B 50 -16.89 -0.43 5.32
CA GLY B 50 -16.08 0.18 6.35
C GLY B 50 -16.74 1.40 6.96
N PRO B 51 -17.35 1.26 8.15
CA PRO B 51 -18.02 2.35 8.83
C PRO B 51 -17.11 3.12 9.78
N ASP B 52 -16.60 2.44 10.80
CA ASP B 52 -15.73 3.06 11.79
C ASP B 52 -14.41 2.30 11.94
N ILE B 53 -14.30 1.17 11.23
CA ILE B 53 -13.13 0.31 11.29
C ILE B 53 -11.90 1.04 11.84
N LYS B 54 -11.20 1.79 11.01
CA LYS B 54 -10.02 2.52 11.45
C LYS B 54 -10.39 3.92 11.91
N TYR B 55 -11.61 4.35 11.61
CA TYR B 55 -12.07 5.68 11.98
C TYR B 55 -11.70 5.99 13.43
N LYS B 56 -11.56 4.95 14.24
CA LYS B 56 -11.23 5.12 15.65
C LYS B 56 -9.71 5.13 15.88
N LYS B 57 -8.96 4.74 14.85
CA LYS B 57 -7.51 4.68 14.94
C LYS B 57 -6.95 5.88 15.67
N GLU B 58 -7.61 7.00 15.53
CA GLU B 58 -7.19 8.23 16.19
C GLU B 58 -8.04 9.41 15.74
N HIS B 59 -9.32 9.14 15.48
CA HIS B 59 -10.23 10.18 15.04
C HIS B 59 -10.02 10.50 13.57
N VAL B 60 -9.28 9.64 12.87
CA VAL B 60 -9.02 9.84 11.46
C VAL B 60 -10.15 9.32 10.58
N LYS B 61 -10.61 10.14 9.65
CA LYS B 61 -11.69 9.78 8.75
C LYS B 61 -11.14 9.10 7.50
N TYR B 62 -9.88 9.41 7.18
CA TYR B 62 -9.22 8.83 6.02
C TYR B 62 -8.35 7.67 6.45
N THR B 63 -8.99 6.67 7.05
CA THR B 63 -8.30 5.48 7.52
C THR B 63 -9.02 4.24 7.03
N TYR B 64 -8.36 3.48 6.17
CA TYR B 64 -8.95 2.28 5.61
C TYR B 64 -8.59 1.04 6.43
N GLY B 65 -9.59 0.22 6.70
CA GLY B 65 -9.37 -0.99 7.47
C GLY B 65 -8.26 -1.85 6.91
N PRO B 66 -7.46 -2.49 7.78
CA PRO B 66 -6.36 -3.36 7.34
C PRO B 66 -6.84 -4.40 6.34
N THR B 67 -7.82 -5.19 6.75
CA THR B 67 -8.38 -6.23 5.90
C THR B 67 -9.07 -5.59 4.70
N PHE B 68 -9.52 -4.35 4.87
CA PHE B 68 -10.18 -3.63 3.80
C PHE B 68 -9.18 -3.36 2.68
N LEU B 69 -8.08 -2.71 3.03
CA LEU B 69 -7.05 -2.41 2.05
C LEU B 69 -6.70 -3.69 1.31
N LEU B 70 -6.95 -4.82 1.97
CA LEU B 70 -6.71 -6.12 1.36
C LEU B 70 -7.65 -6.31 0.19
N GLN B 71 -8.90 -5.87 0.37
CA GLN B 71 -9.90 -5.97 -0.68
C GLN B 71 -9.32 -5.35 -1.95
N PHE B 72 -8.75 -4.16 -1.80
CA PHE B 72 -8.14 -3.46 -2.92
C PHE B 72 -7.16 -4.39 -3.64
N LYS B 73 -6.29 -5.03 -2.86
CA LYS B 73 -5.30 -5.94 -3.41
C LYS B 73 -5.96 -6.93 -4.36
N ASP B 74 -7.16 -7.39 -4.00
CA ASP B 74 -7.90 -8.34 -4.82
C ASP B 74 -8.11 -7.81 -6.24
N LYS B 75 -8.64 -6.60 -6.35
CA LYS B 75 -8.90 -5.99 -7.66
C LYS B 75 -7.70 -5.18 -8.16
N LEU B 76 -6.73 -4.93 -7.27
CA LEU B 76 -5.54 -4.17 -7.63
C LEU B 76 -4.43 -5.08 -8.14
N ASN B 77 -4.70 -6.39 -8.17
CA ASN B 77 -3.72 -7.36 -8.63
C ASN B 77 -2.82 -6.79 -9.72
N VAL B 78 -3.40 -5.90 -10.53
CA VAL B 78 -2.65 -5.27 -11.61
C VAL B 78 -1.29 -4.78 -11.12
N LYS B 79 -0.38 -4.55 -12.07
CA LYS B 79 0.96 -4.08 -11.73
C LYS B 79 1.28 -2.77 -12.44
N ALA B 80 1.14 -1.66 -11.71
CA ALA B 80 1.40 -0.35 -12.28
C ALA B 80 2.71 0.23 -11.76
N ASP B 81 2.98 1.48 -12.15
CA ASP B 81 4.18 2.18 -11.72
C ASP B 81 4.58 3.25 -12.73
N ALA B 82 4.34 2.98 -14.01
CA ALA B 82 4.69 3.92 -15.06
C ALA B 82 3.53 4.82 -15.46
N GLU B 83 2.52 4.23 -16.08
CA GLU B 83 1.34 4.97 -16.53
C GLU B 83 0.47 5.35 -15.35
N TRP B 84 0.44 4.48 -14.34
CA TRP B 84 -0.37 4.74 -13.16
C TRP B 84 0.14 5.95 -12.41
N VAL B 85 1.46 6.03 -12.23
CA VAL B 85 2.07 7.15 -11.53
C VAL B 85 1.67 8.47 -12.17
N GLN B 86 1.94 8.60 -13.46
CA GLN B 86 1.59 9.83 -14.17
C GLN B 86 0.15 10.21 -13.89
N SER B 87 -0.70 9.21 -13.68
CA SER B 87 -2.11 9.43 -13.39
C SER B 87 -2.39 9.47 -11.89
N THR B 88 -1.52 8.87 -11.09
CA THR B 88 -1.71 8.84 -9.64
C THR B 88 -1.85 10.26 -9.11
N ALA B 89 -1.18 11.20 -9.77
CA ALA B 89 -1.25 12.60 -9.38
C ALA B 89 -2.67 13.15 -9.52
N SER B 90 -3.53 12.38 -10.17
CA SER B 90 -4.91 12.78 -10.39
C SER B 90 -5.80 12.45 -9.19
N LYS B 91 -5.49 11.35 -8.50
CA LYS B 91 -6.28 10.91 -7.34
C LYS B 91 -6.81 12.12 -6.58
N ILE B 92 -8.12 12.13 -6.33
CA ILE B 92 -8.76 13.23 -5.62
C ILE B 92 -8.87 12.94 -4.13
N VAL B 93 -8.57 13.95 -3.31
CA VAL B 93 -8.63 13.82 -1.87
C VAL B 93 -9.58 14.86 -1.27
N ILE B 94 -10.34 14.44 -0.25
CA ILE B 94 -11.27 15.34 0.41
C ILE B 94 -10.63 16.06 1.58
N PRO B 95 -10.78 17.38 1.65
CA PRO B 95 -10.20 18.20 2.73
C PRO B 95 -10.94 18.03 4.05
N PRO B 96 -10.44 18.68 5.10
CA PRO B 96 -11.05 18.61 6.45
C PRO B 96 -12.52 19.01 6.42
N GLY B 97 -13.28 18.52 7.41
CA GLY B 97 -14.69 18.84 7.48
C GLY B 97 -15.28 18.48 8.84
N MET B 98 -14.92 19.23 9.86
CA MET B 98 -15.43 18.99 11.21
C MET B 98 -16.95 18.89 11.20
N GLY B 99 -17.58 19.56 10.24
CA GLY B 99 -19.02 19.54 10.14
C GLY B 99 -19.64 20.90 10.37
N ARG B 100 -19.23 21.56 11.46
CA ARG B 100 -19.75 22.88 11.80
C ARG B 100 -18.61 23.87 11.98
N MET A 1 -14.21 31.40 22.73
CA MET A 1 -14.48 30.29 21.78
C MET A 1 -15.20 30.78 20.53
N SER A 2 -14.93 30.12 19.41
CA SER A 2 -15.56 30.49 18.14
C SER A 2 -17.07 30.58 18.29
N VAL A 3 -17.65 31.64 17.72
CA VAL A 3 -19.09 31.84 17.78
C VAL A 3 -19.83 30.86 16.87
N GLU A 4 -20.21 29.72 17.43
CA GLU A 4 -20.93 28.69 16.67
C GLU A 4 -22.43 28.95 16.70
N GLU A 5 -22.93 29.67 15.69
CA GLU A 5 -24.34 29.98 15.60
C GLU A 5 -25.14 28.75 15.15
N VAL A 6 -25.60 27.96 16.11
CA VAL A 6 -26.38 26.77 15.82
C VAL A 6 -27.60 27.10 14.96
N SER A 7 -27.42 27.09 13.64
CA SER A 7 -28.51 27.39 12.72
C SER A 7 -29.17 26.10 12.23
N LYS A 8 -30.50 26.04 12.40
CA LYS A 8 -31.26 24.87 11.99
C LYS A 8 -32.45 25.27 11.12
N LYS A 9 -32.23 25.32 9.81
CA LYS A 9 -33.29 25.70 8.88
C LYS A 9 -33.86 24.47 8.18
N PHE A 10 -33.03 23.81 7.37
CA PHE A 10 -33.46 22.61 6.66
C PHE A 10 -34.79 22.85 5.93
N GLU A 11 -34.72 22.97 4.61
CA GLU A 11 -35.92 23.20 3.81
C GLU A 11 -36.96 22.13 4.08
N GLU A 12 -36.62 20.88 3.75
CA GLU A 12 -37.54 19.76 3.95
C GLU A 12 -36.97 18.47 3.37
N ASN A 13 -35.85 18.03 3.93
CA ASN A 13 -35.19 16.80 3.46
C ASN A 13 -34.89 15.88 4.63
N VAL A 14 -35.63 14.78 4.71
CA VAL A 14 -35.43 13.81 5.79
C VAL A 14 -35.60 12.39 5.28
N SER A 15 -34.76 11.48 5.77
CA SER A 15 -34.82 10.08 5.37
C SER A 15 -34.37 9.91 3.92
N VAL A 16 -33.34 9.10 3.72
CA VAL A 16 -32.81 8.85 2.38
C VAL A 16 -32.46 10.15 1.69
N ASP A 17 -31.16 10.41 1.54
CA ASP A 17 -30.69 11.62 0.88
C ASP A 17 -29.19 11.52 0.56
N ASP A 18 -28.88 11.44 -0.73
CA ASP A 18 -27.49 11.34 -1.17
C ASP A 18 -26.81 12.71 -1.11
N THR A 19 -25.58 12.72 -0.59
CA THR A 19 -24.81 13.95 -0.46
C THR A 19 -23.62 13.95 -1.43
N THR A 20 -23.79 13.26 -2.55
CA THR A 20 -22.73 13.17 -3.55
C THR A 20 -23.27 12.62 -4.87
N ALA A 21 -22.69 13.05 -5.97
CA ALA A 21 -23.11 12.60 -7.29
C ALA A 21 -23.25 11.09 -7.32
N THR A 22 -22.13 10.41 -7.54
CA THR A 22 -22.11 8.95 -7.59
C THR A 22 -20.71 8.41 -7.34
N PRO A 23 -20.46 7.88 -6.14
CA PRO A 23 -19.17 7.33 -5.76
C PRO A 23 -18.94 5.92 -6.29
N LYS A 24 -17.68 5.52 -6.40
CA LYS A 24 -17.33 4.20 -6.90
C LYS A 24 -15.93 3.80 -6.46
N THR A 25 -15.85 2.93 -5.47
CA THR A 25 -14.57 2.47 -4.96
C THR A 25 -14.07 1.25 -5.73
N VAL A 26 -12.77 0.98 -5.63
CA VAL A 26 -12.17 -0.15 -6.32
C VAL A 26 -12.86 -1.47 -5.96
N LEU A 27 -13.66 -1.44 -4.89
CA LEU A 27 -14.37 -2.64 -4.44
C LEU A 27 -15.61 -2.90 -5.30
N SER A 28 -16.64 -2.08 -5.12
CA SER A 28 -17.87 -2.23 -5.88
C SER A 28 -17.74 -1.64 -7.28
N ASP A 29 -16.67 -0.90 -7.51
CA ASP A 29 -16.41 -0.27 -8.80
C ASP A 29 -16.97 -1.11 -9.95
N SER A 30 -16.43 -2.31 -10.11
CA SER A 30 -16.87 -3.20 -11.18
C SER A 30 -16.16 -2.87 -12.49
N ALA A 31 -14.91 -2.41 -12.37
CA ALA A 31 -14.12 -2.04 -13.54
C ALA A 31 -14.36 -0.59 -13.95
N HIS A 32 -14.30 0.31 -12.98
CA HIS A 32 -14.53 1.72 -13.24
C HIS A 32 -14.60 2.51 -11.93
N PHE A 33 -13.44 2.83 -11.38
CA PHE A 33 -13.36 3.56 -10.13
C PHE A 33 -13.59 5.05 -10.37
N ASP A 34 -14.42 5.66 -9.53
CA ASP A 34 -14.74 7.08 -9.67
C ASP A 34 -14.44 7.86 -8.40
N VAL A 35 -13.68 7.25 -7.49
CA VAL A 35 -13.34 7.90 -6.22
C VAL A 35 -11.94 7.52 -5.75
N LYS A 36 -11.18 8.52 -5.30
CA LYS A 36 -9.83 8.29 -4.79
C LYS A 36 -9.86 8.24 -3.28
N HIS A 37 -9.21 7.24 -2.69
CA HIS A 37 -9.23 7.08 -1.23
C HIS A 37 -8.29 8.06 -0.53
N PRO A 38 -8.84 8.84 0.42
CA PRO A 38 -8.10 9.83 1.19
C PRO A 38 -7.71 9.30 2.56
N LEU A 39 -6.43 9.03 2.76
CA LEU A 39 -5.96 8.51 4.03
C LEU A 39 -5.64 9.65 5.00
N ASN A 40 -4.68 9.45 5.90
CA ASN A 40 -4.31 10.46 6.87
C ASN A 40 -2.89 10.95 6.66
N THR A 41 -2.21 10.35 5.69
CA THR A 41 -0.84 10.73 5.40
C THR A 41 -0.51 10.49 3.94
N LYS A 42 0.48 11.22 3.48
CA LYS A 42 0.95 11.11 2.10
C LYS A 42 2.24 10.32 2.05
N TRP A 43 2.33 9.40 1.10
CA TRP A 43 3.51 8.57 0.97
C TRP A 43 3.83 8.29 -0.50
N THR A 44 4.95 7.63 -0.74
CA THR A 44 5.35 7.31 -2.09
C THR A 44 5.92 5.90 -2.13
N LEU A 45 6.18 5.39 -3.32
CA LEU A 45 6.62 4.02 -3.44
C LEU A 45 7.87 3.89 -4.31
N TRP A 46 8.87 3.20 -3.80
CA TRP A 46 10.13 2.99 -4.53
C TRP A 46 10.68 1.59 -4.28
N TYR A 47 11.41 1.06 -5.28
CA TYR A 47 12.00 -0.28 -5.15
C TYR A 47 13.43 -0.30 -5.67
N THR A 48 14.15 -1.37 -5.38
CA THR A 48 15.53 -1.52 -5.80
C THR A 48 15.78 -2.91 -6.39
N LYS A 49 16.74 -3.00 -7.30
CA LYS A 49 17.07 -4.28 -7.92
C LYS A 49 18.53 -4.30 -8.38
N PRO A 50 19.48 -4.35 -7.43
CA PRO A 50 20.91 -4.37 -7.72
C PRO A 50 21.31 -5.58 -8.56
N ALA A 51 21.94 -5.33 -9.70
CA ALA A 51 22.38 -6.39 -10.61
C ALA A 51 22.47 -5.91 -12.04
N VAL A 52 21.91 -4.74 -12.32
CA VAL A 52 21.92 -4.18 -13.67
C VAL A 52 23.32 -4.22 -14.26
N ASP A 53 24.32 -4.01 -13.41
CA ASP A 53 25.71 -4.01 -13.85
C ASP A 53 25.99 -2.84 -14.79
N LYS A 54 25.01 -1.95 -14.91
CA LYS A 54 25.15 -0.77 -15.75
C LYS A 54 26.11 0.23 -15.12
N SER A 55 26.61 -0.13 -13.94
CA SER A 55 27.53 0.72 -13.19
C SER A 55 27.46 0.41 -11.70
N GLU A 56 26.45 -0.35 -11.29
CA GLU A 56 26.28 -0.71 -9.89
C GLU A 56 26.28 0.52 -9.00
N SER A 57 25.09 1.08 -8.79
CA SER A 57 24.94 2.26 -7.96
C SER A 57 23.54 2.30 -7.36
N TRP A 58 23.45 2.33 -6.05
CA TRP A 58 22.16 2.36 -5.38
C TRP A 58 21.24 3.37 -6.05
N SER A 59 21.84 4.43 -6.57
CA SER A 59 21.09 5.48 -7.24
C SER A 59 20.88 5.18 -8.72
N ASP A 60 21.60 4.20 -9.23
CA ASP A 60 21.48 3.83 -10.64
C ASP A 60 20.44 2.73 -10.83
N LEU A 61 20.11 2.03 -9.75
CA LEU A 61 19.14 0.96 -9.81
C LEU A 61 17.79 1.40 -9.26
N LEU A 62 17.79 1.78 -7.99
CA LEU A 62 16.58 2.23 -7.32
C LEU A 62 15.61 2.88 -8.30
N ARG A 63 14.42 2.31 -8.38
CA ARG A 63 13.39 2.84 -9.26
C ARG A 63 12.27 3.44 -8.42
N PRO A 64 12.10 4.76 -8.50
CA PRO A 64 11.08 5.47 -7.72
C PRO A 64 9.69 5.33 -8.32
N VAL A 65 8.82 4.62 -7.61
CA VAL A 65 7.47 4.43 -8.03
C VAL A 65 6.56 5.42 -7.32
N THR A 66 5.28 5.25 -7.50
CA THR A 66 4.34 6.15 -6.90
C THR A 66 3.48 5.51 -5.84
N SER A 67 3.25 6.30 -4.82
CA SER A 67 2.41 5.94 -3.70
C SER A 67 1.77 7.22 -3.19
N PHE A 68 0.77 7.09 -2.35
CA PHE A 68 0.08 8.26 -1.83
C PHE A 68 -0.80 7.94 -0.63
N GLN A 69 -1.55 8.95 -0.19
CA GLN A 69 -2.45 8.81 0.95
C GLN A 69 -3.67 7.98 0.57
N THR A 70 -3.41 6.78 0.09
CA THR A 70 -4.47 5.87 -0.33
C THR A 70 -3.99 4.42 -0.24
N VAL A 71 -3.69 3.82 -1.40
CA VAL A 71 -3.22 2.45 -1.45
C VAL A 71 -3.23 1.95 -2.88
N GLU A 72 -4.18 2.46 -3.66
CA GLU A 72 -4.32 2.08 -5.06
C GLU A 72 -2.97 2.07 -5.77
N GLU A 73 -2.12 3.03 -5.45
CA GLU A 73 -0.82 3.09 -6.08
C GLU A 73 0.05 1.91 -5.68
N PHE A 74 0.44 1.87 -4.42
CA PHE A 74 1.27 0.79 -3.93
C PHE A 74 0.63 -0.56 -4.19
N TRP A 75 -0.68 -0.65 -4.00
CA TRP A 75 -1.36 -1.92 -4.23
C TRP A 75 -0.98 -2.49 -5.58
N ALA A 76 -0.95 -1.64 -6.62
CA ALA A 76 -0.55 -2.09 -7.94
C ALA A 76 0.82 -2.75 -7.89
N ILE A 77 1.81 -2.00 -7.42
CA ILE A 77 3.16 -2.53 -7.31
C ILE A 77 3.18 -3.84 -6.55
N ILE A 78 2.39 -3.91 -5.47
CA ILE A 78 2.31 -5.12 -4.67
C ILE A 78 1.58 -6.21 -5.44
N GLN A 79 0.60 -5.82 -6.23
CA GLN A 79 -0.15 -6.78 -7.04
C GLN A 79 0.80 -7.64 -7.84
N ASN A 80 2.01 -7.12 -8.04
CA ASN A 80 3.04 -7.84 -8.76
C ASN A 80 3.45 -9.08 -7.99
N ILE A 81 3.05 -9.10 -6.73
CA ILE A 81 3.38 -10.20 -5.85
C ILE A 81 4.77 -10.76 -6.14
N PRO A 82 5.79 -9.88 -6.23
CA PRO A 82 7.17 -10.27 -6.47
C PRO A 82 7.92 -10.49 -5.17
N GLU A 83 7.35 -9.98 -4.10
CA GLU A 83 7.94 -10.09 -2.77
C GLU A 83 7.83 -11.51 -2.22
N PRO A 84 6.65 -12.15 -2.32
CA PRO A 84 6.46 -13.51 -1.80
C PRO A 84 7.28 -14.53 -2.56
N HIS A 85 8.59 -14.29 -2.63
CA HIS A 85 9.49 -15.20 -3.33
C HIS A 85 9.09 -15.31 -4.79
N GLU A 86 8.72 -14.18 -5.37
CA GLU A 86 8.30 -14.12 -6.76
C GLU A 86 9.22 -13.24 -7.60
N LEU A 87 10.24 -12.68 -6.95
CA LEU A 87 11.19 -11.82 -7.63
C LEU A 87 12.62 -12.29 -7.40
N PRO A 88 13.55 -11.90 -8.29
CA PRO A 88 14.96 -12.26 -8.17
C PRO A 88 15.52 -11.80 -6.83
N LEU A 89 16.23 -12.68 -6.14
CA LEU A 89 16.80 -12.35 -4.84
C LEU A 89 17.56 -11.04 -4.90
N LYS A 90 18.20 -10.70 -3.80
CA LYS A 90 18.96 -9.47 -3.72
C LYS A 90 18.06 -8.26 -3.94
N SER A 91 16.77 -8.49 -3.84
CA SER A 91 15.77 -7.45 -4.05
C SER A 91 15.65 -6.54 -2.83
N ASP A 92 15.11 -5.34 -3.04
CA ASP A 92 14.94 -4.38 -1.96
C ASP A 92 13.92 -3.31 -2.31
N TYR A 93 12.76 -3.34 -1.66
CA TYR A 93 11.71 -2.35 -1.91
C TYR A 93 11.76 -1.25 -0.86
N HIS A 94 10.98 -0.19 -1.06
CA HIS A 94 10.96 0.92 -0.13
C HIS A 94 9.70 1.77 -0.28
N VAL A 95 9.02 2.01 0.84
CA VAL A 95 7.80 2.81 0.84
C VAL A 95 7.69 3.57 2.16
N PHE A 96 7.38 4.87 2.08
CA PHE A 96 7.27 5.68 3.28
C PHE A 96 6.43 6.93 3.05
N ARG A 97 6.35 7.77 4.07
CA ARG A 97 5.57 9.00 4.00
C ARG A 97 6.45 10.24 4.01
N ASN A 98 5.89 11.35 4.50
CA ASN A 98 6.60 12.62 4.56
C ASN A 98 7.65 12.65 5.67
N ASP A 99 7.38 11.92 6.74
CA ASP A 99 8.28 11.85 7.89
C ASP A 99 9.73 12.02 7.45
N VAL A 100 10.05 11.43 6.31
CA VAL A 100 11.37 11.49 5.75
C VAL A 100 11.30 11.24 4.24
N ARG A 101 12.04 10.28 3.69
CA ARG A 101 11.94 10.02 2.25
C ARG A 101 13.05 9.13 1.69
N PRO A 102 14.27 9.67 1.57
CA PRO A 102 15.42 8.96 1.01
C PRO A 102 15.31 7.44 1.07
N GLU A 103 15.60 6.84 2.23
CA GLU A 103 15.54 5.39 2.39
C GLU A 103 16.38 4.97 3.61
N TRP A 104 17.04 3.82 3.57
CA TRP A 104 17.84 3.41 4.72
C TRP A 104 18.97 4.41 4.97
N GLU A 105 19.17 5.32 4.02
CA GLU A 105 20.21 6.35 4.13
C GLU A 105 19.70 7.57 4.89
N ASP A 106 18.37 7.73 4.95
CA ASP A 106 17.77 8.86 5.66
C ASP A 106 16.43 8.47 6.30
N GLU A 107 15.67 7.64 5.61
CA GLU A 107 14.41 7.17 6.15
C GLU A 107 14.69 6.38 7.41
N ALA A 108 15.88 5.76 7.43
CA ALA A 108 16.32 5.02 8.59
C ALA A 108 16.80 6.03 9.63
N ASN A 109 17.28 7.16 9.12
CA ASN A 109 17.72 8.26 9.96
C ASN A 109 16.50 8.87 10.61
N ALA A 110 15.40 8.80 9.89
CA ALA A 110 14.12 9.32 10.35
C ALA A 110 13.54 8.41 11.40
N LYS A 111 13.11 7.23 10.96
CA LYS A 111 12.54 6.23 11.84
C LYS A 111 13.45 6.00 13.03
N GLY A 112 14.73 5.83 12.75
CA GLY A 112 15.71 5.60 13.80
C GLY A 112 15.84 4.14 14.17
N GLY A 113 14.82 3.32 13.86
CA GLY A 113 14.88 1.91 14.20
C GLY A 113 14.48 1.00 13.05
N LYS A 114 15.41 0.17 12.59
CA LYS A 114 15.13 -0.75 11.49
C LYS A 114 14.87 -2.15 12.01
N TRP A 115 13.60 -2.57 11.94
CA TRP A 115 13.21 -3.90 12.39
C TRP A 115 13.16 -4.85 11.20
N SER A 116 14.26 -5.58 10.98
CA SER A 116 14.34 -6.50 9.86
C SER A 116 14.09 -7.94 10.31
N PHE A 117 13.79 -8.82 9.37
CA PHE A 117 13.53 -10.22 9.68
C PHE A 117 14.12 -11.12 8.59
N GLN A 118 15.20 -11.82 8.94
CA GLN A 118 15.86 -12.73 8.02
C GLN A 118 15.15 -14.07 7.96
N LEU A 119 14.57 -14.39 6.80
CA LEU A 119 13.86 -15.64 6.61
C LEU A 119 14.64 -16.58 5.70
N CYS A 120 14.44 -17.88 5.90
CA CYS A 120 15.12 -18.89 5.08
C CYS A 120 14.13 -19.60 4.16
N GLY A 121 13.16 -20.27 4.75
CA GLY A 121 12.16 -20.98 3.96
C GLY A 121 10.84 -20.26 3.91
N LYS A 122 9.80 -20.95 3.46
CA LYS A 122 8.47 -20.37 3.36
C LYS A 122 8.44 -19.26 2.31
N GLY A 123 7.53 -19.37 1.36
CA GLY A 123 7.42 -18.38 0.30
C GLY A 123 6.09 -18.45 -0.43
N ALA A 124 5.08 -19.02 0.22
CA ALA A 124 3.77 -19.14 -0.38
C ALA A 124 3.13 -17.77 -0.61
N ASP A 125 2.70 -17.14 0.48
CA ASP A 125 2.06 -15.84 0.41
C ASP A 125 2.43 -14.99 1.63
N ILE A 126 3.53 -15.35 2.29
CA ILE A 126 4.00 -14.63 3.46
C ILE A 126 4.10 -13.14 3.18
N ASP A 127 4.24 -12.79 1.91
CA ASP A 127 4.36 -11.40 1.50
C ASP A 127 3.12 -10.61 1.85
N GLU A 128 1.99 -11.31 2.01
CA GLU A 128 0.73 -10.65 2.34
C GLU A 128 0.56 -10.51 3.84
N LEU A 129 1.16 -11.42 4.60
CA LEU A 129 1.06 -11.41 6.04
C LEU A 129 1.87 -10.26 6.64
N TRP A 130 3.12 -10.14 6.21
CA TRP A 130 3.98 -9.06 6.68
C TRP A 130 3.45 -7.75 6.16
N LEU A 131 3.06 -7.79 4.89
CA LEU A 131 2.49 -6.64 4.23
C LEU A 131 1.25 -6.17 4.95
N CYS A 132 0.30 -7.08 5.15
CA CYS A 132 -0.92 -6.75 5.87
C CYS A 132 -0.53 -6.05 7.15
N THR A 133 0.69 -6.31 7.59
CA THR A 133 1.21 -5.71 8.81
C THR A 133 1.74 -4.31 8.52
N LEU A 134 2.31 -4.14 7.33
CA LEU A 134 2.85 -2.84 6.93
C LEU A 134 1.73 -1.90 6.50
N LEU A 135 0.83 -2.40 5.66
CA LEU A 135 -0.29 -1.61 5.21
C LEU A 135 -1.03 -1.04 6.42
N ALA A 136 -1.29 -1.90 7.40
CA ALA A 136 -1.96 -1.48 8.61
C ALA A 136 -1.18 -0.37 9.29
N VAL A 137 0.14 -0.48 9.21
CA VAL A 137 1.03 0.51 9.79
C VAL A 137 0.64 1.92 9.36
N ILE A 138 0.41 2.10 8.06
CA ILE A 138 0.05 3.40 7.52
C ILE A 138 -1.45 3.65 7.61
N GLY A 139 -2.24 2.66 7.19
CA GLY A 139 -3.69 2.81 7.24
C GLY A 139 -4.16 3.45 8.53
N GLU A 140 -3.49 3.10 9.63
CA GLU A 140 -3.83 3.65 10.92
C GLU A 140 -2.57 4.18 11.62
N THR A 141 -1.83 5.01 10.89
CA THR A 141 -0.59 5.58 11.41
C THR A 141 -0.87 6.47 12.61
N ILE A 142 -2.05 7.09 12.62
CA ILE A 142 -2.44 7.96 13.72
C ILE A 142 -1.91 7.42 15.04
N ASP A 143 -2.10 6.12 15.25
CA ASP A 143 -1.66 5.44 16.47
C ASP A 143 -2.52 4.21 16.73
N GLU A 144 -2.24 3.51 17.82
CA GLU A 144 -2.99 2.32 18.19
C GLU A 144 -2.56 1.12 17.35
N ASP A 145 -2.58 1.29 16.03
CA ASP A 145 -2.20 0.21 15.11
C ASP A 145 -0.71 -0.06 15.20
N ASP A 146 0.06 0.78 14.52
CA ASP A 146 1.51 0.64 14.51
C ASP A 146 2.15 1.68 15.40
N SER A 147 1.43 2.78 15.60
CA SER A 147 1.92 3.88 16.44
C SER A 147 2.84 4.80 15.66
N GLN A 148 3.67 5.55 16.37
CA GLN A 148 4.61 6.48 15.75
C GLN A 148 5.58 5.74 14.83
N ILE A 149 5.11 5.37 13.65
CA ILE A 149 5.92 4.66 12.68
C ILE A 149 6.42 5.62 11.58
N ASN A 150 7.30 5.12 10.72
CA ASN A 150 7.85 5.94 9.64
C ASN A 150 7.63 5.27 8.29
N GLY A 151 8.00 4.00 8.19
CA GLY A 151 7.84 3.28 6.93
C GLY A 151 8.37 1.87 6.99
N VAL A 152 8.17 1.12 5.90
CA VAL A 152 8.63 -0.25 5.82
C VAL A 152 9.55 -0.48 4.63
N VAL A 153 10.32 -1.56 4.67
CA VAL A 153 11.24 -1.88 3.60
C VAL A 153 11.31 -3.38 3.35
N LEU A 154 11.79 -3.76 2.18
CA LEU A 154 11.93 -5.16 1.81
C LEU A 154 13.37 -5.42 1.38
N SER A 155 13.85 -6.65 1.58
CA SER A 155 15.21 -6.97 1.21
C SER A 155 15.43 -8.47 1.10
N ILE A 156 15.55 -8.95 -0.12
CA ILE A 156 15.79 -10.35 -0.38
C ILE A 156 17.24 -10.53 -0.81
N ARG A 157 17.86 -11.63 -0.38
CA ARG A 157 19.26 -11.90 -0.73
C ARG A 157 19.77 -13.15 -0.02
N LYS A 158 18.88 -14.11 0.23
CA LYS A 158 19.26 -15.34 0.89
C LYS A 158 18.40 -16.51 0.41
N GLY A 159 18.28 -17.53 1.23
CA GLY A 159 17.47 -18.68 0.87
C GLY A 159 15.99 -18.42 1.01
N GLY A 160 15.65 -17.18 1.38
CA GLY A 160 14.26 -16.82 1.53
C GLY A 160 14.00 -15.35 1.24
N ASN A 161 14.29 -14.50 2.22
CA ASN A 161 14.09 -13.06 2.06
C ASN A 161 14.31 -12.33 3.39
N LYS A 162 14.24 -11.00 3.35
CA LYS A 162 14.42 -10.19 4.55
C LYS A 162 13.57 -8.93 4.49
N PHE A 163 12.57 -8.85 5.36
CA PHE A 163 11.68 -7.70 5.41
C PHE A 163 12.09 -6.74 6.52
N ALA A 164 12.02 -5.45 6.24
CA ALA A 164 12.39 -4.44 7.23
C ALA A 164 11.19 -3.57 7.63
N LEU A 165 11.17 -3.18 8.89
CA LEU A 165 10.10 -2.35 9.43
C LEU A 165 10.70 -1.11 10.07
N TRP A 166 10.44 0.06 9.50
CA TRP A 166 10.98 1.30 10.03
C TRP A 166 9.97 2.04 10.85
N THR A 167 10.39 2.48 12.03
CA THR A 167 9.53 3.20 12.94
C THR A 167 10.06 4.58 13.27
N LYS A 168 9.18 5.57 13.20
CA LYS A 168 9.56 6.94 13.51
C LYS A 168 10.54 6.97 14.68
N CYS A 169 10.36 6.03 15.61
CA CYS A 169 11.18 5.89 16.81
C CYS A 169 10.29 5.71 18.04
N GLU A 170 9.63 6.79 18.43
CA GLU A 170 8.73 6.78 19.57
C GLU A 170 9.19 5.81 20.65
N ASP A 171 10.51 5.65 20.79
CA ASP A 171 11.06 4.74 21.78
C ASP A 171 11.03 3.31 21.27
N LYS A 172 12.14 2.61 21.45
CA LYS A 172 12.25 1.23 21.00
C LYS A 172 11.35 0.31 21.81
N GLU A 173 11.02 0.72 23.02
CA GLU A 173 10.15 -0.10 23.87
C GLU A 173 8.98 -0.62 23.05
N PRO A 174 8.16 0.29 22.52
CA PRO A 174 7.01 -0.08 21.69
C PRO A 174 7.44 -0.84 20.45
N LEU A 175 8.71 -0.72 20.07
CA LEU A 175 9.21 -1.43 18.91
C LEU A 175 9.39 -2.90 19.23
N LEU A 176 10.21 -3.19 20.23
CA LEU A 176 10.42 -4.55 20.65
C LEU A 176 9.06 -5.26 20.71
N ARG A 177 8.03 -4.46 20.97
CA ARG A 177 6.67 -4.98 21.04
C ARG A 177 6.14 -5.28 19.64
N ILE A 178 6.22 -4.29 18.77
CA ILE A 178 5.77 -4.44 17.39
C ILE A 178 6.57 -5.55 16.71
N GLY A 179 7.89 -5.43 16.75
CA GLY A 179 8.74 -6.44 16.15
C GLY A 179 8.27 -7.83 16.46
N GLY A 180 8.01 -8.10 17.74
CA GLY A 180 7.53 -9.41 18.13
C GLY A 180 6.33 -9.85 17.32
N LYS A 181 5.36 -8.96 17.20
CA LYS A 181 4.15 -9.25 16.43
C LYS A 181 4.50 -9.44 14.97
N PHE A 182 5.19 -8.46 14.40
CA PHE A 182 5.60 -8.51 13.01
C PHE A 182 6.59 -9.66 12.78
N LYS A 183 7.10 -10.20 13.87
CA LYS A 183 8.07 -11.30 13.82
C LYS A 183 7.38 -12.60 13.39
N GLN A 184 6.33 -12.98 14.10
CA GLN A 184 5.60 -14.20 13.80
C GLN A 184 4.77 -14.07 12.54
N VAL A 185 4.22 -12.88 12.31
CA VAL A 185 3.43 -12.64 11.13
C VAL A 185 4.16 -13.13 9.89
N LEU A 186 5.48 -13.05 9.94
CA LEU A 186 6.32 -13.49 8.84
C LEU A 186 6.27 -15.00 8.71
N LYS A 187 5.65 -15.64 9.70
CA LYS A 187 5.52 -17.09 9.72
C LYS A 187 6.88 -17.74 9.93
N LEU A 188 7.71 -17.07 10.72
CA LEU A 188 9.05 -17.58 11.01
C LEU A 188 9.00 -18.98 11.60
N THR A 189 10.13 -19.43 12.12
CA THR A 189 10.24 -20.74 12.74
C THR A 189 11.68 -21.05 13.14
N ASP A 190 12.08 -20.55 14.30
CA ASP A 190 13.45 -20.76 14.79
C ASP A 190 14.46 -20.28 13.76
N ASP A 191 14.00 -19.44 12.83
CA ASP A 191 14.87 -18.90 11.80
C ASP A 191 14.70 -17.40 11.66
N GLY A 192 15.73 -16.65 12.00
CA GLY A 192 15.66 -15.19 11.90
C GLY A 192 14.29 -14.66 12.24
N HIS A 193 13.98 -14.56 13.53
CA HIS A 193 12.69 -14.07 13.97
C HIS A 193 12.66 -12.56 14.05
N LEU A 194 13.82 -11.93 13.89
CA LEU A 194 13.88 -10.47 13.94
C LEU A 194 15.32 -9.98 13.92
N GLU A 195 15.50 -8.72 13.55
CA GLU A 195 16.81 -8.10 13.49
C GLU A 195 16.70 -6.61 13.80
N PHE A 196 16.95 -6.26 15.06
CA PHE A 196 16.87 -4.87 15.49
C PHE A 196 18.16 -4.13 15.17
N PHE A 197 18.02 -3.02 14.45
CA PHE A 197 19.17 -2.21 14.05
C PHE A 197 18.89 -0.73 14.28
N PRO A 198 19.67 -0.08 15.15
CA PRO A 198 19.53 1.35 15.44
C PRO A 198 20.13 2.23 14.34
N HIS A 199 19.29 3.05 13.72
CA HIS A 199 19.73 3.94 12.65
C HIS A 199 21.14 4.46 12.94
N CYS A 200 21.45 4.62 14.22
CA CYS A 200 22.76 5.11 14.63
C CYS A 200 23.85 4.58 13.72
N SER A 201 23.69 3.33 13.28
CA SER A 201 24.64 2.69 12.40
C SER A 201 24.09 2.63 10.98
N ALA A 202 22.77 2.71 10.88
CA ALA A 202 22.10 2.67 9.59
C ALA A 202 22.56 1.47 8.77
N ASN A 203 22.73 0.34 9.45
CA ASN A 203 23.18 -0.89 8.78
C ASN A 203 24.40 -0.63 7.90
N GLY A 204 25.34 0.15 8.43
CA GLY A 204 26.54 0.45 7.68
C GLY A 204 27.57 -0.67 7.77
N ARG A 205 27.15 -1.79 8.34
CA ARG A 205 28.03 -2.95 8.50
C ARG A 205 28.85 -2.83 9.77
N HIS A 206 28.54 -1.84 10.59
CA HIS A 206 29.25 -1.62 11.84
C HIS A 206 28.68 -2.50 12.96
N PRO A 207 29.56 -3.26 13.63
CA PRO A 207 29.15 -4.16 14.71
C PRO A 207 28.50 -3.41 15.88
N GLN A 208 27.36 -2.76 15.60
CA GLN A 208 26.65 -2.01 16.62
C GLN A 208 25.14 -2.19 16.46
N PRO A 209 24.69 -3.43 16.23
CA PRO A 209 23.26 -3.74 16.07
C PRO A 209 22.53 -3.75 17.41
N SER A 210 21.37 -4.40 17.44
CA SER A 210 20.58 -4.48 18.67
C SER A 210 20.35 -5.94 19.03
N ILE A 211 19.61 -6.66 18.18
CA ILE A 211 19.34 -8.06 18.45
C ILE A 211 18.93 -8.78 17.17
N THR A 212 18.98 -10.10 17.24
CA THR A 212 18.62 -10.95 16.11
C THR A 212 17.97 -12.22 16.63
N LEU A 213 16.66 -12.31 16.49
CA LEU A 213 15.92 -13.48 16.96
C LEU A 213 16.06 -14.64 15.98
N GLY B 1 1.92 -39.77 -11.59
CA GLY B 1 2.56 -39.19 -10.37
C GLY B 1 3.56 -38.11 -10.69
N SER B 2 3.16 -37.16 -11.53
CA SER B 2 4.02 -36.06 -11.92
C SER B 2 3.36 -34.72 -11.64
N ILE B 3 4.15 -33.75 -11.20
CA ILE B 3 3.64 -32.42 -10.89
C ILE B 3 4.52 -31.34 -11.51
N GLY B 4 4.92 -31.55 -12.76
CA GLY B 4 5.77 -30.57 -13.44
C GLY B 4 7.23 -30.96 -13.42
N LEU B 5 7.53 -32.19 -13.81
CA LEU B 5 8.91 -32.67 -13.83
C LEU B 5 9.85 -31.60 -14.37
N GLU B 6 9.35 -30.81 -15.32
CA GLU B 6 10.15 -29.75 -15.91
C GLU B 6 9.27 -28.55 -16.29
N ALA B 7 8.69 -28.61 -17.49
CA ALA B 7 7.83 -27.53 -17.96
C ALA B 7 6.42 -28.05 -18.25
N GLU B 8 5.43 -27.19 -18.02
CA GLU B 8 4.04 -27.56 -18.26
C GLU B 8 3.34 -26.49 -19.10
N ILE B 9 2.44 -26.93 -19.98
CA ILE B 9 1.70 -26.02 -20.84
C ILE B 9 0.26 -25.86 -20.36
N GLU B 10 -0.26 -24.64 -20.46
CA GLU B 10 -1.62 -24.35 -20.04
C GLU B 10 -2.50 -24.07 -21.26
N THR B 11 -2.26 -22.94 -21.92
CA THR B 11 -3.03 -22.56 -23.09
C THR B 11 -3.38 -23.78 -23.94
N THR B 12 -4.43 -23.66 -24.74
CA THR B 12 -4.86 -24.75 -25.60
C THR B 12 -5.37 -24.21 -26.94
N THR B 13 -5.09 -22.94 -27.22
CA THR B 13 -5.53 -22.32 -28.46
C THR B 13 -6.93 -22.77 -28.84
N ASP B 14 -7.94 -22.02 -28.38
CA ASP B 14 -9.32 -22.35 -28.69
C ASP B 14 -10.27 -21.54 -27.80
N GLU B 15 -9.83 -21.28 -26.57
CA GLU B 15 -10.65 -20.51 -25.63
C GLU B 15 -9.87 -19.31 -25.10
N THR B 16 -10.60 -18.26 -24.71
CA THR B 16 -9.98 -17.05 -24.19
C THR B 16 -9.63 -17.20 -22.71
N ASP B 17 -8.37 -17.54 -22.44
CA ASP B 17 -7.92 -17.72 -21.07
C ASP B 17 -6.54 -17.09 -20.87
N ASP B 18 -6.52 -15.77 -20.68
CA ASP B 18 -5.28 -15.04 -20.49
C ASP B 18 -4.98 -14.85 -19.01
N GLY B 19 -5.81 -14.06 -18.34
CA GLY B 19 -5.63 -13.81 -16.93
C GLY B 19 -4.61 -12.71 -16.66
N THR B 20 -4.43 -11.83 -17.66
CA THR B 20 -3.48 -10.73 -17.53
C THR B 20 -4.22 -9.40 -17.31
N ASN B 21 -3.89 -8.72 -16.22
CA ASN B 21 -4.52 -7.44 -15.90
C ASN B 21 -3.58 -6.28 -16.19
N THR B 22 -4.15 -5.14 -16.56
CA THR B 22 -3.35 -3.96 -16.87
C THR B 22 -3.83 -2.76 -16.04
N VAL B 23 -2.87 -2.00 -15.51
CA VAL B 23 -3.18 -0.83 -14.71
C VAL B 23 -3.71 0.31 -15.57
N SER B 24 -3.27 0.35 -16.82
CA SER B 24 -3.70 1.40 -17.74
C SER B 24 -5.21 1.47 -17.83
N HIS B 25 -5.86 0.32 -18.01
CA HIS B 25 -7.32 0.26 -18.11
C HIS B 25 -7.96 0.93 -16.90
N ILE B 26 -7.63 0.44 -15.70
CA ILE B 26 -8.17 0.99 -14.48
C ILE B 26 -7.80 2.47 -14.34
N LEU B 27 -6.56 2.79 -14.72
CA LEU B 27 -6.08 4.16 -14.65
C LEU B 27 -7.02 5.08 -15.41
N ASN B 28 -7.33 4.69 -16.65
CA ASN B 28 -8.22 5.47 -17.49
C ASN B 28 -9.50 5.81 -16.74
N VAL B 29 -10.01 4.84 -15.97
CA VAL B 29 -11.23 5.06 -15.21
C VAL B 29 -11.07 6.26 -14.27
N LEU B 30 -9.85 6.43 -13.75
CA LEU B 30 -9.57 7.53 -12.83
C LEU B 30 -9.52 8.86 -13.58
N LYS B 31 -9.11 8.81 -14.84
CA LYS B 31 -9.02 10.02 -15.65
C LYS B 31 -10.27 10.89 -15.48
N ASP B 32 -11.42 10.23 -15.31
CA ASP B 32 -12.67 10.94 -15.12
C ASP B 32 -13.44 10.36 -13.92
N ALA B 33 -12.91 10.62 -12.73
CA ALA B 33 -13.53 10.12 -11.51
C ALA B 33 -13.93 11.27 -10.58
N THR B 34 -14.78 10.97 -9.61
CA THR B 34 -15.24 11.96 -8.64
C THR B 34 -14.39 11.88 -7.37
N PRO B 35 -14.42 12.94 -6.55
CA PRO B 35 -13.64 12.97 -5.31
C PRO B 35 -14.10 11.95 -4.29
N ILE B 36 -13.53 12.02 -3.09
CA ILE B 36 -13.87 11.08 -2.02
C ILE B 36 -14.20 11.79 -0.71
N GLU B 37 -15.09 11.19 0.05
CA GLU B 37 -15.47 11.72 1.35
C GLU B 37 -14.63 11.05 2.44
N ASP B 38 -14.20 9.81 2.14
CA ASP B 38 -13.37 9.00 3.05
C ASP B 38 -13.92 7.57 3.16
N VAL B 39 -13.05 6.62 3.48
CA VAL B 39 -13.43 5.21 3.61
C VAL B 39 -14.85 5.08 4.13
N PHE B 40 -14.95 5.19 5.46
CA PHE B 40 -16.22 5.10 6.14
C PHE B 40 -17.13 6.21 5.65
N SER B 41 -16.58 7.16 4.90
CA SER B 41 -17.40 8.25 4.38
C SER B 41 -18.34 7.73 3.31
N PHE B 42 -17.93 6.65 2.63
CA PHE B 42 -18.76 6.06 1.59
C PHE B 42 -19.09 4.59 1.89
N ASN B 43 -20.27 4.17 1.48
CA ASN B 43 -20.72 2.81 1.69
C ASN B 43 -20.55 1.99 0.40
N TYR B 44 -19.51 1.16 0.37
CA TYR B 44 -19.23 0.34 -0.80
C TYR B 44 -20.02 -0.96 -0.75
N PRO B 45 -20.90 -1.20 -1.73
CA PRO B 45 -21.71 -2.42 -1.78
C PRO B 45 -20.86 -3.65 -2.06
N GLU B 46 -21.45 -4.64 -2.74
CA GLU B 46 -20.74 -5.87 -3.07
C GLU B 46 -20.61 -6.77 -1.85
N GLY B 47 -21.39 -6.49 -0.83
CA GLY B 47 -21.35 -7.28 0.39
C GLY B 47 -20.34 -6.78 1.40
N ILE B 48 -19.91 -5.53 1.24
CA ILE B 48 -18.93 -4.94 2.15
C ILE B 48 -19.35 -3.53 2.55
N GLU B 49 -18.57 -2.94 3.44
CA GLU B 49 -18.85 -1.59 3.92
C GLU B 49 -18.13 -1.32 5.25
N GLY B 50 -17.42 -0.20 5.31
CA GLY B 50 -16.70 0.14 6.52
C GLY B 50 -17.35 1.27 7.30
N PRO B 51 -18.13 0.96 8.34
CA PRO B 51 -18.79 1.96 9.15
C PRO B 51 -17.87 2.60 10.19
N ASP B 52 -17.51 1.82 11.21
CA ASP B 52 -16.63 2.32 12.27
C ASP B 52 -15.43 1.39 12.47
N ILE B 53 -15.42 0.27 11.77
CA ILE B 53 -14.33 -0.73 11.87
C ILE B 53 -13.06 -0.15 12.48
N LYS B 54 -12.25 0.52 11.66
CA LYS B 54 -11.00 1.09 12.15
C LYS B 54 -11.19 2.53 12.63
N TYR B 55 -12.28 3.16 12.18
CA TYR B 55 -12.57 4.53 12.56
C TYR B 55 -12.41 4.75 14.06
N LYS B 56 -12.54 3.67 14.83
CA LYS B 56 -12.40 3.74 16.27
C LYS B 56 -10.96 3.52 16.72
N LYS B 57 -10.13 3.06 15.80
CA LYS B 57 -8.72 2.79 16.11
C LYS B 57 -8.16 3.85 17.06
N GLU B 58 -8.67 5.05 16.93
CA GLU B 58 -8.24 6.18 17.75
C GLU B 58 -8.46 7.48 17.01
N HIS B 59 -9.72 7.82 16.77
CA HIS B 59 -10.08 9.03 16.06
C HIS B 59 -9.33 9.11 14.72
N VAL B 60 -8.84 7.98 14.26
CA VAL B 60 -8.11 7.93 12.99
C VAL B 60 -9.02 8.33 11.83
N LYS B 61 -9.26 9.63 11.69
CA LYS B 61 -10.11 10.15 10.63
C LYS B 61 -9.99 9.32 9.37
N TYR B 62 -8.77 8.84 9.09
CA TYR B 62 -8.53 8.02 7.90
C TYR B 62 -7.87 6.70 8.28
N THR B 63 -8.68 5.71 8.63
CA THR B 63 -8.18 4.40 9.01
C THR B 63 -8.53 3.36 7.97
N TYR B 64 -7.50 2.82 7.31
CA TYR B 64 -7.67 1.81 6.28
C TYR B 64 -6.87 0.57 6.65
N GLY B 65 -7.55 -0.44 7.19
CA GLY B 65 -6.87 -1.67 7.61
C GLY B 65 -6.61 -2.63 6.47
N PRO B 66 -6.02 -3.80 6.77
CA PRO B 66 -5.71 -4.83 5.77
C PRO B 66 -6.97 -5.43 5.16
N THR B 67 -7.92 -5.78 6.01
CA THR B 67 -9.18 -6.36 5.54
C THR B 67 -9.77 -5.49 4.43
N PHE B 68 -9.90 -4.20 4.72
CA PHE B 68 -10.43 -3.26 3.75
C PHE B 68 -9.50 -3.15 2.55
N LEU B 69 -8.27 -2.70 2.81
CA LEU B 69 -7.28 -2.57 1.76
C LEU B 69 -7.21 -3.87 0.96
N LEU B 70 -7.61 -4.96 1.60
CA LEU B 70 -7.60 -6.27 0.95
C LEU B 70 -8.53 -6.24 -0.26
N GLN B 71 -9.79 -5.87 -0.04
CA GLN B 71 -10.74 -5.79 -1.13
C GLN B 71 -10.11 -5.02 -2.28
N PHE B 72 -9.34 -4.00 -1.92
CA PHE B 72 -8.64 -3.17 -2.90
C PHE B 72 -7.77 -4.04 -3.78
N LYS B 73 -6.67 -4.53 -3.21
CA LYS B 73 -5.74 -5.39 -3.95
C LYS B 73 -6.50 -6.32 -4.89
N ASP B 74 -7.56 -6.93 -4.36
CA ASP B 74 -8.38 -7.85 -5.15
C ASP B 74 -8.67 -7.27 -6.53
N LYS B 75 -9.07 -6.00 -6.57
CA LYS B 75 -9.38 -5.33 -7.83
C LYS B 75 -8.13 -4.70 -8.43
N LEU B 76 -7.23 -4.25 -7.57
CA LEU B 76 -5.98 -3.64 -8.02
C LEU B 76 -5.12 -4.65 -8.77
N ASN B 77 -5.52 -5.91 -8.72
CA ASN B 77 -4.79 -6.98 -9.38
C ASN B 77 -4.25 -6.54 -10.74
N VAL B 78 -3.05 -5.96 -10.73
CA VAL B 78 -2.42 -5.49 -11.96
C VAL B 78 -0.91 -5.39 -11.78
N LYS B 79 -0.27 -4.61 -12.64
CA LYS B 79 1.18 -4.43 -12.58
C LYS B 79 1.58 -3.06 -13.10
N ALA B 80 1.30 -2.02 -12.30
CA ALA B 80 1.62 -0.65 -12.70
C ALA B 80 3.01 -0.25 -12.25
N ASP B 81 3.30 1.04 -12.40
CA ASP B 81 4.58 1.62 -12.02
C ASP B 81 4.92 2.81 -12.89
N ALA B 82 4.63 2.70 -14.19
CA ALA B 82 4.93 3.78 -15.12
C ALA B 82 3.74 4.70 -15.37
N GLU B 83 2.72 4.16 -16.02
CA GLU B 83 1.51 4.92 -16.33
C GLU B 83 0.75 5.28 -15.06
N TRP B 84 0.84 4.40 -14.07
CA TRP B 84 0.16 4.62 -12.81
C TRP B 84 0.77 5.81 -12.08
N VAL B 85 2.09 5.91 -12.12
CA VAL B 85 2.79 7.02 -11.46
C VAL B 85 2.24 8.36 -11.97
N GLN B 86 2.17 8.49 -13.29
CA GLN B 86 1.66 9.71 -13.91
C GLN B 86 0.26 10.06 -13.41
N SER B 87 -0.64 9.09 -13.44
CA SER B 87 -2.02 9.30 -12.99
C SER B 87 -2.11 9.38 -11.48
N THR B 88 -1.48 8.43 -10.80
CA THR B 88 -1.48 8.38 -9.34
C THR B 88 -1.48 9.79 -8.74
N ALA B 89 -0.60 10.64 -9.26
CA ALA B 89 -0.50 12.02 -8.78
C ALA B 89 -1.85 12.73 -8.74
N SER B 90 -2.83 12.18 -9.45
CA SER B 90 -4.16 12.77 -9.51
C SER B 90 -5.07 12.22 -8.41
N LYS B 91 -4.58 11.24 -7.66
CA LYS B 91 -5.35 10.65 -6.57
C LYS B 91 -5.94 11.72 -5.66
N ILE B 92 -6.55 11.29 -4.56
CA ILE B 92 -7.15 12.24 -3.61
C ILE B 92 -6.14 12.63 -2.53
N VAL B 93 -6.18 13.89 -2.12
CA VAL B 93 -5.27 14.40 -1.10
C VAL B 93 -6.04 14.99 0.07
N ILE B 94 -5.49 14.82 1.27
CA ILE B 94 -6.11 15.36 2.48
C ILE B 94 -5.59 16.75 2.79
N PRO B 95 -6.44 17.63 3.33
CA PRO B 95 -6.06 19.00 3.69
C PRO B 95 -4.76 19.05 4.48
N PRO B 96 -3.83 19.91 4.06
CA PRO B 96 -2.53 20.06 4.73
C PRO B 96 -2.68 20.38 6.22
N GLY B 97 -1.56 20.39 6.93
CA GLY B 97 -1.58 20.69 8.35
C GLY B 97 -2.31 21.98 8.65
N MET B 98 -3.11 21.98 9.72
CA MET B 98 -3.85 23.17 10.12
C MET B 98 -2.95 24.17 10.82
N GLY B 99 -2.14 23.69 11.75
CA GLY B 99 -1.23 24.56 12.48
C GLY B 99 -1.78 24.98 13.82
N ARG B 100 -2.28 26.21 13.90
CA ARG B 100 -2.85 26.73 15.14
C ARG B 100 -3.82 27.87 14.86
N MET A 1 -61.57 28.79 -5.44
CA MET A 1 -61.15 27.41 -5.83
C MET A 1 -61.61 27.06 -7.23
N SER A 2 -62.86 27.38 -7.53
CA SER A 2 -63.42 27.10 -8.85
C SER A 2 -63.72 28.39 -9.60
N VAL A 3 -62.83 29.37 -9.46
CA VAL A 3 -62.99 30.66 -10.13
C VAL A 3 -61.74 31.02 -10.93
N GLU A 4 -61.23 30.04 -11.68
CA GLU A 4 -60.04 30.26 -12.50
C GLU A 4 -58.82 30.57 -11.62
N GLU A 5 -57.64 30.36 -12.18
CA GLU A 5 -56.40 30.62 -11.44
C GLU A 5 -55.31 31.10 -12.38
N VAL A 6 -55.23 32.42 -12.57
CA VAL A 6 -54.23 33.01 -13.44
C VAL A 6 -52.95 33.32 -12.68
N SER A 7 -52.79 32.68 -11.53
CA SER A 7 -51.61 32.88 -10.70
C SER A 7 -50.34 32.48 -11.44
N LYS A 8 -49.62 33.47 -11.96
CA LYS A 8 -48.39 33.22 -12.70
C LYS A 8 -47.17 33.46 -11.81
N LYS A 9 -46.44 32.40 -11.50
CA LYS A 9 -45.25 32.49 -10.67
C LYS A 9 -44.27 31.37 -10.98
N PHE A 10 -43.24 31.24 -10.17
CA PHE A 10 -42.24 30.20 -10.35
C PHE A 10 -42.38 29.09 -9.31
N GLU A 11 -43.22 29.34 -8.31
CA GLU A 11 -43.45 28.36 -7.25
C GLU A 11 -42.14 27.71 -6.82
N GLU A 12 -41.79 26.60 -7.46
CA GLU A 12 -40.56 25.89 -7.14
C GLU A 12 -39.68 25.74 -8.37
N ASN A 13 -38.56 25.05 -8.21
CA ASN A 13 -37.64 24.83 -9.32
C ASN A 13 -36.79 23.58 -9.09
N VAL A 14 -35.95 23.25 -10.06
CA VAL A 14 -35.09 22.08 -9.97
C VAL A 14 -33.66 22.47 -9.62
N SER A 15 -33.51 23.22 -8.52
CA SER A 15 -32.20 23.67 -8.08
C SER A 15 -31.23 22.49 -7.95
N VAL A 16 -29.98 22.78 -7.64
CA VAL A 16 -28.96 21.75 -7.49
C VAL A 16 -28.23 21.89 -6.16
N ASP A 17 -28.90 22.47 -5.17
CA ASP A 17 -28.31 22.66 -3.86
C ASP A 17 -27.54 21.41 -3.42
N ASP A 18 -28.14 20.25 -3.61
CA ASP A 18 -27.51 18.99 -3.24
C ASP A 18 -26.11 18.89 -3.84
N THR A 19 -25.32 17.96 -3.31
CA THR A 19 -23.96 17.75 -3.78
C THR A 19 -23.80 16.35 -4.38
N THR A 20 -23.65 16.28 -5.70
CA THR A 20 -23.49 15.00 -6.37
C THR A 20 -22.48 14.12 -5.65
N ALA A 21 -22.34 12.89 -6.12
CA ALA A 21 -21.40 11.95 -5.52
C ALA A 21 -21.12 10.78 -6.45
N THR A 22 -22.13 9.94 -6.66
CA THR A 22 -21.99 8.78 -7.54
C THR A 22 -20.59 8.20 -7.46
N PRO A 23 -20.12 7.88 -6.24
CA PRO A 23 -18.79 7.32 -6.02
C PRO A 23 -18.73 5.82 -6.34
N LYS A 24 -17.53 5.33 -6.64
CA LYS A 24 -17.34 3.92 -6.95
C LYS A 24 -15.93 3.47 -6.60
N THR A 25 -15.81 2.65 -5.56
CA THR A 25 -14.51 2.14 -5.12
C THR A 25 -14.06 0.98 -6.00
N VAL A 26 -12.76 0.68 -5.94
CA VAL A 26 -12.19 -0.40 -6.72
C VAL A 26 -12.65 -1.77 -6.23
N LEU A 27 -13.23 -1.82 -5.04
CA LEU A 27 -13.71 -3.08 -4.47
C LEU A 27 -15.18 -3.35 -4.83
N SER A 28 -16.02 -2.34 -4.69
CA SER A 28 -17.44 -2.49 -4.97
C SER A 28 -17.78 -2.19 -6.44
N ASP A 29 -16.83 -1.61 -7.17
CA ASP A 29 -17.05 -1.28 -8.57
C ASP A 29 -16.95 -2.51 -9.46
N SER A 30 -15.83 -3.21 -9.39
CA SER A 30 -15.61 -4.40 -10.19
C SER A 30 -15.37 -4.03 -11.66
N ALA A 31 -15.31 -2.73 -11.94
CA ALA A 31 -15.08 -2.25 -13.29
C ALA A 31 -15.41 -0.76 -13.41
N HIS A 32 -14.87 0.05 -12.51
CA HIS A 32 -15.11 1.50 -12.52
C HIS A 32 -14.58 2.15 -11.25
N PHE A 33 -13.68 3.10 -11.42
CA PHE A 33 -13.10 3.79 -10.28
C PHE A 33 -13.28 5.30 -10.41
N ASP A 34 -14.48 5.77 -10.06
CA ASP A 34 -14.81 7.19 -10.16
C ASP A 34 -14.47 7.93 -8.88
N VAL A 35 -13.67 7.31 -8.01
CA VAL A 35 -13.29 7.95 -6.76
C VAL A 35 -11.87 7.59 -6.34
N LYS A 36 -11.07 8.60 -6.01
CA LYS A 36 -9.69 8.39 -5.58
C LYS A 36 -9.65 8.26 -4.06
N HIS A 37 -9.02 7.20 -3.55
CA HIS A 37 -8.97 6.98 -2.11
C HIS A 37 -7.94 7.87 -1.44
N PRO A 38 -8.39 8.68 -0.46
CA PRO A 38 -7.55 9.60 0.29
C PRO A 38 -7.14 9.05 1.65
N LEU A 39 -6.05 9.55 2.18
CA LEU A 39 -5.57 9.11 3.49
C LEU A 39 -5.13 10.31 4.33
N ASN A 40 -4.42 10.05 5.42
CA ASN A 40 -3.94 11.11 6.29
C ASN A 40 -2.42 11.06 6.43
N THR A 41 -1.82 10.10 5.75
CA THR A 41 -0.39 9.94 5.79
C THR A 41 0.25 10.33 4.47
N LYS A 42 1.57 10.30 4.44
CA LYS A 42 2.34 10.65 3.26
C LYS A 42 3.62 9.81 3.21
N TRP A 43 3.91 9.22 2.05
CA TRP A 43 5.11 8.40 1.92
C TRP A 43 5.49 8.22 0.46
N THR A 44 6.61 7.55 0.24
CA THR A 44 7.10 7.29 -1.11
C THR A 44 7.34 5.80 -1.31
N LEU A 45 7.06 5.33 -2.51
CA LEU A 45 7.23 3.92 -2.83
C LEU A 45 8.43 3.70 -3.74
N TRP A 46 9.53 3.24 -3.15
CA TRP A 46 10.74 3.00 -3.93
C TRP A 46 11.17 1.53 -3.86
N TYR A 47 11.44 0.97 -5.03
CA TYR A 47 11.87 -0.43 -5.11
C TYR A 47 13.34 -0.51 -5.53
N THR A 48 13.93 -1.68 -5.38
CA THR A 48 15.33 -1.87 -5.75
C THR A 48 15.58 -3.29 -6.26
N LYS A 49 16.48 -3.40 -7.23
CA LYS A 49 16.82 -4.69 -7.82
C LYS A 49 18.31 -4.74 -8.13
N PRO A 50 19.15 -4.46 -7.12
CA PRO A 50 20.60 -4.47 -7.27
C PRO A 50 21.11 -5.61 -8.14
N ALA A 51 22.36 -5.51 -8.56
CA ALA A 51 22.98 -6.53 -9.40
C ALA A 51 22.71 -6.27 -10.87
N VAL A 52 21.78 -5.36 -11.15
CA VAL A 52 21.43 -5.02 -12.52
C VAL A 52 22.67 -4.67 -13.32
N ASP A 53 23.63 -4.04 -12.65
CA ASP A 53 24.89 -3.65 -13.28
C ASP A 53 24.73 -2.41 -14.15
N LYS A 54 23.50 -1.95 -14.29
CA LYS A 54 23.22 -0.76 -15.09
C LYS A 54 24.27 0.30 -14.80
N SER A 55 24.48 0.53 -13.52
CA SER A 55 25.44 1.51 -13.06
C SER A 55 26.05 1.14 -11.70
N GLU A 56 25.65 0.00 -11.14
CA GLU A 56 26.16 -0.43 -9.84
C GLU A 56 26.11 0.72 -8.83
N SER A 57 24.98 1.42 -8.80
CA SER A 57 24.80 2.53 -7.87
C SER A 57 23.47 2.40 -7.16
N TRP A 58 23.51 2.39 -5.82
CA TRP A 58 22.30 2.27 -5.04
C TRP A 58 21.26 3.28 -5.54
N SER A 59 21.75 4.38 -6.08
CA SER A 59 20.89 5.43 -6.60
C SER A 59 20.53 5.17 -8.06
N ASP A 60 21.22 4.21 -8.67
CA ASP A 60 20.97 3.88 -10.06
C ASP A 60 19.91 2.78 -10.17
N LEU A 61 19.72 2.04 -9.08
CA LEU A 61 18.74 0.98 -9.05
C LEU A 61 17.43 1.49 -8.48
N LEU A 62 17.47 1.83 -7.21
CA LEU A 62 16.30 2.36 -6.52
C LEU A 62 15.48 3.25 -7.44
N ARG A 63 14.17 3.02 -7.42
CA ARG A 63 13.26 3.81 -8.24
C ARG A 63 12.11 4.33 -7.38
N PRO A 64 12.10 5.64 -7.09
CA PRO A 64 11.07 6.26 -6.27
C PRO A 64 9.79 6.49 -7.06
N VAL A 65 8.72 5.84 -6.62
CA VAL A 65 7.44 5.96 -7.30
C VAL A 65 6.31 6.31 -6.30
N THR A 66 5.12 5.74 -6.52
CA THR A 66 3.94 6.00 -5.68
C THR A 66 4.29 6.72 -4.39
N SER A 67 4.16 8.04 -4.41
CA SER A 67 4.40 8.83 -3.24
C SER A 67 3.09 9.45 -2.79
N PHE A 68 2.31 8.66 -2.08
CA PHE A 68 1.02 9.10 -1.60
C PHE A 68 0.52 8.21 -0.49
N GLN A 69 -0.71 8.43 -0.08
CA GLN A 69 -1.32 7.64 0.97
C GLN A 69 -2.62 7.02 0.48
N THR A 70 -2.93 7.23 -0.80
CA THR A 70 -4.14 6.68 -1.38
C THR A 70 -4.22 5.19 -1.10
N VAL A 71 -3.83 4.37 -2.07
CA VAL A 71 -3.87 2.92 -1.90
C VAL A 71 -3.80 2.19 -3.23
N GLU A 72 -4.52 2.72 -4.22
CA GLU A 72 -4.56 2.12 -5.54
C GLU A 72 -3.16 1.95 -6.12
N GLU A 73 -2.28 2.89 -5.84
CA GLU A 73 -0.93 2.80 -6.37
C GLU A 73 -0.13 1.69 -5.68
N PHE A 74 0.14 1.87 -4.39
CA PHE A 74 0.90 0.88 -3.64
C PHE A 74 0.33 -0.52 -3.79
N TRP A 75 -0.98 -0.65 -3.93
CA TRP A 75 -1.56 -1.97 -4.06
C TRP A 75 -1.15 -2.62 -5.38
N ALA A 76 -1.01 -1.82 -6.43
CA ALA A 76 -0.61 -2.37 -7.73
C ALA A 76 0.76 -3.04 -7.64
N ILE A 77 1.78 -2.28 -7.22
CA ILE A 77 3.13 -2.83 -7.13
C ILE A 77 3.17 -4.08 -6.24
N ILE A 78 2.40 -4.06 -5.15
CA ILE A 78 2.36 -5.19 -4.25
C ILE A 78 1.47 -6.29 -4.82
N GLN A 79 0.46 -5.87 -5.55
CA GLN A 79 -0.47 -6.82 -6.16
C GLN A 79 0.28 -7.81 -7.02
N ASN A 80 1.50 -7.44 -7.39
CA ASN A 80 2.34 -8.31 -8.20
C ASN A 80 2.75 -9.53 -7.40
N ILE A 81 2.58 -9.42 -6.09
CA ILE A 81 2.92 -10.48 -5.16
C ILE A 81 4.18 -11.22 -5.60
N PRO A 82 5.26 -10.48 -5.95
CA PRO A 82 6.53 -11.08 -6.36
C PRO A 82 7.46 -11.27 -5.18
N GLU A 83 7.15 -10.58 -4.11
CA GLU A 83 7.95 -10.65 -2.88
C GLU A 83 7.77 -11.99 -2.18
N PRO A 84 6.52 -12.47 -2.08
CA PRO A 84 6.22 -13.74 -1.42
C PRO A 84 6.85 -14.93 -2.14
N HIS A 85 8.16 -14.85 -2.36
CA HIS A 85 8.88 -15.91 -3.05
C HIS A 85 8.34 -16.09 -4.46
N GLU A 86 7.87 -14.98 -5.03
CA GLU A 86 7.31 -14.99 -6.37
C GLU A 86 8.27 -14.36 -7.37
N LEU A 87 9.32 -13.73 -6.86
CA LEU A 87 10.31 -13.07 -7.70
C LEU A 87 11.66 -13.77 -7.57
N PRO A 88 12.68 -13.28 -8.31
CA PRO A 88 14.03 -13.84 -8.27
C PRO A 88 14.83 -13.33 -7.08
N LEU A 89 14.19 -13.25 -5.92
CA LEU A 89 14.84 -12.77 -4.70
C LEU A 89 15.75 -11.59 -5.00
N LYS A 90 16.56 -11.21 -4.01
CA LYS A 90 17.47 -10.09 -4.18
C LYS A 90 16.68 -8.80 -4.35
N SER A 91 15.40 -8.87 -4.04
CA SER A 91 14.49 -7.74 -4.18
C SER A 91 14.66 -6.74 -3.03
N ASP A 92 14.05 -5.57 -3.20
CA ASP A 92 14.11 -4.51 -2.19
C ASP A 92 12.97 -3.52 -2.39
N TYR A 93 11.95 -3.59 -1.53
CA TYR A 93 10.80 -2.70 -1.62
C TYR A 93 10.87 -1.62 -0.54
N HIS A 94 10.15 -0.51 -0.75
CA HIS A 94 10.15 0.58 0.21
C HIS A 94 8.86 1.39 0.15
N VAL A 95 8.34 1.73 1.32
CA VAL A 95 7.12 2.52 1.44
C VAL A 95 7.05 3.16 2.83
N PHE A 96 7.36 4.45 2.90
CA PHE A 96 7.36 5.16 4.17
C PHE A 96 7.92 6.58 4.01
N ARG A 97 7.79 7.38 5.07
CA ARG A 97 8.28 8.76 5.06
C ARG A 97 7.64 9.58 6.18
N ASN A 98 6.39 9.25 6.51
CA ASN A 98 5.64 9.95 7.55
C ASN A 98 6.57 10.54 8.62
N ASP A 99 7.61 9.79 8.95
CA ASP A 99 8.57 10.23 9.96
C ASP A 99 9.76 10.93 9.32
N VAL A 100 10.35 10.29 8.32
CA VAL A 100 11.49 10.83 7.61
C VAL A 100 11.28 10.69 6.10
N ARG A 101 12.25 10.15 5.36
CA ARG A 101 12.04 10.00 3.92
C ARG A 101 13.29 9.57 3.17
N PRO A 102 14.41 10.30 3.34
CA PRO A 102 15.66 10.01 2.67
C PRO A 102 15.83 8.56 2.26
N GLU A 103 16.04 7.66 3.21
CA GLU A 103 16.23 6.24 2.91
C GLU A 103 16.92 5.53 4.07
N TRP A 104 17.39 4.31 3.85
CA TRP A 104 18.08 3.60 4.92
C TRP A 104 19.35 4.33 5.32
N GLU A 105 19.74 5.31 4.50
CA GLU A 105 20.92 6.11 4.77
C GLU A 105 20.58 7.36 5.57
N ASP A 106 19.31 7.74 5.58
CA ASP A 106 18.88 8.94 6.32
C ASP A 106 17.51 8.78 6.99
N GLU A 107 16.77 7.72 6.66
CA GLU A 107 15.48 7.48 7.25
C GLU A 107 15.64 7.02 8.68
N ALA A 108 16.70 6.25 8.91
CA ALA A 108 17.01 5.76 10.24
C ALA A 108 17.66 6.89 11.02
N ASN A 109 18.28 7.78 10.28
CA ASN A 109 18.94 8.94 10.82
C ASN A 109 17.94 9.81 11.56
N ALA A 110 16.75 9.86 11.00
CA ALA A 110 15.66 10.64 11.56
C ALA A 110 15.20 10.05 12.88
N LYS A 111 15.13 8.73 12.90
CA LYS A 111 14.70 7.96 14.07
C LYS A 111 13.91 6.75 13.61
N GLY A 112 14.41 6.11 12.55
CA GLY A 112 13.75 4.96 11.98
C GLY A 112 14.58 3.71 12.07
N GLY A 113 14.80 3.24 13.29
CA GLY A 113 15.58 2.03 13.49
C GLY A 113 15.28 1.00 12.42
N LYS A 114 16.14 0.02 12.24
CA LYS A 114 15.91 -0.98 11.20
C LYS A 114 15.63 -2.36 11.78
N TRP A 115 14.38 -2.77 11.69
CA TRP A 115 13.96 -4.10 12.16
C TRP A 115 14.11 -5.08 11.01
N SER A 116 15.25 -5.76 10.97
CA SER A 116 15.52 -6.71 9.89
C SER A 116 15.21 -8.15 10.29
N PHE A 117 14.36 -8.79 9.49
CA PHE A 117 13.99 -10.18 9.72
C PHE A 117 14.44 -11.04 8.54
N GLN A 118 15.49 -11.82 8.75
CA GLN A 118 16.01 -12.69 7.71
C GLN A 118 15.39 -14.07 7.79
N LEU A 119 14.33 -14.28 7.02
CA LEU A 119 13.64 -15.57 7.00
C LEU A 119 14.27 -16.51 5.98
N CYS A 120 14.20 -17.80 6.26
CA CYS A 120 14.76 -18.82 5.37
C CYS A 120 14.05 -20.15 5.55
N GLY A 121 13.44 -20.63 4.47
CA GLY A 121 12.74 -21.90 4.52
C GLY A 121 11.84 -22.13 3.33
N LYS A 122 10.63 -21.58 3.39
CA LYS A 122 9.67 -21.73 2.30
C LYS A 122 9.32 -20.38 1.68
N GLY A 123 8.20 -20.34 0.96
CA GLY A 123 7.78 -19.10 0.32
C GLY A 123 6.36 -19.18 -0.20
N ALA A 124 5.44 -19.66 0.64
CA ALA A 124 4.04 -19.79 0.26
C ALA A 124 3.40 -18.42 0.04
N ASP A 125 3.12 -17.74 1.14
CA ASP A 125 2.49 -16.42 1.08
C ASP A 125 2.91 -15.57 2.27
N ILE A 126 4.01 -15.97 2.92
CA ILE A 126 4.51 -15.26 4.08
C ILE A 126 4.50 -13.75 3.87
N ASP A 127 4.84 -13.32 2.67
CA ASP A 127 4.87 -11.90 2.34
C ASP A 127 3.47 -11.31 2.28
N GLU A 128 2.46 -12.16 2.30
CA GLU A 128 1.08 -11.70 2.25
C GLU A 128 0.59 -11.37 3.64
N LEU A 129 1.22 -12.00 4.62
CA LEU A 129 0.88 -11.80 6.01
C LEU A 129 1.71 -10.66 6.60
N TRP A 130 3.00 -10.65 6.27
CA TRP A 130 3.89 -9.60 6.74
C TRP A 130 3.47 -8.27 6.12
N LEU A 131 2.95 -8.35 4.90
CA LEU A 131 2.47 -7.18 4.19
C LEU A 131 1.24 -6.61 4.86
N CYS A 132 0.22 -7.45 4.99
CA CYS A 132 -1.02 -7.03 5.65
C CYS A 132 -0.68 -6.19 6.87
N THR A 133 0.46 -6.51 7.46
CA THR A 133 0.93 -5.78 8.63
C THR A 133 1.61 -4.48 8.22
N LEU A 134 2.40 -4.54 7.16
CA LEU A 134 3.10 -3.37 6.66
C LEU A 134 2.09 -2.37 6.09
N LEU A 135 1.29 -2.84 5.12
CA LEU A 135 0.28 -1.99 4.50
C LEU A 135 -0.49 -1.22 5.58
N ALA A 136 -1.01 -1.94 6.56
CA ALA A 136 -1.75 -1.31 7.65
C ALA A 136 -0.93 -0.22 8.29
N VAL A 137 0.38 -0.45 8.36
CA VAL A 137 1.31 0.50 8.96
C VAL A 137 1.31 1.85 8.24
N ILE A 138 1.36 1.80 6.90
CA ILE A 138 1.37 3.01 6.10
C ILE A 138 -0.03 3.55 5.92
N GLY A 139 -0.97 2.64 5.70
CA GLY A 139 -2.36 3.05 5.53
C GLY A 139 -2.94 3.61 6.81
N GLU A 140 -2.32 3.26 7.93
CA GLU A 140 -2.75 3.73 9.23
C GLU A 140 -1.54 3.97 10.12
N THR A 141 -0.59 4.74 9.61
CA THR A 141 0.64 5.02 10.34
C THR A 141 0.39 6.03 11.45
N ILE A 142 -0.70 6.78 11.35
CA ILE A 142 -1.04 7.76 12.36
C ILE A 142 -0.66 7.26 13.75
N ASP A 143 -1.07 6.04 14.04
CA ASP A 143 -0.79 5.41 15.32
C ASP A 143 -1.72 4.22 15.55
N GLU A 144 -1.82 3.78 16.80
CA GLU A 144 -2.68 2.66 17.15
C GLU A 144 -2.20 1.37 16.48
N ASP A 145 -2.27 1.35 15.15
CA ASP A 145 -1.85 0.17 14.39
C ASP A 145 -0.43 -0.24 14.79
N ASP A 146 0.53 0.60 14.45
CA ASP A 146 1.93 0.33 14.79
C ASP A 146 2.61 1.57 15.36
N SER A 147 1.83 2.63 15.56
CA SER A 147 2.35 3.87 16.09
C SER A 147 2.93 4.74 14.98
N GLN A 148 3.11 6.02 15.28
CA GLN A 148 3.66 6.95 14.30
C GLN A 148 4.73 6.27 13.45
N ILE A 149 5.47 5.36 14.08
CA ILE A 149 6.53 4.63 13.38
C ILE A 149 7.31 5.55 12.45
N ASN A 150 8.14 4.96 11.58
CA ASN A 150 8.93 5.74 10.65
C ASN A 150 8.78 5.23 9.23
N GLY A 151 8.71 3.92 9.05
CA GLY A 151 8.58 3.37 7.72
C GLY A 151 8.83 1.88 7.67
N VAL A 152 8.50 1.26 6.54
CA VAL A 152 8.71 -0.18 6.37
C VAL A 152 9.45 -0.50 5.08
N VAL A 153 10.41 -1.41 5.19
CA VAL A 153 11.19 -1.79 4.03
C VAL A 153 11.19 -3.30 3.82
N LEU A 154 11.41 -3.71 2.59
CA LEU A 154 11.45 -5.11 2.23
C LEU A 154 12.68 -5.38 1.38
N SER A 155 13.28 -6.56 1.54
CA SER A 155 14.47 -6.90 0.77
C SER A 155 14.72 -8.40 0.77
N ILE A 156 14.50 -9.02 -0.38
CA ILE A 156 14.73 -10.44 -0.53
C ILE A 156 16.16 -10.69 -1.00
N ARG A 157 16.76 -11.77 -0.53
CA ARG A 157 18.13 -12.12 -0.91
C ARG A 157 18.64 -13.33 -0.12
N LYS A 158 17.73 -14.22 0.25
CA LYS A 158 18.10 -15.41 1.00
C LYS A 158 17.20 -16.59 0.65
N GLY A 159 17.11 -17.56 1.56
CA GLY A 159 16.27 -18.72 1.33
C GLY A 159 14.80 -18.42 1.56
N GLY A 160 14.50 -17.16 1.87
CA GLY A 160 13.13 -16.77 2.11
C GLY A 160 12.89 -15.30 1.80
N ASN A 161 13.50 -14.43 2.58
CA ASN A 161 13.35 -12.99 2.38
C ASN A 161 13.93 -12.21 3.56
N LYS A 162 13.96 -10.88 3.43
CA LYS A 162 14.48 -10.03 4.48
C LYS A 162 13.81 -8.66 4.46
N PHE A 163 13.00 -8.38 5.47
CA PHE A 163 12.29 -7.12 5.56
C PHE A 163 12.87 -6.23 6.65
N ALA A 164 12.82 -4.92 6.43
CA ALA A 164 13.35 -3.97 7.39
C ALA A 164 12.27 -3.00 7.87
N LEU A 165 11.74 -3.26 9.07
CA LEU A 165 10.71 -2.41 9.65
C LEU A 165 11.36 -1.19 10.30
N TRP A 166 11.01 0.00 9.79
CA TRP A 166 11.58 1.22 10.33
C TRP A 166 10.66 1.86 11.33
N THR A 167 11.20 2.08 12.52
CA THR A 167 10.41 2.64 13.62
C THR A 167 10.88 4.02 14.03
N LYS A 168 9.93 4.96 14.04
CA LYS A 168 10.22 6.34 14.42
C LYS A 168 10.88 6.40 15.81
N CYS A 169 10.56 5.41 16.65
CA CYS A 169 11.11 5.34 18.00
C CYS A 169 10.20 4.56 18.93
N GLU A 170 9.14 5.21 19.39
CA GLU A 170 8.16 4.58 20.29
C GLU A 170 8.84 4.00 21.54
N ASP A 171 10.06 4.45 21.82
CA ASP A 171 10.79 3.96 22.99
C ASP A 171 11.39 2.58 22.74
N LYS A 172 11.08 2.01 21.59
CA LYS A 172 11.59 0.69 21.22
C LYS A 172 10.87 -0.41 21.98
N GLU A 173 10.31 -0.11 23.14
CA GLU A 173 9.60 -1.12 23.90
C GLU A 173 8.49 -1.71 23.06
N PRO A 174 7.68 -0.84 22.43
CA PRO A 174 6.59 -1.27 21.57
C PRO A 174 7.13 -1.88 20.29
N LEU A 175 8.40 -1.59 19.98
CA LEU A 175 9.02 -2.13 18.78
C LEU A 175 9.38 -3.59 19.00
N LEU A 176 10.27 -3.84 19.94
CA LEU A 176 10.65 -5.20 20.25
C LEU A 176 9.40 -6.05 20.39
N ARG A 177 8.29 -5.39 20.73
CA ARG A 177 7.01 -6.07 20.89
C ARG A 177 6.38 -6.30 19.53
N ILE A 178 6.21 -5.21 18.78
CA ILE A 178 5.62 -5.27 17.45
C ILE A 178 6.48 -6.16 16.55
N GLY A 179 7.75 -5.78 16.40
CA GLY A 179 8.65 -6.55 15.57
C GLY A 179 8.57 -8.04 15.86
N GLY A 180 8.55 -8.38 17.15
CA GLY A 180 8.47 -9.78 17.54
C GLY A 180 7.32 -10.49 16.85
N LYS A 181 6.14 -9.91 16.92
CA LYS A 181 4.95 -10.50 16.30
C LYS A 181 4.90 -10.16 14.82
N PHE A 182 5.66 -9.15 14.41
CA PHE A 182 5.69 -8.74 13.01
C PHE A 182 6.37 -9.80 12.15
N LYS A 183 7.34 -10.50 12.74
CA LYS A 183 8.08 -11.53 12.04
C LYS A 183 7.39 -12.89 12.22
N GLN A 184 6.82 -13.09 13.40
CA GLN A 184 6.13 -14.35 13.70
C GLN A 184 5.05 -14.63 12.67
N VAL A 185 4.34 -13.59 12.26
CA VAL A 185 3.30 -13.74 11.26
C VAL A 185 3.84 -14.51 10.09
N LEU A 186 5.13 -14.32 9.84
CA LEU A 186 5.80 -15.01 8.74
C LEU A 186 5.72 -16.52 8.96
N LYS A 187 5.39 -16.89 10.19
CA LYS A 187 5.27 -18.30 10.55
C LYS A 187 6.63 -18.97 10.59
N LEU A 188 7.65 -18.24 11.04
CA LEU A 188 9.00 -18.77 11.11
C LEU A 188 9.06 -19.97 12.06
N THR A 189 10.21 -20.15 12.70
CA THR A 189 10.40 -21.26 13.63
C THR A 189 9.76 -20.99 14.97
N ASP A 190 9.09 -19.85 15.09
CA ASP A 190 8.44 -19.47 16.33
C ASP A 190 9.48 -19.02 17.36
N ASP A 191 10.76 -19.12 17.00
CA ASP A 191 11.84 -18.73 17.88
C ASP A 191 11.79 -17.23 18.18
N GLY A 192 11.48 -16.44 17.16
CA GLY A 192 11.41 -15.00 17.33
C GLY A 192 12.44 -14.26 16.49
N HIS A 193 13.01 -14.95 15.51
CA HIS A 193 14.02 -14.37 14.64
C HIS A 193 13.77 -12.89 14.42
N LEU A 194 14.83 -12.15 14.12
CA LEU A 194 14.74 -10.71 13.89
C LEU A 194 16.10 -10.05 14.07
N GLU A 195 16.19 -8.79 13.70
CA GLU A 195 17.44 -8.04 13.83
C GLU A 195 17.17 -6.56 14.05
N PHE A 196 17.17 -6.16 15.31
CA PHE A 196 16.94 -4.76 15.67
C PHE A 196 18.25 -4.02 15.81
N PHE A 197 18.48 -3.06 14.92
CA PHE A 197 19.71 -2.27 14.93
C PHE A 197 19.43 -0.81 15.25
N PRO A 198 20.49 -0.02 15.44
CA PRO A 198 20.39 1.41 15.77
C PRO A 198 20.01 2.25 14.55
N HIS A 199 18.98 3.06 14.71
CA HIS A 199 18.51 3.93 13.64
C HIS A 199 19.57 4.96 13.25
N CYS A 200 20.56 5.15 14.11
CA CYS A 200 21.64 6.09 13.84
C CYS A 200 22.20 5.86 12.44
N SER A 201 22.03 4.63 11.96
CA SER A 201 22.50 4.25 10.65
C SER A 201 22.69 2.74 10.53
N ALA A 202 21.95 2.00 11.36
CA ALA A 202 22.03 0.55 11.35
C ALA A 202 23.48 0.11 11.14
N ASN A 203 24.40 0.88 11.71
CA ASN A 203 25.82 0.61 11.61
C ASN A 203 26.09 -0.88 11.45
N GLY A 204 25.32 -1.70 12.16
CA GLY A 204 25.50 -3.13 12.08
C GLY A 204 26.80 -3.58 12.70
N ARG A 205 27.53 -2.64 13.31
CA ARG A 205 28.80 -2.94 13.95
C ARG A 205 28.60 -3.31 15.42
N HIS A 206 27.38 -3.10 15.91
CA HIS A 206 27.05 -3.40 17.30
C HIS A 206 27.38 -2.22 18.22
N PRO A 207 27.08 -0.99 17.78
CA PRO A 207 27.35 0.21 18.57
C PRO A 207 26.30 0.43 19.66
N GLN A 208 25.03 0.33 19.26
CA GLN A 208 23.92 0.51 20.20
C GLN A 208 22.66 -0.15 19.66
N PRO A 209 22.78 -1.38 19.13
CA PRO A 209 21.64 -2.13 18.59
C PRO A 209 20.66 -2.56 19.67
N SER A 210 19.83 -3.55 19.37
CA SER A 210 18.86 -4.05 20.32
C SER A 210 19.02 -5.56 20.48
N ILE A 211 18.88 -6.27 19.37
CA ILE A 211 19.01 -7.72 19.40
C ILE A 211 18.89 -8.32 18.00
N THR A 212 19.18 -9.60 17.90
CA THR A 212 19.11 -10.32 16.63
C THR A 212 18.72 -11.77 16.85
N LEU A 213 17.44 -12.05 16.67
CA LEU A 213 16.93 -13.40 16.86
C LEU A 213 17.21 -14.28 15.65
N GLY B 1 -31.82 1.04 -35.14
CA GLY B 1 -30.42 0.99 -34.65
C GLY B 1 -30.00 2.28 -33.96
N SER B 2 -29.90 3.35 -34.73
CA SER B 2 -29.50 4.65 -34.18
C SER B 2 -29.64 5.74 -35.24
N ILE B 3 -28.73 5.74 -36.21
CA ILE B 3 -28.75 6.73 -37.27
C ILE B 3 -27.62 6.50 -38.27
N GLY B 4 -27.57 5.29 -38.82
CA GLY B 4 -26.53 4.96 -39.78
C GLY B 4 -25.15 5.39 -39.32
N LEU B 5 -24.59 4.67 -38.34
CA LEU B 5 -23.27 4.98 -37.82
C LEU B 5 -22.18 4.50 -38.78
N GLU B 6 -21.45 5.45 -39.35
CA GLU B 6 -20.37 5.13 -40.28
C GLU B 6 -19.11 4.70 -39.54
N ALA B 7 -19.09 3.43 -39.10
CA ALA B 7 -17.96 2.90 -38.37
C ALA B 7 -17.23 1.83 -39.19
N GLU B 8 -16.28 1.16 -38.57
CA GLU B 8 -15.52 0.11 -39.23
C GLU B 8 -15.98 -1.27 -38.78
N ILE B 9 -15.83 -2.26 -39.67
CA ILE B 9 -16.22 -3.62 -39.36
C ILE B 9 -15.00 -4.53 -39.23
N GLU B 10 -14.94 -5.27 -38.13
CA GLU B 10 -13.83 -6.19 -37.90
C GLU B 10 -13.98 -7.46 -38.72
N THR B 11 -12.87 -8.17 -38.91
CA THR B 11 -12.89 -9.41 -39.68
C THR B 11 -11.91 -10.43 -39.09
N THR B 12 -11.62 -10.29 -37.79
CA THR B 12 -10.71 -11.19 -37.11
C THR B 12 -11.14 -11.42 -35.67
N THR B 13 -12.05 -12.37 -35.47
CA THR B 13 -12.55 -12.69 -34.15
C THR B 13 -11.40 -12.87 -33.16
N ASP B 14 -11.65 -12.52 -31.90
CA ASP B 14 -10.64 -12.64 -30.86
C ASP B 14 -10.84 -13.92 -30.06
N GLU B 15 -9.77 -14.70 -29.91
CA GLU B 15 -9.82 -15.95 -29.17
C GLU B 15 -10.29 -15.71 -27.74
N THR B 16 -9.92 -16.62 -26.83
CA THR B 16 -10.30 -16.51 -25.43
C THR B 16 -9.58 -15.34 -24.76
N ASP B 17 -10.19 -14.81 -23.71
CA ASP B 17 -9.60 -13.70 -22.97
C ASP B 17 -8.22 -14.07 -22.44
N ASP B 18 -7.40 -13.05 -22.18
CA ASP B 18 -6.05 -13.26 -21.67
C ASP B 18 -6.08 -13.73 -20.23
N GLY B 19 -6.90 -13.07 -19.41
CA GLY B 19 -7.01 -13.43 -18.01
C GLY B 19 -6.10 -12.58 -17.13
N THR B 20 -5.49 -11.57 -17.72
CA THR B 20 -4.59 -10.68 -16.98
C THR B 20 -5.14 -9.25 -16.95
N ASN B 21 -5.13 -8.65 -15.78
CA ASN B 21 -5.62 -7.29 -15.61
C ASN B 21 -4.47 -6.29 -15.60
N THR B 22 -4.69 -5.12 -16.17
CA THR B 22 -3.67 -4.08 -16.22
C THR B 22 -4.18 -2.77 -15.62
N VAL B 23 -3.25 -1.93 -15.18
CA VAL B 23 -3.60 -0.65 -14.58
C VAL B 23 -4.17 0.31 -15.62
N SER B 24 -3.72 0.16 -16.87
CA SER B 24 -4.18 1.02 -17.95
C SER B 24 -5.70 0.97 -18.08
N HIS B 25 -6.29 -0.18 -17.82
CA HIS B 25 -7.74 -0.35 -17.90
C HIS B 25 -8.44 0.48 -16.83
N ILE B 26 -8.08 0.24 -15.58
CA ILE B 26 -8.68 0.96 -14.47
C ILE B 26 -8.36 2.45 -14.54
N LEU B 27 -7.08 2.77 -14.72
CA LEU B 27 -6.64 4.15 -14.80
C LEU B 27 -7.34 4.88 -15.93
N ASN B 28 -7.68 4.13 -16.99
CA ASN B 28 -8.37 4.71 -18.14
C ASN B 28 -9.76 5.22 -17.78
N VAL B 29 -10.55 4.38 -17.12
CA VAL B 29 -11.91 4.76 -16.73
C VAL B 29 -11.90 6.01 -15.87
N LEU B 30 -10.81 6.19 -15.12
CA LEU B 30 -10.68 7.35 -14.23
C LEU B 30 -10.94 8.66 -14.98
N LYS B 31 -10.65 8.66 -16.29
CA LYS B 31 -10.86 9.86 -17.10
C LYS B 31 -12.20 10.51 -16.77
N ASP B 32 -13.14 9.69 -16.30
CA ASP B 32 -14.46 10.18 -15.93
C ASP B 32 -14.76 9.84 -14.47
N ALA B 33 -13.78 10.11 -13.60
CA ALA B 33 -13.91 9.83 -12.18
C ALA B 33 -14.17 11.09 -11.37
N THR B 34 -14.73 10.90 -10.17
CA THR B 34 -15.02 12.01 -9.28
C THR B 34 -14.15 11.93 -8.04
N PRO B 35 -14.10 13.01 -7.24
CA PRO B 35 -13.30 13.05 -6.01
C PRO B 35 -13.75 12.05 -4.96
N ILE B 36 -13.15 12.15 -3.78
CA ILE B 36 -13.47 11.25 -2.68
C ILE B 36 -13.75 12.01 -1.38
N GLU B 37 -14.75 11.56 -0.64
CA GLU B 37 -15.10 12.19 0.62
C GLU B 37 -14.40 11.48 1.78
N ASP B 38 -13.97 10.24 1.54
CA ASP B 38 -13.27 9.40 2.53
C ASP B 38 -13.88 8.01 2.58
N VAL B 39 -13.08 7.01 2.94
CA VAL B 39 -13.55 5.63 3.02
C VAL B 39 -14.92 5.54 3.63
N PHE B 40 -14.96 5.78 4.93
CA PHE B 40 -16.21 5.78 5.66
C PHE B 40 -17.16 6.79 5.03
N SER B 41 -16.63 7.64 4.15
CA SER B 41 -17.48 8.62 3.48
C SER B 41 -18.31 7.94 2.41
N PHE B 42 -17.78 6.88 1.82
CA PHE B 42 -18.51 6.14 0.79
C PHE B 42 -18.81 4.71 1.22
N ASN B 43 -20.06 4.31 1.03
CA ASN B 43 -20.51 2.96 1.39
C ASN B 43 -20.46 2.05 0.17
N TYR B 44 -19.50 1.14 0.16
CA TYR B 44 -19.33 0.21 -0.96
C TYR B 44 -20.04 -1.10 -0.67
N PRO B 45 -21.22 -1.30 -1.29
CA PRO B 45 -22.00 -2.53 -1.11
C PRO B 45 -21.39 -3.72 -1.84
N GLU B 46 -22.19 -4.76 -2.05
CA GLU B 46 -21.73 -5.96 -2.73
C GLU B 46 -21.10 -6.94 -1.75
N GLY B 47 -21.39 -6.75 -0.46
CA GLY B 47 -20.85 -7.64 0.56
C GLY B 47 -19.85 -6.95 1.46
N ILE B 48 -19.54 -5.68 1.16
CA ILE B 48 -18.59 -4.92 1.95
C ILE B 48 -19.14 -3.55 2.31
N GLU B 49 -18.38 -2.79 3.09
CA GLU B 49 -18.80 -1.47 3.53
C GLU B 49 -18.04 -1.05 4.79
N GLY B 50 -17.38 0.10 4.74
CA GLY B 50 -16.63 0.57 5.90
C GLY B 50 -17.29 1.75 6.59
N PRO B 51 -17.97 1.50 7.71
CA PRO B 51 -18.65 2.54 8.48
C PRO B 51 -17.69 3.28 9.41
N ASP B 52 -17.29 2.62 10.49
CA ASP B 52 -16.38 3.21 11.47
C ASP B 52 -15.17 2.30 11.70
N ILE B 53 -15.20 1.12 11.08
CA ILE B 53 -14.13 0.12 11.23
C ILE B 53 -12.83 0.71 11.76
N LYS B 54 -12.05 1.35 10.89
CA LYS B 54 -10.79 1.94 11.30
C LYS B 54 -10.96 3.38 11.73
N TYR B 55 -12.13 3.94 11.46
CA TYR B 55 -12.41 5.33 11.82
C TYR B 55 -12.01 5.59 13.26
N LYS B 56 -12.00 4.53 14.07
CA LYS B 56 -11.64 4.64 15.48
C LYS B 56 -10.14 4.44 15.69
N LYS B 57 -9.45 3.98 14.65
CA LYS B 57 -8.01 3.74 14.76
C LYS B 57 -7.34 4.86 15.54
N GLU B 58 -7.84 6.05 15.36
CA GLU B 58 -7.31 7.22 16.03
C GLU B 58 -8.13 8.46 15.66
N HIS B 59 -9.43 8.25 15.46
CA HIS B 59 -10.32 9.33 15.08
C HIS B 59 -10.06 9.73 13.63
N VAL B 60 -9.28 8.91 12.92
CA VAL B 60 -8.96 9.19 11.53
C VAL B 60 -9.99 8.58 10.58
N LYS B 61 -10.56 9.41 9.72
CA LYS B 61 -11.56 8.97 8.76
C LYS B 61 -10.89 8.45 7.49
N TYR B 62 -9.73 9.01 7.17
CA TYR B 62 -8.98 8.61 5.99
C TYR B 62 -7.88 7.63 6.36
N THR B 63 -8.29 6.47 6.86
CA THR B 63 -7.35 5.44 7.27
C THR B 63 -8.03 4.07 7.27
N TYR B 64 -7.59 3.20 6.36
CA TYR B 64 -8.15 1.87 6.26
C TYR B 64 -7.11 0.83 6.70
N GLY B 65 -7.55 -0.40 6.94
CA GLY B 65 -6.64 -1.44 7.36
C GLY B 65 -6.33 -2.45 6.28
N PRO B 66 -5.75 -3.60 6.66
CA PRO B 66 -5.39 -4.67 5.71
C PRO B 66 -6.62 -5.34 5.11
N THR B 67 -7.68 -5.40 5.91
CA THR B 67 -8.92 -6.02 5.48
C THR B 67 -9.52 -5.24 4.30
N PHE B 68 -9.87 -3.98 4.55
CA PHE B 68 -10.42 -3.15 3.49
C PHE B 68 -9.43 -3.06 2.34
N LEU B 69 -8.18 -2.73 2.68
CA LEU B 69 -7.12 -2.62 1.69
C LEU B 69 -7.06 -3.91 0.87
N LEU B 70 -7.33 -5.04 1.53
CA LEU B 70 -7.32 -6.32 0.85
C LEU B 70 -8.26 -6.29 -0.35
N GLN B 71 -9.48 -5.81 -0.13
CA GLN B 71 -10.45 -5.71 -1.21
C GLN B 71 -9.81 -5.03 -2.42
N PHE B 72 -9.18 -3.90 -2.16
CA PHE B 72 -8.50 -3.15 -3.21
C PHE B 72 -7.64 -4.09 -4.05
N LYS B 73 -6.76 -4.82 -3.37
CA LYS B 73 -5.87 -5.77 -4.03
C LYS B 73 -6.65 -6.62 -5.04
N ASP B 74 -7.68 -7.30 -4.56
CA ASP B 74 -8.51 -8.15 -5.40
C ASP B 74 -8.67 -7.53 -6.79
N LYS B 75 -9.09 -6.27 -6.83
CA LYS B 75 -9.29 -5.58 -8.09
C LYS B 75 -8.02 -4.85 -8.55
N LEU B 76 -7.08 -4.67 -7.63
CA LEU B 76 -5.82 -4.00 -7.95
C LEU B 76 -4.85 -4.95 -8.63
N ASN B 77 -5.26 -6.20 -8.81
CA ASN B 77 -4.40 -7.20 -9.45
C ASN B 77 -3.86 -6.69 -10.77
N VAL B 78 -2.78 -5.92 -10.71
CA VAL B 78 -2.15 -5.35 -11.89
C VAL B 78 -0.72 -4.91 -11.59
N LYS B 79 -0.13 -4.17 -12.52
CA LYS B 79 1.23 -3.68 -12.34
C LYS B 79 1.41 -2.32 -13.02
N ALA B 80 1.11 -1.26 -12.29
CA ALA B 80 1.22 0.10 -12.83
C ALA B 80 2.67 0.53 -12.97
N ASP B 81 2.85 1.79 -13.38
CA ASP B 81 4.16 2.38 -13.58
C ASP B 81 4.09 3.42 -14.69
N ALA B 82 3.37 3.09 -15.75
CA ALA B 82 3.20 4.00 -16.88
C ALA B 82 1.90 4.79 -16.74
N GLU B 83 0.79 4.08 -16.83
CA GLU B 83 -0.52 4.69 -16.67
C GLU B 83 -0.54 5.43 -15.34
N TRP B 84 0.36 5.02 -14.45
CA TRP B 84 0.47 5.62 -13.13
C TRP B 84 0.62 7.13 -13.24
N VAL B 85 1.68 7.56 -13.89
CA VAL B 85 1.91 8.99 -14.06
C VAL B 85 0.69 9.64 -14.66
N GLN B 86 0.09 8.96 -15.63
CA GLN B 86 -1.11 9.47 -16.30
C GLN B 86 -2.28 9.69 -15.33
N SER B 87 -2.67 8.63 -14.63
CA SER B 87 -3.80 8.72 -13.70
C SER B 87 -3.34 9.04 -12.27
N THR B 88 -2.36 8.30 -11.78
CA THR B 88 -1.84 8.51 -10.43
C THR B 88 -1.61 9.99 -10.17
N ALA B 89 -1.17 10.71 -11.20
CA ALA B 89 -0.92 12.15 -11.08
C ALA B 89 -2.22 12.92 -10.88
N SER B 90 -3.34 12.24 -11.10
CA SER B 90 -4.66 12.86 -10.96
C SER B 90 -5.27 12.60 -9.59
N LYS B 91 -4.85 11.50 -8.95
CA LYS B 91 -5.36 11.14 -7.64
C LYS B 91 -5.69 12.37 -6.81
N ILE B 92 -6.88 12.39 -6.21
CA ILE B 92 -7.32 13.53 -5.39
C ILE B 92 -7.62 13.10 -3.96
N VAL B 93 -7.03 13.83 -3.02
CA VAL B 93 -7.23 13.54 -1.60
C VAL B 93 -7.80 14.74 -0.86
N ILE B 94 -8.66 14.49 0.11
CA ILE B 94 -9.28 15.56 0.90
C ILE B 94 -8.35 15.99 2.03
N PRO B 95 -8.22 17.31 2.23
CA PRO B 95 -7.36 17.88 3.27
C PRO B 95 -7.61 17.24 4.64
N PRO B 96 -6.55 16.66 5.24
CA PRO B 96 -6.64 16.02 6.54
C PRO B 96 -7.11 16.99 7.64
N GLY B 97 -6.27 17.97 7.93
CA GLY B 97 -6.61 18.95 8.96
C GLY B 97 -7.02 18.30 10.27
N MET B 98 -7.98 18.91 10.94
CA MET B 98 -8.46 18.39 12.22
C MET B 98 -9.96 18.10 12.16
N GLY B 99 -10.60 18.52 11.06
CA GLY B 99 -12.02 18.29 10.91
C GLY B 99 -12.83 18.91 12.04
N ARG B 100 -13.60 18.07 12.73
CA ARG B 100 -14.43 18.55 13.85
C ARG B 100 -13.59 19.35 14.84
N MET A 1 5.34 3.47 -40.68
CA MET A 1 4.53 4.51 -39.99
C MET A 1 3.05 4.16 -40.03
N SER A 2 2.55 3.54 -38.97
CA SER A 2 1.15 3.16 -38.88
C SER A 2 0.66 3.23 -37.44
N VAL A 3 1.00 2.23 -36.65
CA VAL A 3 0.60 2.18 -35.24
C VAL A 3 -0.88 2.49 -35.10
N GLU A 4 -1.72 1.71 -35.78
CA GLU A 4 -3.17 1.90 -35.72
C GLU A 4 -3.60 2.30 -34.32
N GLU A 5 -4.46 3.32 -34.24
CA GLU A 5 -4.95 3.80 -32.96
C GLU A 5 -6.44 3.47 -32.78
N VAL A 6 -6.77 2.20 -32.89
CA VAL A 6 -8.16 1.75 -32.75
C VAL A 6 -8.99 2.14 -33.96
N SER A 7 -9.15 3.44 -34.17
CA SER A 7 -9.92 3.95 -35.30
C SER A 7 -11.14 3.05 -35.56
N LYS A 8 -11.89 2.77 -34.50
CA LYS A 8 -13.08 1.93 -34.61
C LYS A 8 -14.30 2.64 -34.04
N LYS A 9 -15.25 2.96 -34.91
CA LYS A 9 -16.47 3.63 -34.49
C LYS A 9 -17.68 2.70 -34.57
N PHE A 10 -18.86 3.26 -34.35
CA PHE A 10 -20.09 2.48 -34.40
C PHE A 10 -20.08 1.36 -33.35
N GLU A 11 -20.35 1.72 -32.11
CA GLU A 11 -20.37 0.75 -31.02
C GLU A 11 -21.77 0.19 -30.81
N GLU A 12 -22.75 1.08 -30.67
CA GLU A 12 -24.13 0.68 -30.48
C GLU A 12 -24.28 -0.17 -29.21
N ASN A 13 -25.44 -0.06 -28.56
CA ASN A 13 -25.71 -0.80 -27.36
C ASN A 13 -24.72 -0.44 -26.25
N VAL A 14 -24.94 0.71 -25.61
CA VAL A 14 -24.06 1.17 -24.55
C VAL A 14 -24.81 1.23 -23.21
N SER A 15 -24.15 0.76 -22.15
CA SER A 15 -24.76 0.77 -20.82
C SER A 15 -24.97 2.19 -20.33
N VAL A 16 -25.95 2.36 -19.43
CA VAL A 16 -26.25 3.67 -18.88
C VAL A 16 -26.34 3.61 -17.36
N ASP A 17 -25.81 4.64 -16.69
CA ASP A 17 -25.83 4.71 -15.24
C ASP A 17 -25.01 5.89 -14.74
N ASP A 18 -25.21 7.05 -15.36
CA ASP A 18 -24.48 8.25 -14.98
C ASP A 18 -25.44 9.36 -14.58
N THR A 19 -26.06 9.22 -13.40
CA THR A 19 -26.99 10.22 -12.91
C THR A 19 -26.34 11.59 -12.84
N THR A 20 -25.59 11.83 -11.78
CA THR A 20 -24.91 13.12 -11.59
C THR A 20 -23.55 12.91 -10.94
N ALA A 21 -22.94 11.76 -11.19
CA ALA A 21 -21.64 11.44 -10.63
C ALA A 21 -21.36 9.94 -10.71
N THR A 22 -21.98 9.18 -9.81
CA THR A 22 -21.81 7.73 -9.78
C THR A 22 -20.44 7.36 -9.22
N PRO A 23 -20.25 7.51 -7.90
CA PRO A 23 -19.00 7.19 -7.23
C PRO A 23 -18.85 5.68 -6.99
N LYS A 24 -17.67 5.15 -7.27
CA LYS A 24 -17.41 3.73 -7.09
C LYS A 24 -15.96 3.48 -6.68
N THR A 25 -15.78 2.71 -5.61
CA THR A 25 -14.45 2.39 -5.11
C THR A 25 -13.91 1.14 -5.81
N VAL A 26 -12.65 0.82 -5.52
CA VAL A 26 -12.01 -0.36 -6.12
C VAL A 26 -12.66 -1.64 -5.62
N LEU A 27 -13.41 -1.55 -4.52
CA LEU A 27 -14.08 -2.71 -3.96
C LEU A 27 -15.07 -3.30 -4.95
N SER A 28 -16.26 -2.70 -5.01
CA SER A 28 -17.31 -3.15 -5.92
C SER A 28 -16.94 -2.82 -7.36
N ASP A 29 -15.90 -2.00 -7.52
CA ASP A 29 -15.43 -1.57 -8.84
C ASP A 29 -15.78 -2.58 -9.92
N SER A 30 -14.98 -3.63 -10.03
CA SER A 30 -15.21 -4.67 -11.04
C SER A 30 -15.33 -4.05 -12.42
N ALA A 31 -14.33 -3.24 -12.79
CA ALA A 31 -14.31 -2.58 -14.08
C ALA A 31 -15.04 -1.25 -14.02
N HIS A 32 -14.83 -0.51 -12.93
CA HIS A 32 -15.48 0.79 -12.75
C HIS A 32 -14.99 1.47 -11.47
N PHE A 33 -14.17 2.50 -11.64
CA PHE A 33 -13.63 3.26 -10.51
C PHE A 33 -13.93 4.74 -10.68
N ASP A 34 -14.99 5.20 -10.03
CA ASP A 34 -15.39 6.61 -10.13
C ASP A 34 -15.13 7.37 -8.84
N VAL A 35 -14.35 6.78 -7.94
CA VAL A 35 -14.04 7.44 -6.68
C VAL A 35 -12.58 7.24 -6.29
N LYS A 36 -11.99 8.28 -5.70
CA LYS A 36 -10.60 8.22 -5.27
C LYS A 36 -10.50 8.31 -3.74
N HIS A 37 -9.63 7.48 -3.17
CA HIS A 37 -9.44 7.44 -1.72
C HIS A 37 -8.36 8.42 -1.27
N PRO A 38 -8.75 9.47 -0.53
CA PRO A 38 -7.84 10.48 -0.03
C PRO A 38 -7.44 10.25 1.42
N LEU A 39 -6.17 10.47 1.72
CA LEU A 39 -5.67 10.29 3.08
C LEU A 39 -5.19 11.64 3.63
N ASN A 40 -4.42 11.63 4.71
CA ASN A 40 -3.93 12.88 5.29
C ASN A 40 -2.44 12.79 5.56
N THR A 41 -1.75 12.01 4.73
CA THR A 41 -0.33 11.83 4.88
C THR A 41 0.37 11.92 3.53
N LYS A 42 1.68 11.86 3.57
CA LYS A 42 2.49 11.92 2.36
C LYS A 42 3.53 10.80 2.36
N TRP A 43 3.60 10.05 1.27
CA TRP A 43 4.55 8.96 1.18
C TRP A 43 4.99 8.71 -0.25
N THR A 44 5.94 7.79 -0.39
CA THR A 44 6.48 7.44 -1.70
C THR A 44 6.62 5.92 -1.81
N LEU A 45 6.69 5.42 -3.03
CA LEU A 45 6.80 3.99 -3.26
C LEU A 45 7.94 3.69 -4.22
N TRP A 46 9.09 3.27 -3.68
CA TRP A 46 10.24 2.96 -4.51
C TRP A 46 10.61 1.49 -4.48
N TYR A 47 10.85 0.92 -5.65
CA TYR A 47 11.24 -0.49 -5.77
C TYR A 47 12.67 -0.58 -6.31
N THR A 48 13.44 -1.54 -5.79
CA THR A 48 14.82 -1.72 -6.22
C THR A 48 15.04 -3.14 -6.73
N LYS A 49 15.69 -3.26 -7.89
CA LYS A 49 15.96 -4.57 -8.47
C LYS A 49 17.44 -4.92 -8.33
N PRO A 50 18.32 -4.24 -9.08
CA PRO A 50 19.76 -4.49 -9.02
C PRO A 50 20.42 -3.79 -7.83
N ALA A 51 21.73 -3.61 -7.89
CA ALA A 51 22.46 -2.96 -6.82
C ALA A 51 23.78 -2.40 -7.33
N VAL A 52 24.60 -3.30 -7.86
CA VAL A 52 25.89 -2.92 -8.40
C VAL A 52 25.78 -2.71 -9.90
N ASP A 53 24.53 -2.57 -10.36
CA ASP A 53 24.24 -2.37 -11.78
C ASP A 53 25.36 -1.61 -12.48
N LYS A 54 26.38 -2.34 -12.89
CA LYS A 54 27.52 -1.75 -13.57
C LYS A 54 28.16 -0.66 -12.72
N SER A 55 27.82 -0.65 -11.43
CA SER A 55 28.33 0.33 -10.50
C SER A 55 27.45 1.57 -10.51
N GLU A 56 26.24 1.39 -11.04
CA GLU A 56 25.28 2.47 -11.14
C GLU A 56 25.22 3.26 -9.83
N SER A 57 24.33 2.85 -8.94
CA SER A 57 24.17 3.51 -7.67
C SER A 57 22.80 3.19 -7.08
N TRP A 58 22.75 3.01 -5.76
CA TRP A 58 21.48 2.72 -5.12
C TRP A 58 20.42 3.69 -5.62
N SER A 59 20.90 4.85 -6.06
CA SER A 59 20.03 5.90 -6.57
C SER A 59 19.78 5.74 -8.07
N ASP A 60 20.64 4.98 -8.74
CA ASP A 60 20.50 4.76 -10.17
C ASP A 60 19.59 3.59 -10.47
N LEU A 61 19.27 2.81 -9.44
CA LEU A 61 18.42 1.65 -9.59
C LEU A 61 17.04 1.93 -9.02
N LEU A 62 17.00 2.04 -7.70
CA LEU A 62 15.77 2.32 -7.00
C LEU A 62 14.85 3.21 -7.82
N ARG A 63 13.70 2.67 -8.20
CA ARG A 63 12.72 3.43 -8.97
C ARG A 63 11.65 3.99 -8.05
N PRO A 64 11.73 5.29 -7.73
CA PRO A 64 10.77 5.95 -6.85
C PRO A 64 9.48 6.28 -7.58
N VAL A 65 8.44 5.50 -7.28
CA VAL A 65 7.15 5.69 -7.92
C VAL A 65 6.09 6.20 -6.93
N THR A 66 4.86 5.70 -7.08
CA THR A 66 3.73 6.10 -6.25
C THR A 66 4.12 6.87 -4.99
N SER A 67 3.73 8.12 -4.99
CA SER A 67 3.94 8.98 -3.85
C SER A 67 2.68 9.80 -3.66
N PHE A 68 1.70 9.18 -3.02
CA PHE A 68 0.42 9.84 -2.83
C PHE A 68 -0.17 9.59 -1.44
N GLN A 69 -1.40 10.03 -1.26
CA GLN A 69 -2.12 9.88 -0.02
C GLN A 69 -3.34 9.01 -0.25
N THR A 70 -3.14 7.94 -1.01
CA THR A 70 -4.20 7.02 -1.34
C THR A 70 -3.78 5.59 -0.99
N VAL A 71 -4.16 4.65 -1.85
CA VAL A 71 -3.81 3.25 -1.63
C VAL A 71 -3.83 2.47 -2.94
N GLU A 72 -4.73 2.84 -3.83
CA GLU A 72 -4.86 2.16 -5.12
C GLU A 72 -3.50 1.94 -5.76
N GLU A 73 -2.63 2.93 -5.70
CA GLU A 73 -1.32 2.80 -6.31
C GLU A 73 -0.49 1.73 -5.63
N PHE A 74 -0.06 2.01 -4.41
CA PHE A 74 0.77 1.06 -3.68
C PHE A 74 0.13 -0.32 -3.59
N TRP A 75 -1.18 -0.39 -3.71
CA TRP A 75 -1.85 -1.67 -3.65
C TRP A 75 -1.43 -2.54 -4.84
N ALA A 76 -1.35 -1.92 -6.03
CA ALA A 76 -0.94 -2.65 -7.22
C ALA A 76 0.53 -3.09 -7.14
N ILE A 77 1.43 -2.11 -6.96
CA ILE A 77 2.84 -2.39 -6.86
C ILE A 77 3.11 -3.57 -5.95
N ILE A 78 2.34 -3.68 -4.87
CA ILE A 78 2.48 -4.77 -3.94
C ILE A 78 1.60 -5.93 -4.37
N GLN A 79 0.48 -5.57 -4.99
CA GLN A 79 -0.49 -6.56 -5.46
C GLN A 79 0.21 -7.78 -6.03
N ASN A 80 1.39 -7.56 -6.58
CA ASN A 80 2.18 -8.64 -7.17
C ASN A 80 2.43 -9.73 -6.14
N ILE A 81 2.54 -9.29 -4.89
CA ILE A 81 2.81 -10.19 -3.77
C ILE A 81 3.54 -11.45 -4.22
N PRO A 82 4.67 -11.29 -4.93
CA PRO A 82 5.47 -12.41 -5.40
C PRO A 82 6.62 -12.71 -4.47
N GLU A 83 6.78 -11.84 -3.48
CA GLU A 83 7.84 -11.99 -2.49
C GLU A 83 7.81 -13.36 -1.84
N PRO A 84 6.61 -13.88 -1.54
CA PRO A 84 6.44 -15.20 -0.91
C PRO A 84 6.97 -16.33 -1.80
N HIS A 85 8.21 -16.18 -2.27
CA HIS A 85 8.82 -17.19 -3.13
C HIS A 85 8.15 -17.19 -4.49
N GLU A 86 7.90 -16.00 -5.01
CA GLU A 86 7.25 -15.84 -6.30
C GLU A 86 8.07 -14.97 -7.25
N LEU A 87 8.90 -14.11 -6.68
CA LEU A 87 9.73 -13.21 -7.47
C LEU A 87 11.16 -13.73 -7.57
N PRO A 88 11.87 -13.38 -8.65
CA PRO A 88 13.26 -13.82 -8.87
C PRO A 88 14.21 -13.23 -7.84
N LEU A 89 13.88 -13.41 -6.56
CA LEU A 89 14.70 -12.92 -5.46
C LEU A 89 15.39 -11.59 -5.78
N LYS A 90 16.38 -11.25 -4.95
CA LYS A 90 17.14 -10.02 -5.13
C LYS A 90 16.24 -8.82 -5.31
N SER A 91 15.01 -8.96 -4.86
CA SER A 91 14.02 -7.89 -4.99
C SER A 91 14.09 -6.92 -3.82
N ASP A 92 13.48 -5.75 -3.98
CA ASP A 92 13.48 -4.74 -2.93
C ASP A 92 12.29 -3.79 -3.09
N TYR A 93 11.49 -3.67 -2.03
CA TYR A 93 10.33 -2.78 -2.05
C TYR A 93 10.44 -1.74 -0.95
N HIS A 94 10.12 -0.49 -1.28
CA HIS A 94 10.21 0.59 -0.30
C HIS A 94 8.97 1.46 -0.31
N VAL A 95 8.38 1.65 0.87
CA VAL A 95 7.19 2.48 1.01
C VAL A 95 7.17 3.14 2.39
N PHE A 96 7.02 4.47 2.42
CA PHE A 96 7.01 5.21 3.67
C PHE A 96 6.50 6.63 3.45
N ARG A 97 6.18 7.30 4.56
CA ARG A 97 5.69 8.67 4.49
C ARG A 97 6.82 9.65 4.76
N ASN A 98 6.46 10.93 4.85
CA ASN A 98 7.44 11.99 5.10
C ASN A 98 7.85 12.00 6.57
N ASP A 99 7.30 11.08 7.34
CA ASP A 99 7.61 10.99 8.76
C ASP A 99 9.10 10.74 8.99
N VAL A 100 9.76 10.12 8.01
CA VAL A 100 11.17 9.84 8.13
C VAL A 100 12.00 10.69 7.15
N ARG A 101 12.98 10.10 6.49
CA ARG A 101 13.82 10.83 5.56
C ARG A 101 13.61 10.35 4.11
N PRO A 102 14.46 10.82 3.17
CA PRO A 102 14.33 10.46 1.75
C PRO A 102 14.71 9.02 1.41
N GLU A 103 15.52 8.34 2.23
CA GLU A 103 15.91 6.96 1.92
C GLU A 103 16.57 6.30 3.12
N TRP A 104 16.67 4.97 3.10
CA TRP A 104 17.30 4.24 4.18
C TRP A 104 18.61 4.88 4.56
N GLU A 105 19.18 5.61 3.60
CA GLU A 105 20.43 6.31 3.82
C GLU A 105 20.20 7.41 4.86
N ASP A 106 18.93 7.67 5.14
CA ASP A 106 18.52 8.68 6.11
C ASP A 106 17.23 8.28 6.84
N GLU A 107 16.33 7.60 6.13
CA GLU A 107 15.08 7.14 6.72
C GLU A 107 15.39 6.26 7.93
N ALA A 108 16.36 5.40 7.73
CA ALA A 108 16.82 4.51 8.78
C ALA A 108 17.63 5.28 9.79
N ASN A 109 18.02 6.47 9.38
CA ASN A 109 18.79 7.39 10.21
C ASN A 109 17.83 8.23 11.02
N ALA A 110 16.63 8.40 10.47
CA ALA A 110 15.58 9.17 11.09
C ALA A 110 14.70 8.27 11.95
N LYS A 111 14.08 7.28 11.31
CA LYS A 111 13.22 6.34 12.00
C LYS A 111 13.84 5.94 13.33
N GLY A 112 15.14 5.72 13.30
CA GLY A 112 15.84 5.35 14.51
C GLY A 112 16.10 3.85 14.61
N GLY A 113 15.14 3.02 14.18
CA GLY A 113 15.33 1.58 14.27
C GLY A 113 14.87 0.84 13.03
N LYS A 114 15.59 -0.22 12.68
CA LYS A 114 15.26 -1.03 11.51
C LYS A 114 14.99 -2.47 11.90
N TRP A 115 13.72 -2.84 11.95
CA TRP A 115 13.32 -4.20 12.31
C TRP A 115 13.24 -5.07 11.07
N SER A 116 14.29 -5.85 10.83
CA SER A 116 14.33 -6.72 9.65
C SER A 116 14.00 -8.17 10.03
N PHE A 117 13.76 -8.99 9.01
CA PHE A 117 13.44 -10.40 9.22
C PHE A 117 14.02 -11.26 8.10
N GLN A 118 15.10 -11.97 8.41
CA GLN A 118 15.75 -12.83 7.43
C GLN A 118 15.04 -14.19 7.35
N LEU A 119 14.67 -14.59 6.14
CA LEU A 119 13.99 -15.86 5.94
C LEU A 119 14.73 -16.74 4.94
N CYS A 120 15.03 -17.96 5.35
CA CYS A 120 15.74 -18.90 4.47
C CYS A 120 14.88 -20.12 4.18
N GLY A 121 13.79 -20.26 4.93
CA GLY A 121 12.89 -21.39 4.72
C GLY A 121 11.44 -20.96 4.61
N LYS A 122 11.17 -20.02 3.71
CA LYS A 122 9.82 -19.54 3.51
C LYS A 122 9.13 -20.27 2.36
N GLY A 123 7.86 -19.97 2.14
CA GLY A 123 7.12 -20.60 1.07
C GLY A 123 5.66 -20.82 1.42
N ALA A 124 4.85 -19.80 1.19
CA ALA A 124 3.42 -19.88 1.49
C ALA A 124 2.74 -18.55 1.23
N ASP A 125 2.94 -17.60 2.15
CA ASP A 125 2.34 -16.28 2.02
C ASP A 125 2.62 -15.44 3.26
N ILE A 126 3.79 -15.63 3.86
CA ILE A 126 4.17 -14.89 5.06
C ILE A 126 4.32 -13.40 4.73
N ASP A 127 4.86 -13.11 3.56
CA ASP A 127 5.05 -11.73 3.13
C ASP A 127 3.71 -11.04 2.95
N GLU A 128 2.63 -11.81 2.98
CA GLU A 128 1.29 -11.26 2.81
C GLU A 128 0.68 -10.83 4.14
N LEU A 129 0.94 -11.63 5.17
CA LEU A 129 0.42 -11.35 6.50
C LEU A 129 1.05 -10.10 7.10
N TRP A 130 2.38 -10.01 7.02
CA TRP A 130 3.07 -8.85 7.55
C TRP A 130 2.76 -7.66 6.66
N LEU A 131 2.76 -7.94 5.37
CA LEU A 131 2.45 -6.94 4.38
C LEU A 131 1.10 -6.32 4.67
N CYS A 132 0.08 -7.17 4.80
CA CYS A 132 -1.24 -6.68 5.11
C CYS A 132 -1.12 -5.74 6.30
N THR A 133 -0.09 -6.00 7.10
CA THR A 133 0.17 -5.18 8.28
C THR A 133 0.75 -3.84 7.85
N LEU A 134 1.55 -3.87 6.79
CA LEU A 134 2.15 -2.67 6.25
C LEU A 134 1.18 -1.95 5.32
N LEU A 135 0.19 -2.70 4.84
CA LEU A 135 -0.83 -2.14 3.95
C LEU A 135 -1.63 -1.09 4.70
N ALA A 136 -1.95 -1.39 5.94
CA ALA A 136 -2.70 -0.48 6.79
C ALA A 136 -1.78 0.56 7.42
N VAL A 137 -0.51 0.18 7.52
CA VAL A 137 0.51 1.02 8.12
C VAL A 137 0.99 2.13 7.18
N ILE A 138 0.61 2.07 5.91
CA ILE A 138 1.04 3.09 4.97
C ILE A 138 0.19 4.35 5.12
N GLY A 139 -1.12 4.19 5.00
CA GLY A 139 -2.03 5.31 5.12
C GLY A 139 -2.88 5.24 6.37
N GLU A 140 -2.76 4.13 7.10
CA GLU A 140 -3.53 3.92 8.32
C GLU A 140 -2.58 3.56 9.46
N THR A 141 -1.52 4.35 9.59
CA THR A 141 -0.54 4.14 10.64
C THR A 141 -0.59 5.26 11.66
N ILE A 142 -0.50 6.51 11.17
CA ILE A 142 -0.56 7.69 12.03
C ILE A 142 -1.33 7.37 13.30
N ASP A 143 -2.44 6.68 13.07
CA ASP A 143 -3.32 6.26 14.16
C ASP A 143 -2.53 5.56 15.26
N GLU A 144 -3.24 4.95 16.20
CA GLU A 144 -2.59 4.25 17.30
C GLU A 144 -1.99 2.92 16.82
N ASP A 145 -2.19 2.61 15.54
CA ASP A 145 -1.68 1.37 14.96
C ASP A 145 -0.15 1.35 15.00
N ASP A 146 0.46 2.14 14.11
CA ASP A 146 1.92 2.21 14.02
C ASP A 146 2.40 3.63 14.25
N SER A 147 1.79 4.30 15.22
CA SER A 147 2.15 5.67 15.55
C SER A 147 3.64 5.78 15.85
N GLN A 148 4.18 4.72 16.44
CA GLN A 148 5.60 4.69 16.78
C GLN A 148 6.41 4.11 15.61
N ILE A 149 5.83 4.20 14.42
CA ILE A 149 6.47 3.67 13.22
C ILE A 149 6.60 4.77 12.16
N ASN A 150 7.37 4.48 11.11
CA ASN A 150 7.57 5.44 10.02
C ASN A 150 7.31 4.78 8.66
N GLY A 151 7.89 3.61 8.44
CA GLY A 151 7.70 2.93 7.17
C GLY A 151 8.34 1.56 7.15
N VAL A 152 8.14 0.83 6.04
CA VAL A 152 8.69 -0.51 5.91
C VAL A 152 9.45 -0.70 4.60
N VAL A 153 10.38 -1.65 4.62
CA VAL A 153 11.20 -1.97 3.45
C VAL A 153 11.20 -3.47 3.19
N LEU A 154 11.59 -3.85 1.99
CA LEU A 154 11.66 -5.25 1.61
C LEU A 154 12.93 -5.53 0.83
N SER A 155 13.48 -6.74 0.96
CA SER A 155 14.70 -7.09 0.25
C SER A 155 14.86 -8.59 0.15
N ILE A 156 14.56 -9.12 -1.02
CA ILE A 156 14.68 -10.54 -1.27
C ILE A 156 16.02 -10.86 -1.90
N ARG A 157 16.54 -12.05 -1.63
CA ARG A 157 17.81 -12.50 -2.17
C ARG A 157 17.77 -13.99 -2.48
N LYS A 158 18.72 -14.46 -3.27
CA LYS A 158 18.78 -15.87 -3.63
C LYS A 158 18.35 -16.75 -2.47
N GLY A 159 17.19 -17.39 -2.61
CA GLY A 159 16.69 -18.25 -1.55
C GLY A 159 16.94 -17.68 -0.17
N GLY A 160 16.62 -16.40 0.01
CA GLY A 160 16.82 -15.76 1.29
C GLY A 160 16.16 -14.39 1.36
N ASN A 161 14.85 -14.38 1.56
CA ASN A 161 14.11 -13.13 1.65
C ASN A 161 14.48 -12.38 2.91
N LYS A 162 14.40 -11.05 2.85
CA LYS A 162 14.72 -10.22 4.01
C LYS A 162 13.96 -8.91 3.96
N PHE A 163 12.99 -8.77 4.86
CA PHE A 163 12.19 -7.57 4.92
C PHE A 163 12.60 -6.69 6.10
N ALA A 164 12.38 -5.40 5.96
CA ALA A 164 12.73 -4.44 6.99
C ALA A 164 11.51 -3.65 7.45
N LEU A 165 11.49 -3.31 8.73
CA LEU A 165 10.40 -2.53 9.31
C LEU A 165 10.97 -1.31 10.02
N TRP A 166 10.76 -0.13 9.43
CA TRP A 166 11.28 1.10 10.00
C TRP A 166 10.32 1.68 11.00
N THR A 167 10.86 2.04 12.16
CA THR A 167 10.05 2.59 13.23
C THR A 167 10.50 3.98 13.63
N LYS A 168 9.59 4.94 13.55
CA LYS A 168 9.90 6.31 13.92
C LYS A 168 10.76 6.35 15.19
N CYS A 169 10.51 5.38 16.08
CA CYS A 169 11.24 5.24 17.34
C CYS A 169 10.23 5.06 18.49
N GLU A 170 9.59 6.16 18.84
CA GLU A 170 8.59 6.17 19.91
C GLU A 170 8.87 5.09 20.95
N ASP A 171 10.15 4.89 21.25
CA ASP A 171 10.57 3.89 22.23
C ASP A 171 10.78 2.54 21.56
N LYS A 172 11.88 1.90 21.90
CA LYS A 172 12.22 0.60 21.32
C LYS A 172 11.44 -0.51 22.01
N GLU A 173 11.09 -0.32 23.27
CA GLU A 173 10.33 -1.32 23.99
C GLU A 173 9.18 -1.81 23.13
N PRO A 174 8.33 -0.88 22.67
CA PRO A 174 7.19 -1.21 21.82
C PRO A 174 7.64 -1.88 20.54
N LEU A 175 8.90 -1.67 20.14
CA LEU A 175 9.42 -2.28 18.93
C LEU A 175 9.66 -3.76 19.16
N LEU A 176 10.45 -4.08 20.17
CA LEU A 176 10.72 -5.46 20.50
C LEU A 176 9.39 -6.21 20.54
N ARG A 177 8.32 -5.47 20.78
CA ARG A 177 6.98 -6.04 20.84
C ARG A 177 6.47 -6.32 19.43
N ILE A 178 6.54 -5.31 18.58
CA ILE A 178 6.09 -5.44 17.20
C ILE A 178 6.93 -6.48 16.47
N GLY A 179 8.26 -6.32 16.55
CA GLY A 179 9.15 -7.26 15.90
C GLY A 179 8.78 -8.70 16.21
N GLY A 180 8.56 -8.99 17.49
CA GLY A 180 8.18 -10.33 17.90
C GLY A 180 7.00 -10.85 17.11
N LYS A 181 5.93 -10.06 17.07
CA LYS A 181 4.74 -10.43 16.33
C LYS A 181 5.05 -10.65 14.86
N PHE A 182 5.76 -9.69 14.27
CA PHE A 182 6.13 -9.76 12.87
C PHE A 182 7.07 -10.95 12.64
N LYS A 183 7.75 -11.37 13.71
CA LYS A 183 8.67 -12.49 13.64
C LYS A 183 7.94 -13.77 13.27
N GLN A 184 6.86 -14.06 13.98
CA GLN A 184 6.07 -15.26 13.72
C GLN A 184 5.43 -15.20 12.34
N VAL A 185 5.03 -14.00 11.93
CA VAL A 185 4.42 -13.82 10.62
C VAL A 185 5.26 -14.51 9.57
N LEU A 186 6.57 -14.53 9.80
CA LEU A 186 7.49 -15.16 8.88
C LEU A 186 7.21 -16.65 8.80
N LYS A 187 6.40 -17.13 9.74
CA LYS A 187 6.02 -18.54 9.79
C LYS A 187 7.18 -19.41 10.28
N LEU A 188 8.00 -18.85 11.16
CA LEU A 188 9.14 -19.59 11.70
C LEU A 188 8.68 -20.48 12.86
N THR A 189 9.60 -20.79 13.77
CA THR A 189 9.28 -21.64 14.90
C THR A 189 10.50 -21.91 15.77
N ASP A 190 10.80 -20.97 16.66
CA ASP A 190 11.93 -21.09 17.56
C ASP A 190 13.20 -20.57 16.89
N ASP A 191 13.15 -20.41 15.57
CA ASP A 191 14.29 -19.91 14.82
C ASP A 191 14.59 -18.47 15.19
N GLY A 192 13.65 -17.84 15.90
CA GLY A 192 13.83 -16.46 16.32
C GLY A 192 13.56 -15.48 15.19
N HIS A 193 14.22 -15.69 14.05
CA HIS A 193 14.07 -14.84 12.89
C HIS A 193 13.59 -13.43 13.24
N LEU A 194 14.52 -12.50 13.22
CA LEU A 194 14.23 -11.10 13.53
C LEU A 194 15.50 -10.27 13.52
N GLU A 195 15.37 -8.99 13.16
CA GLU A 195 16.53 -8.10 13.12
C GLU A 195 16.25 -6.79 13.85
N PHE A 196 17.24 -6.32 14.60
CA PHE A 196 17.12 -5.07 15.34
C PHE A 196 18.36 -4.22 15.17
N PHE A 197 18.28 -3.25 14.27
CA PHE A 197 19.40 -2.37 13.98
C PHE A 197 19.06 -0.91 14.32
N PRO A 198 19.90 -0.26 15.14
CA PRO A 198 19.70 1.13 15.54
C PRO A 198 20.21 2.11 14.49
N HIS A 199 19.41 3.13 14.19
CA HIS A 199 19.79 4.14 13.21
C HIS A 199 21.26 4.51 13.36
N CYS A 200 21.67 4.78 14.60
CA CYS A 200 23.05 5.15 14.88
C CYS A 200 24.01 4.24 14.13
N SER A 201 23.58 3.01 13.87
CA SER A 201 24.39 2.04 13.15
C SER A 201 23.83 1.79 11.76
N ALA A 202 22.57 2.18 11.57
CA ALA A 202 21.91 2.01 10.28
C ALA A 202 22.15 0.63 9.71
N ASN A 203 21.84 -0.40 10.50
CA ASN A 203 22.03 -1.78 10.07
C ASN A 203 23.50 -2.12 9.91
N GLY A 204 24.20 -2.22 11.03
CA GLY A 204 25.62 -2.54 11.00
C GLY A 204 26.37 -1.79 9.91
N ARG A 205 25.89 -0.60 9.56
CA ARG A 205 26.53 0.20 8.52
C ARG A 205 28.03 0.29 8.77
N HIS A 206 28.42 0.10 10.02
CA HIS A 206 29.82 0.15 10.41
C HIS A 206 30.01 -0.33 11.84
N PRO A 207 29.26 0.26 12.78
CA PRO A 207 29.32 -0.09 14.21
C PRO A 207 28.79 -1.50 14.46
N GLN A 208 28.17 -1.69 15.62
CA GLN A 208 27.62 -2.99 15.98
C GLN A 208 26.09 -2.91 16.09
N PRO A 209 25.38 -3.77 15.35
CA PRO A 209 23.91 -3.80 15.38
C PRO A 209 23.36 -4.01 16.78
N SER A 210 22.19 -4.63 16.88
CA SER A 210 21.57 -4.89 18.16
C SER A 210 21.40 -6.39 18.37
N ILE A 211 20.66 -7.02 17.46
CA ILE A 211 20.43 -8.45 17.54
C ILE A 211 19.93 -8.99 16.20
N THR A 212 20.01 -10.31 16.04
CA THR A 212 19.57 -10.96 14.81
C THR A 212 19.10 -12.37 15.10
N LEU A 213 17.80 -12.51 15.29
CA LEU A 213 17.20 -13.80 15.57
C LEU A 213 16.84 -14.53 14.29
N GLY B 1 -18.70 -40.50 -53.49
CA GLY B 1 -17.65 -41.38 -52.89
C GLY B 1 -16.91 -40.72 -51.75
N SER B 2 -16.09 -41.48 -51.04
CA SER B 2 -15.33 -40.96 -49.92
C SER B 2 -13.86 -41.37 -50.02
N ILE B 3 -12.99 -40.52 -49.51
CA ILE B 3 -11.55 -40.80 -49.53
C ILE B 3 -11.12 -41.60 -48.31
N GLY B 4 -11.75 -42.74 -48.11
CA GLY B 4 -11.43 -43.59 -46.97
C GLY B 4 -12.12 -43.14 -45.70
N LEU B 5 -12.16 -44.02 -44.70
CA LEU B 5 -12.80 -43.71 -43.43
C LEU B 5 -11.94 -44.18 -42.26
N GLU B 6 -10.64 -44.27 -42.50
CA GLU B 6 -9.71 -44.71 -41.45
C GLU B 6 -8.69 -43.62 -41.15
N ALA B 7 -9.13 -42.59 -40.44
CA ALA B 7 -8.26 -41.48 -40.07
C ALA B 7 -8.46 -41.07 -38.62
N GLU B 8 -7.43 -40.50 -38.02
CA GLU B 8 -7.50 -40.06 -36.62
C GLU B 8 -7.30 -38.55 -36.52
N ILE B 9 -8.31 -37.86 -35.97
CA ILE B 9 -8.24 -36.41 -35.80
C ILE B 9 -8.10 -36.04 -34.33
N GLU B 10 -7.32 -35.00 -34.07
CA GLU B 10 -7.10 -34.53 -32.71
C GLU B 10 -6.88 -33.02 -32.67
N THR B 11 -7.77 -32.31 -31.98
CA THR B 11 -7.67 -30.86 -31.88
C THR B 11 -6.85 -30.46 -30.66
N THR B 12 -5.85 -29.61 -30.88
CA THR B 12 -4.99 -29.15 -29.80
C THR B 12 -5.47 -27.82 -29.24
N THR B 13 -6.44 -27.88 -28.34
CA THR B 13 -7.01 -26.67 -27.74
C THR B 13 -6.57 -26.55 -26.28
N ASP B 14 -5.40 -27.11 -25.96
CA ASP B 14 -4.88 -27.05 -24.60
C ASP B 14 -3.89 -25.90 -24.45
N GLU B 15 -3.51 -25.62 -23.20
CA GLU B 15 -2.56 -24.55 -22.92
C GLU B 15 -3.18 -23.19 -23.24
N THR B 16 -3.13 -22.29 -22.26
CA THR B 16 -3.68 -20.95 -22.43
C THR B 16 -2.78 -19.90 -21.79
N ASP B 17 -2.85 -18.67 -22.29
CA ASP B 17 -2.03 -17.59 -21.76
C ASP B 17 -2.81 -16.27 -21.77
N ASP B 18 -4.01 -16.29 -21.22
CA ASP B 18 -4.85 -15.11 -21.15
C ASP B 18 -5.46 -14.93 -19.76
N GLY B 19 -6.35 -13.96 -19.64
CA GLY B 19 -7.00 -13.70 -18.36
C GLY B 19 -6.11 -12.92 -17.41
N THR B 20 -5.08 -12.28 -17.96
CA THR B 20 -4.16 -11.50 -17.16
C THR B 20 -4.68 -10.08 -16.95
N ASN B 21 -4.81 -9.68 -15.70
CA ASN B 21 -5.30 -8.35 -15.36
C ASN B 21 -4.17 -7.32 -15.37
N THR B 22 -4.44 -6.15 -15.93
CA THR B 22 -3.44 -5.08 -16.01
C THR B 22 -3.97 -3.79 -15.39
N VAL B 23 -3.06 -2.93 -14.94
CA VAL B 23 -3.43 -1.67 -14.33
C VAL B 23 -3.96 -0.69 -15.38
N SER B 24 -3.46 -0.83 -16.61
CA SER B 24 -3.87 0.05 -17.70
C SER B 24 -5.38 0.05 -17.86
N HIS B 25 -5.97 -1.14 -17.89
CA HIS B 25 -7.42 -1.27 -18.02
C HIS B 25 -8.12 -0.44 -16.96
N ILE B 26 -7.80 -0.71 -15.71
CA ILE B 26 -8.39 0.02 -14.59
C ILE B 26 -7.96 1.48 -14.61
N LEU B 27 -6.79 1.72 -15.18
CA LEU B 27 -6.25 3.07 -15.28
C LEU B 27 -7.18 3.97 -16.09
N ASN B 28 -7.54 3.51 -17.29
CA ASN B 28 -8.43 4.26 -18.15
C ASN B 28 -9.78 4.48 -17.49
N VAL B 29 -10.24 3.45 -16.77
CA VAL B 29 -11.52 3.52 -16.07
C VAL B 29 -11.42 4.43 -14.85
N LEU B 30 -10.25 4.44 -14.22
CA LEU B 30 -10.03 5.26 -13.04
C LEU B 30 -10.05 6.74 -13.40
N LYS B 31 -9.62 7.06 -14.62
CA LYS B 31 -9.59 8.44 -15.08
C LYS B 31 -10.89 9.16 -14.71
N ASP B 32 -11.96 8.40 -14.56
CA ASP B 32 -13.26 8.96 -14.20
C ASP B 32 -13.54 8.80 -12.70
N ALA B 33 -12.47 8.84 -11.91
CA ALA B 33 -12.60 8.71 -10.46
C ALA B 33 -11.99 9.91 -9.74
N THR B 34 -12.57 10.26 -8.59
CA THR B 34 -12.08 11.39 -7.80
C THR B 34 -13.10 11.79 -6.75
N PRO B 35 -14.28 12.23 -7.19
CA PRO B 35 -15.37 12.64 -6.29
C PRO B 35 -15.45 11.78 -5.04
N ILE B 36 -14.67 12.13 -4.02
CA ILE B 36 -14.66 11.38 -2.78
C ILE B 36 -14.84 12.28 -1.57
N GLU B 37 -15.72 11.87 -0.66
CA GLU B 37 -15.96 12.62 0.57
C GLU B 37 -15.05 12.11 1.68
N ASP B 38 -14.47 10.93 1.43
CA ASP B 38 -13.56 10.25 2.36
C ASP B 38 -14.04 8.82 2.65
N VAL B 39 -13.10 7.93 2.91
CA VAL B 39 -13.41 6.54 3.21
C VAL B 39 -14.70 6.41 3.98
N PHE B 40 -14.60 6.65 5.26
CA PHE B 40 -15.75 6.59 6.13
C PHE B 40 -16.81 7.58 5.65
N SER B 41 -16.43 8.44 4.70
CA SER B 41 -17.37 9.41 4.16
C SER B 41 -18.12 8.82 2.96
N PHE B 42 -17.52 7.82 2.32
CA PHE B 42 -18.18 7.18 1.17
C PHE B 42 -18.43 5.71 1.41
N ASN B 43 -19.71 5.33 1.36
CA ASN B 43 -20.11 3.94 1.55
C ASN B 43 -19.98 3.18 0.24
N TYR B 44 -19.04 2.25 0.20
CA TYR B 44 -18.81 1.45 -1.00
C TYR B 44 -20.01 0.54 -1.27
N PRO B 45 -20.30 0.28 -2.56
CA PRO B 45 -21.43 -0.56 -2.96
C PRO B 45 -21.49 -1.87 -2.17
N GLU B 46 -22.55 -2.64 -2.41
CA GLU B 46 -22.74 -3.92 -1.72
C GLU B 46 -21.42 -4.68 -1.60
N GLY B 47 -21.43 -5.74 -0.80
CA GLY B 47 -20.24 -6.54 -0.61
C GLY B 47 -19.44 -6.10 0.59
N ILE B 48 -19.27 -4.79 0.75
CA ILE B 48 -18.52 -4.24 1.87
C ILE B 48 -19.02 -2.86 2.25
N GLU B 49 -18.45 -2.29 3.31
CA GLU B 49 -18.85 -0.97 3.78
C GLU B 49 -17.93 -0.49 4.90
N GLY B 50 -17.29 0.65 4.69
CA GLY B 50 -16.39 1.19 5.69
C GLY B 50 -16.92 2.45 6.35
N PRO B 51 -17.74 2.31 7.39
CA PRO B 51 -18.33 3.44 8.10
C PRO B 51 -17.45 3.98 9.23
N ASP B 52 -17.14 3.11 10.21
CA ASP B 52 -16.31 3.51 11.34
C ASP B 52 -15.14 2.56 11.54
N ILE B 53 -15.11 1.48 10.76
CA ILE B 53 -14.04 0.47 10.84
C ILE B 53 -12.79 1.00 11.54
N LYS B 54 -11.94 1.71 10.80
CA LYS B 54 -10.71 2.26 11.35
C LYS B 54 -10.94 3.68 11.89
N TYR B 55 -12.09 4.25 11.58
CA TYR B 55 -12.42 5.60 12.02
C TYR B 55 -12.29 5.71 13.54
N LYS B 56 -12.28 4.57 14.21
CA LYS B 56 -12.16 4.52 15.66
C LYS B 56 -10.71 4.64 16.11
N LYS B 57 -9.78 4.55 15.16
CA LYS B 57 -8.35 4.62 15.47
C LYS B 57 -8.11 5.51 16.68
N GLU B 58 -8.83 6.62 16.72
CA GLU B 58 -8.75 7.58 17.83
C GLU B 58 -9.53 8.84 17.49
N HIS B 59 -9.21 9.40 16.33
CA HIS B 59 -9.87 10.63 15.89
C HIS B 59 -9.50 10.95 14.45
N VAL B 60 -9.15 9.92 13.67
CA VAL B 60 -8.79 10.14 12.28
C VAL B 60 -9.78 9.48 11.33
N LYS B 61 -10.11 10.19 10.26
CA LYS B 61 -11.04 9.70 9.26
C LYS B 61 -10.30 9.12 8.06
N TYR B 62 -9.04 9.52 7.92
CA TYR B 62 -8.22 9.04 6.82
C TYR B 62 -7.57 7.71 7.16
N THR B 63 -8.37 6.79 7.69
CA THR B 63 -7.89 5.47 8.05
C THR B 63 -8.73 4.40 7.35
N TYR B 64 -8.12 3.67 6.43
CA TYR B 64 -8.82 2.63 5.70
C TYR B 64 -8.63 1.29 6.40
N GLY B 65 -9.70 0.75 6.96
CA GLY B 65 -9.63 -0.52 7.65
C GLY B 65 -8.67 -1.48 6.99
N PRO B 66 -7.81 -2.15 7.79
CA PRO B 66 -6.83 -3.10 7.26
C PRO B 66 -7.47 -4.09 6.31
N THR B 67 -8.61 -4.65 6.71
CA THR B 67 -9.32 -5.61 5.87
C THR B 67 -9.92 -4.92 4.65
N PHE B 68 -10.30 -3.65 4.81
CA PHE B 68 -10.87 -2.88 3.72
C PHE B 68 -9.85 -2.78 2.59
N LEU B 69 -8.71 -2.15 2.89
CA LEU B 69 -7.65 -2.00 1.92
C LEU B 69 -7.39 -3.33 1.23
N LEU B 70 -7.61 -4.42 1.98
CA LEU B 70 -7.42 -5.76 1.45
C LEU B 70 -8.30 -5.96 0.22
N GLN B 71 -9.55 -5.50 0.33
CA GLN B 71 -10.50 -5.61 -0.77
C GLN B 71 -9.91 -4.94 -2.00
N PHE B 72 -9.27 -3.79 -1.79
CA PHE B 72 -8.63 -3.06 -2.88
C PHE B 72 -7.72 -3.99 -3.67
N LYS B 73 -6.98 -4.82 -2.95
CA LYS B 73 -6.06 -5.76 -3.57
C LYS B 73 -6.80 -6.70 -4.52
N ASP B 74 -7.91 -7.26 -4.05
CA ASP B 74 -8.72 -8.17 -4.86
C ASP B 74 -8.98 -7.58 -6.25
N LYS B 75 -9.36 -6.31 -6.29
CA LYS B 75 -9.64 -5.64 -7.55
C LYS B 75 -8.39 -4.98 -8.12
N LEU B 76 -7.37 -4.84 -7.27
CA LEU B 76 -6.10 -4.23 -7.69
C LEU B 76 -5.19 -5.26 -8.33
N ASN B 77 -5.65 -6.51 -8.40
CA ASN B 77 -4.86 -7.61 -8.98
C ASN B 77 -4.21 -7.18 -10.29
N VAL B 78 -3.07 -6.51 -10.19
CA VAL B 78 -2.34 -6.04 -11.37
C VAL B 78 -0.91 -5.68 -11.01
N LYS B 79 -0.28 -4.86 -11.85
CA LYS B 79 1.10 -4.44 -11.62
C LYS B 79 1.35 -3.07 -12.23
N ALA B 80 1.16 -2.02 -11.44
CA ALA B 80 1.37 -0.66 -11.92
C ALA B 80 2.52 0.02 -11.21
N ASP B 81 2.76 1.28 -11.60
CA ASP B 81 3.82 2.10 -11.03
C ASP B 81 4.36 3.05 -12.08
N ALA B 82 4.32 2.64 -13.34
CA ALA B 82 4.83 3.46 -14.43
C ALA B 82 3.72 4.29 -15.08
N GLU B 83 2.80 3.61 -15.76
CA GLU B 83 1.70 4.28 -16.44
C GLU B 83 0.67 4.76 -15.42
N TRP B 84 0.42 3.94 -14.42
CA TRP B 84 -0.53 4.28 -13.37
C TRP B 84 -0.15 5.61 -12.74
N VAL B 85 1.14 5.76 -12.41
CA VAL B 85 1.63 6.98 -11.81
C VAL B 85 1.30 8.18 -12.68
N GLN B 86 1.58 8.07 -13.98
CA GLN B 86 1.28 9.15 -14.90
C GLN B 86 -0.15 9.65 -14.67
N SER B 87 -1.02 8.72 -14.26
CA SER B 87 -2.41 9.05 -14.00
C SER B 87 -2.63 9.39 -12.53
N THR B 88 -1.88 8.73 -11.65
CA THR B 88 -2.00 8.95 -10.20
C THR B 88 -2.15 10.44 -9.89
N ALA B 89 -1.49 11.27 -10.69
CA ALA B 89 -1.55 12.71 -10.50
C ALA B 89 -2.99 13.20 -10.32
N SER B 90 -3.95 12.40 -10.77
CA SER B 90 -5.35 12.77 -10.67
C SER B 90 -5.96 12.35 -9.32
N LYS B 91 -5.27 11.46 -8.60
CA LYS B 91 -5.77 11.01 -7.31
C LYS B 91 -6.41 12.16 -6.54
N ILE B 92 -7.48 11.88 -5.81
CA ILE B 92 -8.19 12.89 -5.05
C ILE B 92 -7.66 13.01 -3.62
N VAL B 93 -7.54 14.24 -3.15
CA VAL B 93 -7.06 14.51 -1.79
C VAL B 93 -8.08 15.32 -1.00
N ILE B 94 -8.24 14.99 0.28
CA ILE B 94 -9.20 15.69 1.12
C ILE B 94 -8.49 16.48 2.21
N PRO B 95 -8.88 17.76 2.39
CA PRO B 95 -8.28 18.64 3.40
C PRO B 95 -8.38 18.05 4.81
N PRO B 96 -7.26 18.02 5.54
CA PRO B 96 -7.21 17.48 6.91
C PRO B 96 -7.92 18.40 7.90
N GLY B 97 -9.15 18.02 8.26
CA GLY B 97 -9.93 18.83 9.19
C GLY B 97 -10.71 19.93 8.51
N MET B 98 -10.08 21.09 8.37
CA MET B 98 -10.72 22.24 7.72
C MET B 98 -10.80 22.03 6.22
N GLY B 99 -10.90 23.14 5.49
CA GLY B 99 -10.97 23.07 4.04
C GLY B 99 -11.96 24.06 3.46
N ARG B 100 -11.85 25.32 3.88
CA ARG B 100 -12.75 26.35 3.39
C ARG B 100 -12.47 26.68 1.94
N MET A 1 14.35 16.97 -27.95
CA MET A 1 12.98 17.04 -27.37
C MET A 1 11.95 17.41 -28.43
N SER A 2 11.32 16.40 -29.02
CA SER A 2 10.31 16.62 -30.05
C SER A 2 9.17 17.49 -29.51
N VAL A 3 8.32 17.95 -30.42
CA VAL A 3 7.18 18.79 -30.04
C VAL A 3 6.08 17.96 -29.39
N GLU A 4 5.24 18.61 -28.59
CA GLU A 4 4.15 17.93 -27.92
C GLU A 4 3.25 18.93 -27.18
N GLU A 5 3.87 19.96 -26.61
CA GLU A 5 3.13 20.98 -25.87
C GLU A 5 3.94 22.27 -25.79
N VAL A 6 4.63 22.61 -26.88
CA VAL A 6 5.43 23.82 -26.93
C VAL A 6 4.77 24.89 -27.80
N SER A 7 3.51 24.65 -28.17
CA SER A 7 2.77 25.59 -28.99
C SER A 7 1.73 26.35 -28.17
N LYS A 8 2.00 26.48 -26.88
CA LYS A 8 1.09 27.19 -25.97
C LYS A 8 -0.35 26.71 -26.19
N LYS A 9 -1.28 27.34 -25.48
CA LYS A 9 -2.69 26.99 -25.59
C LYS A 9 -2.93 25.55 -25.13
N PHE A 10 -3.97 25.35 -24.35
CA PHE A 10 -4.31 24.02 -23.84
C PHE A 10 -5.40 23.37 -24.70
N GLU A 11 -5.21 22.10 -25.02
CA GLU A 11 -6.17 21.36 -25.83
C GLU A 11 -7.18 20.63 -24.95
N GLU A 12 -7.29 21.08 -23.69
CA GLU A 12 -8.23 20.47 -22.75
C GLU A 12 -9.40 21.40 -22.48
N ASN A 13 -10.40 20.89 -21.75
CA ASN A 13 -11.57 21.67 -21.41
C ASN A 13 -12.73 20.76 -21.01
N VAL A 14 -12.90 20.57 -19.70
CA VAL A 14 -13.98 19.73 -19.18
C VAL A 14 -14.49 20.24 -17.84
N SER A 15 -14.58 21.56 -17.71
CA SER A 15 -15.04 22.17 -16.48
C SER A 15 -16.55 22.01 -16.32
N VAL A 16 -16.96 21.03 -15.52
CA VAL A 16 -18.37 20.76 -15.29
C VAL A 16 -18.60 20.09 -13.95
N ASP A 17 -19.78 20.28 -13.38
CA ASP A 17 -20.13 19.70 -12.09
C ASP A 17 -20.00 18.18 -12.14
N ASP A 18 -21.09 17.50 -12.50
CA ASP A 18 -21.09 16.05 -12.58
C ASP A 18 -20.50 15.43 -11.31
N THR A 19 -21.38 15.00 -10.41
CA THR A 19 -20.94 14.39 -9.16
C THR A 19 -21.84 13.22 -8.79
N THR A 20 -23.13 13.50 -8.59
CA THR A 20 -24.09 12.47 -8.25
C THR A 20 -23.84 11.96 -6.83
N ALA A 21 -24.82 11.25 -6.27
CA ALA A 21 -24.71 10.71 -4.92
C ALA A 21 -24.64 9.19 -4.95
N THR A 22 -23.56 8.65 -5.53
CA THR A 22 -23.38 7.21 -5.61
C THR A 22 -21.90 6.86 -5.82
N PRO A 23 -21.13 6.80 -4.73
CA PRO A 23 -19.71 6.49 -4.78
C PRO A 23 -19.43 5.00 -4.93
N LYS A 24 -18.49 4.65 -5.79
CA LYS A 24 -18.13 3.25 -6.02
C LYS A 24 -16.62 3.09 -6.08
N THR A 25 -16.05 2.45 -5.06
CA THR A 25 -14.62 2.22 -5.00
C THR A 25 -14.24 0.89 -5.63
N VAL A 26 -12.94 0.66 -5.76
CA VAL A 26 -12.43 -0.59 -6.35
C VAL A 26 -13.02 -1.83 -5.68
N LEU A 27 -13.62 -1.65 -4.51
CA LEU A 27 -14.21 -2.76 -3.78
C LEU A 27 -15.55 -3.19 -4.37
N SER A 28 -16.54 -2.31 -4.29
CA SER A 28 -17.88 -2.60 -4.81
C SER A 28 -18.01 -2.22 -6.28
N ASP A 29 -17.25 -1.22 -6.71
CA ASP A 29 -17.30 -0.77 -8.09
C ASP A 29 -17.33 -1.94 -9.05
N SER A 30 -16.45 -2.91 -8.83
CA SER A 30 -16.37 -4.09 -9.68
C SER A 30 -16.07 -3.69 -11.12
N ALA A 31 -14.89 -3.13 -11.34
CA ALA A 31 -14.47 -2.71 -12.66
C ALA A 31 -15.12 -1.38 -13.05
N HIS A 32 -15.13 -0.44 -12.11
CA HIS A 32 -15.71 0.87 -12.35
C HIS A 32 -15.42 1.82 -11.19
N PHE A 33 -14.13 1.99 -10.91
CA PHE A 33 -13.70 2.88 -9.82
C PHE A 33 -14.19 4.30 -10.07
N ASP A 34 -15.46 4.54 -9.75
CA ASP A 34 -16.07 5.85 -9.94
C ASP A 34 -15.79 6.76 -8.75
N VAL A 35 -14.83 6.37 -7.93
CA VAL A 35 -14.48 7.15 -6.74
C VAL A 35 -13.00 6.99 -6.39
N LYS A 36 -12.31 8.13 -6.19
CA LYS A 36 -10.90 8.10 -5.84
C LYS A 36 -10.73 8.05 -4.32
N HIS A 37 -9.82 7.22 -3.84
CA HIS A 37 -9.62 7.09 -2.40
C HIS A 37 -8.82 8.26 -1.84
N PRO A 38 -9.40 8.96 -0.85
CA PRO A 38 -8.78 10.11 -0.19
C PRO A 38 -8.05 9.71 1.06
N LEU A 39 -6.83 10.19 1.21
CA LEU A 39 -6.02 9.88 2.38
C LEU A 39 -5.72 11.15 3.18
N ASN A 40 -4.82 11.06 4.14
CA ASN A 40 -4.48 12.22 4.96
C ASN A 40 -2.98 12.27 5.20
N THR A 41 -2.23 11.61 4.33
CA THR A 41 -0.78 11.57 4.44
C THR A 41 -0.12 11.65 3.07
N LYS A 42 1.17 11.89 3.09
CA LYS A 42 1.96 11.98 1.87
C LYS A 42 3.10 10.97 1.93
N TRP A 43 3.29 10.21 0.85
CA TRP A 43 4.34 9.21 0.84
C TRP A 43 4.82 8.89 -0.58
N THR A 44 5.84 8.06 -0.65
CA THR A 44 6.43 7.64 -1.91
C THR A 44 6.72 6.14 -1.88
N LEU A 45 6.45 5.47 -2.99
CA LEU A 45 6.66 4.03 -3.07
C LEU A 45 7.75 3.71 -4.08
N TRP A 46 8.95 3.37 -3.59
CA TRP A 46 10.06 3.06 -4.49
C TRP A 46 10.49 1.61 -4.38
N TYR A 47 11.00 1.06 -5.47
CA TYR A 47 11.46 -0.31 -5.51
C TYR A 47 12.87 -0.40 -6.08
N THR A 48 13.55 -1.51 -5.82
CA THR A 48 14.89 -1.73 -6.32
C THR A 48 15.02 -3.12 -6.93
N LYS A 49 15.56 -3.20 -8.13
CA LYS A 49 15.72 -4.48 -8.82
C LYS A 49 17.17 -4.94 -8.79
N PRO A 50 18.08 -4.22 -9.48
CA PRO A 50 19.49 -4.57 -9.52
C PRO A 50 20.24 -4.03 -8.32
N ALA A 51 21.57 -3.96 -8.44
CA ALA A 51 22.41 -3.45 -7.36
C ALA A 51 23.74 -2.97 -7.89
N VAL A 52 24.49 -3.90 -8.46
CA VAL A 52 25.78 -3.59 -9.04
C VAL A 52 25.63 -3.27 -10.52
N ASP A 53 24.39 -3.00 -10.93
CA ASP A 53 24.07 -2.68 -12.31
C ASP A 53 25.22 -1.96 -13.00
N LYS A 54 26.15 -2.74 -13.52
CA LYS A 54 27.32 -2.19 -14.21
C LYS A 54 28.07 -1.23 -13.31
N SER A 55 27.80 -1.31 -12.01
CA SER A 55 28.43 -0.44 -11.02
C SER A 55 27.65 0.86 -10.90
N GLU A 56 26.42 0.83 -11.39
CA GLU A 56 25.55 2.00 -11.34
C GLU A 56 25.57 2.63 -9.97
N SER A 57 24.66 2.18 -9.11
CA SER A 57 24.57 2.70 -7.75
C SER A 57 23.19 2.42 -7.19
N TRP A 58 23.12 1.98 -5.94
CA TRP A 58 21.84 1.70 -5.32
C TRP A 58 20.89 2.87 -5.58
N SER A 59 21.47 4.05 -5.78
CA SER A 59 20.71 5.26 -6.04
C SER A 59 20.40 5.42 -7.53
N ASP A 60 21.14 4.69 -8.37
CA ASP A 60 20.93 4.74 -9.80
C ASP A 60 19.92 3.69 -10.25
N LEU A 61 19.64 2.76 -9.36
CA LEU A 61 18.68 1.70 -9.64
C LEU A 61 17.32 2.04 -9.06
N LEU A 62 17.25 2.05 -7.73
CA LEU A 62 16.02 2.37 -7.03
C LEU A 62 15.16 3.34 -7.83
N ARG A 63 13.97 2.88 -8.21
CA ARG A 63 13.05 3.72 -8.97
C ARG A 63 11.87 4.12 -8.10
N PRO A 64 11.54 5.42 -8.07
CA PRO A 64 10.45 5.94 -7.27
C PRO A 64 9.09 5.71 -7.92
N VAL A 65 8.17 5.13 -7.15
CA VAL A 65 6.85 4.83 -7.65
C VAL A 65 5.78 5.58 -6.87
N THR A 66 4.56 5.05 -6.93
CA THR A 66 3.41 5.66 -6.28
C THR A 66 3.78 6.49 -5.06
N SER A 67 3.62 7.78 -5.18
CA SER A 67 3.88 8.68 -4.09
C SER A 67 2.72 9.62 -3.94
N PHE A 68 1.68 9.14 -3.26
CA PHE A 68 0.48 9.95 -3.09
C PHE A 68 -0.27 9.60 -1.82
N GLN A 69 -1.44 10.22 -1.69
CA GLN A 69 -2.32 10.01 -0.55
C GLN A 69 -3.42 9.06 -0.94
N THR A 70 -3.04 7.91 -1.43
CA THR A 70 -3.97 6.89 -1.87
C THR A 70 -3.35 5.52 -1.76
N VAL A 71 -4.18 4.53 -1.51
CA VAL A 71 -3.72 3.16 -1.38
C VAL A 71 -3.91 2.39 -2.67
N GLU A 72 -4.72 2.96 -3.57
CA GLU A 72 -5.00 2.33 -4.85
C GLU A 72 -3.74 2.18 -5.69
N GLU A 73 -2.97 3.25 -5.79
CA GLU A 73 -1.75 3.21 -6.58
C GLU A 73 -0.77 2.19 -6.01
N PHE A 74 -0.35 2.42 -4.77
CA PHE A 74 0.59 1.52 -4.12
C PHE A 74 0.07 0.09 -4.16
N TRP A 75 -1.19 -0.10 -3.80
CA TRP A 75 -1.76 -1.43 -3.81
C TRP A 75 -1.34 -2.17 -5.08
N ALA A 76 -1.42 -1.50 -6.21
CA ALA A 76 -1.00 -2.11 -7.45
C ALA A 76 0.39 -2.70 -7.28
N ILE A 77 1.38 -1.83 -7.07
CA ILE A 77 2.74 -2.29 -6.87
C ILE A 77 2.75 -3.57 -6.03
N ILE A 78 1.74 -3.71 -5.18
CA ILE A 78 1.60 -4.87 -4.32
C ILE A 78 0.91 -6.02 -5.06
N GLN A 79 -0.12 -5.71 -5.82
CA GLN A 79 -0.87 -6.73 -6.55
C GLN A 79 0.07 -7.80 -7.10
N ASN A 80 1.31 -7.43 -7.35
CA ASN A 80 2.29 -8.40 -7.84
C ASN A 80 2.49 -9.52 -6.84
N ILE A 81 2.47 -9.13 -5.58
CA ILE A 81 2.67 -10.04 -4.48
C ILE A 81 3.53 -11.23 -4.89
N PRO A 82 4.71 -10.98 -5.49
CA PRO A 82 5.61 -12.04 -5.89
C PRO A 82 6.64 -12.32 -4.81
N GLU A 83 6.63 -11.45 -3.81
CA GLU A 83 7.53 -11.56 -2.68
C GLU A 83 7.33 -12.87 -1.94
N PRO A 84 6.08 -13.39 -1.86
CA PRO A 84 5.79 -14.66 -1.18
C PRO A 84 6.48 -15.84 -1.87
N HIS A 85 7.77 -15.72 -2.10
CA HIS A 85 8.54 -16.76 -2.76
C HIS A 85 8.11 -16.86 -4.21
N GLU A 86 7.86 -15.70 -4.82
CA GLU A 86 7.42 -15.64 -6.20
C GLU A 86 8.40 -14.84 -7.07
N LEU A 87 9.16 -13.97 -6.43
CA LEU A 87 10.13 -13.14 -7.14
C LEU A 87 11.52 -13.75 -7.05
N PRO A 88 12.41 -13.41 -8.00
CA PRO A 88 13.78 -13.92 -8.04
C PRO A 88 14.64 -13.34 -6.93
N LEU A 89 14.12 -13.37 -5.70
CA LEU A 89 14.84 -12.84 -4.55
C LEU A 89 15.60 -11.57 -4.89
N LYS A 90 16.51 -11.19 -4.00
CA LYS A 90 17.32 -10.00 -4.19
C LYS A 90 16.46 -8.80 -4.56
N SER A 91 15.20 -8.88 -4.20
CA SER A 91 14.24 -7.81 -4.51
C SER A 91 14.21 -6.76 -3.40
N ASP A 92 13.63 -5.60 -3.70
CA ASP A 92 13.53 -4.52 -2.72
C ASP A 92 12.38 -3.57 -3.04
N TYR A 93 11.60 -3.25 -2.02
CA TYR A 93 10.46 -2.34 -2.18
C TYR A 93 10.15 -1.66 -0.85
N HIS A 94 9.76 -0.39 -0.89
CA HIS A 94 9.46 0.34 0.33
C HIS A 94 8.47 1.48 0.11
N VAL A 95 7.70 1.77 1.15
CA VAL A 95 6.71 2.85 1.12
C VAL A 95 6.78 3.61 2.44
N PHE A 96 7.08 4.90 2.36
CA PHE A 96 7.20 5.72 3.56
C PHE A 96 7.49 7.18 3.20
N ARG A 97 7.51 8.03 4.23
CA ARG A 97 7.78 9.45 4.05
C ARG A 97 7.06 10.29 5.11
N ASN A 98 5.93 9.76 5.59
CA ASN A 98 5.12 10.44 6.60
C ASN A 98 6.00 11.23 7.58
N ASP A 99 7.20 10.74 7.83
CA ASP A 99 8.12 11.40 8.75
C ASP A 99 9.36 11.91 8.04
N VAL A 100 10.09 11.00 7.41
CA VAL A 100 11.30 11.34 6.69
C VAL A 100 11.09 11.17 5.18
N ARG A 101 11.99 10.46 4.49
CA ARG A 101 11.81 10.26 3.04
C ARG A 101 13.10 9.80 2.34
N PRO A 102 14.20 10.54 2.53
CA PRO A 102 15.48 10.24 1.91
C PRO A 102 15.66 8.77 1.53
N GLU A 103 15.84 7.90 2.52
CA GLU A 103 16.03 6.47 2.26
C GLU A 103 16.69 5.78 3.44
N TRP A 104 17.05 4.52 3.28
CA TRP A 104 17.70 3.79 4.36
C TRP A 104 18.97 4.51 4.79
N GLU A 105 19.41 5.45 3.96
CA GLU A 105 20.61 6.23 4.22
C GLU A 105 20.31 7.51 4.98
N ASP A 106 19.01 7.78 5.19
CA ASP A 106 18.59 8.97 5.91
C ASP A 106 17.29 8.68 6.64
N GLU A 107 16.36 8.05 5.94
CA GLU A 107 15.09 7.68 6.55
C GLU A 107 15.40 7.00 7.87
N ALA A 108 16.49 6.25 7.87
CA ALA A 108 16.93 5.58 9.08
C ALA A 108 17.03 6.61 10.17
N ASN A 109 17.60 7.75 9.82
CA ASN A 109 17.70 8.87 10.74
C ASN A 109 16.36 9.01 11.43
N ALA A 110 15.33 8.70 10.64
CA ALA A 110 13.95 8.77 11.08
C ALA A 110 13.51 7.43 11.66
N LYS A 111 13.79 6.35 10.93
CA LYS A 111 13.41 5.02 11.35
C LYS A 111 13.80 4.77 12.78
N GLY A 112 14.86 5.41 13.22
CA GLY A 112 15.33 5.21 14.59
C GLY A 112 15.83 3.79 14.80
N GLY A 113 15.03 2.82 14.36
CA GLY A 113 15.39 1.42 14.50
C GLY A 113 14.87 0.60 13.34
N LYS A 114 15.72 -0.25 12.78
CA LYS A 114 15.35 -1.09 11.65
C LYS A 114 15.11 -2.53 12.08
N TRP A 115 13.85 -2.95 12.03
CA TRP A 115 13.50 -4.32 12.41
C TRP A 115 13.52 -5.23 11.19
N SER A 116 14.63 -5.92 11.00
CA SER A 116 14.78 -6.83 9.86
C SER A 116 14.23 -8.21 10.17
N PHE A 117 13.63 -8.84 9.17
CA PHE A 117 13.07 -10.17 9.32
C PHE A 117 13.44 -11.04 8.12
N GLN A 118 14.52 -11.81 8.27
CA GLN A 118 14.99 -12.68 7.20
C GLN A 118 14.28 -14.03 7.24
N LEU A 119 14.14 -14.65 6.08
CA LEU A 119 13.49 -15.95 5.97
C LEU A 119 14.19 -16.82 4.93
N CYS A 120 14.17 -18.12 5.16
CA CYS A 120 14.81 -19.07 4.24
C CYS A 120 13.90 -19.38 3.06
N GLY A 121 13.12 -20.44 3.17
CA GLY A 121 12.22 -20.83 2.10
C GLY A 121 10.79 -21.03 2.57
N LYS A 122 10.59 -21.01 3.89
CA LYS A 122 9.27 -21.20 4.47
C LYS A 122 8.45 -19.92 4.37
N GLY A 123 8.08 -19.55 3.15
CA GLY A 123 7.30 -18.35 2.94
C GLY A 123 5.96 -18.62 2.28
N ALA A 124 5.24 -19.60 2.82
CA ALA A 124 3.93 -19.97 2.28
C ALA A 124 3.04 -18.75 2.10
N ASP A 125 3.12 -17.82 3.05
CA ASP A 125 2.32 -16.60 2.99
C ASP A 125 2.68 -15.65 4.13
N ILE A 126 3.94 -15.69 4.55
CA ILE A 126 4.41 -14.85 5.64
C ILE A 126 4.43 -13.39 5.23
N ASP A 127 4.86 -13.14 4.00
CA ASP A 127 4.94 -11.78 3.48
C ASP A 127 3.56 -11.12 3.45
N GLU A 128 2.52 -11.93 3.66
CA GLU A 128 1.17 -11.40 3.67
C GLU A 128 0.86 -10.77 5.02
N LEU A 129 1.45 -11.34 6.06
CA LEU A 129 1.25 -10.86 7.41
C LEU A 129 2.16 -9.66 7.70
N TRP A 130 3.43 -9.77 7.31
CA TRP A 130 4.38 -8.70 7.52
C TRP A 130 3.89 -7.47 6.78
N LEU A 131 3.38 -7.69 5.58
CA LEU A 131 2.86 -6.62 4.76
C LEU A 131 1.67 -5.95 5.42
N CYS A 132 0.62 -6.71 5.69
CA CYS A 132 -0.56 -6.17 6.33
C CYS A 132 -0.17 -5.16 7.40
N THR A 133 0.99 -5.40 8.00
CA THR A 133 1.49 -4.51 9.05
C THR A 133 2.11 -3.25 8.45
N LEU A 134 2.81 -3.39 7.33
CA LEU A 134 3.43 -2.24 6.68
C LEU A 134 2.40 -1.50 5.84
N LEU A 135 1.66 -2.25 5.02
CA LEU A 135 0.63 -1.66 4.18
C LEU A 135 -0.30 -0.78 5.00
N ALA A 136 -0.53 -1.18 6.25
CA ALA A 136 -1.40 -0.42 7.14
C ALA A 136 -0.65 0.79 7.71
N VAL A 137 0.64 0.61 7.88
CA VAL A 137 1.51 1.65 8.42
C VAL A 137 1.47 2.94 7.59
N ILE A 138 1.36 2.79 6.28
CA ILE A 138 1.32 3.96 5.40
C ILE A 138 -0.09 4.49 5.27
N GLY A 139 -1.05 3.59 5.17
CA GLY A 139 -2.44 3.98 5.04
C GLY A 139 -3.05 4.37 6.39
N GLU A 140 -2.46 3.86 7.47
CA GLU A 140 -2.95 4.16 8.80
C GLU A 140 -1.92 4.99 9.56
N THR A 141 -1.44 6.04 8.92
CA THR A 141 -0.46 6.93 9.51
C THR A 141 -1.09 7.76 10.61
N ILE A 142 -2.41 7.78 10.65
CA ILE A 142 -3.14 8.54 11.65
C ILE A 142 -2.42 8.48 13.00
N ASP A 143 -1.95 7.29 13.34
CA ASP A 143 -1.23 7.03 14.60
C ASP A 143 -2.10 6.23 15.56
N GLU A 144 -1.83 4.93 15.64
CA GLU A 144 -2.58 4.04 16.51
C GLU A 144 -2.29 2.58 16.17
N ASP A 145 -2.31 2.28 14.88
CA ASP A 145 -2.04 0.93 14.40
C ASP A 145 -0.62 0.49 14.75
N ASP A 146 0.36 1.11 14.09
CA ASP A 146 1.76 0.77 14.31
C ASP A 146 2.39 1.72 15.32
N SER A 147 1.81 2.91 15.46
CA SER A 147 2.28 3.94 16.40
C SER A 147 3.13 4.98 15.68
N GLN A 148 3.82 5.81 16.47
CA GLN A 148 4.67 6.87 15.92
C GLN A 148 5.78 6.31 15.03
N ILE A 149 5.39 5.74 13.90
CA ILE A 149 6.36 5.18 12.97
C ILE A 149 6.68 6.18 11.86
N ASN A 150 7.67 5.86 11.04
CA ASN A 150 8.06 6.74 9.95
C ASN A 150 7.94 6.05 8.60
N GLY A 151 8.21 4.75 8.55
CA GLY A 151 8.11 4.06 7.28
C GLY A 151 8.43 2.57 7.35
N VAL A 152 8.25 1.89 6.22
CA VAL A 152 8.51 0.47 6.13
C VAL A 152 9.33 0.13 4.88
N VAL A 153 10.00 -1.01 4.90
CA VAL A 153 10.82 -1.42 3.77
C VAL A 153 10.77 -2.93 3.54
N LEU A 154 11.11 -3.33 2.33
CA LEU A 154 11.14 -4.73 1.94
C LEU A 154 12.38 -5.02 1.09
N SER A 155 12.99 -6.17 1.29
CA SER A 155 14.18 -6.53 0.53
C SER A 155 14.43 -8.03 0.58
N ILE A 156 14.22 -8.70 -0.52
CA ILE A 156 14.45 -10.13 -0.60
C ILE A 156 15.88 -10.42 -1.05
N ARG A 157 16.39 -11.58 -0.67
CA ARG A 157 17.74 -11.99 -1.03
C ARG A 157 17.81 -13.51 -1.22
N LYS A 158 18.98 -14.01 -1.60
CA LYS A 158 19.15 -15.44 -1.81
C LYS A 158 18.57 -16.24 -0.65
N GLY A 159 18.75 -15.73 0.57
CA GLY A 159 18.24 -16.41 1.74
C GLY A 159 16.77 -16.76 1.62
N GLY A 160 15.96 -15.78 1.24
CA GLY A 160 14.53 -16.00 1.09
C GLY A 160 13.73 -14.71 1.03
N ASN A 161 13.90 -13.85 2.04
CA ASN A 161 13.20 -12.58 2.09
C ASN A 161 13.55 -11.82 3.37
N LYS A 162 13.56 -10.49 3.29
CA LYS A 162 13.88 -9.65 4.45
C LYS A 162 13.08 -8.36 4.42
N PHE A 163 12.35 -8.10 5.50
CA PHE A 163 11.54 -6.89 5.61
C PHE A 163 12.17 -5.91 6.59
N ALA A 164 12.18 -4.64 6.22
CA ALA A 164 12.77 -3.61 7.07
C ALA A 164 11.73 -2.58 7.54
N LEU A 165 11.28 -2.74 8.78
CA LEU A 165 10.29 -1.83 9.35
C LEU A 165 10.99 -0.64 10.00
N TRP A 166 10.59 0.57 9.63
CA TRP A 166 11.21 1.76 10.17
C TRP A 166 10.30 2.42 11.18
N THR A 167 10.69 2.32 12.45
CA THR A 167 9.90 2.89 13.53
C THR A 167 10.62 4.01 14.24
N LYS A 168 10.10 5.23 14.06
CA LYS A 168 10.65 6.43 14.69
C LYS A 168 11.45 6.09 15.93
N CYS A 169 10.89 5.20 16.74
CA CYS A 169 11.52 4.74 17.98
C CYS A 169 10.49 4.62 19.09
N GLU A 170 10.06 5.78 19.61
CA GLU A 170 9.08 5.81 20.69
C GLU A 170 9.30 4.65 21.66
N ASP A 171 10.56 4.32 21.88
CA ASP A 171 10.94 3.22 22.76
C ASP A 171 11.06 1.92 21.98
N LYS A 172 12.16 1.22 22.17
CA LYS A 172 12.40 -0.03 21.47
C LYS A 172 11.59 -1.16 22.08
N GLU A 173 11.32 -1.07 23.38
CA GLU A 173 10.54 -2.10 24.05
C GLU A 173 9.33 -2.42 23.19
N PRO A 174 8.48 -1.41 22.91
CA PRO A 174 7.30 -1.60 22.08
C PRO A 174 7.65 -2.22 20.74
N LEU A 175 8.90 -2.04 20.30
CA LEU A 175 9.32 -2.61 19.03
C LEU A 175 9.48 -4.11 19.17
N LEU A 176 10.25 -4.53 20.17
CA LEU A 176 10.42 -5.95 20.43
C LEU A 176 9.07 -6.64 20.38
N ARG A 177 8.03 -5.85 20.64
CA ARG A 177 6.66 -6.37 20.61
C ARG A 177 6.22 -6.59 19.17
N ILE A 178 6.32 -5.53 18.37
CA ILE A 178 5.94 -5.58 16.98
C ILE A 178 6.80 -6.63 16.26
N GLY A 179 8.11 -6.50 16.40
CA GLY A 179 9.02 -7.44 15.77
C GLY A 179 8.62 -8.87 16.07
N GLY A 180 8.25 -9.13 17.32
CA GLY A 180 7.84 -10.47 17.71
C GLY A 180 6.75 -11.01 16.80
N LYS A 181 5.75 -10.18 16.52
CA LYS A 181 4.65 -10.56 15.65
C LYS A 181 5.19 -10.90 14.27
N PHE A 182 6.12 -10.07 13.78
CA PHE A 182 6.73 -10.28 12.48
C PHE A 182 7.45 -11.62 12.44
N LYS A 183 7.91 -12.07 13.61
CA LYS A 183 8.61 -13.34 13.71
C LYS A 183 7.67 -14.49 13.36
N GLN A 184 6.62 -14.65 14.16
CA GLN A 184 5.64 -15.70 13.93
C GLN A 184 5.29 -15.80 12.46
N VAL A 185 5.16 -14.64 11.83
CA VAL A 185 4.84 -14.58 10.41
C VAL A 185 5.75 -15.52 9.63
N LEU A 186 7.01 -15.58 10.06
CA LEU A 186 8.00 -16.44 9.42
C LEU A 186 7.85 -17.87 9.90
N LYS A 187 6.85 -18.10 10.74
CA LYS A 187 6.58 -19.42 11.29
C LYS A 187 7.75 -19.90 12.15
N LEU A 188 8.48 -18.95 12.71
CA LEU A 188 9.62 -19.26 13.55
C LEU A 188 9.24 -19.21 15.03
N THR A 189 10.24 -19.13 15.91
CA THR A 189 10.00 -19.08 17.33
C THR A 189 11.30 -18.90 18.11
N ASP A 190 11.78 -17.65 18.15
CA ASP A 190 13.01 -17.33 18.86
C ASP A 190 14.21 -17.99 18.18
N ASP A 191 13.99 -18.56 17.01
CA ASP A 191 15.05 -19.22 16.27
C ASP A 191 16.25 -18.30 16.09
N GLY A 192 16.05 -17.22 15.34
CA GLY A 192 17.12 -16.26 15.11
C GLY A 192 17.12 -15.75 13.68
N HIS A 193 15.96 -15.26 13.22
CA HIS A 193 15.84 -14.73 11.87
C HIS A 193 15.71 -13.22 11.88
N LEU A 194 14.87 -12.69 12.76
CA LEU A 194 14.70 -11.25 12.86
C LEU A 194 16.02 -10.60 13.25
N GLU A 195 16.10 -9.30 13.10
CA GLU A 195 17.33 -8.60 13.44
C GLU A 195 17.08 -7.12 13.67
N PHE A 196 16.95 -6.73 14.93
CA PHE A 196 16.72 -5.34 15.28
C PHE A 196 18.05 -4.58 15.24
N PHE A 197 18.14 -3.64 14.31
CA PHE A 197 19.36 -2.84 14.14
C PHE A 197 19.11 -1.37 14.41
N PRO A 198 20.08 -0.71 15.04
CA PRO A 198 19.99 0.72 15.36
C PRO A 198 20.23 1.59 14.13
N HIS A 199 19.26 2.44 13.80
CA HIS A 199 19.36 3.31 12.65
C HIS A 199 20.78 3.88 12.53
N CYS A 200 21.42 4.10 13.67
CA CYS A 200 22.77 4.65 13.70
C CYS A 200 23.74 3.74 12.94
N SER A 201 23.31 2.52 12.64
CA SER A 201 24.15 1.58 11.91
C SER A 201 24.12 1.85 10.42
N ALA A 202 22.95 1.65 9.80
CA ALA A 202 22.79 1.87 8.37
C ALA A 202 23.66 3.02 7.88
N ASN A 203 23.68 4.11 8.64
CA ASN A 203 24.48 5.27 8.28
C ASN A 203 25.85 4.85 7.76
N GLY A 204 26.52 4.00 8.53
CA GLY A 204 27.84 3.53 8.15
C GLY A 204 27.90 2.03 7.96
N ARG A 205 26.79 1.36 8.28
CA ARG A 205 26.72 -0.09 8.15
C ARG A 205 27.45 -0.78 9.29
N HIS A 206 27.99 0.02 10.22
CA HIS A 206 28.72 -0.53 11.37
C HIS A 206 28.05 -1.80 11.88
N PRO A 207 28.84 -2.87 12.05
CA PRO A 207 28.34 -4.15 12.54
C PRO A 207 27.93 -4.09 14.01
N GLN A 208 26.76 -3.51 14.27
CA GLN A 208 26.26 -3.39 15.63
C GLN A 208 24.75 -3.62 15.69
N PRO A 209 24.32 -4.89 15.67
CA PRO A 209 22.90 -5.25 15.72
C PRO A 209 22.29 -4.99 17.10
N SER A 210 21.14 -5.60 17.36
CA SER A 210 20.46 -5.44 18.63
C SER A 210 19.91 -6.78 19.09
N ILE A 211 19.05 -7.38 18.26
CA ILE A 211 18.46 -8.67 18.60
C ILE A 211 18.34 -9.56 17.37
N THR A 212 17.92 -10.80 17.61
CA THR A 212 17.73 -11.77 16.54
C THR A 212 16.62 -12.75 16.91
N LEU A 213 15.45 -12.54 16.31
CA LEU A 213 14.30 -13.39 16.59
C LEU A 213 13.92 -14.25 15.39
N GLY B 1 -39.94 5.31 -3.05
CA GLY B 1 -39.52 4.43 -4.17
C GLY B 1 -38.02 4.40 -4.36
N SER B 2 -37.58 4.39 -5.62
CA SER B 2 -36.16 4.36 -5.93
C SER B 2 -35.92 4.70 -7.41
N ILE B 3 -34.69 5.06 -7.73
CA ILE B 3 -34.33 5.40 -9.10
C ILE B 3 -32.91 4.97 -9.43
N GLY B 4 -32.66 4.65 -10.70
CA GLY B 4 -31.34 4.23 -11.11
C GLY B 4 -31.32 2.80 -11.64
N LEU B 5 -31.31 2.67 -12.96
CA LEU B 5 -31.29 1.36 -13.60
C LEU B 5 -29.98 0.63 -13.32
N GLU B 6 -30.08 -0.63 -12.90
CA GLU B 6 -28.91 -1.42 -12.61
C GLU B 6 -29.15 -2.89 -12.95
N ALA B 7 -29.27 -3.19 -14.23
CA ALA B 7 -29.50 -4.56 -14.69
C ALA B 7 -28.19 -5.33 -14.82
N GLU B 8 -28.30 -6.65 -14.95
CA GLU B 8 -27.12 -7.49 -15.09
C GLU B 8 -27.10 -8.18 -16.45
N ILE B 9 -25.91 -8.34 -17.01
CA ILE B 9 -25.75 -8.97 -18.31
C ILE B 9 -25.63 -10.48 -18.18
N GLU B 10 -26.53 -11.21 -18.84
CA GLU B 10 -26.52 -12.66 -18.79
C GLU B 10 -25.33 -13.24 -19.54
N THR B 11 -24.21 -13.37 -18.84
CA THR B 11 -23.00 -13.90 -19.43
C THR B 11 -22.37 -14.97 -18.55
N THR B 12 -23.12 -15.42 -17.55
CA THR B 12 -22.64 -16.44 -16.63
C THR B 12 -23.07 -17.84 -17.09
N THR B 13 -23.00 -18.07 -18.40
CA THR B 13 -23.39 -19.35 -18.98
C THR B 13 -22.32 -19.87 -19.92
N ASP B 14 -21.36 -20.61 -19.38
CA ASP B 14 -20.28 -21.17 -20.18
C ASP B 14 -19.23 -20.11 -20.48
N GLU B 15 -18.29 -19.94 -19.55
CA GLU B 15 -17.22 -18.95 -19.72
C GLU B 15 -15.85 -19.57 -19.45
N THR B 16 -14.81 -18.90 -19.93
CA THR B 16 -13.44 -19.39 -19.75
C THR B 16 -12.44 -18.26 -20.00
N ASP B 17 -12.34 -17.34 -19.05
CA ASP B 17 -11.40 -16.22 -19.17
C ASP B 17 -10.27 -16.34 -18.17
N ASP B 18 -9.34 -15.40 -18.22
CA ASP B 18 -8.20 -15.39 -17.32
C ASP B 18 -8.53 -14.65 -16.02
N GLY B 19 -9.36 -13.62 -16.13
CA GLY B 19 -9.74 -12.85 -14.96
C GLY B 19 -8.65 -11.90 -14.51
N THR B 20 -7.67 -11.68 -15.39
CA THR B 20 -6.56 -10.79 -15.07
C THR B 20 -6.91 -9.34 -15.41
N ASN B 21 -6.50 -8.42 -14.54
CA ASN B 21 -6.77 -7.00 -14.75
C ASN B 21 -5.53 -6.28 -15.26
N THR B 22 -5.73 -5.18 -15.98
CA THR B 22 -4.63 -4.41 -16.52
C THR B 22 -4.73 -2.95 -16.11
N VAL B 23 -3.58 -2.35 -15.77
CA VAL B 23 -3.55 -0.96 -15.35
C VAL B 23 -4.18 -0.06 -16.40
N SER B 24 -3.88 -0.32 -17.67
CA SER B 24 -4.42 0.47 -18.77
C SER B 24 -5.93 0.52 -18.71
N HIS B 25 -6.56 -0.64 -18.58
CA HIS B 25 -8.01 -0.74 -18.52
C HIS B 25 -8.55 0.02 -17.31
N ILE B 26 -8.07 -0.35 -16.12
CA ILE B 26 -8.52 0.30 -14.89
C ILE B 26 -8.23 1.79 -14.92
N LEU B 27 -7.20 2.18 -15.67
CA LEU B 27 -6.82 3.59 -15.77
C LEU B 27 -7.94 4.40 -16.42
N ASN B 28 -8.38 3.94 -17.59
CA ASN B 28 -9.45 4.62 -18.32
C ASN B 28 -10.70 4.74 -17.45
N VAL B 29 -10.87 3.76 -16.56
CA VAL B 29 -12.01 3.73 -15.67
C VAL B 29 -12.01 4.96 -14.76
N LEU B 30 -10.83 5.33 -14.27
CA LEU B 30 -10.69 6.48 -13.39
C LEU B 30 -11.08 7.76 -14.11
N LYS B 31 -10.76 7.83 -15.40
CA LYS B 31 -11.07 9.01 -16.21
C LYS B 31 -12.52 9.44 -16.03
N ASP B 32 -13.43 8.47 -16.01
CA ASP B 32 -14.85 8.75 -15.84
C ASP B 32 -15.33 8.31 -14.46
N ALA B 33 -14.76 8.90 -13.42
CA ALA B 33 -15.12 8.56 -12.05
C ALA B 33 -15.50 9.81 -11.26
N THR B 34 -16.23 9.60 -10.16
CA THR B 34 -16.66 10.70 -9.30
C THR B 34 -15.68 10.88 -8.15
N PRO B 35 -15.88 11.94 -7.33
CA PRO B 35 -15.01 12.24 -6.20
C PRO B 35 -15.30 11.36 -4.98
N ILE B 36 -14.55 11.60 -3.91
CA ILE B 36 -14.70 10.83 -2.69
C ILE B 36 -14.83 11.74 -1.46
N GLU B 37 -15.69 11.34 -0.54
CA GLU B 37 -15.90 12.10 0.69
C GLU B 37 -14.99 11.58 1.80
N ASP B 38 -14.60 10.30 1.66
CA ASP B 38 -13.73 9.62 2.62
C ASP B 38 -14.15 8.16 2.78
N VAL B 39 -13.18 7.30 3.03
CA VAL B 39 -13.41 5.87 3.21
C VAL B 39 -14.71 5.60 3.92
N PHE B 40 -14.70 5.78 5.24
CA PHE B 40 -15.88 5.58 6.03
C PHE B 40 -16.99 6.52 5.55
N SER B 41 -16.62 7.48 4.69
CA SER B 41 -17.61 8.40 4.17
C SER B 41 -18.50 7.69 3.15
N PHE B 42 -17.98 6.60 2.58
CA PHE B 42 -18.76 5.84 1.61
C PHE B 42 -18.85 4.37 1.99
N ASN B 43 -20.05 3.80 1.84
CA ASN B 43 -20.28 2.40 2.15
C ASN B 43 -20.25 1.58 0.88
N TYR B 44 -19.15 0.86 0.67
CA TYR B 44 -18.99 0.03 -0.53
C TYR B 44 -19.85 -1.22 -0.45
N PRO B 45 -20.90 -1.31 -1.28
CA PRO B 45 -21.81 -2.45 -1.30
C PRO B 45 -21.29 -3.58 -2.19
N GLU B 46 -20.75 -4.63 -1.56
CA GLU B 46 -20.22 -5.77 -2.30
C GLU B 46 -19.61 -6.79 -1.35
N GLY B 47 -20.33 -7.09 -0.26
CA GLY B 47 -19.84 -8.04 0.71
C GLY B 47 -18.98 -7.38 1.77
N ILE B 48 -18.62 -6.13 1.54
CA ILE B 48 -17.79 -5.38 2.48
C ILE B 48 -18.41 -4.03 2.81
N GLU B 49 -17.79 -3.30 3.74
CA GLU B 49 -18.28 -1.99 4.13
C GLU B 49 -17.47 -1.45 5.31
N GLY B 50 -16.91 -0.26 5.13
CA GLY B 50 -16.12 0.35 6.19
C GLY B 50 -16.82 1.50 6.86
N PRO B 51 -17.45 1.26 8.03
CA PRO B 51 -18.17 2.28 8.77
C PRO B 51 -17.28 3.00 9.79
N ASP B 52 -16.88 2.28 10.83
CA ASP B 52 -16.03 2.86 11.87
C ASP B 52 -14.77 2.04 12.10
N ILE B 53 -14.69 0.88 11.43
CA ILE B 53 -13.54 -0.04 11.58
C ILE B 53 -12.31 0.66 12.16
N LYS B 54 -11.57 1.37 11.31
CA LYS B 54 -10.37 2.07 11.76
C LYS B 54 -10.68 3.49 12.19
N TYR B 55 -11.85 3.98 11.77
CA TYR B 55 -12.27 5.33 12.11
C TYR B 55 -12.04 5.64 13.59
N LYS B 56 -12.05 4.59 14.42
CA LYS B 56 -11.85 4.74 15.86
C LYS B 56 -10.39 4.66 16.27
N LYS B 57 -9.52 4.21 15.35
CA LYS B 57 -8.11 4.08 15.66
C LYS B 57 -7.56 5.34 16.31
N GLU B 58 -8.14 6.47 15.96
CA GLU B 58 -7.73 7.76 16.50
C GLU B 58 -8.23 8.89 15.63
N HIS B 59 -9.50 9.27 15.82
CA HIS B 59 -10.09 10.33 15.02
C HIS B 59 -9.81 10.07 13.55
N VAL B 60 -9.58 8.80 13.22
CA VAL B 60 -9.30 8.39 11.86
C VAL B 60 -10.31 8.97 10.87
N LYS B 61 -9.80 9.75 9.92
CA LYS B 61 -10.64 10.36 8.89
C LYS B 61 -10.33 9.74 7.54
N TYR B 62 -9.05 9.43 7.34
CA TYR B 62 -8.59 8.82 6.11
C TYR B 62 -7.62 7.68 6.43
N THR B 63 -8.07 6.79 7.29
CA THR B 63 -7.26 5.64 7.71
C THR B 63 -8.13 4.39 7.79
N TYR B 64 -7.64 3.30 7.23
CA TYR B 64 -8.38 2.05 7.21
C TYR B 64 -7.48 0.88 7.64
N GLY B 65 -8.11 -0.25 7.96
CA GLY B 65 -7.36 -1.40 8.39
C GLY B 65 -6.65 -2.09 7.25
N PRO B 66 -5.64 -2.92 7.56
CA PRO B 66 -4.88 -3.65 6.54
C PRO B 66 -5.74 -4.71 5.86
N THR B 67 -6.83 -5.07 6.52
CA THR B 67 -7.76 -6.06 6.00
C THR B 67 -8.60 -5.45 4.88
N PHE B 68 -9.12 -4.25 5.12
CA PHE B 68 -9.91 -3.56 4.12
C PHE B 68 -9.04 -3.29 2.90
N LEU B 69 -7.87 -2.72 3.15
CA LEU B 69 -6.93 -2.43 2.09
C LEU B 69 -6.65 -3.70 1.31
N LEU B 70 -6.73 -4.84 1.99
CA LEU B 70 -6.51 -6.13 1.35
C LEU B 70 -7.50 -6.32 0.22
N GLN B 71 -8.76 -5.97 0.47
CA GLN B 71 -9.80 -6.08 -0.54
C GLN B 71 -9.34 -5.35 -1.79
N PHE B 72 -8.75 -4.18 -1.59
CA PHE B 72 -8.24 -3.36 -2.68
C PHE B 72 -7.33 -4.21 -3.58
N LYS B 73 -6.37 -4.89 -2.95
CA LYS B 73 -5.43 -5.74 -3.69
C LYS B 73 -6.16 -6.69 -4.62
N ASP B 74 -7.24 -7.28 -4.13
CA ASP B 74 -8.03 -8.21 -4.93
C ASP B 74 -8.38 -7.61 -6.29
N LYS B 75 -9.06 -6.47 -6.26
CA LYS B 75 -9.45 -5.80 -7.51
C LYS B 75 -8.27 -5.05 -8.12
N LEU B 76 -7.27 -4.75 -7.29
CA LEU B 76 -6.08 -4.05 -7.74
C LEU B 76 -5.16 -4.96 -8.53
N ASN B 77 -5.57 -6.22 -8.70
CA ASN B 77 -4.78 -7.21 -9.43
C ASN B 77 -4.56 -6.78 -10.88
N VAL B 78 -3.85 -5.66 -11.06
CA VAL B 78 -3.58 -5.14 -12.40
C VAL B 78 -2.11 -5.34 -12.77
N LYS B 79 -1.33 -4.26 -12.77
CA LYS B 79 0.08 -4.33 -13.11
C LYS B 79 0.78 -3.00 -12.86
N ALA B 80 0.40 -2.34 -11.76
CA ALA B 80 0.99 -1.05 -11.39
C ALA B 80 1.37 -0.25 -12.62
N ASP B 81 2.60 -0.46 -13.08
CA ASP B 81 3.10 0.24 -14.25
C ASP B 81 3.44 1.67 -13.89
N ALA B 82 4.66 1.89 -13.41
CA ALA B 82 5.11 3.22 -13.02
C ALA B 82 4.43 4.32 -13.82
N GLU B 83 4.35 4.15 -15.13
CA GLU B 83 3.69 5.15 -15.98
C GLU B 83 2.37 5.56 -15.34
N TRP B 84 1.65 4.57 -14.84
CA TRP B 84 0.38 4.80 -14.17
C TRP B 84 0.56 5.80 -13.05
N VAL B 85 1.73 5.75 -12.39
CA VAL B 85 2.03 6.68 -11.32
C VAL B 85 1.89 8.10 -11.82
N GLN B 86 2.56 8.39 -12.92
CA GLN B 86 2.47 9.71 -13.53
C GLN B 86 1.00 10.09 -13.66
N SER B 87 0.16 9.07 -13.75
CA SER B 87 -1.28 9.26 -13.87
C SER B 87 -1.96 9.25 -12.51
N THR B 88 -1.40 8.50 -11.55
CA THR B 88 -1.97 8.42 -10.22
C THR B 88 -2.29 9.81 -9.68
N ALA B 89 -1.47 10.78 -10.08
CA ALA B 89 -1.66 12.17 -9.64
C ALA B 89 -3.13 12.58 -9.72
N SER B 90 -3.89 11.91 -10.59
CA SER B 90 -5.30 12.22 -10.75
C SER B 90 -6.07 12.03 -9.45
N LYS B 91 -5.66 11.05 -8.65
CA LYS B 91 -6.32 10.77 -7.39
C LYS B 91 -6.76 12.07 -6.70
N ILE B 92 -8.06 12.17 -6.42
CA ILE B 92 -8.60 13.36 -5.77
C ILE B 92 -9.07 13.05 -4.34
N VAL B 93 -8.61 13.87 -3.40
CA VAL B 93 -8.97 13.69 -1.99
C VAL B 93 -9.65 14.96 -1.45
N ILE B 94 -10.81 14.77 -0.82
CA ILE B 94 -11.56 15.89 -0.26
C ILE B 94 -11.20 16.10 1.21
N PRO B 95 -10.89 17.36 1.59
CA PRO B 95 -10.53 17.70 2.97
C PRO B 95 -11.72 17.62 3.92
N PRO B 96 -11.45 17.65 5.24
CA PRO B 96 -12.49 17.58 6.26
C PRO B 96 -13.16 18.92 6.50
N GLY B 97 -12.52 20.00 6.06
CA GLY B 97 -13.07 21.33 6.25
C GLY B 97 -12.22 22.18 7.16
N MET B 98 -11.09 22.66 6.66
CA MET B 98 -10.18 23.50 7.44
C MET B 98 -10.94 24.65 8.09
N GLY B 99 -11.88 25.23 7.36
CA GLY B 99 -12.66 26.34 7.89
C GLY B 99 -14.09 26.34 7.40
N ARG B 100 -14.91 27.21 7.99
CA ARG B 100 -16.31 27.31 7.61
C ARG B 100 -16.45 27.63 6.12
N MET A 1 -10.47 -6.52 34.98
CA MET A 1 -10.80 -5.90 36.30
C MET A 1 -10.65 -4.39 36.24
N SER A 2 -11.72 -3.67 36.54
CA SER A 2 -11.72 -2.22 36.52
C SER A 2 -11.59 -1.70 35.10
N VAL A 3 -12.73 -1.40 34.49
CA VAL A 3 -12.76 -0.88 33.13
C VAL A 3 -12.68 0.64 33.11
N GLU A 4 -12.20 1.19 31.99
CA GLU A 4 -12.08 2.65 31.86
C GLU A 4 -12.65 3.11 30.52
N GLU A 5 -13.94 2.84 30.31
CA GLU A 5 -14.60 3.22 29.07
C GLU A 5 -13.78 2.80 27.85
N VAL A 6 -13.97 1.55 27.43
CA VAL A 6 -13.24 1.03 26.28
C VAL A 6 -14.18 0.73 25.12
N SER A 7 -15.38 0.27 25.44
CA SER A 7 -16.38 -0.06 24.43
C SER A 7 -15.72 -0.73 23.22
N LYS A 8 -16.44 -0.76 22.11
CA LYS A 8 -15.93 -1.38 20.88
C LYS A 8 -16.42 -0.62 19.65
N LYS A 9 -17.71 -0.32 19.61
CA LYS A 9 -18.30 0.40 18.49
C LYS A 9 -19.81 0.52 18.65
N PHE A 10 -20.23 1.37 19.58
CA PHE A 10 -21.65 1.59 19.83
C PHE A 10 -22.09 2.98 19.38
N GLU A 11 -21.84 3.28 18.11
CA GLU A 11 -22.20 4.58 17.56
C GLU A 11 -23.57 4.52 16.88
N GLU A 12 -24.33 3.48 17.19
CA GLU A 12 -25.66 3.31 16.62
C GLU A 12 -26.41 4.64 16.58
N ASN A 13 -26.51 5.22 15.38
CA ASN A 13 -27.20 6.49 15.21
C ASN A 13 -28.48 6.31 14.41
N VAL A 14 -28.35 5.76 13.21
CA VAL A 14 -29.49 5.53 12.34
C VAL A 14 -29.46 4.11 11.75
N SER A 15 -30.48 3.79 10.97
CA SER A 15 -30.56 2.47 10.35
C SER A 15 -30.50 2.58 8.83
N VAL A 16 -30.09 3.74 8.33
CA VAL A 16 -29.98 3.98 6.90
C VAL A 16 -28.55 4.33 6.51
N ASP A 17 -27.59 3.61 7.07
CA ASP A 17 -26.19 3.85 6.77
C ASP A 17 -25.90 3.65 5.29
N ASP A 18 -26.64 2.75 4.66
CA ASP A 18 -26.46 2.48 3.24
C ASP A 18 -27.77 2.70 2.48
N THR A 19 -27.77 3.73 1.62
CA THR A 19 -28.95 4.05 0.83
C THR A 19 -28.58 4.95 -0.34
N THR A 20 -27.39 4.77 -0.88
CA THR A 20 -26.92 5.58 -2.00
C THR A 20 -25.93 4.80 -2.86
N ALA A 21 -25.84 5.16 -4.14
CA ALA A 21 -24.93 4.49 -5.05
C ALA A 21 -24.26 5.50 -5.98
N THR A 22 -23.83 6.62 -5.41
CA THR A 22 -23.18 7.67 -6.18
C THR A 22 -21.70 7.34 -6.41
N PRO A 23 -20.97 7.03 -5.33
CA PRO A 23 -19.55 6.69 -5.41
C PRO A 23 -19.31 5.26 -5.88
N LYS A 24 -18.08 5.00 -6.34
CA LYS A 24 -17.71 3.68 -6.82
C LYS A 24 -16.22 3.43 -6.62
N THR A 25 -15.90 2.54 -5.68
CA THR A 25 -14.50 2.21 -5.39
C THR A 25 -14.08 0.93 -6.09
N VAL A 26 -12.78 0.65 -6.06
CA VAL A 26 -12.23 -0.55 -6.70
C VAL A 26 -12.86 -1.82 -6.11
N LEU A 27 -13.55 -1.67 -4.99
CA LEU A 27 -14.20 -2.81 -4.34
C LEU A 27 -15.43 -3.26 -5.11
N SER A 28 -16.48 -2.43 -5.07
CA SER A 28 -17.72 -2.75 -5.77
C SER A 28 -17.65 -2.37 -7.24
N ASP A 29 -16.60 -1.61 -7.59
CA ASP A 29 -16.41 -1.16 -8.97
C ASP A 29 -16.90 -2.20 -9.96
N SER A 30 -16.38 -3.42 -9.86
CA SER A 30 -16.76 -4.49 -10.76
C SER A 30 -16.19 -4.24 -12.15
N ALA A 31 -14.94 -3.79 -12.17
CA ALA A 31 -14.26 -3.49 -13.44
C ALA A 31 -14.54 -2.05 -13.87
N HIS A 32 -14.33 -1.12 -12.95
CA HIS A 32 -14.57 0.29 -13.22
C HIS A 32 -14.68 1.08 -11.93
N PHE A 33 -13.57 1.67 -11.50
CA PHE A 33 -13.55 2.46 -10.27
C PHE A 33 -13.73 3.94 -10.58
N ASP A 34 -14.71 4.55 -9.94
CA ASP A 34 -14.99 5.97 -10.18
C ASP A 34 -14.67 6.84 -8.97
N VAL A 35 -13.91 6.31 -8.02
CA VAL A 35 -13.56 7.07 -6.83
C VAL A 35 -12.11 6.85 -6.41
N LYS A 36 -11.38 7.95 -6.19
CA LYS A 36 -9.98 7.88 -5.75
C LYS A 36 -9.92 8.00 -4.24
N HIS A 37 -9.12 7.16 -3.57
CA HIS A 37 -9.04 7.20 -2.12
C HIS A 37 -8.15 8.34 -1.62
N PRO A 38 -8.73 9.24 -0.80
CA PRO A 38 -8.05 10.41 -0.25
C PRO A 38 -7.58 10.23 1.19
N LEU A 39 -6.28 10.30 1.41
CA LEU A 39 -5.74 10.17 2.75
C LEU A 39 -5.36 11.54 3.30
N ASN A 40 -4.50 11.58 4.32
CA ASN A 40 -4.10 12.85 4.91
C ASN A 40 -2.60 12.89 5.18
N THR A 41 -1.90 11.84 4.75
CA THR A 41 -0.47 11.77 4.95
C THR A 41 0.26 11.86 3.62
N LYS A 42 1.57 11.88 3.69
CA LYS A 42 2.42 11.96 2.51
C LYS A 42 3.52 10.92 2.57
N TRP A 43 3.47 9.95 1.67
CA TRP A 43 4.48 8.90 1.66
C TRP A 43 5.04 8.71 0.27
N THR A 44 6.06 7.85 0.18
CA THR A 44 6.71 7.56 -1.08
C THR A 44 7.06 6.08 -1.16
N LEU A 45 6.71 5.45 -2.26
CA LEU A 45 6.99 4.04 -2.46
C LEU A 45 8.11 3.87 -3.46
N TRP A 46 9.30 3.53 -2.96
CA TRP A 46 10.46 3.35 -3.83
C TRP A 46 10.99 1.93 -3.79
N TYR A 47 11.50 1.47 -4.92
CA TYR A 47 12.04 0.11 -5.02
C TYR A 47 13.44 0.14 -5.64
N THR A 48 14.17 -0.96 -5.51
CA THR A 48 15.52 -1.05 -6.06
C THR A 48 15.79 -2.44 -6.62
N LYS A 49 16.88 -2.55 -7.39
CA LYS A 49 17.27 -3.82 -7.99
C LYS A 49 18.79 -3.94 -8.08
N PRO A 50 19.47 -3.99 -6.92
CA PRO A 50 20.93 -4.09 -6.88
C PRO A 50 21.47 -5.17 -7.80
N ALA A 51 21.79 -4.78 -9.03
CA ALA A 51 22.32 -5.72 -10.01
C ALA A 51 22.12 -5.20 -11.44
N VAL A 52 21.18 -4.30 -11.59
CA VAL A 52 20.87 -3.72 -12.89
C VAL A 52 22.15 -3.53 -13.71
N ASP A 53 23.20 -3.07 -13.05
CA ASP A 53 24.48 -2.84 -13.72
C ASP A 53 24.45 -1.57 -14.55
N LYS A 54 23.28 -0.95 -14.63
CA LYS A 54 23.13 0.28 -15.38
C LYS A 54 24.16 1.29 -14.92
N SER A 55 24.28 1.37 -13.62
CA SER A 55 25.22 2.30 -12.99
C SER A 55 25.87 1.67 -11.75
N GLU A 56 25.46 0.46 -11.40
CA GLU A 56 26.04 -0.22 -10.24
C GLU A 56 26.08 0.72 -9.04
N SER A 57 25.01 1.48 -8.85
CA SER A 57 24.92 2.42 -7.74
C SER A 57 23.55 2.34 -7.11
N TRP A 58 23.51 2.00 -5.82
CA TRP A 58 22.24 1.90 -5.12
C TRP A 58 21.38 3.12 -5.43
N SER A 59 22.03 4.27 -5.49
CA SER A 59 21.35 5.53 -5.78
C SER A 59 21.00 5.64 -7.26
N ASP A 60 21.60 4.78 -8.08
CA ASP A 60 21.35 4.79 -9.51
C ASP A 60 20.20 3.86 -9.86
N LEU A 61 19.91 2.91 -8.97
CA LEU A 61 18.83 1.96 -9.19
C LEU A 61 17.54 2.47 -8.58
N LEU A 62 17.56 2.69 -7.27
CA LEU A 62 16.40 3.17 -6.55
C LEU A 62 15.53 4.09 -7.40
N ARG A 63 14.30 3.65 -7.64
CA ARG A 63 13.35 4.43 -8.40
C ARG A 63 12.16 4.77 -7.52
N PRO A 64 11.80 6.06 -7.43
CA PRO A 64 10.69 6.50 -6.58
C PRO A 64 9.34 6.22 -7.23
N VAL A 65 8.50 5.49 -6.50
CA VAL A 65 7.18 5.14 -6.99
C VAL A 65 6.10 5.75 -6.10
N THR A 66 4.91 5.14 -6.16
CA THR A 66 3.74 5.60 -5.41
C THR A 66 4.08 6.50 -4.23
N SER A 67 3.88 7.79 -4.42
CA SER A 67 4.07 8.74 -3.37
C SER A 67 2.81 9.56 -3.28
N PHE A 68 1.82 8.99 -2.61
CA PHE A 68 0.52 9.65 -2.50
C PHE A 68 -0.13 9.41 -1.15
N GLN A 69 -1.39 9.85 -1.04
CA GLN A 69 -2.17 9.70 0.17
C GLN A 69 -3.38 8.82 -0.09
N THR A 70 -3.11 7.61 -0.56
CA THR A 70 -4.18 6.66 -0.84
C THR A 70 -3.78 5.26 -0.43
N VAL A 71 -3.54 4.39 -1.42
CA VAL A 71 -3.15 3.01 -1.15
C VAL A 71 -3.15 2.20 -2.43
N GLU A 72 -4.12 2.50 -3.29
CA GLU A 72 -4.25 1.80 -4.56
C GLU A 72 -2.89 1.68 -5.24
N GLU A 73 -2.29 2.82 -5.50
CA GLU A 73 -0.99 2.84 -6.15
C GLU A 73 -0.05 1.80 -5.53
N PHE A 74 0.18 1.93 -4.23
CA PHE A 74 1.06 1.00 -3.54
C PHE A 74 0.46 -0.40 -3.48
N TRP A 75 -0.82 -0.52 -3.80
CA TRP A 75 -1.46 -1.82 -3.80
C TRP A 75 -0.96 -2.64 -4.98
N ALA A 76 -0.81 -2.00 -6.14
CA ALA A 76 -0.31 -2.69 -7.32
C ALA A 76 1.15 -3.13 -7.12
N ILE A 77 2.01 -2.16 -6.80
CA ILE A 77 3.42 -2.45 -6.59
C ILE A 77 3.58 -3.67 -5.70
N ILE A 78 2.69 -3.82 -4.71
CA ILE A 78 2.73 -4.96 -3.81
C ILE A 78 1.85 -6.08 -4.34
N GLN A 79 0.86 -5.71 -5.13
CA GLN A 79 -0.06 -6.69 -5.71
C GLN A 79 0.73 -7.89 -6.21
N ASN A 80 2.01 -7.67 -6.55
CA ASN A 80 2.84 -8.78 -7.02
C ASN A 80 2.87 -9.88 -5.96
N ILE A 81 2.46 -9.54 -4.74
CA ILE A 81 2.43 -10.47 -3.60
C ILE A 81 2.95 -11.86 -3.95
N PRO A 82 2.27 -12.63 -4.82
CA PRO A 82 2.73 -13.97 -5.20
C PRO A 82 4.07 -13.95 -5.93
N GLU A 83 5.06 -13.32 -5.31
CA GLU A 83 6.40 -13.21 -5.86
C GLU A 83 7.36 -12.82 -4.75
N PRO A 84 7.21 -11.61 -4.20
CA PRO A 84 8.05 -11.11 -3.11
C PRO A 84 8.46 -12.21 -2.12
N HIS A 85 7.62 -13.24 -2.01
CA HIS A 85 7.92 -14.34 -1.09
C HIS A 85 7.93 -15.68 -1.81
N GLU A 86 7.95 -15.63 -3.13
CA GLU A 86 7.98 -16.83 -3.96
C GLU A 86 8.71 -16.56 -5.26
N LEU A 87 9.45 -15.46 -5.30
CA LEU A 87 10.20 -15.06 -6.48
C LEU A 87 11.69 -14.88 -6.17
N PRO A 88 12.56 -15.57 -6.92
CA PRO A 88 14.00 -15.50 -6.74
C PRO A 88 14.64 -14.38 -7.57
N LEU A 89 15.35 -13.46 -6.90
CA LEU A 89 15.98 -12.35 -7.60
C LEU A 89 17.03 -11.65 -6.74
N LYS A 90 16.61 -10.55 -6.10
CA LYS A 90 17.47 -9.74 -5.26
C LYS A 90 17.04 -8.29 -5.38
N SER A 91 15.85 -8.06 -4.90
CA SER A 91 15.21 -6.74 -4.95
C SER A 91 14.98 -6.16 -3.56
N ASP A 92 14.47 -4.93 -3.53
CA ASP A 92 14.19 -4.25 -2.27
C ASP A 92 13.18 -3.13 -2.48
N TYR A 93 12.05 -3.20 -1.77
CA TYR A 93 11.01 -2.19 -1.89
C TYR A 93 11.07 -1.22 -0.72
N HIS A 94 10.29 -0.16 -0.79
CA HIS A 94 10.28 0.85 0.26
C HIS A 94 9.01 1.70 0.22
N VAL A 95 8.43 1.94 1.39
CA VAL A 95 7.21 2.74 1.50
C VAL A 95 7.10 3.35 2.90
N PHE A 96 6.97 4.67 2.95
CA PHE A 96 6.87 5.37 4.22
C PHE A 96 6.23 6.74 4.06
N ARG A 97 5.61 7.23 5.12
CA ARG A 97 4.97 8.53 5.11
C ARG A 97 5.71 9.51 6.01
N ASN A 98 5.29 10.77 5.98
CA ASN A 98 5.91 11.82 6.78
C ASN A 98 7.22 12.27 6.15
N ASP A 99 7.61 11.61 5.06
CA ASP A 99 8.84 11.96 4.38
C ASP A 99 10.02 12.00 5.35
N VAL A 100 10.07 11.01 6.22
CA VAL A 100 11.12 10.90 7.22
C VAL A 100 12.43 11.53 6.70
N ARG A 101 13.34 10.72 6.18
CA ARG A 101 14.59 11.25 5.67
C ARG A 101 14.77 10.88 4.20
N PRO A 102 15.89 11.30 3.60
CA PRO A 102 16.18 11.07 2.17
C PRO A 102 16.34 9.59 1.77
N GLU A 103 16.42 8.66 2.72
CA GLU A 103 16.58 7.24 2.35
C GLU A 103 16.98 6.39 3.54
N TRP A 104 17.04 5.07 3.35
CA TRP A 104 17.42 4.16 4.43
C TRP A 104 18.67 4.66 5.13
N GLU A 105 19.44 5.50 4.43
CA GLU A 105 20.65 6.06 4.97
C GLU A 105 20.34 7.30 5.80
N ASP A 106 19.05 7.52 6.05
CA ASP A 106 18.60 8.66 6.83
C ASP A 106 17.15 8.46 7.30
N GLU A 107 16.33 7.83 6.46
CA GLU A 107 14.94 7.55 6.81
C GLU A 107 14.92 6.71 8.08
N ALA A 108 15.89 5.81 8.15
CA ALA A 108 16.04 4.93 9.29
C ALA A 108 16.75 5.67 10.41
N ASN A 109 17.40 6.75 10.03
CA ASN A 109 18.13 7.60 10.96
C ASN A 109 17.17 8.50 11.70
N ALA A 110 16.06 8.78 11.05
CA ALA A 110 15.02 9.62 11.59
C ALA A 110 14.08 8.83 12.48
N LYS A 111 13.57 7.72 11.95
CA LYS A 111 12.65 6.87 12.69
C LYS A 111 13.29 6.36 13.97
N GLY A 112 14.59 6.15 13.92
CA GLY A 112 15.30 5.68 15.10
C GLY A 112 15.71 4.22 15.06
N GLY A 113 14.83 3.31 14.65
CA GLY A 113 15.19 1.91 14.61
C GLY A 113 14.53 1.12 13.50
N LYS A 114 15.22 0.10 13.00
CA LYS A 114 14.69 -0.73 11.91
C LYS A 114 14.54 -2.18 12.36
N TRP A 115 13.35 -2.72 12.12
CA TRP A 115 13.04 -4.10 12.48
C TRP A 115 12.89 -4.96 11.23
N SER A 116 13.95 -5.69 10.88
CA SER A 116 13.92 -6.54 9.69
C SER A 116 13.72 -8.01 10.07
N PHE A 117 13.57 -8.86 9.06
CA PHE A 117 13.38 -10.28 9.27
C PHE A 117 13.93 -11.09 8.11
N GLN A 118 14.72 -12.11 8.41
CA GLN A 118 15.32 -12.95 7.38
C GLN A 118 14.46 -14.20 7.14
N LEU A 119 14.29 -14.53 5.87
CA LEU A 119 13.49 -15.70 5.49
C LEU A 119 14.19 -16.50 4.39
N CYS A 120 14.31 -17.81 4.61
CA CYS A 120 14.96 -18.68 3.64
C CYS A 120 14.02 -19.80 3.20
N GLY A 121 13.47 -19.67 2.00
CA GLY A 121 12.57 -20.69 1.49
C GLY A 121 11.12 -20.25 1.52
N LYS A 122 10.30 -20.99 2.26
CA LYS A 122 8.88 -20.67 2.38
C LYS A 122 8.27 -20.38 1.01
N GLY A 123 7.06 -19.84 1.01
CA GLY A 123 6.39 -19.52 -0.24
C GLY A 123 4.98 -20.09 -0.31
N ALA A 124 4.01 -19.30 0.13
CA ALA A 124 2.61 -19.73 0.11
C ALA A 124 1.67 -18.54 0.31
N ASP A 125 1.98 -17.71 1.29
CA ASP A 125 1.16 -16.54 1.58
C ASP A 125 1.69 -15.78 2.79
N ILE A 126 3.01 -15.74 2.92
CA ILE A 126 3.66 -15.04 4.03
C ILE A 126 3.58 -13.53 3.85
N ASP A 127 3.96 -13.07 2.67
CA ASP A 127 3.96 -11.65 2.35
C ASP A 127 2.54 -11.07 2.38
N GLU A 128 1.55 -11.95 2.43
CA GLU A 128 0.16 -11.51 2.46
C GLU A 128 -0.20 -11.02 3.86
N LEU A 129 0.29 -11.76 4.86
CA LEU A 129 0.06 -11.45 6.25
C LEU A 129 0.97 -10.31 6.69
N TRP A 130 2.24 -10.39 6.31
CA TRP A 130 3.21 -9.39 6.65
C TRP A 130 2.82 -8.07 6.01
N LEU A 131 2.14 -8.16 4.88
CA LEU A 131 1.69 -6.98 4.15
C LEU A 131 0.53 -6.34 4.88
N CYS A 132 -0.55 -7.09 5.05
CA CYS A 132 -1.73 -6.57 5.74
C CYS A 132 -1.29 -5.69 6.91
N THR A 133 -0.15 -6.05 7.49
CA THR A 133 0.40 -5.30 8.61
C THR A 133 1.06 -4.02 8.12
N LEU A 134 1.82 -4.12 7.04
CA LEU A 134 2.49 -2.96 6.47
C LEU A 134 1.46 -2.03 5.86
N LEU A 135 0.62 -2.57 4.99
CA LEU A 135 -0.43 -1.81 4.34
C LEU A 135 -1.09 -0.87 5.35
N ALA A 136 -1.51 -1.43 6.48
CA ALA A 136 -2.16 -0.65 7.52
C ALA A 136 -1.21 0.40 8.09
N VAL A 137 0.06 0.10 8.04
CA VAL A 137 1.10 0.97 8.59
C VAL A 137 1.33 2.22 7.72
N ILE A 138 0.88 2.19 6.47
CA ILE A 138 1.09 3.33 5.59
C ILE A 138 -0.07 4.31 5.65
N GLY A 139 -1.27 3.82 5.39
CA GLY A 139 -2.45 4.68 5.40
C GLY A 139 -3.41 4.38 6.54
N GLU A 140 -3.02 3.46 7.41
CA GLU A 140 -3.86 3.09 8.54
C GLU A 140 -3.05 3.13 9.83
N THR A 141 -2.27 4.18 10.00
CA THR A 141 -1.44 4.34 11.17
C THR A 141 -1.64 5.71 11.82
N ILE A 142 -2.89 6.17 11.84
CA ILE A 142 -3.22 7.45 12.43
C ILE A 142 -2.44 7.65 13.74
N ASP A 143 -2.38 6.61 14.55
CA ASP A 143 -1.67 6.66 15.82
C ASP A 143 -2.05 5.48 16.71
N GLU A 144 -3.34 5.13 16.71
CA GLU A 144 -3.83 4.02 17.50
C GLU A 144 -3.46 2.68 16.87
N ASP A 145 -3.00 2.73 15.62
CA ASP A 145 -2.62 1.53 14.91
C ASP A 145 -1.44 0.85 15.58
N ASP A 146 -0.25 1.38 15.33
CA ASP A 146 0.96 0.85 15.92
C ASP A 146 1.50 1.84 16.94
N SER A 147 1.18 3.11 16.71
CA SER A 147 1.60 4.21 17.59
C SER A 147 1.93 5.44 16.76
N GLN A 148 2.40 5.20 15.54
CA GLN A 148 2.76 6.27 14.62
C GLN A 148 3.72 5.74 13.56
N ILE A 149 4.79 5.10 14.02
CA ILE A 149 5.78 4.51 13.13
C ILE A 149 6.14 5.48 11.99
N ASN A 150 7.01 5.04 11.09
CA ASN A 150 7.41 5.88 9.96
C ASN A 150 7.20 5.14 8.65
N GLY A 151 7.59 3.87 8.60
CA GLY A 151 7.42 3.08 7.40
C GLY A 151 8.19 1.78 7.43
N VAL A 152 8.01 0.96 6.40
CA VAL A 152 8.68 -0.32 6.31
C VAL A 152 9.52 -0.44 5.04
N VAL A 153 10.38 -1.45 5.00
CA VAL A 153 11.24 -1.67 3.85
C VAL A 153 11.25 -3.15 3.46
N LEU A 154 11.67 -3.44 2.24
CA LEU A 154 11.73 -4.82 1.75
C LEU A 154 13.03 -5.07 0.98
N SER A 155 13.53 -6.29 1.05
CA SER A 155 14.76 -6.64 0.35
C SER A 155 14.87 -8.15 0.18
N ILE A 156 14.63 -8.61 -1.03
CA ILE A 156 14.70 -10.02 -1.34
C ILE A 156 16.08 -10.37 -1.88
N ARG A 157 16.43 -11.64 -1.80
CA ARG A 157 17.73 -12.11 -2.28
C ARG A 157 17.66 -13.59 -2.67
N LYS A 158 16.86 -13.89 -3.68
CA LYS A 158 16.70 -15.26 -4.17
C LYS A 158 16.92 -16.28 -3.05
N GLY A 159 15.82 -16.75 -2.46
CA GLY A 159 15.92 -17.72 -1.39
C GLY A 159 16.23 -17.09 -0.05
N GLY A 160 16.27 -15.77 -0.01
CA GLY A 160 16.57 -15.06 1.23
C GLY A 160 15.83 -13.74 1.33
N ASN A 161 14.52 -13.81 1.41
CA ASN A 161 13.70 -12.60 1.52
C ASN A 161 13.95 -11.90 2.85
N LYS A 162 14.16 -10.59 2.79
CA LYS A 162 14.41 -9.80 3.98
C LYS A 162 13.61 -8.50 3.95
N PHE A 163 12.69 -8.37 4.89
CA PHE A 163 11.85 -7.18 4.96
C PHE A 163 12.14 -6.36 6.21
N ALA A 164 12.31 -5.05 6.03
CA ALA A 164 12.59 -4.16 7.15
C ALA A 164 11.33 -3.44 7.60
N LEU A 165 11.38 -2.87 8.80
CA LEU A 165 10.25 -2.13 9.36
C LEU A 165 10.78 -0.97 10.19
N TRP A 166 10.60 0.25 9.69
CA TRP A 166 11.10 1.42 10.38
C TRP A 166 10.08 1.96 11.35
N THR A 167 10.55 2.30 12.54
CA THR A 167 9.69 2.81 13.58
C THR A 167 10.08 4.20 14.02
N LYS A 168 9.19 5.17 13.79
CA LYS A 168 9.45 6.54 14.19
C LYS A 168 10.13 6.59 15.55
N CYS A 169 9.84 5.59 16.37
CA CYS A 169 10.39 5.47 17.72
C CYS A 169 9.39 4.82 18.66
N GLU A 170 8.41 5.61 19.10
CA GLU A 170 7.37 5.13 20.00
C GLU A 170 7.92 4.21 21.07
N ASP A 171 9.20 4.36 21.40
CA ASP A 171 9.82 3.53 22.42
C ASP A 171 10.12 2.14 21.87
N LYS A 172 11.32 1.66 22.13
CA LYS A 172 11.74 0.35 21.66
C LYS A 172 10.98 -0.76 22.36
N GLU A 173 10.44 -0.46 23.53
CA GLU A 173 9.67 -1.45 24.27
C GLU A 173 8.64 -2.09 23.36
N PRO A 174 7.72 -1.29 22.82
CA PRO A 174 6.70 -1.78 21.92
C PRO A 174 7.32 -2.38 20.65
N LEU A 175 8.58 -2.01 20.37
CA LEU A 175 9.26 -2.53 19.21
C LEU A 175 9.62 -3.99 19.42
N LEU A 176 10.43 -4.26 20.44
CA LEU A 176 10.79 -5.63 20.73
C LEU A 176 9.53 -6.49 20.71
N ARG A 177 8.41 -5.83 20.98
CA ARG A 177 7.11 -6.51 20.98
C ARG A 177 6.58 -6.59 19.55
N ILE A 178 6.83 -5.55 18.76
CA ILE A 178 6.38 -5.51 17.38
C ILE A 178 7.14 -6.54 16.56
N GLY A 179 8.45 -6.59 16.75
CA GLY A 179 9.27 -7.54 16.03
C GLY A 179 8.84 -8.96 16.29
N GLY A 180 8.78 -9.34 17.56
CA GLY A 180 8.36 -10.67 17.92
C GLY A 180 7.11 -11.10 17.18
N LYS A 181 6.08 -10.27 17.24
CA LYS A 181 4.83 -10.54 16.56
C LYS A 181 5.02 -10.60 15.06
N PHE A 182 5.61 -9.54 14.50
CA PHE A 182 5.86 -9.47 13.07
C PHE A 182 6.62 -10.71 12.60
N LYS A 183 7.38 -11.32 13.52
CA LYS A 183 8.13 -12.51 13.21
C LYS A 183 7.20 -13.69 12.93
N GLN A 184 6.26 -13.92 13.84
CA GLN A 184 5.30 -15.01 13.68
C GLN A 184 4.61 -14.93 12.33
N VAL A 185 4.25 -13.73 11.93
CA VAL A 185 3.59 -13.52 10.65
C VAL A 185 4.40 -14.19 9.54
N LEU A 186 5.71 -14.17 9.71
CA LEU A 186 6.61 -14.78 8.74
C LEU A 186 6.71 -16.28 8.99
N LYS A 187 5.93 -16.75 9.97
CA LYS A 187 5.93 -18.17 10.31
C LYS A 187 7.33 -18.66 10.61
N LEU A 188 8.17 -17.75 11.09
CA LEU A 188 9.55 -18.06 11.41
C LEU A 188 9.69 -18.52 12.87
N THR A 189 8.57 -18.51 13.59
CA THR A 189 8.56 -18.92 14.99
C THR A 189 9.58 -20.01 15.27
N ASP A 190 9.80 -20.87 14.28
CA ASP A 190 10.76 -21.96 14.41
C ASP A 190 12.14 -21.54 13.91
N ASP A 191 12.59 -20.35 14.31
CA ASP A 191 13.89 -19.85 13.89
C ASP A 191 14.27 -18.60 14.68
N GLY A 192 13.29 -17.75 14.95
CA GLY A 192 13.56 -16.52 15.69
C GLY A 192 13.87 -15.36 14.77
N HIS A 193 14.04 -15.66 13.48
CA HIS A 193 14.36 -14.66 12.47
C HIS A 193 13.89 -13.27 12.88
N LEU A 194 14.68 -12.27 12.51
CA LEU A 194 14.37 -10.88 12.83
C LEU A 194 15.64 -10.04 12.76
N GLU A 195 15.48 -8.72 12.87
CA GLU A 195 16.62 -7.82 12.80
C GLU A 195 16.33 -6.51 13.52
N PHE A 196 16.85 -6.39 14.74
CA PHE A 196 16.65 -5.18 15.52
C PHE A 196 17.93 -4.35 15.49
N PHE A 197 17.96 -3.35 14.62
CA PHE A 197 19.12 -2.49 14.49
C PHE A 197 18.83 -1.07 14.92
N PRO A 198 19.80 -0.41 15.57
CA PRO A 198 19.67 0.96 16.04
C PRO A 198 20.11 1.96 14.97
N HIS A 199 19.15 2.74 14.47
CA HIS A 199 19.44 3.74 13.45
C HIS A 199 20.83 4.35 13.63
N CYS A 200 21.26 4.43 14.89
CA CYS A 200 22.56 5.00 15.23
C CYS A 200 23.59 4.66 14.16
N SER A 201 23.47 3.49 13.56
CA SER A 201 24.40 3.06 12.52
C SER A 201 23.66 2.47 11.33
N ALA A 202 22.33 2.50 11.39
CA ALA A 202 21.51 1.97 10.31
C ALA A 202 21.97 0.57 9.91
N ASN A 203 22.04 -0.33 10.88
CA ASN A 203 22.47 -1.69 10.62
C ASN A 203 23.99 -1.81 10.69
N GLY A 204 24.58 -1.23 11.73
CA GLY A 204 26.01 -1.28 11.90
C GLY A 204 26.42 -2.15 13.07
N ARG A 205 25.43 -2.53 13.89
CA ARG A 205 25.68 -3.36 15.05
C ARG A 205 26.13 -2.52 16.24
N HIS A 206 25.79 -2.97 17.45
CA HIS A 206 26.17 -2.27 18.67
C HIS A 206 25.23 -2.65 19.81
N PRO A 207 25.52 -2.17 21.03
CA PRO A 207 24.70 -2.46 22.21
C PRO A 207 23.21 -2.33 21.91
N GLN A 208 22.38 -2.79 22.84
CA GLN A 208 20.94 -2.73 22.67
C GLN A 208 20.53 -3.41 21.36
N PRO A 209 19.26 -3.27 20.93
CA PRO A 209 18.78 -3.88 19.69
C PRO A 209 19.76 -3.69 18.54
N SER A 210 20.35 -4.80 18.09
CA SER A 210 21.32 -4.76 16.99
C SER A 210 21.62 -6.16 16.49
N ILE A 211 20.66 -7.04 16.66
CA ILE A 211 20.80 -8.42 16.24
C ILE A 211 19.99 -8.72 14.99
N THR A 212 20.28 -9.85 14.38
CA THR A 212 19.58 -10.26 13.17
C THR A 212 19.44 -11.77 13.12
N LEU A 213 18.27 -12.25 13.51
CA LEU A 213 17.99 -13.68 13.51
C LEU A 213 17.68 -14.17 12.11
N GLY B 1 -30.77 -48.82 -26.14
CA GLY B 1 -31.51 -47.54 -25.93
C GLY B 1 -32.08 -46.98 -27.22
N SER B 2 -32.81 -45.87 -27.12
CA SER B 2 -33.40 -45.24 -28.29
C SER B 2 -33.88 -43.82 -27.94
N ILE B 3 -32.93 -42.94 -27.64
CA ILE B 3 -33.27 -41.56 -27.30
C ILE B 3 -32.30 -40.59 -27.97
N GLY B 4 -32.46 -40.40 -29.28
CA GLY B 4 -31.59 -39.49 -30.01
C GLY B 4 -31.68 -38.07 -29.49
N LEU B 5 -31.30 -37.11 -30.33
CA LEU B 5 -31.34 -35.71 -29.95
C LEU B 5 -30.49 -35.45 -28.71
N GLU B 6 -29.36 -34.77 -28.89
CA GLU B 6 -28.46 -34.48 -27.78
C GLU B 6 -28.19 -32.97 -27.70
N ALA B 7 -28.86 -32.31 -26.76
CA ALA B 7 -28.68 -30.88 -26.56
C ALA B 7 -27.55 -30.59 -25.59
N GLU B 8 -26.32 -30.84 -26.02
CA GLU B 8 -25.15 -30.60 -25.18
C GLU B 8 -24.45 -29.31 -25.60
N ILE B 9 -24.53 -28.29 -24.75
CA ILE B 9 -23.90 -27.02 -25.02
C ILE B 9 -22.47 -26.98 -24.48
N GLU B 10 -21.57 -26.34 -25.23
CA GLU B 10 -20.18 -26.24 -24.84
C GLU B 10 -19.53 -25.01 -25.45
N THR B 11 -19.98 -23.83 -25.01
CA THR B 11 -19.43 -22.58 -25.52
C THR B 11 -18.52 -21.93 -24.49
N THR B 12 -17.21 -22.12 -24.66
CA THR B 12 -16.23 -21.56 -23.74
C THR B 12 -15.48 -20.40 -24.41
N THR B 13 -16.23 -19.51 -25.05
CA THR B 13 -15.64 -18.36 -25.72
C THR B 13 -15.31 -17.25 -24.71
N ASP B 14 -14.17 -17.39 -24.04
CA ASP B 14 -13.74 -16.41 -23.05
C ASP B 14 -12.31 -16.68 -22.60
N GLU B 15 -11.89 -16.02 -21.53
CA GLU B 15 -10.55 -16.18 -21.00
C GLU B 15 -9.50 -15.78 -22.03
N THR B 16 -9.87 -14.87 -22.92
CA THR B 16 -8.96 -14.40 -23.95
C THR B 16 -7.84 -13.55 -23.35
N ASP B 17 -6.67 -13.60 -23.98
CA ASP B 17 -5.52 -12.83 -23.52
C ASP B 17 -4.77 -13.60 -22.43
N ASP B 18 -5.44 -13.85 -21.31
CA ASP B 18 -4.83 -14.58 -20.19
C ASP B 18 -5.67 -14.43 -18.93
N GLY B 19 -6.41 -13.33 -18.84
CA GLY B 19 -7.24 -13.10 -17.67
C GLY B 19 -6.56 -12.24 -16.63
N THR B 20 -5.57 -11.46 -17.06
CA THR B 20 -4.84 -10.58 -16.16
C THR B 20 -5.26 -9.12 -16.35
N ASN B 21 -5.48 -8.43 -15.24
CA ASN B 21 -5.89 -7.03 -15.29
C ASN B 21 -4.70 -6.11 -15.55
N THR B 22 -4.98 -4.98 -16.17
CA THR B 22 -3.93 -4.00 -16.48
C THR B 22 -4.28 -2.63 -15.92
N VAL B 23 -3.28 -1.92 -15.43
CA VAL B 23 -3.50 -0.60 -14.86
C VAL B 23 -4.02 0.37 -15.91
N SER B 24 -3.53 0.24 -17.13
CA SER B 24 -3.95 1.11 -18.23
C SER B 24 -5.47 1.07 -18.40
N HIS B 25 -6.04 -0.12 -18.28
CA HIS B 25 -7.48 -0.29 -18.43
C HIS B 25 -8.24 0.33 -17.25
N ILE B 26 -7.85 -0.04 -16.03
CA ILE B 26 -8.50 0.46 -14.84
C ILE B 26 -8.34 1.98 -14.72
N LEU B 27 -7.10 2.46 -14.78
CA LEU B 27 -6.85 3.89 -14.69
C LEU B 27 -7.69 4.62 -15.72
N ASN B 28 -7.93 3.95 -16.84
CA ASN B 28 -8.74 4.51 -17.91
C ASN B 28 -10.17 4.67 -17.44
N VAL B 29 -10.60 3.80 -16.53
CA VAL B 29 -11.95 3.86 -15.99
C VAL B 29 -12.14 5.17 -15.22
N LEU B 30 -11.05 5.64 -14.63
CA LEU B 30 -11.07 6.88 -13.86
C LEU B 30 -11.46 8.08 -14.72
N LYS B 31 -11.13 8.02 -16.01
CA LYS B 31 -11.45 9.12 -16.92
C LYS B 31 -12.86 9.62 -16.67
N ASP B 32 -13.80 8.69 -16.52
CA ASP B 32 -15.19 9.05 -16.25
C ASP B 32 -15.55 8.66 -14.82
N ALA B 33 -14.82 9.22 -13.86
CA ALA B 33 -15.04 8.92 -12.45
C ALA B 33 -15.43 10.16 -11.66
N THR B 34 -15.80 9.93 -10.39
CA THR B 34 -16.17 11.01 -9.50
C THR B 34 -15.19 11.07 -8.33
N PRO B 35 -14.81 12.28 -7.90
CA PRO B 35 -13.85 12.44 -6.80
C PRO B 35 -14.25 11.66 -5.56
N ILE B 36 -13.53 11.91 -4.47
CA ILE B 36 -13.78 11.21 -3.22
C ILE B 36 -13.91 12.17 -2.04
N GLU B 37 -14.79 11.82 -1.12
CA GLU B 37 -14.98 12.61 0.09
C GLU B 37 -14.13 12.03 1.22
N ASP B 38 -13.88 10.71 1.14
CA ASP B 38 -13.07 9.99 2.14
C ASP B 38 -13.57 8.56 2.34
N VAL B 39 -12.68 7.68 2.76
CA VAL B 39 -13.01 6.28 3.00
C VAL B 39 -14.42 6.12 3.50
N PHE B 40 -14.58 6.31 4.81
CA PHE B 40 -15.88 6.22 5.43
C PHE B 40 -16.82 7.23 4.80
N SER B 41 -16.27 8.15 4.01
CA SER B 41 -17.11 9.14 3.36
C SER B 41 -17.97 8.45 2.31
N PHE B 42 -17.50 7.30 1.82
CA PHE B 42 -18.26 6.54 0.82
C PHE B 42 -18.60 5.15 1.33
N ASN B 43 -19.90 4.86 1.37
CA ASN B 43 -20.37 3.56 1.82
C ASN B 43 -20.36 2.57 0.65
N TYR B 44 -19.46 1.61 0.73
CA TYR B 44 -19.32 0.60 -0.32
C TYR B 44 -20.60 -0.25 -0.42
N PRO B 45 -21.30 -0.14 -1.55
CA PRO B 45 -22.54 -0.88 -1.79
C PRO B 45 -22.30 -2.31 -2.27
N GLU B 46 -22.82 -3.28 -1.53
CA GLU B 46 -22.66 -4.69 -1.88
C GLU B 46 -21.19 -5.09 -1.91
N GLY B 47 -20.82 -5.98 -0.99
CA GLY B 47 -19.44 -6.44 -0.91
C GLY B 47 -18.79 -6.11 0.41
N ILE B 48 -18.82 -4.84 0.78
CA ILE B 48 -18.23 -4.38 2.02
C ILE B 48 -18.81 -3.03 2.44
N GLU B 49 -18.41 -2.55 3.61
CA GLU B 49 -18.90 -1.27 4.11
C GLU B 49 -17.98 -0.71 5.19
N GLY B 50 -17.42 0.47 4.93
CA GLY B 50 -16.54 1.08 5.90
C GLY B 50 -17.14 2.34 6.51
N PRO B 51 -17.84 2.20 7.65
CA PRO B 51 -18.48 3.31 8.33
C PRO B 51 -17.59 3.98 9.37
N ASP B 52 -17.32 3.28 10.46
CA ASP B 52 -16.50 3.80 11.55
C ASP B 52 -15.33 2.87 11.87
N ILE B 53 -15.30 1.71 11.22
CA ILE B 53 -14.26 0.69 11.46
C ILE B 53 -13.03 1.26 12.17
N LYS B 54 -12.14 1.90 11.42
CA LYS B 54 -10.94 2.47 12.02
C LYS B 54 -11.14 3.92 12.46
N TYR B 55 -12.17 4.56 11.93
CA TYR B 55 -12.47 5.95 12.28
C TYR B 55 -12.33 6.17 13.79
N LYS B 56 -12.51 5.10 14.56
CA LYS B 56 -12.41 5.17 16.01
C LYS B 56 -10.96 5.27 16.50
N LYS B 57 -10.01 5.07 15.58
CA LYS B 57 -8.59 5.14 15.94
C LYS B 57 -8.28 6.34 16.83
N GLU B 58 -9.15 7.34 16.80
CA GLU B 58 -8.98 8.54 17.61
C GLU B 58 -8.19 9.59 16.85
N HIS B 59 -8.67 9.92 15.66
CA HIS B 59 -8.00 10.90 14.81
C HIS B 59 -8.67 10.96 13.45
N VAL B 60 -9.19 9.83 13.00
CA VAL B 60 -9.85 9.76 11.71
C VAL B 60 -9.12 10.64 10.68
N LYS B 61 -9.85 11.11 9.67
CA LYS B 61 -9.27 11.96 8.64
C LYS B 61 -8.67 11.11 7.52
N TYR B 62 -7.87 10.12 7.90
CA TYR B 62 -7.22 9.24 6.94
C TYR B 62 -7.02 7.86 7.55
N THR B 63 -8.10 7.25 8.02
CA THR B 63 -8.04 5.92 8.61
C THR B 63 -8.65 4.90 7.67
N TYR B 64 -7.81 4.01 7.16
CA TYR B 64 -8.25 2.99 6.22
C TYR B 64 -8.03 1.60 6.80
N GLY B 65 -9.13 0.92 7.13
CA GLY B 65 -9.03 -0.41 7.69
C GLY B 65 -8.00 -1.27 7.00
N PRO B 66 -7.13 -1.94 7.77
CA PRO B 66 -6.09 -2.81 7.21
C PRO B 66 -6.69 -3.89 6.34
N THR B 67 -7.74 -4.53 6.84
CA THR B 67 -8.43 -5.58 6.11
C THR B 67 -9.18 -5.00 4.92
N PHE B 68 -9.63 -3.75 5.06
CA PHE B 68 -10.34 -3.07 3.98
C PHE B 68 -9.41 -2.89 2.80
N LEU B 69 -8.28 -2.23 3.06
CA LEU B 69 -7.29 -2.01 2.02
C LEU B 69 -6.94 -3.34 1.36
N LEU B 70 -7.14 -4.42 2.11
CA LEU B 70 -6.88 -5.75 1.59
C LEU B 70 -7.83 -6.03 0.43
N GLN B 71 -9.08 -5.59 0.60
CA GLN B 71 -10.08 -5.75 -0.45
C GLN B 71 -9.52 -5.17 -1.74
N PHE B 72 -8.91 -3.99 -1.61
CA PHE B 72 -8.30 -3.32 -2.75
C PHE B 72 -7.40 -4.29 -3.50
N LYS B 73 -6.35 -4.75 -2.83
CA LYS B 73 -5.41 -5.70 -3.41
C LYS B 73 -6.12 -6.63 -4.38
N ASP B 74 -7.03 -7.44 -3.84
CA ASP B 74 -7.78 -8.39 -4.66
C ASP B 74 -8.21 -7.76 -5.99
N LYS B 75 -8.56 -6.47 -5.95
CA LYS B 75 -9.01 -5.78 -7.15
C LYS B 75 -7.84 -5.11 -7.88
N LEU B 76 -6.82 -4.69 -7.11
CA LEU B 76 -5.64 -4.05 -7.69
C LEU B 76 -4.77 -5.05 -8.41
N ASN B 77 -5.17 -6.32 -8.40
CA ASN B 77 -4.40 -7.39 -9.04
C ASN B 77 -4.11 -7.08 -10.51
N VAL B 78 -3.21 -6.13 -10.74
CA VAL B 78 -2.82 -5.74 -12.09
C VAL B 78 -1.32 -5.92 -12.31
N LYS B 79 -0.60 -6.10 -11.21
CA LYS B 79 0.84 -6.26 -11.25
C LYS B 79 1.49 -5.07 -11.93
N ALA B 80 1.65 -3.98 -11.18
CA ALA B 80 2.23 -2.77 -11.73
C ALA B 80 3.39 -2.25 -10.90
N ASP B 81 3.72 -0.98 -11.14
CA ASP B 81 4.81 -0.31 -10.44
C ASP B 81 5.40 0.80 -11.31
N ALA B 82 5.58 0.48 -12.59
CA ALA B 82 6.13 1.44 -13.54
C ALA B 82 5.04 2.19 -14.28
N GLU B 83 4.28 1.47 -15.09
CA GLU B 83 3.20 2.07 -15.88
C GLU B 83 2.09 2.62 -14.99
N TRP B 84 1.78 1.89 -13.93
CA TRP B 84 0.72 2.32 -13.02
C TRP B 84 1.00 3.73 -12.50
N VAL B 85 2.18 3.95 -11.97
CA VAL B 85 2.57 5.25 -11.44
C VAL B 85 2.39 6.35 -12.50
N GLN B 86 2.83 6.07 -13.71
CA GLN B 86 2.74 7.04 -14.81
C GLN B 86 1.34 7.62 -14.90
N SER B 87 0.33 6.76 -14.95
CA SER B 87 -1.06 7.20 -15.05
C SER B 87 -1.70 7.36 -13.68
N THR B 88 -0.92 7.10 -12.63
CA THR B 88 -1.42 7.22 -11.27
C THR B 88 -1.48 8.68 -10.81
N ALA B 89 -0.64 9.52 -11.39
CA ALA B 89 -0.62 10.94 -11.04
C ALA B 89 -2.04 11.49 -10.90
N SER B 90 -2.99 10.86 -11.59
CA SER B 90 -4.39 11.30 -11.55
C SER B 90 -4.97 11.23 -10.14
N LYS B 91 -4.58 10.22 -9.36
CA LYS B 91 -5.07 10.05 -7.99
C LYS B 91 -5.36 11.41 -7.36
N ILE B 92 -6.57 11.56 -6.81
CA ILE B 92 -6.96 12.82 -6.18
C ILE B 92 -7.41 12.60 -4.73
N VAL B 93 -7.08 13.57 -3.89
CA VAL B 93 -7.44 13.52 -2.48
C VAL B 93 -8.27 14.75 -2.09
N ILE B 94 -9.32 14.52 -1.32
CA ILE B 94 -10.19 15.62 -0.89
C ILE B 94 -10.30 15.67 0.63
N PRO B 95 -10.11 16.86 1.21
CA PRO B 95 -10.18 17.06 2.67
C PRO B 95 -11.62 17.15 3.17
N PRO B 96 -11.89 16.55 4.34
CA PRO B 96 -13.23 16.56 4.93
C PRO B 96 -13.83 17.96 4.98
N GLY B 97 -14.87 18.17 4.19
CA GLY B 97 -15.53 19.46 4.15
C GLY B 97 -17.01 19.37 4.41
N MET B 98 -17.81 20.07 3.60
CA MET B 98 -19.25 20.06 3.76
C MET B 98 -19.80 18.63 3.71
N GLY B 99 -21.07 18.49 4.06
CA GLY B 99 -21.69 17.18 4.05
C GLY B 99 -22.27 16.81 2.70
N ARG B 100 -23.35 17.50 2.32
CA ARG B 100 -23.99 17.26 1.04
C ARG B 100 -23.92 18.48 0.14
N MET A 1 -27.97 26.71 -49.13
CA MET A 1 -26.78 26.58 -48.24
C MET A 1 -25.91 27.82 -48.30
N SER A 2 -26.44 28.88 -48.91
CA SER A 2 -25.70 30.14 -49.04
C SER A 2 -26.58 31.32 -48.66
N VAL A 3 -27.72 31.04 -48.03
CA VAL A 3 -28.64 32.09 -47.61
C VAL A 3 -27.93 33.15 -46.77
N GLU A 4 -28.21 34.42 -47.05
CA GLU A 4 -27.61 35.52 -46.32
C GLU A 4 -27.93 35.43 -44.84
N GLU A 5 -26.92 35.09 -44.04
CA GLU A 5 -27.09 34.98 -42.60
C GLU A 5 -26.12 35.88 -41.85
N VAL A 6 -26.55 36.37 -40.70
CA VAL A 6 -25.72 37.26 -39.89
C VAL A 6 -24.76 36.46 -39.01
N SER A 7 -25.31 35.69 -38.08
CA SER A 7 -24.50 34.88 -37.19
C SER A 7 -23.64 35.75 -36.27
N LYS A 8 -24.24 36.21 -35.18
CA LYS A 8 -23.54 37.07 -34.23
C LYS A 8 -23.22 36.30 -32.95
N LYS A 9 -23.89 35.17 -32.75
CA LYS A 9 -23.66 34.35 -31.56
C LYS A 9 -22.71 33.20 -31.88
N PHE A 10 -21.56 33.21 -31.22
CA PHE A 10 -20.55 32.17 -31.43
C PHE A 10 -20.34 31.35 -30.16
N GLU A 11 -19.79 31.99 -29.14
CA GLU A 11 -19.53 31.33 -27.86
C GLU A 11 -20.39 31.91 -26.76
N GLU A 12 -21.44 31.19 -26.39
CA GLU A 12 -22.36 31.65 -25.33
C GLU A 12 -22.46 30.61 -24.23
N ASN A 13 -21.35 30.36 -23.54
CA ASN A 13 -21.33 29.38 -22.46
C ASN A 13 -22.52 29.56 -21.53
N VAL A 14 -23.01 28.46 -20.97
CA VAL A 14 -24.14 28.49 -20.06
C VAL A 14 -24.55 27.10 -19.62
N SER A 15 -23.67 26.45 -18.85
CA SER A 15 -23.93 25.10 -18.36
C SER A 15 -24.02 25.08 -16.83
N VAL A 16 -25.22 24.85 -16.31
CA VAL A 16 -25.44 24.81 -14.88
C VAL A 16 -26.27 23.59 -14.48
N ASP A 17 -26.44 22.67 -15.43
CA ASP A 17 -27.22 21.46 -15.18
C ASP A 17 -26.33 20.33 -14.65
N ASP A 18 -26.03 20.37 -13.37
CA ASP A 18 -25.20 19.36 -12.74
C ASP A 18 -26.02 18.43 -11.86
N THR A 19 -25.79 17.13 -11.99
CA THR A 19 -26.52 16.14 -11.21
C THR A 19 -25.56 15.09 -10.64
N THR A 20 -25.80 14.69 -9.39
CA THR A 20 -24.97 13.70 -8.73
C THR A 20 -25.29 12.30 -9.25
N ALA A 21 -24.35 11.38 -9.06
CA ALA A 21 -24.53 10.00 -9.50
C ALA A 21 -23.85 9.02 -8.56
N THR A 22 -23.49 9.50 -7.37
CA THR A 22 -22.82 8.66 -6.38
C THR A 22 -21.45 8.22 -6.86
N PRO A 23 -20.46 8.18 -5.97
CA PRO A 23 -19.10 7.78 -6.31
C PRO A 23 -18.94 6.26 -6.37
N LYS A 24 -17.76 5.80 -6.78
CA LYS A 24 -17.48 4.38 -6.89
C LYS A 24 -16.03 4.08 -6.54
N THR A 25 -15.82 3.39 -5.42
CA THR A 25 -14.48 3.03 -4.98
C THR A 25 -13.98 1.78 -5.71
N VAL A 26 -12.70 1.48 -5.53
CA VAL A 26 -12.11 0.30 -6.16
C VAL A 26 -12.79 -0.98 -5.71
N LEU A 27 -13.61 -0.89 -4.67
CA LEU A 27 -14.31 -2.06 -4.15
C LEU A 27 -15.57 -2.33 -4.97
N SER A 28 -16.54 -1.43 -4.88
CA SER A 28 -17.78 -1.58 -5.63
C SER A 28 -17.59 -1.18 -7.09
N ASP A 29 -16.46 -0.55 -7.38
CA ASP A 29 -16.15 -0.12 -8.74
C ASP A 29 -16.69 -1.10 -9.76
N SER A 30 -16.26 -2.36 -9.64
CA SER A 30 -16.69 -3.39 -10.57
C SER A 30 -16.60 -2.89 -12.01
N ALA A 31 -15.41 -2.42 -12.38
CA ALA A 31 -15.17 -1.90 -13.71
C ALA A 31 -15.56 -0.42 -13.78
N HIS A 32 -15.23 0.32 -12.73
CA HIS A 32 -15.55 1.74 -12.66
C HIS A 32 -15.09 2.35 -11.34
N PHE A 33 -13.99 3.11 -11.39
CA PHE A 33 -13.46 3.77 -10.20
C PHE A 33 -13.63 5.27 -10.33
N ASP A 34 -14.62 5.81 -9.63
CA ASP A 34 -14.91 7.24 -9.69
C ASP A 34 -14.57 7.97 -8.39
N VAL A 35 -13.79 7.33 -7.52
CA VAL A 35 -13.43 7.97 -6.25
C VAL A 35 -12.00 7.63 -5.82
N LYS A 36 -11.32 8.64 -5.29
CA LYS A 36 -9.96 8.45 -4.80
C LYS A 36 -10.00 8.08 -3.32
N HIS A 37 -8.90 7.56 -2.78
CA HIS A 37 -8.88 7.17 -1.38
C HIS A 37 -7.94 8.06 -0.57
N PRO A 38 -8.45 8.60 0.55
CA PRO A 38 -7.70 9.47 1.44
C PRO A 38 -7.16 8.74 2.66
N LEU A 39 -6.06 9.22 3.21
CA LEU A 39 -5.47 8.62 4.39
C LEU A 39 -5.09 9.68 5.42
N ASN A 40 -4.32 9.27 6.42
CA ASN A 40 -3.89 10.19 7.45
C ASN A 40 -2.38 10.37 7.38
N THR A 41 -1.79 9.88 6.30
CA THR A 41 -0.36 9.99 6.11
C THR A 41 -0.01 10.11 4.64
N LYS A 42 1.11 10.75 4.40
CA LYS A 42 1.62 10.96 3.06
C LYS A 42 2.80 10.03 2.81
N TRP A 43 2.73 9.27 1.72
CA TRP A 43 3.81 8.34 1.39
C TRP A 43 3.93 8.14 -0.10
N THR A 44 5.02 7.50 -0.51
CA THR A 44 5.27 7.23 -1.91
C THR A 44 5.76 5.81 -2.07
N LEU A 45 5.96 5.36 -3.30
CA LEU A 45 6.35 3.97 -3.50
C LEU A 45 7.57 3.83 -4.39
N TRP A 46 8.60 3.15 -3.88
CA TRP A 46 9.83 2.92 -4.64
C TRP A 46 10.26 1.46 -4.55
N TYR A 47 10.93 0.96 -5.58
CA TYR A 47 11.40 -0.42 -5.60
C TYR A 47 12.79 -0.51 -6.23
N THR A 48 13.65 -1.33 -5.61
CA THR A 48 15.01 -1.51 -6.11
C THR A 48 15.18 -2.86 -6.79
N LYS A 49 15.98 -2.89 -7.84
CA LYS A 49 16.25 -4.12 -8.57
C LYS A 49 17.75 -4.42 -8.58
N PRO A 50 18.34 -4.55 -7.38
CA PRO A 50 19.76 -4.84 -7.24
C PRO A 50 20.28 -5.83 -8.27
N ALA A 51 21.15 -5.35 -9.14
CA ALA A 51 21.73 -6.19 -10.19
C ALA A 51 22.89 -5.49 -10.87
N VAL A 52 22.59 -4.39 -11.54
CA VAL A 52 23.59 -3.61 -12.22
C VAL A 52 24.45 -2.84 -11.23
N ASP A 53 24.12 -2.96 -9.95
CA ASP A 53 24.88 -2.28 -8.90
C ASP A 53 26.35 -2.56 -9.04
N LYS A 54 26.66 -3.65 -9.72
CA LYS A 54 28.05 -4.04 -9.96
C LYS A 54 28.91 -2.81 -10.18
N SER A 55 28.40 -1.94 -11.01
CA SER A 55 29.10 -0.70 -11.35
C SER A 55 28.14 0.47 -11.55
N GLU A 56 26.84 0.22 -11.38
CA GLU A 56 25.83 1.27 -11.57
C GLU A 56 25.79 2.19 -10.36
N SER A 57 24.85 1.92 -9.44
CA SER A 57 24.71 2.74 -8.24
C SER A 57 23.36 2.49 -7.59
N TRP A 58 23.34 2.32 -6.28
CA TRP A 58 22.09 2.09 -5.58
C TRP A 58 21.06 3.11 -6.02
N SER A 59 21.55 4.27 -6.46
CA SER A 59 20.68 5.35 -6.91
C SER A 59 20.40 5.22 -8.41
N ASP A 60 21.18 4.39 -9.09
CA ASP A 60 21.00 4.17 -10.52
C ASP A 60 20.04 3.02 -10.78
N LEU A 61 19.80 2.21 -9.75
CA LEU A 61 18.90 1.07 -9.86
C LEU A 61 17.52 1.45 -9.34
N LEU A 62 17.48 1.72 -8.04
CA LEU A 62 16.24 2.09 -7.38
C LEU A 62 15.30 2.83 -8.33
N ARG A 63 14.11 2.27 -8.52
CA ARG A 63 13.11 2.87 -9.39
C ARG A 63 12.00 3.45 -8.53
N PRO A 64 11.92 4.79 -8.45
CA PRO A 64 10.94 5.46 -7.62
C PRO A 64 9.55 5.49 -8.26
N VAL A 65 8.62 4.78 -7.62
CA VAL A 65 7.26 4.73 -8.07
C VAL A 65 6.43 5.69 -7.24
N THR A 66 5.14 5.57 -7.33
CA THR A 66 4.28 6.46 -6.57
C THR A 66 3.31 5.75 -5.66
N SER A 67 3.17 6.37 -4.51
CA SER A 67 2.24 5.94 -3.50
C SER A 67 1.46 7.17 -3.08
N PHE A 68 0.57 7.02 -2.11
CA PHE A 68 -0.24 8.16 -1.67
C PHE A 68 -1.06 7.85 -0.42
N GLN A 69 -1.87 8.83 -0.03
CA GLN A 69 -2.75 8.70 1.12
C GLN A 69 -3.86 7.70 0.84
N THR A 70 -3.49 6.48 0.49
CA THR A 70 -4.45 5.43 0.20
C THR A 70 -3.75 4.10 0.04
N VAL A 71 -3.46 3.74 -1.20
CA VAL A 71 -2.80 2.48 -1.50
C VAL A 71 -2.93 2.12 -2.96
N GLU A 72 -4.04 2.54 -3.55
CA GLU A 72 -4.33 2.27 -4.96
C GLU A 72 -3.05 2.15 -5.77
N GLU A 73 -2.12 3.05 -5.50
CA GLU A 73 -0.86 3.04 -6.19
C GLU A 73 -0.06 1.80 -5.80
N PHE A 74 0.27 1.71 -4.51
CA PHE A 74 1.02 0.58 -4.01
C PHE A 74 0.34 -0.73 -4.37
N TRP A 75 -0.95 -0.84 -4.09
CA TRP A 75 -1.67 -2.05 -4.40
C TRP A 75 -1.28 -2.56 -5.78
N ALA A 76 -1.24 -1.66 -6.77
CA ALA A 76 -0.84 -2.04 -8.12
C ALA A 76 0.49 -2.78 -8.08
N ILE A 77 1.53 -2.09 -7.59
CA ILE A 77 2.85 -2.67 -7.50
C ILE A 77 2.80 -4.04 -6.83
N ILE A 78 1.86 -4.22 -5.90
CA ILE A 78 1.68 -5.49 -5.22
C ILE A 78 0.99 -6.47 -6.14
N GLN A 79 0.12 -5.94 -6.99
CA GLN A 79 -0.58 -6.76 -7.96
C GLN A 79 0.41 -7.60 -8.74
N ASN A 80 1.66 -7.15 -8.72
CA ASN A 80 2.75 -7.86 -9.37
C ASN A 80 2.94 -9.22 -8.72
N ILE A 81 2.32 -9.39 -7.56
CA ILE A 81 2.39 -10.60 -6.78
C ILE A 81 3.80 -11.18 -6.76
N PRO A 82 4.83 -10.34 -6.54
CA PRO A 82 6.21 -10.81 -6.44
C PRO A 82 6.44 -11.39 -5.06
N GLU A 83 5.77 -10.76 -4.09
CA GLU A 83 5.83 -11.19 -2.70
C GLU A 83 7.25 -11.55 -2.27
N PRO A 84 7.39 -12.01 -1.03
CA PRO A 84 8.68 -12.40 -0.45
C PRO A 84 9.14 -13.76 -0.97
N HIS A 85 8.39 -14.34 -1.88
CA HIS A 85 8.74 -15.65 -2.44
C HIS A 85 8.01 -15.90 -3.76
N GLU A 86 7.76 -14.84 -4.51
CA GLU A 86 7.09 -14.94 -5.79
C GLU A 86 7.84 -14.19 -6.88
N LEU A 87 8.97 -13.60 -6.52
CA LEU A 87 9.77 -12.84 -7.46
C LEU A 87 11.18 -13.42 -7.55
N PRO A 88 12.05 -12.82 -8.39
CA PRO A 88 13.43 -13.29 -8.57
C PRO A 88 14.36 -12.77 -7.47
N LEU A 89 13.86 -12.83 -6.22
CA LEU A 89 14.64 -12.39 -5.07
C LEU A 89 15.50 -11.17 -5.41
N LYS A 90 16.50 -10.90 -4.56
CA LYS A 90 17.39 -9.78 -4.77
C LYS A 90 16.60 -8.51 -5.06
N SER A 91 15.37 -8.49 -4.61
CA SER A 91 14.48 -7.36 -4.85
C SER A 91 14.41 -6.44 -3.63
N ASP A 92 13.70 -5.32 -3.79
CA ASP A 92 13.53 -4.34 -2.73
C ASP A 92 12.31 -3.47 -2.97
N TYR A 93 11.44 -3.40 -1.97
CA TYR A 93 10.22 -2.60 -2.07
C TYR A 93 10.09 -1.68 -0.86
N HIS A 94 10.04 -0.38 -1.10
CA HIS A 94 9.93 0.59 -0.02
C HIS A 94 8.76 1.55 -0.23
N VAL A 95 8.12 1.93 0.87
CA VAL A 95 7.01 2.86 0.86
C VAL A 95 6.99 3.65 2.17
N PHE A 96 7.00 4.97 2.05
CA PHE A 96 7.02 5.83 3.23
C PHE A 96 7.20 7.30 2.81
N ARG A 97 7.72 8.12 3.74
CA ARG A 97 7.98 9.54 3.51
C ARG A 97 6.99 10.41 4.27
N ASN A 98 6.36 9.84 5.29
CA ASN A 98 5.41 10.58 6.10
C ASN A 98 6.13 11.45 7.13
N ASP A 99 7.41 11.13 7.35
CA ASP A 99 8.23 11.87 8.30
C ASP A 99 9.56 12.27 7.67
N VAL A 100 10.11 11.37 6.87
CA VAL A 100 11.38 11.61 6.19
C VAL A 100 11.21 11.27 4.72
N ARG A 101 12.16 10.56 4.11
CA ARG A 101 12.01 10.21 2.68
C ARG A 101 13.33 9.82 2.01
N PRO A 102 14.39 10.62 2.17
CA PRO A 102 15.67 10.38 1.55
C PRO A 102 15.91 8.93 1.14
N GLU A 103 16.01 8.02 2.12
CA GLU A 103 16.26 6.61 1.83
C GLU A 103 16.80 5.93 3.07
N TRP A 104 16.84 4.61 3.08
CA TRP A 104 17.36 3.90 4.24
C TRP A 104 18.63 4.60 4.73
N GLU A 105 19.30 5.29 3.82
CA GLU A 105 20.51 6.02 4.14
C GLU A 105 20.22 7.23 5.03
N ASP A 106 18.99 7.74 4.94
CA ASP A 106 18.55 8.89 5.72
C ASP A 106 17.19 8.62 6.35
N GLU A 107 16.33 7.90 5.64
CA GLU A 107 15.01 7.56 6.17
C GLU A 107 15.18 7.09 7.60
N ALA A 108 16.24 6.32 7.82
CA ALA A 108 16.54 5.83 9.15
C ALA A 108 16.81 7.00 10.06
N ASN A 109 17.51 8.00 9.51
CA ASN A 109 17.78 9.23 10.23
C ASN A 109 16.51 9.66 10.93
N ALA A 110 15.41 9.32 10.28
CA ALA A 110 14.07 9.63 10.75
C ALA A 110 13.59 8.66 11.81
N LYS A 111 13.30 7.44 11.38
CA LYS A 111 12.80 6.39 12.27
C LYS A 111 13.83 5.99 13.31
N GLY A 112 15.07 5.87 12.87
CA GLY A 112 16.12 5.46 13.79
C GLY A 112 16.17 3.95 14.02
N GLY A 113 15.04 3.26 13.81
CA GLY A 113 15.03 1.81 14.01
C GLY A 113 14.59 1.03 12.79
N LYS A 114 15.51 0.26 12.23
CA LYS A 114 15.21 -0.55 11.05
C LYS A 114 15.09 -2.02 11.41
N TRP A 115 13.86 -2.52 11.45
CA TRP A 115 13.61 -3.92 11.80
C TRP A 115 13.73 -4.80 10.56
N SER A 116 14.84 -5.51 10.46
CA SER A 116 15.09 -6.39 9.32
C SER A 116 14.78 -7.84 9.67
N PHE A 117 13.80 -8.41 8.99
CA PHE A 117 13.41 -9.80 9.21
C PHE A 117 13.84 -10.66 8.04
N GLN A 118 15.01 -11.29 8.18
CA GLN A 118 15.55 -12.16 7.15
C GLN A 118 15.03 -13.57 7.33
N LEU A 119 13.96 -13.90 6.64
CA LEU A 119 13.36 -15.23 6.72
C LEU A 119 14.11 -16.22 5.83
N CYS A 120 14.17 -17.47 6.27
CA CYS A 120 14.85 -18.51 5.51
C CYS A 120 14.03 -19.79 5.48
N GLY A 121 13.51 -20.12 4.31
CA GLY A 121 12.70 -21.33 4.17
C GLY A 121 11.22 -21.02 4.07
N LYS A 122 10.39 -22.05 4.22
CA LYS A 122 8.95 -21.89 4.17
C LYS A 122 8.52 -21.30 2.82
N GLY A 123 7.22 -21.12 2.64
CA GLY A 123 6.71 -20.57 1.40
C GLY A 123 5.33 -21.11 1.05
N ALA A 124 4.29 -20.44 1.54
CA ALA A 124 2.93 -20.85 1.28
C ALA A 124 2.01 -19.64 1.15
N ASP A 125 2.04 -18.78 2.16
CA ASP A 125 1.21 -17.57 2.17
C ASP A 125 1.70 -16.59 3.22
N ILE A 126 3.01 -16.39 3.27
CA ILE A 126 3.61 -15.48 4.25
C ILE A 126 3.48 -14.02 3.81
N ASP A 127 3.33 -13.82 2.50
CA ASP A 127 3.20 -12.47 1.95
C ASP A 127 1.92 -11.79 2.41
N GLU A 128 0.99 -12.57 2.94
CA GLU A 128 -0.27 -12.03 3.42
C GLU A 128 -0.14 -11.58 4.86
N LEU A 129 0.87 -12.13 5.53
CA LEU A 129 1.13 -11.80 6.91
C LEU A 129 2.11 -10.64 7.01
N TRP A 130 3.11 -10.62 6.13
CA TRP A 130 4.09 -9.57 6.12
C TRP A 130 3.41 -8.28 5.68
N LEU A 131 2.43 -8.41 4.79
CA LEU A 131 1.70 -7.28 4.29
C LEU A 131 0.67 -6.79 5.31
N CYS A 132 -0.24 -7.66 5.70
CA CYS A 132 -1.26 -7.31 6.68
C CYS A 132 -0.64 -6.42 7.74
N THR A 133 0.63 -6.70 8.03
CA THR A 133 1.37 -5.93 9.02
C THR A 133 1.91 -4.65 8.41
N LEU A 134 2.48 -4.76 7.21
CA LEU A 134 3.02 -3.59 6.53
C LEU A 134 1.89 -2.71 6.04
N LEU A 135 1.07 -3.25 5.15
CA LEU A 135 -0.06 -2.50 4.61
C LEU A 135 -0.77 -1.77 5.74
N ALA A 136 -0.91 -2.45 6.88
CA ALA A 136 -1.57 -1.86 8.03
C ALA A 136 -0.69 -0.79 8.69
N VAL A 137 0.61 -1.06 8.75
CA VAL A 137 1.56 -0.15 9.36
C VAL A 137 1.66 1.18 8.61
N ILE A 138 1.46 1.14 7.30
CA ILE A 138 1.54 2.33 6.47
C ILE A 138 0.18 3.01 6.37
N GLY A 139 -0.86 2.20 6.28
CA GLY A 139 -2.21 2.73 6.17
C GLY A 139 -3.14 2.15 7.22
N GLU A 140 -2.70 2.19 8.48
CA GLU A 140 -3.47 1.68 9.60
C GLU A 140 -2.60 1.53 10.83
N THR A 141 -1.73 2.50 11.02
CA THR A 141 -0.82 2.51 12.16
C THR A 141 -1.11 3.70 13.05
N ILE A 142 -1.09 4.89 12.47
CA ILE A 142 -1.38 6.10 13.21
C ILE A 142 -2.58 5.86 14.11
N ASP A 143 -3.49 5.05 13.58
CA ASP A 143 -4.71 4.69 14.29
C ASP A 143 -4.50 3.46 15.16
N GLU A 144 -3.57 2.60 14.76
CA GLU A 144 -3.28 1.37 15.52
C GLU A 144 -2.44 1.66 16.77
N ASP A 145 -2.39 2.92 17.18
CA ASP A 145 -1.64 3.31 18.37
C ASP A 145 -0.17 3.56 18.04
N ASP A 146 0.35 2.89 17.03
CA ASP A 146 1.75 3.06 16.64
C ASP A 146 2.11 4.54 16.59
N SER A 147 1.49 5.25 15.65
CA SER A 147 1.72 6.68 15.49
C SER A 147 3.20 6.98 15.19
N GLN A 148 4.05 6.76 16.19
CA GLN A 148 5.48 7.02 16.05
C GLN A 148 6.11 6.13 14.97
N ILE A 149 5.68 6.33 13.73
CA ILE A 149 6.21 5.56 12.61
C ILE A 149 6.79 6.49 11.56
N ASN A 150 7.53 5.94 10.61
CA ASN A 150 8.13 6.76 9.56
C ASN A 150 8.01 6.08 8.19
N GLY A 151 8.18 4.76 8.14
CA GLY A 151 8.08 4.08 6.86
C GLY A 151 8.40 2.60 6.93
N VAL A 152 8.17 1.92 5.82
CA VAL A 152 8.42 0.48 5.73
C VAL A 152 9.26 0.16 4.49
N VAL A 153 10.00 -0.93 4.54
CA VAL A 153 10.84 -1.33 3.43
C VAL A 153 10.90 -2.84 3.27
N LEU A 154 11.28 -3.28 2.08
CA LEU A 154 11.39 -4.70 1.77
C LEU A 154 12.63 -4.93 0.91
N SER A 155 13.27 -6.07 1.09
CA SER A 155 14.46 -6.38 0.30
C SER A 155 14.76 -7.87 0.32
N ILE A 156 14.56 -8.50 -0.82
CA ILE A 156 14.82 -9.93 -0.94
C ILE A 156 16.23 -10.16 -1.46
N ARG A 157 16.82 -11.27 -1.06
CA ARG A 157 18.18 -11.62 -1.49
C ARG A 157 18.77 -12.73 -0.63
N LYS A 158 17.93 -13.66 -0.19
CA LYS A 158 18.38 -14.76 0.64
C LYS A 158 17.55 -16.02 0.37
N GLY A 159 17.45 -16.88 1.37
CA GLY A 159 16.69 -18.10 1.22
C GLY A 159 15.20 -17.89 1.47
N GLY A 160 14.81 -16.62 1.51
CA GLY A 160 13.42 -16.28 1.74
C GLY A 160 13.10 -14.83 1.43
N ASN A 161 13.64 -13.92 2.24
CA ASN A 161 13.42 -12.50 2.04
C ASN A 161 13.82 -11.71 3.28
N LYS A 162 13.76 -10.38 3.18
CA LYS A 162 14.11 -9.52 4.30
C LYS A 162 13.33 -8.21 4.25
N PHE A 163 12.46 -7.98 5.22
CA PHE A 163 11.68 -6.76 5.28
C PHE A 163 12.24 -5.80 6.32
N ALA A 164 12.24 -4.52 6.00
CA ALA A 164 12.77 -3.51 6.91
C ALA A 164 11.69 -2.51 7.33
N LEU A 165 11.19 -2.66 8.55
CA LEU A 165 10.17 -1.77 9.09
C LEU A 165 10.84 -0.57 9.74
N TRP A 166 10.45 0.63 9.31
CA TRP A 166 11.05 1.84 9.86
C TRP A 166 10.09 2.55 10.79
N THR A 167 10.58 2.85 11.98
CA THR A 167 9.76 3.51 12.99
C THR A 167 10.31 4.87 13.41
N LYS A 168 9.48 5.91 13.24
CA LYS A 168 9.85 7.26 13.62
C LYS A 168 10.74 7.25 14.87
N CYS A 169 10.50 6.26 15.75
CA CYS A 169 11.27 6.11 16.98
C CYS A 169 10.54 5.18 17.94
N GLU A 170 9.54 5.72 18.66
CA GLU A 170 8.76 4.94 19.60
C GLU A 170 9.55 4.59 20.86
N ASP A 171 10.81 5.02 20.91
CA ASP A 171 11.66 4.75 22.05
C ASP A 171 12.29 3.36 21.95
N LYS A 172 11.95 2.65 20.88
CA LYS A 172 12.47 1.32 20.65
C LYS A 172 11.80 0.28 21.54
N GLU A 173 11.28 0.70 22.68
CA GLU A 173 10.61 -0.22 23.57
C GLU A 173 9.43 -0.85 22.86
N PRO A 174 8.58 -0.01 22.25
CA PRO A 174 7.41 -0.46 21.52
C PRO A 174 7.82 -1.26 20.28
N LEU A 175 9.05 -1.07 19.82
CA LEU A 175 9.53 -1.80 18.65
C LEU A 175 9.81 -3.24 19.03
N LEU A 176 10.70 -3.45 19.98
CA LEU A 176 11.01 -4.79 20.43
C LEU A 176 9.71 -5.53 20.64
N ARG A 177 8.67 -4.77 20.96
CA ARG A 177 7.34 -5.33 21.18
C ARG A 177 6.67 -5.62 19.84
N ILE A 178 6.65 -4.63 18.95
CA ILE A 178 6.06 -4.79 17.64
C ILE A 178 6.85 -5.82 16.83
N GLY A 179 8.14 -5.53 16.63
CA GLY A 179 8.98 -6.45 15.89
C GLY A 179 8.78 -7.89 16.31
N GLY A 180 8.64 -8.10 17.62
CA GLY A 180 8.44 -9.44 18.12
C GLY A 180 7.21 -10.11 17.52
N LYS A 181 6.04 -9.53 17.80
CA LYS A 181 4.79 -10.05 17.27
C LYS A 181 4.83 -10.13 15.75
N PHE A 182 5.45 -9.12 15.13
CA PHE A 182 5.57 -9.07 13.68
C PHE A 182 6.53 -10.15 13.18
N LYS A 183 7.41 -10.60 14.07
CA LYS A 183 8.38 -11.63 13.72
C LYS A 183 7.66 -12.96 13.46
N GLN A 184 6.75 -13.31 14.36
CA GLN A 184 6.00 -14.55 14.22
C GLN A 184 5.09 -14.51 13.01
N VAL A 185 4.50 -13.34 12.76
CA VAL A 185 3.62 -13.17 11.62
C VAL A 185 4.30 -13.69 10.36
N LEU A 186 5.61 -13.54 10.32
CA LEU A 186 6.40 -13.99 9.19
C LEU A 186 6.41 -15.51 9.13
N LYS A 187 5.87 -16.13 10.18
CA LYS A 187 5.81 -17.58 10.26
C LYS A 187 7.20 -18.18 10.46
N LEU A 188 8.02 -17.51 11.25
CA LEU A 188 9.37 -17.98 11.52
C LEU A 188 9.36 -19.40 12.05
N THR A 189 10.45 -19.78 12.71
CA THR A 189 10.58 -21.12 13.28
C THR A 189 11.97 -21.34 13.86
N ASP A 190 12.17 -20.86 15.09
CA ASP A 190 13.46 -21.00 15.76
C ASP A 190 14.40 -19.86 15.36
N ASP A 191 13.96 -19.03 14.41
CA ASP A 191 14.75 -17.92 13.94
C ASP A 191 13.85 -16.80 13.41
N GLY A 192 13.44 -15.91 14.30
CA GLY A 192 12.59 -14.80 13.91
C GLY A 192 13.29 -13.80 13.03
N HIS A 193 14.60 -14.00 12.84
CA HIS A 193 15.39 -13.11 12.00
C HIS A 193 15.11 -11.65 12.31
N LEU A 194 14.63 -11.40 13.52
CA LEU A 194 14.31 -10.06 13.97
C LEU A 194 15.59 -9.27 14.19
N GLU A 195 15.97 -8.48 13.18
CA GLU A 195 17.18 -7.69 13.26
C GLU A 195 16.89 -6.24 13.64
N PHE A 196 17.15 -5.91 14.90
CA PHE A 196 16.94 -4.55 15.39
C PHE A 196 18.19 -3.73 15.13
N PHE A 197 18.13 -2.89 14.10
CA PHE A 197 19.28 -2.06 13.72
C PHE A 197 18.97 -0.57 13.91
N PRO A 198 19.77 0.10 14.75
CA PRO A 198 19.60 1.53 15.02
C PRO A 198 20.27 2.40 13.96
N HIS A 199 19.50 3.25 13.31
CA HIS A 199 20.04 4.13 12.27
C HIS A 199 21.44 4.60 12.63
N CYS A 200 21.63 4.94 13.90
CA CYS A 200 22.93 5.40 14.39
C CYS A 200 24.05 4.50 13.87
N SER A 201 23.71 3.24 13.64
CA SER A 201 24.68 2.26 13.13
C SER A 201 24.29 1.80 11.73
N ALA A 202 23.07 2.13 11.32
CA ALA A 202 22.59 1.76 10.01
C ALA A 202 22.87 0.30 9.70
N ASN A 203 22.32 -0.59 10.51
CA ASN A 203 22.52 -2.01 10.33
C ASN A 203 23.95 -2.42 10.67
N GLY A 204 24.52 -1.77 11.68
CA GLY A 204 25.87 -2.06 12.10
C GLY A 204 26.90 -1.75 11.03
N ARG A 205 26.65 -0.68 10.27
CA ARG A 205 27.58 -0.28 9.22
C ARG A 205 29.02 -0.50 9.66
N HIS A 206 29.25 -0.36 10.96
CA HIS A 206 30.56 -0.55 11.54
C HIS A 206 30.46 -1.34 12.85
N PRO A 207 29.91 -0.72 13.91
CA PRO A 207 29.75 -1.38 15.21
C PRO A 207 28.57 -2.35 15.21
N GLN A 208 28.10 -2.71 16.41
CA GLN A 208 26.98 -3.62 16.54
C GLN A 208 25.67 -2.85 16.71
N PRO A 209 24.61 -3.28 16.00
CA PRO A 209 23.30 -2.63 16.07
C PRO A 209 22.58 -2.89 17.40
N SER A 210 21.72 -3.91 17.44
CA SER A 210 21.00 -4.25 18.65
C SER A 210 20.87 -5.75 18.79
N ILE A 211 20.14 -6.38 17.87
CA ILE A 211 19.96 -7.82 17.93
C ILE A 211 19.40 -8.38 16.62
N THR A 212 19.53 -9.69 16.46
CA THR A 212 19.05 -10.38 15.27
C THR A 212 18.57 -11.78 15.60
N LEU A 213 17.27 -11.91 15.76
CA LEU A 213 16.67 -13.20 16.10
C LEU A 213 16.56 -14.09 14.87
N GLY B 1 -17.29 13.39 -37.50
CA GLY B 1 -18.03 13.99 -36.35
C GLY B 1 -19.46 14.36 -36.72
N SER B 2 -20.40 14.01 -35.84
CA SER B 2 -21.81 14.31 -36.08
C SER B 2 -22.30 15.39 -35.12
N ILE B 3 -23.60 15.38 -34.86
CA ILE B 3 -24.20 16.36 -33.95
C ILE B 3 -25.71 16.17 -33.87
N GLY B 4 -26.17 15.64 -32.74
CA GLY B 4 -27.60 15.41 -32.55
C GLY B 4 -28.02 14.03 -33.02
N LEU B 5 -28.72 13.98 -34.15
CA LEU B 5 -29.20 12.72 -34.69
C LEU B 5 -28.02 11.80 -35.03
N GLU B 6 -28.34 10.58 -35.47
CA GLU B 6 -27.30 9.62 -35.84
C GLU B 6 -26.47 9.22 -34.62
N ALA B 7 -26.36 7.92 -34.38
CA ALA B 7 -25.59 7.41 -33.25
C ALA B 7 -25.47 5.89 -33.31
N GLU B 8 -24.83 5.39 -34.37
CA GLU B 8 -24.65 3.96 -34.55
C GLU B 8 -23.19 3.57 -34.31
N ILE B 9 -22.95 2.82 -33.25
CA ILE B 9 -21.60 2.38 -32.91
C ILE B 9 -21.41 0.91 -33.28
N GLU B 10 -20.38 0.64 -34.08
CA GLU B 10 -20.09 -0.73 -34.50
C GLU B 10 -18.84 -1.26 -33.80
N THR B 11 -19.04 -1.81 -32.61
CA THR B 11 -17.92 -2.36 -31.84
C THR B 11 -18.03 -3.88 -31.75
N THR B 12 -17.94 -4.54 -32.90
CA THR B 12 -18.02 -6.00 -32.94
C THR B 12 -16.64 -6.62 -32.72
N THR B 13 -16.61 -7.72 -31.97
CA THR B 13 -15.37 -8.41 -31.68
C THR B 13 -15.62 -9.65 -30.83
N ASP B 14 -15.04 -10.78 -31.24
CA ASP B 14 -15.20 -12.03 -30.53
C ASP B 14 -13.94 -12.38 -29.74
N GLU B 15 -12.82 -12.51 -30.45
CA GLU B 15 -11.55 -12.84 -29.82
C GLU B 15 -11.15 -11.76 -28.81
N THR B 16 -11.46 -12.00 -27.54
CA THR B 16 -11.14 -11.05 -26.48
C THR B 16 -11.25 -11.70 -25.11
N ASP B 17 -10.94 -12.99 -25.05
CA ASP B 17 -11.01 -13.72 -23.79
C ASP B 17 -9.61 -14.01 -23.24
N ASP B 18 -9.24 -13.29 -22.19
CA ASP B 18 -7.93 -13.47 -21.57
C ASP B 18 -8.05 -13.61 -20.06
N GLY B 19 -8.91 -12.78 -19.45
CA GLY B 19 -9.10 -12.84 -18.02
C GLY B 19 -8.00 -12.15 -17.26
N THR B 20 -7.32 -11.22 -17.92
CA THR B 20 -6.23 -10.48 -17.30
C THR B 20 -6.55 -8.98 -17.24
N ASN B 21 -6.17 -8.35 -16.13
CA ASN B 21 -6.43 -6.93 -15.95
C ASN B 21 -5.15 -6.11 -16.15
N THR B 22 -5.30 -4.89 -16.65
CA THR B 22 -4.17 -4.01 -16.89
C THR B 22 -4.37 -2.67 -16.19
N VAL B 23 -3.28 -1.95 -15.96
CA VAL B 23 -3.35 -0.65 -15.30
C VAL B 23 -3.94 0.40 -16.24
N SER B 24 -3.69 0.24 -17.53
CA SER B 24 -4.21 1.17 -18.53
C SER B 24 -5.73 1.24 -18.47
N HIS B 25 -6.36 0.10 -18.18
CA HIS B 25 -7.81 0.02 -18.09
C HIS B 25 -8.32 0.81 -16.89
N ILE B 26 -7.79 0.50 -15.71
CA ILE B 26 -8.20 1.17 -14.48
C ILE B 26 -7.85 2.65 -14.53
N LEU B 27 -6.62 2.95 -14.93
CA LEU B 27 -6.16 4.34 -15.02
C LEU B 27 -7.09 5.17 -15.88
N ASN B 28 -7.36 4.69 -17.08
CA ASN B 28 -8.25 5.39 -18.00
C ASN B 28 -9.60 5.65 -17.35
N VAL B 29 -10.07 4.67 -16.57
CA VAL B 29 -11.35 4.79 -15.88
C VAL B 29 -11.35 5.98 -14.92
N LEU B 30 -10.19 6.24 -14.33
CA LEU B 30 -10.06 7.34 -13.37
C LEU B 30 -10.33 8.68 -14.05
N LYS B 31 -10.03 8.78 -15.34
CA LYS B 31 -10.24 10.00 -16.09
C LYS B 31 -11.61 10.61 -15.77
N ASP B 32 -12.54 9.77 -15.35
CA ASP B 32 -13.89 10.23 -15.01
C ASP B 32 -14.25 9.82 -13.58
N ALA B 33 -13.59 10.43 -12.60
CA ALA B 33 -13.84 10.13 -11.20
C ALA B 33 -14.05 11.40 -10.38
N THR B 34 -14.45 11.23 -9.13
CA THR B 34 -14.67 12.36 -8.24
C THR B 34 -13.82 12.21 -6.98
N PRO B 35 -13.61 13.32 -6.24
CA PRO B 35 -12.81 13.30 -5.01
C PRO B 35 -13.41 12.38 -3.95
N ILE B 36 -12.83 12.41 -2.76
CA ILE B 36 -13.30 11.57 -1.67
C ILE B 36 -13.52 12.36 -0.39
N GLU B 37 -14.51 11.94 0.40
CA GLU B 37 -14.81 12.57 1.66
C GLU B 37 -14.07 11.84 2.78
N ASP B 38 -13.78 10.55 2.52
CA ASP B 38 -13.06 9.69 3.46
C ASP B 38 -13.68 8.28 3.47
N VAL B 39 -12.85 7.27 3.66
CA VAL B 39 -13.30 5.88 3.70
C VAL B 39 -14.59 5.76 4.47
N PHE B 40 -14.48 5.89 5.78
CA PHE B 40 -15.65 5.82 6.63
C PHE B 40 -16.63 6.92 6.22
N SER B 41 -16.16 7.84 5.37
CA SER B 41 -17.03 8.91 4.90
C SER B 41 -17.74 8.48 3.63
N PHE B 42 -17.17 7.52 2.92
CA PHE B 42 -17.79 7.01 1.70
C PHE B 42 -18.08 5.53 1.80
N ASN B 43 -19.36 5.20 1.84
CA ASN B 43 -19.81 3.82 1.95
C ASN B 43 -19.83 3.16 0.58
N TYR B 44 -18.98 2.15 0.41
CA TYR B 44 -18.89 1.42 -0.85
C TYR B 44 -19.96 0.33 -0.92
N PRO B 45 -20.97 0.53 -1.79
CA PRO B 45 -22.07 -0.42 -1.96
C PRO B 45 -21.71 -1.57 -2.89
N GLU B 46 -21.65 -2.77 -2.32
CA GLU B 46 -21.31 -3.97 -3.10
C GLU B 46 -20.84 -5.09 -2.18
N GLY B 47 -21.67 -5.44 -1.20
CA GLY B 47 -21.32 -6.49 -0.27
C GLY B 47 -20.27 -6.05 0.73
N ILE B 48 -19.86 -4.79 0.64
CA ILE B 48 -18.85 -4.25 1.55
C ILE B 48 -19.25 -2.87 2.05
N GLU B 49 -18.44 -2.31 2.94
CA GLU B 49 -18.70 -0.98 3.50
C GLU B 49 -17.89 -0.77 4.76
N GLY B 50 -17.12 0.32 4.79
CA GLY B 50 -16.31 0.61 5.95
C GLY B 50 -16.90 1.68 6.83
N PRO B 51 -17.79 1.30 7.76
CA PRO B 51 -18.45 2.25 8.66
C PRO B 51 -17.48 2.91 9.65
N ASP B 52 -17.19 2.20 10.74
CA ASP B 52 -16.29 2.70 11.77
C ASP B 52 -15.11 1.75 12.00
N ILE B 53 -15.14 0.61 11.31
CA ILE B 53 -14.11 -0.43 11.44
C ILE B 53 -12.81 0.11 12.05
N LYS B 54 -12.00 0.78 11.24
CA LYS B 54 -10.72 1.31 11.72
C LYS B 54 -10.88 2.74 12.25
N TYR B 55 -12.02 3.35 12.00
CA TYR B 55 -12.27 4.71 12.46
C TYR B 55 -12.12 4.81 13.97
N LYS B 56 -12.27 3.69 14.67
CA LYS B 56 -12.15 3.66 16.12
C LYS B 56 -10.73 3.38 16.57
N LYS B 57 -9.87 2.98 15.64
CA LYS B 57 -8.49 2.68 15.98
C LYS B 57 -7.86 3.83 16.75
N GLU B 58 -8.32 5.03 16.46
CA GLU B 58 -7.84 6.23 17.12
C GLU B 58 -8.60 7.45 16.63
N HIS B 59 -9.92 7.32 16.55
CA HIS B 59 -10.76 8.41 16.08
C HIS B 59 -10.43 8.72 14.61
N VAL B 60 -9.66 7.81 13.98
CA VAL B 60 -9.27 7.98 12.59
C VAL B 60 -10.47 8.02 11.66
N LYS B 61 -10.29 8.69 10.53
CA LYS B 61 -11.34 8.80 9.53
C LYS B 61 -10.77 8.58 8.12
N TYR B 62 -9.50 8.14 8.08
CA TYR B 62 -8.83 7.90 6.81
C TYR B 62 -7.74 6.85 6.99
N THR B 63 -8.14 5.68 7.47
CA THR B 63 -7.20 4.58 7.68
C THR B 63 -7.93 3.24 7.59
N TYR B 64 -7.62 2.47 6.56
CA TYR B 64 -8.24 1.17 6.36
C TYR B 64 -7.27 0.05 6.71
N GLY B 65 -7.81 -1.15 6.95
CA GLY B 65 -6.97 -2.27 7.30
C GLY B 65 -6.82 -3.30 6.19
N PRO B 66 -6.01 -4.33 6.42
CA PRO B 66 -5.78 -5.39 5.42
C PRO B 66 -7.08 -5.92 4.83
N THR B 67 -8.11 -6.00 5.68
CA THR B 67 -9.41 -6.48 5.23
C THR B 67 -9.93 -5.61 4.09
N PHE B 68 -10.08 -4.32 4.36
CA PHE B 68 -10.55 -3.39 3.35
C PHE B 68 -9.53 -3.28 2.22
N LEU B 69 -8.29 -2.96 2.58
CA LEU B 69 -7.23 -2.84 1.60
C LEU B 69 -7.18 -4.09 0.72
N LEU B 70 -7.59 -5.21 1.30
CA LEU B 70 -7.61 -6.47 0.57
C LEU B 70 -8.58 -6.36 -0.60
N GLN B 71 -9.76 -5.80 -0.33
CA GLN B 71 -10.76 -5.62 -1.37
C GLN B 71 -10.14 -4.90 -2.56
N PHE B 72 -9.35 -3.88 -2.27
CA PHE B 72 -8.67 -3.10 -3.29
C PHE B 72 -7.85 -4.00 -4.20
N LYS B 73 -6.78 -4.57 -3.64
CA LYS B 73 -5.90 -5.46 -4.39
C LYS B 73 -6.68 -6.26 -5.43
N ASP B 74 -7.66 -7.01 -4.95
CA ASP B 74 -8.48 -7.83 -5.84
C ASP B 74 -8.88 -7.06 -7.09
N LYS B 75 -9.29 -5.80 -6.91
CA LYS B 75 -9.71 -4.97 -8.02
C LYS B 75 -8.55 -4.17 -8.60
N LEU B 76 -7.42 -4.16 -7.89
CA LEU B 76 -6.23 -3.44 -8.33
C LEU B 76 -5.41 -4.25 -9.32
N ASN B 77 -5.64 -5.56 -9.33
CA ASN B 77 -4.91 -6.47 -10.22
C ASN B 77 -4.50 -5.78 -11.53
N VAL B 78 -3.38 -5.06 -11.48
CA VAL B 78 -2.87 -4.33 -12.63
C VAL B 78 -1.42 -3.88 -12.39
N LYS B 79 -0.55 -4.85 -12.14
CA LYS B 79 0.87 -4.57 -11.88
C LYS B 79 1.33 -3.28 -12.56
N ALA B 80 1.31 -2.18 -11.80
CA ALA B 80 1.71 -0.88 -12.33
C ALA B 80 3.00 -0.41 -11.68
N ASP B 81 3.33 0.87 -11.91
CA ASP B 81 4.52 1.48 -11.35
C ASP B 81 5.01 2.63 -12.22
N ALA B 82 4.91 2.48 -13.54
CA ALA B 82 5.37 3.52 -14.46
C ALA B 82 4.24 4.46 -14.89
N GLU B 83 3.30 3.91 -15.66
CA GLU B 83 2.17 4.69 -16.15
C GLU B 83 1.25 5.08 -15.02
N TRP B 84 1.12 4.20 -14.04
CA TRP B 84 0.28 4.45 -12.90
C TRP B 84 0.78 5.65 -12.11
N VAL B 85 2.10 5.80 -12.04
CA VAL B 85 2.71 6.91 -11.32
C VAL B 85 2.26 8.24 -11.93
N GLN B 86 2.48 8.39 -13.24
CA GLN B 86 2.09 9.62 -13.91
C GLN B 86 0.65 9.98 -13.57
N SER B 87 -0.18 8.95 -13.37
CA SER B 87 -1.59 9.15 -13.06
C SER B 87 -1.84 9.14 -11.54
N THR B 88 -0.94 8.51 -10.78
CA THR B 88 -1.11 8.44 -9.33
C THR B 88 -1.31 9.83 -8.74
N ALA B 89 -0.61 10.80 -9.32
CA ALA B 89 -0.71 12.18 -8.84
C ALA B 89 -2.16 12.60 -8.66
N SER B 90 -3.06 11.91 -9.35
CA SER B 90 -4.50 12.22 -9.27
C SER B 90 -5.03 12.07 -7.84
N LYS B 91 -4.52 11.08 -7.11
CA LYS B 91 -4.96 10.85 -5.73
C LYS B 91 -5.32 12.16 -5.04
N ILE B 92 -6.56 12.28 -4.59
CA ILE B 92 -7.01 13.49 -3.91
C ILE B 92 -7.62 13.18 -2.55
N VAL B 93 -7.19 13.93 -1.53
CA VAL B 93 -7.68 13.76 -0.18
C VAL B 93 -8.30 15.06 0.33
N ILE B 94 -9.35 14.94 1.13
CA ILE B 94 -10.03 16.12 1.68
C ILE B 94 -9.29 16.66 2.89
N PRO B 95 -9.39 17.99 3.12
CA PRO B 95 -8.73 18.65 4.25
C PRO B 95 -9.03 17.96 5.59
N PRO B 96 -8.01 17.35 6.20
CA PRO B 96 -8.16 16.65 7.47
C PRO B 96 -8.31 17.62 8.65
N GLY B 97 -9.00 17.17 9.70
CA GLY B 97 -9.19 18.01 10.87
C GLY B 97 -10.26 19.07 10.64
N MET B 98 -10.73 19.66 11.73
CA MET B 98 -11.76 20.69 11.66
C MET B 98 -11.23 21.94 10.94
N GLY B 99 -12.15 22.75 10.43
CA GLY B 99 -11.75 23.96 9.73
C GLY B 99 -12.17 25.23 10.46
N ARG B 100 -12.20 26.34 9.75
CA ARG B 100 -12.58 27.62 10.34
C ARG B 100 -14.09 27.71 10.49
N MET A 1 -43.31 41.60 -24.98
CA MET A 1 -41.85 41.56 -24.78
C MET A 1 -41.17 40.69 -25.83
N SER A 2 -40.05 41.17 -26.36
CA SER A 2 -39.30 40.43 -27.37
C SER A 2 -37.83 40.84 -27.38
N VAL A 3 -37.51 41.85 -28.18
CA VAL A 3 -36.14 42.35 -28.27
C VAL A 3 -35.22 41.31 -28.89
N GLU A 4 -34.14 41.78 -29.51
CA GLU A 4 -33.19 40.88 -30.16
C GLU A 4 -31.75 41.26 -29.77
N GLU A 5 -31.35 40.89 -28.57
CA GLU A 5 -30.00 41.18 -28.09
C GLU A 5 -29.07 40.00 -28.31
N VAL A 6 -29.50 38.82 -27.86
CA VAL A 6 -28.71 37.61 -28.01
C VAL A 6 -27.27 37.84 -27.57
N SER A 7 -27.10 38.69 -26.56
CA SER A 7 -25.77 39.00 -26.05
C SER A 7 -25.20 37.81 -25.26
N LYS A 8 -25.08 36.67 -25.93
CA LYS A 8 -24.56 35.46 -25.30
C LYS A 8 -25.55 34.91 -24.28
N LYS A 9 -25.76 35.66 -23.20
CA LYS A 9 -26.68 35.24 -22.15
C LYS A 9 -28.03 34.85 -22.74
N PHE A 10 -28.21 33.55 -22.97
CA PHE A 10 -29.46 33.04 -23.53
C PHE A 10 -30.43 32.67 -22.42
N GLU A 11 -30.29 33.31 -21.27
CA GLU A 11 -31.17 33.04 -20.14
C GLU A 11 -30.95 31.63 -19.60
N GLU A 12 -31.23 30.63 -20.44
CA GLU A 12 -31.06 29.23 -20.06
C GLU A 12 -29.73 28.69 -20.55
N ASN A 13 -28.82 28.41 -19.62
CA ASN A 13 -27.51 27.87 -19.96
C ASN A 13 -26.94 27.06 -18.81
N VAL A 14 -27.11 27.55 -17.59
CA VAL A 14 -26.62 26.86 -16.40
C VAL A 14 -27.13 25.43 -16.35
N SER A 15 -26.43 24.53 -17.03
CA SER A 15 -26.82 23.12 -17.07
C SER A 15 -25.62 22.22 -16.75
N VAL A 16 -25.28 22.14 -15.48
CA VAL A 16 -24.16 21.30 -15.05
C VAL A 16 -24.66 20.03 -14.36
N ASP A 17 -25.94 19.74 -14.53
CA ASP A 17 -26.55 18.55 -13.94
C ASP A 17 -26.58 18.66 -12.42
N ASP A 18 -25.45 18.38 -11.78
CA ASP A 18 -25.36 18.44 -10.33
C ASP A 18 -26.66 17.97 -9.68
N THR A 19 -26.75 16.68 -9.40
CA THR A 19 -27.93 16.10 -8.78
C THR A 19 -27.58 15.41 -7.47
N THR A 20 -26.67 14.44 -7.54
CA THR A 20 -26.25 13.70 -6.36
C THR A 20 -24.83 13.18 -6.53
N ALA A 21 -24.31 12.52 -5.48
CA ALA A 21 -22.97 11.96 -5.51
C ALA A 21 -22.99 10.46 -5.29
N THR A 22 -22.48 9.71 -6.26
CA THR A 22 -22.44 8.25 -6.17
C THR A 22 -21.00 7.75 -6.25
N PRO A 23 -20.34 7.59 -5.10
CA PRO A 23 -18.96 7.11 -5.03
C PRO A 23 -18.85 5.60 -5.17
N LYS A 24 -17.77 5.14 -5.80
CA LYS A 24 -17.56 3.71 -5.99
C LYS A 24 -16.08 3.36 -5.78
N THR A 25 -15.81 2.53 -4.77
CA THR A 25 -14.46 2.12 -4.46
C THR A 25 -14.08 0.84 -5.20
N VAL A 26 -12.80 0.48 -5.15
CA VAL A 26 -12.31 -0.72 -5.81
C VAL A 26 -13.07 -1.97 -5.38
N LEU A 27 -13.82 -1.86 -4.29
CA LEU A 27 -14.59 -2.98 -3.79
C LEU A 27 -15.74 -3.32 -4.72
N SER A 28 -16.67 -2.38 -4.90
CA SER A 28 -17.82 -2.59 -5.76
C SER A 28 -17.53 -2.13 -7.20
N ASP A 29 -16.51 -1.29 -7.35
CA ASP A 29 -16.15 -0.78 -8.68
C ASP A 29 -16.35 -1.84 -9.75
N SER A 30 -15.81 -3.03 -9.53
CA SER A 30 -15.93 -4.11 -10.50
C SER A 30 -15.31 -3.71 -11.83
N ALA A 31 -14.15 -3.06 -11.74
CA ALA A 31 -13.44 -2.60 -12.93
C ALA A 31 -13.96 -1.23 -13.36
N HIS A 32 -14.10 -0.33 -12.38
CA HIS A 32 -14.58 1.02 -12.65
C HIS A 32 -14.72 1.79 -11.34
N PHE A 33 -13.61 2.33 -10.85
CA PHE A 33 -13.61 3.10 -9.62
C PHE A 33 -13.94 4.56 -9.91
N ASP A 34 -15.00 5.06 -9.27
CA ASP A 34 -15.43 6.44 -9.48
C ASP A 34 -15.18 7.30 -8.24
N VAL A 35 -14.37 6.78 -7.31
CA VAL A 35 -14.07 7.52 -6.09
C VAL A 35 -12.59 7.41 -5.72
N LYS A 36 -11.95 8.54 -5.53
CA LYS A 36 -10.54 8.57 -5.15
C LYS A 36 -10.43 8.56 -3.63
N HIS A 37 -9.56 7.71 -3.10
CA HIS A 37 -9.40 7.61 -1.66
C HIS A 37 -8.47 8.68 -1.08
N PRO A 38 -8.96 9.44 -0.09
CA PRO A 38 -8.22 10.50 0.56
C PRO A 38 -7.64 10.06 1.91
N LEU A 39 -6.35 10.32 2.11
CA LEU A 39 -5.69 9.96 3.35
C LEU A 39 -5.33 11.24 4.13
N ASN A 40 -4.36 11.16 5.04
CA ASN A 40 -3.97 12.33 5.81
C ASN A 40 -2.46 12.53 5.77
N THR A 41 -1.79 11.74 4.95
CA THR A 41 -0.35 11.82 4.83
C THR A 41 0.07 11.68 3.38
N LYS A 42 1.30 12.08 3.11
CA LYS A 42 1.86 12.00 1.76
C LYS A 42 3.00 11.00 1.73
N TRP A 43 2.87 9.98 0.90
CA TRP A 43 3.90 8.97 0.79
C TRP A 43 4.17 8.62 -0.67
N THR A 44 5.24 7.87 -0.90
CA THR A 44 5.61 7.46 -2.25
C THR A 44 6.12 6.04 -2.23
N LEU A 45 6.41 5.49 -3.39
CA LEU A 45 6.82 4.10 -3.45
C LEU A 45 8.05 3.87 -4.29
N TRP A 46 9.06 3.23 -3.71
CA TRP A 46 10.31 2.94 -4.42
C TRP A 46 10.79 1.52 -4.12
N TYR A 47 11.42 0.89 -5.11
CA TYR A 47 11.93 -0.47 -4.94
C TYR A 47 13.33 -0.60 -5.55
N THR A 48 13.97 -1.74 -5.29
CA THR A 48 15.30 -1.99 -5.82
C THR A 48 15.37 -3.35 -6.49
N LYS A 49 15.85 -3.39 -7.73
CA LYS A 49 15.95 -4.64 -8.47
C LYS A 49 17.40 -4.96 -8.81
N PRO A 50 17.69 -6.22 -9.17
CA PRO A 50 19.02 -6.67 -9.53
C PRO A 50 19.65 -5.81 -10.62
N ALA A 51 20.31 -4.74 -10.21
CA ALA A 51 20.96 -3.83 -11.15
C ALA A 51 22.41 -3.56 -10.76
N VAL A 52 22.84 -4.16 -9.65
CA VAL A 52 24.20 -3.98 -9.17
C VAL A 52 25.22 -4.08 -10.30
N ASP A 53 24.89 -4.87 -11.31
CA ASP A 53 25.78 -5.07 -12.44
C ASP A 53 25.55 -4.00 -13.52
N LYS A 54 24.47 -3.26 -13.37
CA LYS A 54 24.13 -2.20 -14.32
C LYS A 54 24.84 -0.91 -13.97
N SER A 55 25.80 -1.01 -13.05
CA SER A 55 26.58 0.14 -12.59
C SER A 55 26.92 -0.02 -11.11
N GLU A 56 26.28 -0.99 -10.46
CA GLU A 56 26.51 -1.25 -9.05
C GLU A 56 26.34 0.01 -8.20
N SER A 57 25.30 0.78 -8.51
CA SER A 57 25.01 2.00 -7.79
C SER A 57 23.62 1.93 -7.18
N TRP A 58 23.54 2.07 -5.86
CA TRP A 58 22.26 2.02 -5.18
C TRP A 58 21.27 2.96 -5.85
N SER A 59 21.81 3.99 -6.51
CA SER A 59 21.01 4.97 -7.20
C SER A 59 20.77 4.56 -8.65
N ASP A 60 21.53 3.55 -9.10
CA ASP A 60 21.39 3.06 -10.46
C ASP A 60 20.38 1.93 -10.53
N LEU A 61 20.13 1.29 -9.39
CA LEU A 61 19.19 0.19 -9.33
C LEU A 61 17.83 0.68 -8.86
N LEU A 62 17.80 1.18 -7.63
CA LEU A 62 16.57 1.69 -7.05
C LEU A 62 15.67 2.35 -8.09
N ARG A 63 14.49 1.78 -8.27
CA ARG A 63 13.52 2.33 -9.20
C ARG A 63 12.44 3.03 -8.40
N PRO A 64 12.39 4.36 -8.49
CA PRO A 64 11.42 5.14 -7.73
C PRO A 64 10.04 5.12 -8.34
N VAL A 65 9.12 4.45 -7.64
CA VAL A 65 7.76 4.36 -8.07
C VAL A 65 6.95 5.41 -7.35
N THR A 66 5.65 5.32 -7.45
CA THR A 66 4.82 6.31 -6.82
C THR A 66 3.77 5.71 -5.92
N SER A 67 3.54 6.44 -4.85
CA SER A 67 2.54 6.11 -3.88
C SER A 67 1.64 7.31 -3.74
N PHE A 68 0.74 7.28 -2.80
CA PHE A 68 -0.18 8.40 -2.61
C PHE A 68 -1.01 8.28 -1.34
N GLN A 69 -1.71 9.36 -1.03
CA GLN A 69 -2.58 9.40 0.14
C GLN A 69 -3.83 8.56 -0.10
N THR A 70 -3.62 7.29 -0.41
CA THR A 70 -4.72 6.38 -0.68
C THR A 70 -4.27 4.94 -0.48
N VAL A 71 -4.03 4.22 -1.59
CA VAL A 71 -3.59 2.84 -1.53
C VAL A 71 -3.62 2.21 -2.91
N GLU A 72 -4.54 2.68 -3.74
CA GLU A 72 -4.70 2.16 -5.09
C GLU A 72 -3.37 2.05 -5.82
N GLU A 73 -2.59 3.12 -5.82
CA GLU A 73 -1.31 3.10 -6.51
C GLU A 73 -0.36 2.06 -5.92
N PHE A 74 -0.13 2.15 -4.62
CA PHE A 74 0.77 1.21 -3.97
C PHE A 74 0.30 -0.22 -4.15
N TRP A 75 -0.98 -0.46 -3.94
CA TRP A 75 -1.51 -1.80 -4.09
C TRP A 75 -1.05 -2.39 -5.42
N ALA A 76 -1.14 -1.60 -6.49
CA ALA A 76 -0.70 -2.04 -7.80
C ALA A 76 0.69 -2.68 -7.73
N ILE A 77 1.68 -1.87 -7.36
CA ILE A 77 3.04 -2.38 -7.24
C ILE A 77 3.06 -3.71 -6.49
N ILE A 78 2.12 -3.86 -5.55
CA ILE A 78 2.02 -5.09 -4.78
C ILE A 78 1.24 -6.13 -5.56
N GLN A 79 0.32 -5.66 -6.38
CA GLN A 79 -0.50 -6.55 -7.21
C GLN A 79 0.38 -7.53 -7.95
N ASN A 80 1.64 -7.16 -8.11
CA ASN A 80 2.61 -8.02 -8.79
C ASN A 80 2.85 -9.28 -7.99
N ILE A 81 2.48 -9.23 -6.72
CA ILE A 81 2.68 -10.33 -5.82
C ILE A 81 3.97 -11.08 -6.13
N PRO A 82 5.09 -10.34 -6.25
CA PRO A 82 6.40 -10.93 -6.52
C PRO A 82 7.14 -11.25 -5.23
N GLU A 83 6.66 -10.66 -4.15
CA GLU A 83 7.23 -10.85 -2.82
C GLU A 83 6.90 -12.24 -2.27
N PRO A 84 5.62 -12.64 -2.28
CA PRO A 84 5.19 -13.94 -1.75
C PRO A 84 5.81 -15.12 -2.50
N HIS A 85 7.14 -15.12 -2.59
CA HIS A 85 7.85 -16.19 -3.28
C HIS A 85 7.55 -16.15 -4.77
N GLU A 86 7.51 -14.95 -5.32
CA GLU A 86 7.23 -14.75 -6.72
C GLU A 86 8.32 -13.92 -7.40
N LEU A 87 9.31 -13.52 -6.61
CA LEU A 87 10.41 -12.71 -7.12
C LEU A 87 11.74 -13.45 -7.00
N PRO A 88 12.63 -13.26 -7.98
CA PRO A 88 13.95 -13.90 -7.98
C PRO A 88 14.83 -13.40 -6.85
N LEU A 89 14.32 -13.49 -5.63
CA LEU A 89 15.04 -13.04 -4.44
C LEU A 89 15.85 -11.78 -4.70
N LYS A 90 16.73 -11.46 -3.76
CA LYS A 90 17.57 -10.28 -3.87
C LYS A 90 16.77 -9.06 -4.28
N SER A 91 15.49 -9.11 -3.99
CA SER A 91 14.57 -8.03 -4.33
C SER A 91 14.46 -7.02 -3.20
N ASP A 92 13.83 -5.88 -3.49
CA ASP A 92 13.67 -4.84 -2.49
C ASP A 92 12.52 -3.89 -2.87
N TYR A 93 11.74 -3.51 -1.87
CA TYR A 93 10.61 -2.60 -2.08
C TYR A 93 10.26 -1.90 -0.78
N HIS A 94 10.08 -0.58 -0.84
CA HIS A 94 9.76 0.18 0.37
C HIS A 94 8.81 1.33 0.09
N VAL A 95 7.87 1.51 1.01
CA VAL A 95 6.88 2.59 0.92
C VAL A 95 6.93 3.41 2.19
N PHE A 96 6.73 4.73 2.07
CA PHE A 96 6.80 5.61 3.22
C PHE A 96 6.92 7.07 2.77
N ARG A 97 7.33 7.94 3.70
CA ARG A 97 7.51 9.38 3.45
C ARG A 97 6.44 10.19 4.17
N ASN A 98 6.04 9.69 5.33
CA ASN A 98 5.03 10.37 6.14
C ASN A 98 5.69 11.16 7.27
N ASP A 99 6.86 10.69 7.67
CA ASP A 99 7.63 11.34 8.73
C ASP A 99 8.91 11.93 8.19
N VAL A 100 9.55 11.21 7.26
CA VAL A 100 10.78 11.66 6.65
C VAL A 100 10.66 11.62 5.12
N ARG A 101 11.58 10.96 4.40
CA ARG A 101 11.45 10.92 2.94
C ARG A 101 12.74 10.48 2.25
N PRO A 102 13.82 11.23 2.47
CA PRO A 102 15.12 10.97 1.85
C PRO A 102 15.33 9.52 1.42
N GLU A 103 15.57 8.62 2.38
CA GLU A 103 15.81 7.21 2.06
C GLU A 103 16.43 6.52 3.26
N TRP A 104 16.57 5.21 3.21
CA TRP A 104 17.18 4.49 4.31
C TRP A 104 18.45 5.21 4.75
N GLU A 105 19.03 5.98 3.83
CA GLU A 105 20.25 6.73 4.11
C GLU A 105 19.93 7.99 4.94
N ASP A 106 18.65 8.26 5.13
CA ASP A 106 18.20 9.41 5.91
C ASP A 106 16.88 9.07 6.61
N GLU A 107 15.96 8.48 5.86
CA GLU A 107 14.69 8.09 6.44
C GLU A 107 14.97 7.37 7.74
N ALA A 108 16.06 6.61 7.74
CA ALA A 108 16.48 5.91 8.94
C ALA A 108 16.54 6.92 10.06
N ASN A 109 17.17 8.06 9.77
CA ASN A 109 17.24 9.16 10.71
C ASN A 109 15.88 9.29 11.37
N ALA A 110 14.88 8.98 10.56
CA ALA A 110 13.49 9.03 10.96
C ALA A 110 13.04 7.68 11.53
N LYS A 111 13.45 6.62 10.86
CA LYS A 111 13.09 5.28 11.28
C LYS A 111 13.37 5.06 12.74
N GLY A 112 14.26 5.87 13.31
CA GLY A 112 14.63 5.73 14.71
C GLY A 112 15.33 4.41 14.96
N GLY A 113 14.68 3.34 14.53
CA GLY A 113 15.19 2.00 14.65
C GLY A 113 14.68 1.12 13.53
N LYS A 114 15.51 0.19 13.07
CA LYS A 114 15.15 -0.70 11.97
C LYS A 114 14.88 -2.12 12.46
N TRP A 115 13.75 -2.67 12.06
CA TRP A 115 13.38 -4.03 12.43
C TRP A 115 13.60 -4.97 11.24
N SER A 116 14.74 -5.65 11.24
CA SER A 116 15.08 -6.56 10.15
C SER A 116 14.60 -7.97 10.43
N PHE A 117 13.76 -8.49 9.56
CA PHE A 117 13.23 -9.84 9.69
C PHE A 117 13.79 -10.74 8.60
N GLN A 118 14.87 -11.45 8.91
CA GLN A 118 15.51 -12.33 7.96
C GLN A 118 14.97 -13.75 8.08
N LEU A 119 14.66 -14.36 6.93
CA LEU A 119 14.13 -15.72 6.90
C LEU A 119 15.02 -16.62 6.05
N CYS A 120 15.22 -17.85 6.52
CA CYS A 120 16.04 -18.82 5.80
C CYS A 120 15.36 -19.26 4.51
N GLY A 121 14.14 -19.78 4.64
CA GLY A 121 13.39 -20.25 3.48
C GLY A 121 12.19 -19.38 3.18
N LYS A 122 11.01 -19.97 3.25
CA LYS A 122 9.78 -19.23 2.98
C LYS A 122 8.66 -19.69 3.92
N GLY A 123 7.91 -20.69 3.47
CA GLY A 123 6.82 -21.21 4.28
C GLY A 123 5.57 -21.48 3.47
N ALA A 124 5.13 -20.48 2.70
CA ALA A 124 3.95 -20.62 1.87
C ALA A 124 3.59 -19.29 1.20
N ASP A 125 3.74 -18.20 1.95
CA ASP A 125 3.44 -16.88 1.43
C ASP A 125 3.43 -15.84 2.55
N ILE A 126 4.38 -15.97 3.47
CA ILE A 126 4.48 -15.04 4.59
C ILE A 126 4.67 -13.61 4.10
N ASP A 127 5.38 -13.47 2.99
CA ASP A 127 5.62 -12.15 2.41
C ASP A 127 4.33 -11.37 2.32
N GLU A 128 3.21 -12.07 2.31
CA GLU A 128 1.91 -11.44 2.22
C GLU A 128 1.35 -11.13 3.61
N LEU A 129 1.66 -11.99 4.57
CA LEU A 129 1.19 -11.82 5.93
C LEU A 129 1.84 -10.62 6.60
N TRP A 130 3.17 -10.54 6.50
CA TRP A 130 3.88 -9.41 7.08
C TRP A 130 3.52 -8.17 6.30
N LEU A 131 3.59 -8.31 4.99
CA LEU A 131 3.25 -7.23 4.09
C LEU A 131 1.89 -6.67 4.45
N CYS A 132 0.89 -7.54 4.51
CA CYS A 132 -0.44 -7.10 4.89
C CYS A 132 -0.33 -6.29 6.16
N THR A 133 0.72 -6.58 6.92
CA THR A 133 0.98 -5.87 8.16
C THR A 133 1.51 -4.48 7.84
N LEU A 134 2.30 -4.39 6.77
CA LEU A 134 2.84 -3.11 6.33
C LEU A 134 1.79 -2.37 5.53
N LEU A 135 0.87 -3.14 4.94
CA LEU A 135 -0.22 -2.58 4.15
C LEU A 135 -0.97 -1.56 4.99
N ALA A 136 -1.38 -1.99 6.18
CA ALA A 136 -2.10 -1.11 7.09
C ALA A 136 -1.15 -0.05 7.66
N VAL A 137 0.10 -0.47 7.82
CA VAL A 137 1.13 0.40 8.37
C VAL A 137 1.57 1.48 7.38
N ILE A 138 1.15 1.35 6.12
CA ILE A 138 1.52 2.33 5.11
C ILE A 138 0.85 3.67 5.40
N GLY A 139 -0.38 3.60 5.86
CA GLY A 139 -1.13 4.81 6.17
C GLY A 139 -1.79 4.76 7.53
N GLU A 140 -2.39 3.61 7.86
CA GLU A 140 -3.06 3.44 9.14
C GLU A 140 -2.17 2.68 10.10
N THR A 141 -0.90 3.02 10.08
CA THR A 141 0.09 2.38 10.95
C THR A 141 -0.21 2.70 12.39
N ILE A 142 -0.72 3.90 12.63
CA ILE A 142 -1.08 4.33 13.97
C ILE A 142 -1.76 3.17 14.69
N ASP A 143 -2.70 2.54 13.99
CA ASP A 143 -3.45 1.40 14.51
C ASP A 143 -3.42 1.34 16.02
N GLU A 144 -3.65 2.48 16.66
CA GLU A 144 -3.63 2.56 18.12
C GLU A 144 -2.48 1.73 18.68
N ASP A 145 -1.44 1.53 17.87
CA ASP A 145 -0.28 0.76 18.29
C ASP A 145 1.02 1.41 17.82
N ASP A 146 1.50 1.01 16.65
CA ASP A 146 2.73 1.56 16.11
C ASP A 146 2.81 3.05 16.40
N SER A 147 1.77 3.77 15.98
CA SER A 147 1.68 5.21 16.19
C SER A 147 2.20 5.97 14.98
N GLN A 148 2.65 7.20 15.20
CA GLN A 148 3.16 8.04 14.13
C GLN A 148 4.45 7.45 13.55
N ILE A 149 4.36 6.22 13.04
CA ILE A 149 5.50 5.55 12.44
C ILE A 149 6.07 6.43 11.33
N ASN A 150 7.11 5.96 10.65
CA ASN A 150 7.72 6.75 9.58
C ASN A 150 7.64 6.02 8.25
N GLY A 151 7.96 4.72 8.24
CA GLY A 151 7.92 3.99 6.99
C GLY A 151 8.33 2.54 7.12
N VAL A 152 8.11 1.80 6.05
CA VAL A 152 8.46 0.38 6.01
C VAL A 152 9.31 0.05 4.79
N VAL A 153 10.03 -1.08 4.85
CA VAL A 153 10.89 -1.50 3.75
C VAL A 153 10.92 -3.01 3.60
N LEU A 154 11.30 -3.46 2.41
CA LEU A 154 11.39 -4.89 2.11
C LEU A 154 12.63 -5.18 1.28
N SER A 155 13.21 -6.35 1.47
CA SER A 155 14.39 -6.74 0.72
C SER A 155 14.59 -8.25 0.77
N ILE A 156 14.32 -8.91 -0.34
CA ILE A 156 14.48 -10.35 -0.43
C ILE A 156 15.91 -10.70 -0.83
N ARG A 157 16.34 -11.90 -0.46
CA ARG A 157 17.68 -12.37 -0.76
C ARG A 157 17.68 -13.86 -1.07
N LYS A 158 18.59 -14.28 -1.94
CA LYS A 158 18.69 -15.69 -2.33
C LYS A 158 18.28 -16.61 -1.18
N GLY A 159 19.01 -16.52 -0.08
CA GLY A 159 18.70 -17.36 1.07
C GLY A 159 17.21 -17.42 1.35
N GLY A 160 16.62 -16.27 1.65
CA GLY A 160 15.19 -16.23 1.94
C GLY A 160 14.59 -14.86 1.67
N ASN A 161 14.58 -14.01 2.68
CA ASN A 161 14.02 -12.67 2.55
C ASN A 161 14.36 -11.81 3.77
N LYS A 162 14.11 -10.51 3.67
CA LYS A 162 14.38 -9.59 4.77
C LYS A 162 13.56 -8.32 4.64
N PHE A 163 12.85 -7.96 5.72
CA PHE A 163 12.02 -6.77 5.71
C PHE A 163 12.57 -5.73 6.69
N ALA A 164 12.46 -4.46 6.31
CA ALA A 164 12.97 -3.38 7.15
C ALA A 164 11.88 -2.38 7.50
N LEU A 165 11.35 -2.48 8.72
CA LEU A 165 10.31 -1.58 9.20
C LEU A 165 10.94 -0.37 9.87
N TRP A 166 10.49 0.83 9.51
CA TRP A 166 11.03 2.05 10.07
C TRP A 166 10.04 2.69 11.03
N THR A 167 10.46 2.83 12.28
CA THR A 167 9.60 3.40 13.30
C THR A 167 10.10 4.76 13.79
N LYS A 168 9.35 5.81 13.44
CA LYS A 168 9.70 7.17 13.85
C LYS A 168 10.44 7.19 15.19
N CYS A 169 10.06 6.26 16.07
CA CYS A 169 10.66 6.12 17.40
C CYS A 169 9.59 5.82 18.44
N GLU A 170 8.85 6.85 18.83
CA GLU A 170 7.77 6.73 19.81
C GLU A 170 8.04 5.59 20.79
N ASP A 171 9.29 5.42 21.17
CA ASP A 171 9.67 4.36 22.09
C ASP A 171 9.68 3.02 21.37
N LYS A 172 10.77 2.29 21.51
CA LYS A 172 10.92 1.00 20.85
C LYS A 172 10.22 -0.11 21.62
N GLU A 173 10.01 0.10 22.92
CA GLU A 173 9.33 -0.91 23.73
C GLU A 173 8.16 -1.50 22.96
N PRO A 174 7.22 -0.64 22.53
CA PRO A 174 6.05 -1.09 21.77
C PRO A 174 6.45 -1.73 20.45
N LEU A 175 7.67 -1.45 20.00
CA LEU A 175 8.16 -2.02 18.76
C LEU A 175 8.57 -3.46 19.01
N LEU A 176 9.49 -3.64 19.95
CA LEU A 176 9.93 -4.97 20.31
C LEU A 176 8.73 -5.89 20.38
N ARG A 177 7.59 -5.29 20.71
CA ARG A 177 6.33 -6.03 20.78
C ARG A 177 5.81 -6.29 19.37
N ILE A 178 5.76 -5.23 18.57
CA ILE A 178 5.32 -5.32 17.19
C ILE A 178 6.23 -6.27 16.40
N GLY A 179 7.52 -5.96 16.38
CA GLY A 179 8.47 -6.80 15.69
C GLY A 179 8.24 -8.26 15.97
N GLY A 180 8.06 -8.59 17.25
CA GLY A 180 7.81 -9.97 17.63
C GLY A 180 6.73 -10.60 16.80
N LYS A 181 5.58 -9.92 16.69
CA LYS A 181 4.46 -10.42 15.91
C LYS A 181 4.92 -10.68 14.47
N PHE A 182 5.86 -9.86 14.00
CA PHE A 182 6.41 -9.99 12.66
C PHE A 182 7.34 -11.19 12.59
N LYS A 183 7.83 -11.61 13.76
CA LYS A 183 8.74 -12.74 13.84
C LYS A 183 8.03 -14.04 13.47
N GLN A 184 6.84 -14.23 14.02
CA GLN A 184 6.06 -15.44 13.75
C GLN A 184 5.41 -15.41 12.38
N VAL A 185 5.06 -14.23 11.90
CA VAL A 185 4.45 -14.09 10.59
C VAL A 185 5.24 -14.87 9.56
N LEU A 186 6.54 -14.97 9.80
CA LEU A 186 7.43 -15.70 8.91
C LEU A 186 7.09 -17.19 8.94
N LYS A 187 6.26 -17.57 9.89
CA LYS A 187 5.84 -18.95 10.05
C LYS A 187 7.03 -19.83 10.42
N LEU A 188 7.95 -19.27 11.18
CA LEU A 188 9.13 -19.99 11.61
C LEU A 188 8.89 -20.72 12.94
N THR A 189 9.96 -21.15 13.58
CA THR A 189 9.87 -21.86 14.85
C THR A 189 11.25 -22.31 15.32
N ASP A 190 12.26 -21.49 15.04
CA ASP A 190 13.63 -21.80 15.43
C ASP A 190 14.05 -20.96 16.63
N ASP A 191 13.36 -19.84 16.84
CA ASP A 191 13.67 -18.96 17.96
C ASP A 191 12.82 -17.69 17.89
N GLY A 192 12.62 -17.18 16.68
CA GLY A 192 11.82 -15.98 16.50
C GLY A 192 12.24 -15.18 15.27
N HIS A 193 13.50 -15.32 14.89
CA HIS A 193 14.04 -14.62 13.72
C HIS A 193 13.61 -13.17 13.67
N LEU A 194 14.56 -12.28 13.89
CA LEU A 194 14.31 -10.84 13.87
C LEU A 194 15.60 -10.07 14.15
N GLU A 195 15.61 -8.78 13.83
CA GLU A 195 16.78 -7.96 14.05
C GLU A 195 16.39 -6.51 14.36
N PHE A 196 17.05 -5.94 15.35
CA PHE A 196 16.79 -4.57 15.76
C PHE A 196 18.06 -3.73 15.63
N PHE A 197 18.16 -3.00 14.53
CA PHE A 197 19.31 -2.16 14.25
C PHE A 197 19.06 -0.71 14.63
N PRO A 198 20.13 0.06 14.83
CA PRO A 198 20.05 1.48 15.19
C PRO A 198 20.04 2.38 13.96
N HIS A 199 18.97 3.16 13.81
CA HIS A 199 18.83 4.07 12.69
C HIS A 199 20.02 5.03 12.59
N CYS A 200 20.81 5.10 13.65
CA CYS A 200 21.97 5.99 13.66
C CYS A 200 22.64 5.99 12.29
N SER A 201 22.83 4.80 11.74
CA SER A 201 23.45 4.65 10.44
C SER A 201 22.95 3.37 9.76
N ALA A 202 21.88 2.81 10.29
CA ALA A 202 21.31 1.59 9.74
C ALA A 202 22.40 0.56 9.56
N ASN A 203 22.97 0.13 10.68
CA ASN A 203 24.05 -0.84 10.68
C ASN A 203 23.67 -2.08 11.48
N GLY A 204 23.45 -1.90 12.78
CA GLY A 204 23.09 -3.01 13.63
C GLY A 204 24.19 -4.05 13.73
N ARG A 205 25.44 -3.58 13.76
CA ARG A 205 26.59 -4.47 13.85
C ARG A 205 27.81 -3.73 14.37
N HIS A 206 28.31 -2.78 13.59
CA HIS A 206 29.48 -2.00 13.97
C HIS A 206 29.21 -1.20 15.23
N PRO A 207 28.23 -0.28 15.18
CA PRO A 207 27.87 0.56 16.34
C PRO A 207 27.14 -0.23 17.41
N GLN A 208 26.91 -1.52 17.15
CA GLN A 208 26.23 -2.39 18.10
C GLN A 208 24.71 -2.29 17.94
N PRO A 209 24.10 -3.31 17.32
CA PRO A 209 22.65 -3.34 17.11
C PRO A 209 21.87 -3.34 18.42
N SER A 210 20.61 -3.78 18.36
CA SER A 210 19.78 -3.82 19.55
C SER A 210 19.55 -5.28 19.95
N ILE A 211 19.18 -6.08 18.97
CA ILE A 211 18.93 -7.50 19.20
C ILE A 211 18.77 -8.25 17.88
N THR A 212 18.81 -9.56 17.95
CA THR A 212 18.67 -10.39 16.76
C THR A 212 18.06 -11.74 17.12
N LEU A 213 16.75 -11.84 16.98
CA LEU A 213 16.03 -13.07 17.29
C LEU A 213 16.00 -13.99 16.08
N GLY B 1 -36.72 -8.33 -25.70
CA GLY B 1 -35.78 -7.20 -25.96
C GLY B 1 -35.39 -6.46 -24.69
N SER B 2 -35.92 -5.25 -24.53
CA SER B 2 -35.63 -4.44 -23.36
C SER B 2 -36.81 -4.43 -22.40
N ILE B 3 -36.90 -5.46 -21.56
CA ILE B 3 -37.99 -5.57 -20.60
C ILE B 3 -37.81 -6.79 -19.71
N GLY B 4 -38.26 -6.68 -18.46
CA GLY B 4 -38.14 -7.78 -17.53
C GLY B 4 -38.97 -7.57 -16.28
N LEU B 5 -38.40 -7.91 -15.13
CA LEU B 5 -39.09 -7.77 -13.85
C LEU B 5 -38.23 -7.01 -12.84
N GLU B 6 -36.98 -7.45 -12.71
CA GLU B 6 -36.05 -6.82 -11.78
C GLU B 6 -34.68 -6.62 -12.43
N ALA B 7 -34.65 -6.64 -13.76
CA ALA B 7 -33.42 -6.47 -14.51
C ALA B 7 -32.34 -7.43 -14.01
N GLU B 8 -32.38 -8.66 -14.51
CA GLU B 8 -31.42 -9.68 -14.11
C GLU B 8 -30.61 -10.16 -15.31
N ILE B 9 -29.32 -9.82 -15.32
CA ILE B 9 -28.44 -10.21 -16.41
C ILE B 9 -27.66 -11.47 -16.06
N GLU B 10 -27.48 -12.34 -17.05
CA GLU B 10 -26.75 -13.59 -16.84
C GLU B 10 -25.48 -13.63 -17.70
N THR B 11 -24.49 -12.85 -17.31
CA THR B 11 -23.23 -12.81 -18.05
C THR B 11 -22.19 -13.73 -17.41
N THR B 12 -22.19 -14.98 -17.83
CA THR B 12 -21.25 -15.97 -17.31
C THR B 12 -20.40 -16.55 -18.43
N THR B 13 -20.21 -15.78 -19.48
CA THR B 13 -19.42 -16.23 -20.63
C THR B 13 -18.19 -15.34 -20.82
N ASP B 14 -17.03 -15.97 -21.03
CA ASP B 14 -15.80 -15.22 -21.22
C ASP B 14 -14.70 -16.13 -21.77
N GLU B 15 -14.74 -16.38 -23.07
CA GLU B 15 -13.75 -17.24 -23.72
C GLU B 15 -12.68 -16.40 -24.41
N THR B 16 -12.96 -15.12 -24.59
CA THR B 16 -12.02 -14.21 -25.24
C THR B 16 -11.11 -13.54 -24.22
N ASP B 17 -11.70 -13.14 -23.09
CA ASP B 17 -10.94 -12.49 -22.02
C ASP B 17 -9.69 -13.29 -21.69
N ASP B 18 -8.52 -12.67 -21.90
CA ASP B 18 -7.25 -13.33 -21.61
C ASP B 18 -7.06 -13.52 -20.11
N GLY B 19 -7.78 -12.73 -19.33
CA GLY B 19 -7.68 -12.83 -17.89
C GLY B 19 -6.57 -11.96 -17.31
N THR B 20 -6.03 -11.08 -18.14
CA THR B 20 -4.96 -10.19 -17.72
C THR B 20 -5.50 -8.79 -17.38
N ASN B 21 -4.91 -8.16 -16.38
CA ASN B 21 -5.33 -6.83 -15.97
C ASN B 21 -4.31 -5.78 -16.40
N THR B 22 -4.79 -4.61 -16.80
CA THR B 22 -3.92 -3.53 -17.23
C THR B 22 -4.23 -2.25 -16.46
N VAL B 23 -3.18 -1.56 -16.05
CA VAL B 23 -3.33 -0.32 -15.29
C VAL B 23 -3.84 0.81 -16.19
N SER B 24 -3.47 0.75 -17.46
CA SER B 24 -3.89 1.76 -18.42
C SER B 24 -5.42 1.87 -18.49
N HIS B 25 -6.08 0.71 -18.56
CA HIS B 25 -7.53 0.67 -18.63
C HIS B 25 -8.16 1.20 -17.33
N ILE B 26 -7.81 0.57 -16.21
CA ILE B 26 -8.35 0.97 -14.92
C ILE B 26 -8.07 2.45 -14.68
N LEU B 27 -7.00 2.94 -15.27
CA LEU B 27 -6.62 4.35 -15.12
C LEU B 27 -7.70 5.24 -15.74
N ASN B 28 -8.07 4.91 -16.97
CA ASN B 28 -9.10 5.67 -17.68
C ASN B 28 -10.34 5.83 -16.82
N VAL B 29 -10.66 4.79 -16.05
CA VAL B 29 -11.83 4.83 -15.17
C VAL B 29 -11.63 5.83 -14.03
N LEU B 30 -10.40 5.92 -13.54
CA LEU B 30 -10.07 6.82 -12.45
C LEU B 30 -10.39 8.27 -12.83
N LYS B 31 -10.15 8.62 -14.09
CA LYS B 31 -10.40 9.97 -14.57
C LYS B 31 -11.79 10.44 -14.14
N ASP B 32 -12.68 9.50 -13.88
CA ASP B 32 -14.04 9.81 -13.46
C ASP B 32 -14.25 9.50 -11.98
N ALA B 33 -13.18 9.56 -11.20
CA ALA B 33 -13.24 9.28 -9.78
C ALA B 33 -12.63 10.42 -8.97
N THR B 34 -13.16 10.62 -7.76
CA THR B 34 -12.67 11.67 -6.87
C THR B 34 -13.61 11.86 -5.69
N PRO B 35 -14.86 12.22 -5.97
CA PRO B 35 -15.89 12.43 -4.96
C PRO B 35 -15.79 11.46 -3.79
N ILE B 36 -14.92 11.77 -2.83
CA ILE B 36 -14.76 10.91 -1.66
C ILE B 36 -14.84 11.71 -0.36
N GLU B 37 -15.62 11.19 0.58
CA GLU B 37 -15.76 11.83 1.87
C GLU B 37 -14.78 11.22 2.87
N ASP B 38 -14.30 10.00 2.55
CA ASP B 38 -13.35 9.26 3.38
C ASP B 38 -13.74 7.78 3.45
N VAL B 39 -12.76 6.93 3.68
CA VAL B 39 -12.97 5.47 3.77
C VAL B 39 -14.34 5.15 4.33
N PHE B 40 -14.42 5.17 5.65
CA PHE B 40 -15.65 4.91 6.35
C PHE B 40 -16.69 5.93 5.95
N SER B 41 -16.25 6.98 5.24
CA SER B 41 -17.20 8.00 4.80
C SER B 41 -18.13 7.43 3.75
N PHE B 42 -17.67 6.37 3.07
CA PHE B 42 -18.51 5.73 2.04
C PHE B 42 -18.77 4.27 2.36
N ASN B 43 -20.02 3.87 2.22
CA ASN B 43 -20.45 2.50 2.47
C ASN B 43 -20.53 1.74 1.15
N TYR B 44 -19.59 0.83 0.94
CA TYR B 44 -19.55 0.03 -0.28
C TYR B 44 -20.40 -1.23 -0.15
N PRO B 45 -21.55 -1.26 -0.85
CA PRO B 45 -22.47 -2.40 -0.81
C PRO B 45 -22.09 -3.49 -1.81
N GLU B 46 -21.15 -4.35 -1.43
CA GLU B 46 -20.70 -5.42 -2.30
C GLU B 46 -20.05 -6.55 -1.50
N GLY B 47 -20.55 -6.77 -0.29
CA GLY B 47 -20.01 -7.82 0.55
C GLY B 47 -19.08 -7.28 1.62
N ILE B 48 -18.73 -5.99 1.51
CA ILE B 48 -17.83 -5.37 2.47
C ILE B 48 -18.35 -4.00 2.90
N GLU B 49 -17.69 -3.39 3.88
CA GLU B 49 -18.09 -2.09 4.38
C GLU B 49 -17.29 -1.72 5.63
N GLY B 50 -16.55 -0.63 5.54
CA GLY B 50 -15.75 -0.19 6.68
C GLY B 50 -16.40 0.96 7.44
N PRO B 51 -16.91 0.69 8.65
CA PRO B 51 -17.56 1.69 9.48
C PRO B 51 -16.59 2.38 10.46
N ASP B 52 -16.14 1.63 11.45
CA ASP B 52 -15.23 2.16 12.46
C ASP B 52 -13.97 1.30 12.60
N ILE B 53 -13.94 0.18 11.88
CA ILE B 53 -12.82 -0.78 11.93
C ILE B 53 -11.56 -0.17 12.55
N LYS B 54 -10.77 0.56 11.76
CA LYS B 54 -9.55 1.17 12.28
C LYS B 54 -9.83 2.60 12.74
N TYR B 55 -10.95 3.14 12.30
CA TYR B 55 -11.36 4.51 12.63
C TYR B 55 -11.05 4.85 14.09
N LYS B 56 -11.11 3.85 14.97
CA LYS B 56 -10.86 4.08 16.40
C LYS B 56 -9.40 3.89 16.78
N LYS B 57 -8.60 3.34 15.88
CA LYS B 57 -7.19 3.14 16.19
C LYS B 57 -6.31 4.17 15.51
N GLU B 58 -6.73 5.43 15.57
CA GLU B 58 -5.97 6.54 14.98
C GLU B 58 -6.75 7.84 15.08
N HIS B 59 -7.55 7.99 16.13
CA HIS B 59 -8.34 9.20 16.29
C HIS B 59 -8.94 9.63 14.96
N VAL B 60 -9.12 8.65 14.06
CA VAL B 60 -9.67 8.90 12.73
C VAL B 60 -8.92 10.02 12.01
N LYS B 61 -8.99 9.97 10.68
CA LYS B 61 -8.33 10.96 9.82
C LYS B 61 -7.91 10.31 8.51
N TYR B 62 -7.17 9.21 8.63
CA TYR B 62 -6.71 8.48 7.44
C TYR B 62 -6.38 7.03 7.79
N THR B 63 -7.38 6.30 8.28
CA THR B 63 -7.17 4.91 8.64
C THR B 63 -7.99 3.98 7.75
N TYR B 64 -7.29 3.20 6.94
CA TYR B 64 -7.92 2.27 6.02
C TYR B 64 -7.73 0.83 6.49
N GLY B 65 -8.75 0.28 7.15
CA GLY B 65 -8.67 -1.08 7.65
C GLY B 65 -7.76 -1.97 6.82
N PRO B 66 -6.95 -2.82 7.46
CA PRO B 66 -6.04 -3.72 6.76
C PRO B 66 -6.80 -4.70 5.87
N THR B 67 -7.96 -5.13 6.33
CA THR B 67 -8.80 -6.05 5.57
C THR B 67 -9.49 -5.32 4.44
N PHE B 68 -9.89 -4.07 4.69
CA PHE B 68 -10.54 -3.27 3.67
C PHE B 68 -9.59 -3.09 2.50
N LEU B 69 -8.41 -2.56 2.79
CA LEU B 69 -7.40 -2.35 1.76
C LEU B 69 -7.11 -3.66 1.04
N LEU B 70 -7.35 -4.77 1.74
CA LEU B 70 -7.14 -6.09 1.16
C LEU B 70 -8.04 -6.26 -0.06
N GLN B 71 -9.33 -5.92 0.11
CA GLN B 71 -10.27 -6.00 -0.99
C GLN B 71 -9.73 -5.23 -2.19
N PHE B 72 -9.19 -4.05 -1.90
CA PHE B 72 -8.60 -3.21 -2.92
C PHE B 72 -7.69 -4.02 -3.82
N LYS B 73 -6.85 -4.85 -3.18
CA LYS B 73 -5.91 -5.70 -3.90
C LYS B 73 -6.65 -6.66 -4.82
N ASP B 74 -7.65 -7.34 -4.28
CA ASP B 74 -8.44 -8.29 -5.05
C ASP B 74 -8.68 -7.78 -6.47
N LYS B 75 -9.03 -6.51 -6.58
CA LYS B 75 -9.30 -5.90 -7.88
C LYS B 75 -8.03 -5.28 -8.47
N LEU B 76 -7.34 -4.49 -7.66
CA LEU B 76 -6.10 -3.84 -8.10
C LEU B 76 -5.27 -4.74 -8.99
N ASN B 77 -5.40 -6.04 -8.79
CA ASN B 77 -4.65 -7.02 -9.57
C ASN B 77 -4.38 -6.52 -10.99
N VAL B 78 -3.27 -5.80 -11.17
CA VAL B 78 -2.90 -5.26 -12.46
C VAL B 78 -1.38 -5.27 -12.63
N LYS B 79 -0.81 -4.20 -13.18
CA LYS B 79 0.64 -4.12 -13.36
C LYS B 79 1.15 -2.70 -13.13
N ALA B 80 0.58 -2.03 -12.13
CA ALA B 80 0.98 -0.66 -11.80
C ALA B 80 1.19 0.19 -13.05
N ASP B 81 2.41 0.14 -13.58
CA ASP B 81 2.74 0.91 -14.77
C ASP B 81 3.14 2.32 -14.39
N ALA B 82 4.41 2.50 -14.04
CA ALA B 82 4.93 3.81 -13.64
C ALA B 82 4.20 4.96 -14.32
N GLU B 83 3.96 4.85 -15.62
CA GLU B 83 3.26 5.90 -16.33
C GLU B 83 2.06 6.36 -15.51
N TRP B 84 1.39 5.38 -14.91
CA TRP B 84 0.23 5.63 -14.07
C TRP B 84 0.60 6.63 -12.97
N VAL B 85 1.85 6.56 -12.49
CA VAL B 85 2.32 7.48 -11.46
C VAL B 85 2.09 8.90 -11.94
N GLN B 86 2.56 9.18 -13.15
CA GLN B 86 2.36 10.49 -13.72
C GLN B 86 0.90 10.85 -13.58
N SER B 87 0.07 9.82 -13.51
CA SER B 87 -1.37 9.98 -13.35
C SER B 87 -1.78 9.95 -11.88
N THR B 88 -1.02 9.23 -11.04
CA THR B 88 -1.34 9.16 -9.61
C THR B 88 -1.67 10.54 -9.07
N ALA B 89 -1.01 11.54 -9.63
CA ALA B 89 -1.24 12.93 -9.20
C ALA B 89 -2.72 13.25 -9.08
N SER B 90 -3.57 12.47 -9.77
CA SER B 90 -5.01 12.69 -9.74
C SER B 90 -5.62 12.33 -8.39
N LYS B 91 -4.99 11.41 -7.66
CA LYS B 91 -5.48 10.98 -6.36
C LYS B 91 -6.17 12.14 -5.62
N ILE B 92 -7.17 11.81 -4.81
CA ILE B 92 -7.90 12.83 -4.07
C ILE B 92 -7.54 12.82 -2.59
N VAL B 93 -7.48 14.01 -2.00
CA VAL B 93 -7.14 14.15 -0.58
C VAL B 93 -8.23 14.92 0.16
N ILE B 94 -8.46 14.56 1.41
CA ILE B 94 -9.46 15.22 2.23
C ILE B 94 -8.88 16.46 2.90
N PRO B 95 -9.64 17.57 2.92
CA PRO B 95 -9.20 18.83 3.53
C PRO B 95 -9.11 18.73 5.05
N PRO B 96 -7.96 19.12 5.62
CA PRO B 96 -7.76 19.08 7.08
C PRO B 96 -8.55 20.15 7.80
N GLY B 97 -8.97 21.18 7.06
CA GLY B 97 -9.73 22.26 7.65
C GLY B 97 -9.09 23.61 7.44
N MET B 98 -9.60 24.62 8.13
CA MET B 98 -9.07 25.97 8.01
C MET B 98 -8.34 26.38 9.29
N GLY B 99 -7.10 26.83 9.14
CA GLY B 99 -6.32 27.24 10.29
C GLY B 99 -5.67 26.06 11.00
N ARG B 100 -5.27 25.06 10.24
CA ARG B 100 -4.63 23.88 10.81
C ARG B 100 -3.33 23.56 10.09
N MET A 1 -50.44 50.69 -22.22
CA MET A 1 -49.14 50.36 -22.84
C MET A 1 -48.62 49.00 -22.39
N SER A 2 -48.03 48.26 -23.30
CA SER A 2 -47.50 46.94 -23.01
C SER A 2 -46.16 46.70 -23.69
N VAL A 3 -45.08 46.71 -22.90
CA VAL A 3 -43.74 46.50 -23.44
C VAL A 3 -42.83 45.87 -22.40
N GLU A 4 -42.94 46.35 -21.16
CA GLU A 4 -42.13 45.83 -20.06
C GLU A 4 -42.65 44.48 -19.58
N GLU A 5 -41.96 43.90 -18.60
CA GLU A 5 -42.37 42.61 -18.05
C GLU A 5 -41.87 42.46 -16.62
N VAL A 6 -42.46 41.52 -15.89
CA VAL A 6 -42.07 41.27 -14.50
C VAL A 6 -42.10 39.78 -14.18
N SER A 7 -41.32 39.38 -13.19
CA SER A 7 -41.25 37.98 -12.79
C SER A 7 -41.05 37.07 -13.99
N LYS A 8 -40.47 37.63 -15.06
CA LYS A 8 -40.22 36.87 -16.28
C LYS A 8 -39.45 35.60 -15.97
N LYS A 9 -39.63 34.58 -16.80
CA LYS A 9 -38.94 33.30 -16.62
C LYS A 9 -39.58 32.50 -15.49
N PHE A 10 -39.18 31.24 -15.37
CA PHE A 10 -39.71 30.36 -14.32
C PHE A 10 -38.58 29.66 -13.58
N GLU A 11 -37.55 29.25 -14.33
CA GLU A 11 -36.41 28.56 -13.75
C GLU A 11 -36.06 29.14 -12.38
N GLU A 12 -35.92 28.26 -11.39
CA GLU A 12 -35.59 28.68 -10.04
C GLU A 12 -34.47 27.81 -9.46
N ASN A 13 -34.61 26.51 -9.59
CA ASN A 13 -33.62 25.57 -9.09
C ASN A 13 -32.24 25.88 -9.66
N VAL A 14 -31.51 26.77 -8.99
CA VAL A 14 -30.18 27.16 -9.44
C VAL A 14 -29.12 26.65 -8.47
N SER A 15 -29.46 25.65 -7.67
CA SER A 15 -28.54 25.08 -6.71
C SER A 15 -28.41 23.57 -6.90
N VAL A 16 -28.83 23.10 -8.07
CA VAL A 16 -28.75 21.68 -8.38
C VAL A 16 -27.78 21.41 -9.52
N ASP A 17 -26.63 20.81 -9.19
CA ASP A 17 -25.62 20.50 -10.19
C ASP A 17 -25.03 19.12 -9.94
N ASP A 18 -25.69 18.34 -9.10
CA ASP A 18 -25.22 16.99 -8.78
C ASP A 18 -26.16 15.94 -9.39
N THR A 19 -26.69 16.23 -10.56
CA THR A 19 -27.60 15.32 -11.24
C THR A 19 -26.82 14.21 -11.94
N THR A 20 -25.55 14.47 -12.23
CA THR A 20 -24.71 13.48 -12.90
C THR A 20 -23.38 13.32 -12.17
N ALA A 21 -23.43 12.78 -10.97
CA ALA A 21 -22.24 12.57 -10.16
C ALA A 21 -22.38 11.37 -9.24
N THR A 22 -21.81 10.24 -9.66
CA THR A 22 -21.87 9.02 -8.87
C THR A 22 -20.47 8.44 -8.65
N PRO A 23 -20.02 8.40 -7.38
CA PRO A 23 -18.70 7.88 -7.02
C PRO A 23 -18.66 6.36 -6.96
N LYS A 24 -17.46 5.80 -7.11
CA LYS A 24 -17.28 4.36 -7.06
C LYS A 24 -15.91 4.00 -6.52
N THR A 25 -15.87 3.08 -5.55
CA THR A 25 -14.62 2.66 -4.94
C THR A 25 -13.97 1.53 -5.73
N VAL A 26 -12.81 1.07 -5.28
CA VAL A 26 -12.09 0.00 -5.93
C VAL A 26 -12.68 -1.37 -5.54
N LEU A 27 -13.45 -1.37 -4.47
CA LEU A 27 -14.09 -2.60 -3.99
C LEU A 27 -15.25 -2.98 -4.89
N SER A 28 -16.24 -2.09 -4.98
CA SER A 28 -17.40 -2.32 -5.82
C SER A 28 -17.09 -1.95 -7.27
N ASP A 29 -15.95 -1.28 -7.46
CA ASP A 29 -15.52 -0.87 -8.80
C ASP A 29 -15.97 -1.86 -9.86
N SER A 30 -15.24 -2.96 -9.98
CA SER A 30 -15.57 -3.98 -10.98
C SER A 30 -15.67 -3.37 -12.37
N ALA A 31 -14.60 -2.69 -12.77
CA ALA A 31 -14.55 -2.04 -14.07
C ALA A 31 -15.13 -0.62 -13.99
N HIS A 32 -14.76 0.11 -12.94
CA HIS A 32 -15.24 1.47 -12.75
C HIS A 32 -14.76 2.04 -11.42
N PHE A 33 -14.08 3.19 -11.48
CA PHE A 33 -13.57 3.85 -10.29
C PHE A 33 -13.78 5.35 -10.41
N ASP A 34 -14.76 5.89 -9.69
CA ASP A 34 -15.07 7.30 -9.75
C ASP A 34 -14.83 7.99 -8.41
N VAL A 35 -14.12 7.31 -7.50
CA VAL A 35 -13.84 7.89 -6.19
C VAL A 35 -12.42 7.58 -5.73
N LYS A 36 -11.77 8.57 -5.12
CA LYS A 36 -10.41 8.41 -4.63
C LYS A 36 -10.40 8.31 -3.11
N HIS A 37 -9.65 7.35 -2.57
CA HIS A 37 -9.59 7.15 -1.12
C HIS A 37 -8.66 8.14 -0.45
N PRO A 38 -9.19 8.92 0.52
CA PRO A 38 -8.43 9.91 1.27
C PRO A 38 -7.89 9.34 2.57
N LEU A 39 -6.57 9.42 2.74
CA LEU A 39 -5.93 8.89 3.95
C LEU A 39 -5.62 10.03 4.92
N ASN A 40 -4.70 9.80 5.85
CA ASN A 40 -4.35 10.81 6.84
C ASN A 40 -2.93 11.29 6.62
N THR A 41 -2.29 10.74 5.59
CA THR A 41 -0.92 11.11 5.26
C THR A 41 -0.61 10.78 3.81
N LYS A 42 0.43 11.43 3.32
CA LYS A 42 0.87 11.23 1.95
C LYS A 42 2.11 10.35 1.92
N TRP A 43 2.15 9.40 1.00
CA TRP A 43 3.30 8.51 0.88
C TRP A 43 3.62 8.24 -0.58
N THR A 44 4.73 7.55 -0.79
CA THR A 44 5.17 7.19 -2.12
C THR A 44 5.70 5.77 -2.13
N LEU A 45 6.01 5.25 -3.30
CA LEU A 45 6.42 3.86 -3.36
C LEU A 45 7.63 3.64 -4.26
N TRP A 46 8.67 3.00 -3.71
CA TRP A 46 9.90 2.72 -4.47
C TRP A 46 10.29 1.24 -4.35
N TYR A 47 11.06 0.76 -5.33
CA TYR A 47 11.50 -0.64 -5.35
C TYR A 47 12.80 -0.78 -6.15
N THR A 48 13.77 -1.49 -5.59
CA THR A 48 15.05 -1.72 -6.26
C THR A 48 14.99 -2.98 -7.10
N LYS A 49 15.36 -2.86 -8.38
CA LYS A 49 15.34 -4.01 -9.28
C LYS A 49 16.73 -4.59 -9.43
N PRO A 50 17.72 -3.76 -9.80
CA PRO A 50 19.11 -4.19 -9.97
C PRO A 50 19.83 -4.36 -8.64
N ALA A 51 21.15 -4.17 -8.66
CA ALA A 51 21.94 -4.30 -7.45
C ALA A 51 23.43 -4.39 -7.79
N VAL A 52 24.17 -3.37 -7.38
CA VAL A 52 25.60 -3.32 -7.63
C VAL A 52 25.91 -3.29 -9.12
N ASP A 53 24.87 -3.13 -9.93
CA ASP A 53 24.99 -3.08 -11.39
C ASP A 53 26.35 -2.54 -11.82
N LYS A 54 27.34 -3.43 -11.87
CA LYS A 54 28.69 -3.05 -12.26
C LYS A 54 29.18 -1.87 -11.42
N SER A 55 28.54 -1.66 -10.29
CA SER A 55 28.88 -0.56 -9.39
C SER A 55 28.14 0.70 -9.79
N GLU A 56 27.15 0.54 -10.66
CA GLU A 56 26.36 1.66 -11.14
C GLU A 56 26.11 2.67 -10.02
N SER A 57 25.05 2.45 -9.26
CA SER A 57 24.71 3.34 -8.16
C SER A 57 23.37 2.92 -7.56
N TRP A 58 23.35 2.68 -6.26
CA TRP A 58 22.12 2.28 -5.59
C TRP A 58 21.00 3.23 -5.98
N SER A 59 21.37 4.48 -6.22
CA SER A 59 20.41 5.50 -6.62
C SER A 59 20.07 5.37 -8.10
N ASP A 60 20.91 4.64 -8.83
CA ASP A 60 20.71 4.42 -10.25
C ASP A 60 19.88 3.17 -10.48
N LEU A 61 19.86 2.28 -9.50
CA LEU A 61 19.10 1.05 -9.59
C LEU A 61 17.68 1.28 -9.10
N LEU A 62 17.57 1.59 -7.80
CA LEU A 62 16.28 1.85 -7.19
C LEU A 62 15.29 2.43 -8.19
N ARG A 63 14.16 1.76 -8.36
CA ARG A 63 13.13 2.21 -9.27
C ARG A 63 12.03 2.88 -8.46
N PRO A 64 11.90 4.21 -8.58
CA PRO A 64 10.91 4.95 -7.83
C PRO A 64 9.50 4.85 -8.41
N VAL A 65 8.59 4.34 -7.60
CA VAL A 65 7.22 4.18 -7.98
C VAL A 65 6.37 5.22 -7.28
N THR A 66 5.08 5.09 -7.42
CA THR A 66 4.19 6.04 -6.82
C THR A 66 3.30 5.43 -5.77
N SER A 67 3.04 6.25 -4.79
CA SER A 67 2.19 5.94 -3.68
C SER A 67 1.57 7.23 -3.21
N PHE A 68 0.55 7.15 -2.38
CA PHE A 68 -0.12 8.35 -1.90
C PHE A 68 -0.98 8.10 -0.68
N GLN A 69 -1.68 9.14 -0.27
CA GLN A 69 -2.58 9.07 0.88
C GLN A 69 -3.82 8.25 0.52
N THR A 70 -3.57 7.01 0.12
CA THR A 70 -4.63 6.10 -0.25
C THR A 70 -4.12 4.66 -0.18
N VAL A 71 -3.90 4.07 -1.35
CA VAL A 71 -3.40 2.70 -1.41
C VAL A 71 -3.42 2.19 -2.84
N GLU A 72 -4.42 2.64 -3.59
CA GLU A 72 -4.57 2.22 -4.98
C GLU A 72 -3.23 2.10 -5.68
N GLU A 73 -2.32 3.03 -5.41
CA GLU A 73 -1.00 2.97 -6.03
C GLU A 73 -0.20 1.79 -5.50
N PHE A 74 -0.02 1.76 -4.19
CA PHE A 74 0.73 0.68 -3.58
C PHE A 74 0.13 -0.67 -3.91
N TRP A 75 -1.17 -0.82 -3.70
CA TRP A 75 -1.82 -2.08 -3.98
C TRP A 75 -1.40 -2.63 -5.34
N ALA A 76 -1.29 -1.75 -6.34
CA ALA A 76 -0.86 -2.18 -7.66
C ALA A 76 0.49 -2.88 -7.57
N ILE A 77 1.55 -2.10 -7.36
CA ILE A 77 2.89 -2.66 -7.26
C ILE A 77 2.85 -3.99 -6.50
N ILE A 78 1.86 -4.13 -5.62
CA ILE A 78 1.68 -5.34 -4.83
C ILE A 78 1.00 -6.45 -5.63
N GLN A 79 -0.07 -6.09 -6.34
CA GLN A 79 -0.80 -7.08 -7.11
C GLN A 79 0.15 -8.01 -7.84
N ASN A 80 1.36 -7.53 -8.10
CA ASN A 80 2.38 -8.35 -8.77
C ASN A 80 2.70 -9.58 -7.95
N ILE A 81 2.34 -9.52 -6.68
CA ILE A 81 2.62 -10.60 -5.76
C ILE A 81 3.97 -11.25 -6.06
N PRO A 82 5.02 -10.43 -6.24
CA PRO A 82 6.37 -10.93 -6.51
C PRO A 82 7.14 -11.11 -5.21
N GLU A 83 6.58 -10.57 -4.15
CA GLU A 83 7.19 -10.64 -2.82
C GLU A 83 7.20 -12.07 -2.29
N PRO A 84 6.02 -12.73 -2.23
CA PRO A 84 5.91 -14.10 -1.74
C PRO A 84 6.69 -15.10 -2.57
N HIS A 85 7.98 -14.83 -2.72
CA HIS A 85 8.85 -15.70 -3.50
C HIS A 85 8.35 -15.82 -4.93
N GLU A 86 7.91 -14.69 -5.48
CA GLU A 86 7.39 -14.65 -6.83
C GLU A 86 8.25 -13.78 -7.73
N LEU A 87 9.23 -13.10 -7.14
CA LEU A 87 10.12 -12.22 -7.89
C LEU A 87 11.46 -12.90 -8.11
N PRO A 88 12.39 -12.19 -8.77
CA PRO A 88 13.72 -12.70 -9.06
C PRO A 88 14.67 -12.50 -7.88
N LEU A 89 14.13 -12.62 -6.68
CA LEU A 89 14.91 -12.44 -5.46
C LEU A 89 15.89 -11.30 -5.59
N LYS A 90 16.83 -11.23 -4.65
CA LYS A 90 17.84 -10.19 -4.65
C LYS A 90 17.22 -8.84 -4.96
N SER A 91 15.96 -8.72 -4.60
CA SER A 91 15.20 -7.49 -4.85
C SER A 91 14.94 -6.73 -3.56
N ASP A 92 14.34 -5.55 -3.68
CA ASP A 92 14.04 -4.72 -2.53
C ASP A 92 12.84 -3.81 -2.79
N TYR A 93 11.92 -3.76 -1.83
CA TYR A 93 10.73 -2.93 -1.94
C TYR A 93 10.66 -1.98 -0.75
N HIS A 94 10.26 -0.73 -0.99
CA HIS A 94 10.17 0.24 0.09
C HIS A 94 9.07 1.26 -0.13
N VAL A 95 8.44 1.68 0.95
CA VAL A 95 7.37 2.67 0.91
C VAL A 95 7.43 3.53 2.16
N PHE A 96 7.10 4.81 2.02
CA PHE A 96 7.13 5.74 3.14
C PHE A 96 6.15 6.88 2.93
N ARG A 97 5.97 7.69 3.98
CA ARG A 97 5.06 8.81 3.91
C ARG A 97 5.79 10.14 3.76
N ASN A 98 6.41 10.57 4.85
CA ASN A 98 7.16 11.83 4.84
C ASN A 98 8.00 11.95 3.58
N ASP A 99 8.35 10.81 3.00
CA ASP A 99 9.16 10.80 1.79
C ASP A 99 10.52 11.41 2.08
N VAL A 100 10.94 11.28 3.34
CA VAL A 100 12.21 11.81 3.79
C VAL A 100 13.24 11.82 2.66
N ARG A 101 14.07 10.78 2.57
CA ARG A 101 15.08 10.73 1.51
C ARG A 101 15.43 9.28 1.12
N PRO A 102 16.38 9.08 0.18
CA PRO A 102 16.82 7.77 -0.30
C PRO A 102 16.41 6.57 0.56
N GLU A 103 16.87 6.50 1.82
CA GLU A 103 16.54 5.36 2.69
C GLU A 103 17.56 5.25 3.83
N TRP A 104 18.40 4.21 3.86
CA TRP A 104 19.38 4.11 4.93
C TRP A 104 20.16 5.40 4.97
N GLU A 105 20.39 5.93 3.77
CA GLU A 105 21.12 7.17 3.59
C GLU A 105 20.27 8.35 4.07
N ASP A 106 19.04 8.06 4.49
CA ASP A 106 18.16 9.11 4.97
C ASP A 106 16.95 8.55 5.73
N GLU A 107 16.03 7.89 5.03
CA GLU A 107 14.85 7.32 5.70
C GLU A 107 15.27 6.70 7.02
N ALA A 108 16.49 6.19 7.06
CA ALA A 108 17.03 5.62 8.27
C ALA A 108 17.33 6.75 9.23
N ASN A 109 18.07 7.73 8.73
CA ASN A 109 18.39 8.92 9.50
C ASN A 109 17.08 9.57 9.94
N ALA A 110 16.03 9.23 9.20
CA ALA A 110 14.69 9.72 9.42
C ALA A 110 13.97 8.87 10.45
N LYS A 111 13.73 7.63 10.08
CA LYS A 111 13.06 6.66 10.93
C LYS A 111 13.67 6.61 12.31
N GLY A 112 14.98 6.54 12.35
CA GLY A 112 15.67 6.46 13.62
C GLY A 112 16.07 5.01 13.97
N GLY A 113 15.17 4.06 13.69
CA GLY A 113 15.47 2.66 14.00
C GLY A 113 15.09 1.73 12.85
N LYS A 114 15.83 0.61 12.71
CA LYS A 114 15.56 -0.35 11.65
C LYS A 114 15.17 -1.71 12.20
N TRP A 115 14.07 -2.27 11.68
CA TRP A 115 13.58 -3.57 12.12
C TRP A 115 13.55 -4.55 10.95
N SER A 116 14.60 -5.37 10.83
CA SER A 116 14.68 -6.33 9.74
C SER A 116 14.53 -7.75 10.26
N PHE A 117 14.16 -8.66 9.36
CA PHE A 117 13.99 -10.06 9.71
C PHE A 117 14.45 -10.97 8.56
N GLN A 118 15.51 -11.73 8.80
CA GLN A 118 16.04 -12.63 7.80
C GLN A 118 15.27 -13.94 7.79
N LEU A 119 14.80 -14.34 6.61
CA LEU A 119 14.04 -15.57 6.48
C LEU A 119 14.68 -16.50 5.44
N CYS A 120 14.72 -17.79 5.76
CA CYS A 120 15.32 -18.77 4.86
C CYS A 120 14.47 -18.92 3.60
N GLY A 121 13.18 -18.61 3.72
CA GLY A 121 12.28 -18.71 2.58
C GLY A 121 11.56 -20.04 2.52
N LYS A 122 10.28 -20.00 2.17
CA LYS A 122 9.48 -21.22 2.07
C LYS A 122 8.70 -21.26 0.76
N GLY A 123 7.70 -20.39 0.65
CA GLY A 123 6.90 -20.34 -0.56
C GLY A 123 5.48 -20.82 -0.34
N ALA A 124 4.60 -19.89 0.03
CA ALA A 124 3.20 -20.22 0.27
C ALA A 124 2.33 -18.97 0.27
N ASP A 125 2.24 -18.33 1.42
CA ASP A 125 1.44 -17.11 1.56
C ASP A 125 1.94 -16.28 2.74
N ILE A 126 3.25 -16.25 2.92
CA ILE A 126 3.86 -15.50 4.00
C ILE A 126 3.78 -14.00 3.78
N ASP A 127 3.71 -13.60 2.51
CA ASP A 127 3.65 -12.19 2.15
C ASP A 127 2.29 -11.59 2.45
N GLU A 128 1.30 -12.43 2.74
CA GLU A 128 -0.04 -11.95 3.04
C GLU A 128 -0.19 -11.63 4.51
N LEU A 129 0.67 -12.25 5.31
CA LEU A 129 0.65 -12.06 6.75
C LEU A 129 1.57 -10.91 7.14
N TRP A 130 2.77 -10.88 6.58
CA TRP A 130 3.72 -9.83 6.87
C TRP A 130 3.16 -8.51 6.37
N LEU A 131 2.53 -8.56 5.21
CA LEU A 131 1.94 -7.36 4.62
C LEU A 131 0.79 -6.87 5.48
N CYS A 132 -0.19 -7.75 5.71
CA CYS A 132 -1.34 -7.38 6.53
C CYS A 132 -0.88 -6.52 7.70
N THR A 133 0.33 -6.81 8.15
CA THR A 133 0.92 -6.07 9.27
C THR A 133 1.47 -4.72 8.80
N LEU A 134 2.14 -4.71 7.65
CA LEU A 134 2.69 -3.49 7.10
C LEU A 134 1.58 -2.60 6.56
N LEU A 135 0.80 -3.16 5.63
CA LEU A 135 -0.30 -2.42 5.04
C LEU A 135 -1.10 -1.70 6.12
N ALA A 136 -1.34 -2.40 7.22
CA ALA A 136 -2.08 -1.82 8.34
C ALA A 136 -1.29 -0.70 9.00
N VAL A 137 0.02 -0.88 9.05
CA VAL A 137 0.92 0.07 9.66
C VAL A 137 0.88 1.44 8.96
N ILE A 138 0.91 1.41 7.62
CA ILE A 138 0.89 2.64 6.84
C ILE A 138 -0.54 3.05 6.51
N GLY A 139 -1.37 2.05 6.24
CA GLY A 139 -2.75 2.29 5.92
C GLY A 139 -3.67 2.00 7.08
N GLU A 140 -3.24 2.41 8.27
CA GLU A 140 -4.02 2.20 9.48
C GLU A 140 -3.23 2.60 10.71
N THR A 141 -2.44 3.65 10.55
CA THR A 141 -1.62 4.17 11.64
C THR A 141 -2.30 5.35 12.31
N ILE A 142 -2.02 6.56 11.81
CA ILE A 142 -2.62 7.77 12.35
C ILE A 142 -1.80 8.32 13.52
N ASP A 143 -0.90 7.47 14.04
CA ASP A 143 -0.04 7.84 15.16
C ASP A 143 -0.60 7.28 16.46
N GLU A 144 -1.27 6.14 16.38
CA GLU A 144 -1.86 5.50 17.54
C GLU A 144 -1.30 4.08 17.72
N ASP A 145 -0.97 3.44 16.60
CA ASP A 145 -0.42 2.09 16.62
C ASP A 145 1.04 2.09 16.20
N ASP A 146 1.27 2.26 14.89
CA ASP A 146 2.62 2.28 14.36
C ASP A 146 3.52 3.20 15.20
N SER A 147 2.99 4.38 15.52
CA SER A 147 3.73 5.36 16.31
C SER A 147 4.54 6.29 15.43
N GLN A 148 3.86 7.23 14.77
CA GLN A 148 4.52 8.19 13.90
C GLN A 148 5.69 7.53 13.16
N ILE A 149 5.52 6.25 12.83
CA ILE A 149 6.55 5.49 12.13
C ILE A 149 7.14 6.31 10.98
N ASN A 150 8.13 5.73 10.29
CA ASN A 150 8.76 6.40 9.16
C ASN A 150 8.45 5.66 7.87
N GLY A 151 8.53 4.34 7.90
CA GLY A 151 8.27 3.55 6.72
C GLY A 151 8.79 2.14 6.84
N VAL A 152 8.52 1.33 5.83
CA VAL A 152 8.96 -0.06 5.81
C VAL A 152 9.83 -0.34 4.59
N VAL A 153 10.62 -1.41 4.65
CA VAL A 153 11.49 -1.77 3.56
C VAL A 153 11.50 -3.28 3.34
N LEU A 154 11.97 -3.69 2.18
CA LEU A 154 12.03 -5.09 1.83
C LEU A 154 13.29 -5.39 1.01
N SER A 155 13.84 -6.58 1.18
CA SER A 155 15.03 -6.98 0.45
C SER A 155 15.14 -8.48 0.37
N ILE A 156 14.83 -9.02 -0.80
CA ILE A 156 14.90 -10.45 -1.01
C ILE A 156 16.26 -10.85 -1.54
N ARG A 157 16.62 -12.11 -1.32
CA ARG A 157 17.91 -12.64 -1.77
C ARG A 157 17.78 -14.15 -2.02
N LYS A 158 18.63 -14.68 -2.89
CA LYS A 158 18.61 -16.11 -3.21
C LYS A 158 18.25 -16.93 -1.98
N GLY A 159 17.06 -17.52 -1.98
CA GLY A 159 16.61 -18.33 -0.86
C GLY A 159 16.88 -17.67 0.47
N GLY A 160 16.58 -16.37 0.56
CA GLY A 160 16.80 -15.65 1.80
C GLY A 160 16.18 -14.26 1.77
N ASN A 161 14.87 -14.19 2.02
CA ASN A 161 14.16 -12.93 2.03
C ASN A 161 14.39 -12.18 3.33
N LYS A 162 14.27 -10.86 3.27
CA LYS A 162 14.49 -10.03 4.46
C LYS A 162 13.60 -8.79 4.41
N PHE A 163 12.69 -8.67 5.37
CA PHE A 163 11.79 -7.53 5.44
C PHE A 163 12.24 -6.55 6.52
N ALA A 164 12.29 -5.26 6.17
CA ALA A 164 12.71 -4.24 7.10
C ALA A 164 11.55 -3.37 7.53
N LEU A 165 11.62 -2.84 8.75
CA LEU A 165 10.59 -1.98 9.29
C LEU A 165 11.24 -0.76 9.93
N TRP A 166 10.93 0.42 9.41
CA TRP A 166 11.51 1.64 9.93
C TRP A 166 10.55 2.37 10.84
N THR A 167 11.02 2.66 12.05
CA THR A 167 10.20 3.33 13.03
C THR A 167 10.78 4.66 13.48
N LYS A 168 10.01 5.72 13.27
CA LYS A 168 10.42 7.06 13.66
C LYS A 168 11.17 7.04 15.00
N CYS A 169 10.72 6.18 15.91
CA CYS A 169 11.33 6.04 17.22
C CYS A 169 10.29 5.65 18.26
N GLU A 170 9.53 6.64 18.72
CA GLU A 170 8.49 6.42 19.72
C GLU A 170 8.90 5.34 20.71
N ASP A 171 10.19 5.33 21.07
CA ASP A 171 10.70 4.34 22.00
C ASP A 171 10.66 2.95 21.38
N LYS A 172 11.80 2.29 21.33
CA LYS A 172 11.89 0.96 20.74
C LYS A 172 11.19 -0.09 21.58
N GLU A 173 11.06 0.17 22.88
CA GLU A 173 10.40 -0.79 23.76
C GLU A 173 9.19 -1.39 23.07
N PRO A 174 8.23 -0.54 22.66
CA PRO A 174 7.02 -0.98 21.96
C PRO A 174 7.35 -1.66 20.65
N LEU A 175 8.55 -1.41 20.13
CA LEU A 175 8.97 -2.04 18.88
C LEU A 175 9.33 -3.48 19.14
N LEU A 176 10.31 -3.69 20.01
CA LEU A 176 10.71 -5.05 20.37
C LEU A 176 9.45 -5.88 20.55
N ARG A 177 8.37 -5.21 20.95
CA ARG A 177 7.10 -5.87 21.15
C ARG A 177 6.41 -6.09 19.80
N ILE A 178 6.43 -5.06 18.96
CA ILE A 178 5.83 -5.12 17.65
C ILE A 178 6.59 -6.13 16.78
N GLY A 179 7.89 -5.89 16.61
CA GLY A 179 8.71 -6.79 15.82
C GLY A 179 8.44 -8.24 16.18
N GLY A 180 8.42 -8.54 17.47
CA GLY A 180 8.16 -9.90 17.91
C GLY A 180 6.91 -10.47 17.27
N LYS A 181 5.80 -9.76 17.42
CA LYS A 181 4.53 -10.19 16.83
C LYS A 181 4.64 -10.25 15.32
N PHE A 182 5.36 -9.27 14.75
CA PHE A 182 5.56 -9.21 13.32
C PHE A 182 6.44 -10.38 12.86
N LYS A 183 7.25 -10.88 13.78
CA LYS A 183 8.14 -11.99 13.49
C LYS A 183 7.33 -13.24 13.14
N GLN A 184 6.50 -13.68 14.08
CA GLN A 184 5.68 -14.86 13.88
C GLN A 184 4.83 -14.71 12.61
N VAL A 185 4.35 -13.49 12.37
CA VAL A 185 3.56 -13.23 11.19
C VAL A 185 4.27 -13.74 9.95
N LEU A 186 5.58 -13.66 9.98
CA LEU A 186 6.40 -14.13 8.87
C LEU A 186 6.56 -15.64 8.94
N LYS A 187 5.94 -16.23 9.95
CA LYS A 187 6.01 -17.67 10.14
C LYS A 187 7.37 -18.21 9.76
N LEU A 188 8.41 -17.44 10.06
CA LEU A 188 9.78 -17.82 9.75
C LEU A 188 10.17 -19.09 10.49
N THR A 189 10.17 -19.02 11.80
CA THR A 189 10.54 -20.15 12.64
C THR A 189 11.57 -21.03 11.97
N ASP A 190 12.46 -20.41 11.19
CA ASP A 190 13.51 -21.13 10.49
C ASP A 190 14.62 -20.20 10.05
N ASP A 191 14.75 -19.07 10.74
CA ASP A 191 15.78 -18.09 10.41
C ASP A 191 15.65 -16.84 11.27
N GLY A 192 16.46 -15.84 10.97
CA GLY A 192 16.44 -14.59 11.72
C GLY A 192 15.03 -14.18 12.12
N HIS A 193 14.71 -14.35 13.40
CA HIS A 193 13.40 -14.00 13.91
C HIS A 193 13.24 -12.49 14.04
N LEU A 194 14.31 -11.75 13.76
CA LEU A 194 14.27 -10.31 13.85
C LEU A 194 15.67 -9.72 13.92
N GLU A 195 15.78 -8.43 13.65
CA GLU A 195 17.06 -7.76 13.68
C GLU A 195 16.89 -6.29 14.01
N PHE A 196 17.01 -5.95 15.29
CA PHE A 196 16.88 -4.57 15.73
C PHE A 196 18.17 -3.81 15.47
N PHE A 197 18.11 -2.87 14.53
CA PHE A 197 19.30 -2.09 14.16
C PHE A 197 19.07 -0.59 14.33
N PRO A 198 20.15 0.13 14.64
CA PRO A 198 20.12 1.59 14.82
C PRO A 198 20.32 2.31 13.50
N HIS A 199 19.30 3.05 13.07
CA HIS A 199 19.35 3.79 11.81
C HIS A 199 20.70 4.45 11.61
N CYS A 200 21.39 4.74 12.70
CA CYS A 200 22.70 5.39 12.65
C CYS A 200 23.43 5.01 11.37
N SER A 201 23.39 3.72 11.07
CA SER A 201 24.04 3.19 9.87
C SER A 201 23.35 1.92 9.38
N ALA A 202 22.17 1.64 9.93
CA ALA A 202 21.43 0.44 9.56
C ALA A 202 22.36 -0.76 9.64
N ASN A 203 22.70 -1.14 10.86
CA ASN A 203 23.60 -2.25 11.09
C ASN A 203 23.15 -3.10 12.28
N GLY A 204 23.26 -2.53 13.48
CA GLY A 204 22.87 -3.25 14.68
C GLY A 204 23.81 -3.01 15.85
N ARG A 205 24.12 -1.74 16.11
CA ARG A 205 25.01 -1.37 17.20
C ARG A 205 24.40 -0.27 18.05
N HIS A 206 23.61 -0.65 19.06
CA HIS A 206 22.97 0.31 19.94
C HIS A 206 22.41 -0.38 21.18
N PRO A 207 21.88 0.40 22.13
CA PRO A 207 21.30 -0.14 23.36
C PRO A 207 20.22 -1.18 23.10
N GLN A 208 19.09 -0.74 22.56
CA GLN A 208 17.98 -1.64 22.27
C GLN A 208 18.10 -2.20 20.84
N PRO A 209 17.87 -1.34 19.84
CA PRO A 209 17.95 -1.75 18.43
C PRO A 209 19.35 -2.22 18.05
N SER A 210 19.65 -3.48 18.37
CA SER A 210 20.97 -4.04 18.07
C SER A 210 21.01 -5.55 18.24
N ILE A 211 19.84 -6.18 18.21
CA ILE A 211 19.75 -7.61 18.37
C ILE A 211 19.28 -8.29 17.10
N THR A 212 19.44 -9.59 17.07
CA THR A 212 19.03 -10.39 15.92
C THR A 212 18.55 -11.74 16.39
N LEU A 213 17.23 -11.93 16.37
CA LEU A 213 16.65 -13.19 16.80
C LEU A 213 16.80 -14.26 15.74
N GLY B 1 0.55 -29.84 -39.99
CA GLY B 1 0.80 -30.58 -38.72
C GLY B 1 2.27 -30.85 -38.48
N SER B 2 2.71 -30.66 -37.25
CA SER B 2 4.11 -30.88 -36.88
C SER B 2 4.28 -32.23 -36.19
N ILE B 3 5.53 -32.65 -36.03
CA ILE B 3 5.83 -33.92 -35.38
C ILE B 3 6.95 -33.75 -34.35
N GLY B 4 8.03 -33.10 -34.76
CA GLY B 4 9.14 -32.89 -33.86
C GLY B 4 10.36 -32.32 -34.58
N LEU B 5 10.87 -33.06 -35.55
CA LEU B 5 12.03 -32.64 -36.32
C LEU B 5 11.68 -31.45 -37.21
N GLU B 6 10.91 -31.71 -38.26
CA GLU B 6 10.50 -30.67 -39.19
C GLU B 6 9.19 -30.02 -38.74
N ALA B 7 8.80 -28.95 -39.43
CA ALA B 7 7.57 -28.23 -39.11
C ALA B 7 7.70 -27.50 -37.78
N GLU B 8 8.19 -26.26 -37.84
CA GLU B 8 8.36 -25.44 -36.64
C GLU B 8 7.13 -24.55 -36.41
N ILE B 9 6.42 -24.80 -35.32
CA ILE B 9 5.23 -24.03 -34.99
C ILE B 9 5.47 -23.16 -33.76
N GLU B 10 5.10 -21.88 -33.88
CA GLU B 10 5.28 -20.94 -32.78
C GLU B 10 4.68 -21.49 -31.49
N THR B 11 5.53 -22.02 -30.63
CA THR B 11 5.09 -22.59 -29.36
C THR B 11 4.00 -21.73 -28.72
N THR B 12 3.14 -22.35 -27.93
CA THR B 12 2.05 -21.63 -27.26
C THR B 12 2.61 -20.65 -26.25
N THR B 13 2.06 -19.42 -26.26
CA THR B 13 2.49 -18.38 -25.34
C THR B 13 1.29 -17.67 -24.72
N ASP B 14 0.27 -18.45 -24.35
CA ASP B 14 -0.93 -17.90 -23.75
C ASP B 14 -1.72 -18.98 -23.02
N GLU B 15 -2.27 -18.63 -21.87
CA GLU B 15 -3.05 -19.58 -21.08
C GLU B 15 -4.36 -18.95 -20.62
N THR B 16 -4.26 -17.94 -19.77
CA THR B 16 -5.44 -17.26 -19.25
C THR B 16 -5.50 -15.82 -19.76
N ASP B 17 -5.71 -15.66 -21.06
CA ASP B 17 -5.80 -14.34 -21.67
C ASP B 17 -7.21 -13.79 -21.58
N ASP B 18 -7.32 -12.47 -21.50
CA ASP B 18 -8.63 -11.82 -21.42
C ASP B 18 -9.27 -12.06 -20.06
N GLY B 19 -9.95 -11.04 -19.53
CA GLY B 19 -10.60 -11.17 -18.25
C GLY B 19 -9.73 -10.70 -17.10
N THR B 20 -8.68 -9.96 -17.42
CA THR B 20 -7.75 -9.46 -16.41
C THR B 20 -7.77 -7.93 -16.38
N ASN B 21 -7.56 -7.36 -15.19
CA ASN B 21 -7.54 -5.91 -15.04
C ASN B 21 -6.24 -5.32 -15.57
N THR B 22 -6.35 -4.15 -16.19
CA THR B 22 -5.18 -3.47 -16.74
C THR B 22 -5.09 -2.05 -16.21
N VAL B 23 -3.87 -1.62 -15.88
CA VAL B 23 -3.65 -0.27 -15.36
C VAL B 23 -4.04 0.79 -16.39
N SER B 24 -3.73 0.54 -17.65
CA SER B 24 -4.06 1.49 -18.71
C SER B 24 -5.56 1.81 -18.68
N HIS B 25 -6.37 0.78 -18.50
CA HIS B 25 -7.81 0.95 -18.45
C HIS B 25 -8.24 1.68 -17.17
N ILE B 26 -7.66 1.26 -16.04
CA ILE B 26 -7.98 1.87 -14.75
C ILE B 26 -7.84 3.38 -14.80
N LEU B 27 -6.64 3.86 -15.14
CA LEU B 27 -6.39 5.29 -15.21
C LEU B 27 -7.40 5.98 -16.11
N ASN B 28 -7.60 5.42 -17.30
CA ASN B 28 -8.54 5.98 -18.25
C ASN B 28 -9.88 6.23 -17.57
N VAL B 29 -10.28 5.31 -16.71
CA VAL B 29 -11.53 5.43 -15.97
C VAL B 29 -11.37 6.40 -14.81
N LEU B 30 -10.20 6.37 -14.20
CA LEU B 30 -9.89 7.25 -13.06
C LEU B 30 -10.20 8.70 -13.40
N LYS B 31 -10.05 9.07 -14.67
CA LYS B 31 -10.32 10.43 -15.11
C LYS B 31 -11.61 10.96 -14.49
N ASP B 32 -12.51 10.03 -14.15
CA ASP B 32 -13.79 10.40 -13.56
C ASP B 32 -13.83 10.04 -12.08
N ALA B 33 -12.66 10.05 -11.44
CA ALA B 33 -12.55 9.73 -10.03
C ALA B 33 -12.03 10.91 -9.22
N THR B 34 -12.49 11.03 -7.98
CA THR B 34 -12.07 12.12 -7.11
C THR B 34 -13.11 12.35 -6.01
N PRO B 35 -14.35 12.64 -6.40
CA PRO B 35 -15.47 12.88 -5.48
C PRO B 35 -15.48 11.93 -4.29
N ILE B 36 -14.66 12.20 -3.29
CA ILE B 36 -14.61 11.35 -2.10
C ILE B 36 -14.70 12.15 -0.81
N GLU B 37 -15.61 11.74 0.06
CA GLU B 37 -15.78 12.38 1.35
C GLU B 37 -14.94 11.65 2.40
N ASP B 38 -14.57 10.40 2.06
CA ASP B 38 -13.78 9.53 2.93
C ASP B 38 -14.38 8.13 2.99
N VAL B 39 -13.54 7.15 3.30
CA VAL B 39 -13.96 5.75 3.41
C VAL B 39 -15.36 5.64 3.94
N PHE B 40 -15.46 5.74 5.26
CA PHE B 40 -16.74 5.69 5.94
C PHE B 40 -17.64 6.78 5.40
N SER B 41 -17.06 7.71 4.63
CA SER B 41 -17.85 8.79 4.05
C SER B 41 -18.55 8.30 2.79
N PHE B 42 -17.90 7.37 2.08
CA PHE B 42 -18.49 6.81 0.87
C PHE B 42 -18.85 5.34 1.08
N ASN B 43 -20.11 5.01 0.81
CA ASN B 43 -20.59 3.65 0.97
C ASN B 43 -20.26 2.81 -0.25
N TYR B 44 -19.44 1.79 -0.04
CA TYR B 44 -19.02 0.89 -1.11
C TYR B 44 -19.91 -0.34 -1.17
N PRO B 45 -20.86 -0.38 -2.12
CA PRO B 45 -21.78 -1.51 -2.29
C PRO B 45 -21.15 -2.66 -3.07
N GLU B 46 -20.58 -3.62 -2.34
CA GLU B 46 -19.95 -4.77 -2.96
C GLU B 46 -19.57 -5.81 -1.91
N GLY B 47 -20.54 -6.21 -1.11
CA GLY B 47 -20.29 -7.20 -0.07
C GLY B 47 -19.65 -6.60 1.16
N ILE B 48 -19.23 -5.34 1.06
CA ILE B 48 -18.60 -4.66 2.18
C ILE B 48 -19.12 -3.22 2.31
N GLU B 49 -18.72 -2.54 3.37
CA GLU B 49 -19.14 -1.16 3.61
C GLU B 49 -18.34 -0.54 4.75
N GLY B 50 -17.87 0.70 4.53
CA GLY B 50 -17.09 1.39 5.53
C GLY B 50 -17.49 1.03 6.95
N PRO B 51 -16.86 0.01 7.54
CA PRO B 51 -17.16 -0.45 8.90
C PRO B 51 -16.85 0.62 9.94
N ASP B 52 -16.37 0.17 11.11
CA ASP B 52 -16.03 1.09 12.20
C ASP B 52 -14.56 1.47 12.18
N ILE B 53 -13.81 0.86 11.26
CA ILE B 53 -12.38 1.13 11.12
C ILE B 53 -12.02 2.59 11.44
N LYS B 54 -12.99 3.49 11.27
CA LYS B 54 -12.77 4.91 11.53
C LYS B 54 -12.28 5.17 12.95
N TYR B 55 -12.93 4.55 13.92
CA TYR B 55 -12.56 4.72 15.32
C TYR B 55 -11.54 3.67 15.75
N LYS B 56 -11.34 2.68 14.88
CA LYS B 56 -10.41 1.59 15.18
C LYS B 56 -9.12 2.06 15.81
N LYS B 57 -8.21 2.56 14.99
CA LYS B 57 -6.91 3.04 15.48
C LYS B 57 -7.07 4.20 16.45
N GLU B 58 -8.33 4.63 16.66
CA GLU B 58 -8.65 5.74 17.56
C GLU B 58 -9.07 6.96 16.76
N HIS B 59 -10.38 7.13 16.60
CA HIS B 59 -10.91 8.26 15.85
C HIS B 59 -10.22 8.41 14.51
N VAL B 60 -9.61 7.33 14.02
CA VAL B 60 -8.93 7.38 12.73
C VAL B 60 -9.91 7.73 11.62
N LYS B 61 -9.96 9.02 11.28
CA LYS B 61 -10.87 9.49 10.22
C LYS B 61 -10.46 8.93 8.87
N TYR B 62 -9.16 8.95 8.59
CA TYR B 62 -8.65 8.43 7.32
C TYR B 62 -7.75 7.23 7.56
N THR B 63 -8.38 6.11 7.88
CA THR B 63 -7.65 4.89 8.12
C THR B 63 -8.54 3.68 7.88
N TYR B 64 -8.23 2.92 6.84
CA TYR B 64 -9.00 1.75 6.49
C TYR B 64 -8.31 0.50 7.02
N GLY B 65 -9.11 -0.47 7.47
CA GLY B 65 -8.56 -1.70 8.02
C GLY B 65 -7.88 -2.56 6.98
N PRO B 66 -6.99 -3.46 7.42
CA PRO B 66 -6.26 -4.36 6.51
C PRO B 66 -7.22 -5.14 5.62
N THR B 67 -8.19 -5.80 6.26
CA THR B 67 -9.19 -6.57 5.53
C THR B 67 -9.86 -5.69 4.48
N PHE B 68 -10.06 -4.43 4.83
CA PHE B 68 -10.67 -3.47 3.91
C PHE B 68 -9.76 -3.25 2.73
N LEU B 69 -8.52 -2.87 3.03
CA LEU B 69 -7.52 -2.65 1.99
C LEU B 69 -7.39 -3.92 1.16
N LEU B 70 -7.77 -5.05 1.76
CA LEU B 70 -7.72 -6.32 1.08
C LEU B 70 -8.69 -6.31 -0.09
N GLN B 71 -9.86 -5.72 0.12
CA GLN B 71 -10.85 -5.62 -0.94
C GLN B 71 -10.20 -4.95 -2.14
N PHE B 72 -9.49 -3.86 -1.87
CA PHE B 72 -8.79 -3.13 -2.90
C PHE B 72 -7.99 -4.08 -3.79
N LYS B 73 -6.97 -4.69 -3.20
CA LYS B 73 -6.11 -5.62 -3.92
C LYS B 73 -6.92 -6.42 -4.94
N ASP B 74 -7.91 -7.16 -4.45
CA ASP B 74 -8.75 -7.97 -5.31
C ASP B 74 -9.04 -7.26 -6.62
N LYS B 75 -9.38 -5.98 -6.53
CA LYS B 75 -9.69 -5.18 -7.71
C LYS B 75 -8.45 -4.49 -8.26
N LEU B 76 -7.43 -4.34 -7.41
CA LEU B 76 -6.18 -3.70 -7.81
C LEU B 76 -5.31 -4.66 -8.62
N ASN B 77 -5.80 -5.89 -8.79
CA ASN B 77 -5.06 -6.90 -9.56
C ASN B 77 -4.84 -6.44 -10.99
N VAL B 78 -3.99 -5.43 -11.17
CA VAL B 78 -3.70 -4.89 -12.50
C VAL B 78 -2.25 -5.09 -12.90
N LYS B 79 -1.46 -4.03 -12.79
CA LYS B 79 -0.04 -4.10 -13.15
C LYS B 79 0.61 -2.73 -13.04
N ALA B 80 0.30 -2.01 -11.96
CA ALA B 80 0.85 -0.69 -11.71
C ALA B 80 1.14 0.06 -13.00
N ASP B 81 2.31 -0.18 -13.56
CA ASP B 81 2.71 0.47 -14.80
C ASP B 81 3.26 1.86 -14.51
N ALA B 82 4.55 1.92 -14.22
CA ALA B 82 5.22 3.18 -13.92
C ALA B 82 4.56 4.35 -14.63
N GLU B 83 4.34 4.22 -15.92
CA GLU B 83 3.70 5.27 -16.71
C GLU B 83 2.42 5.74 -16.01
N TRP B 84 1.59 4.79 -15.62
CA TRP B 84 0.34 5.10 -14.93
C TRP B 84 0.62 5.94 -13.68
N VAL B 85 1.73 5.67 -13.02
CA VAL B 85 2.10 6.41 -11.81
C VAL B 85 2.17 7.90 -12.11
N GLN B 86 2.68 8.24 -13.28
CA GLN B 86 2.78 9.64 -13.69
C GLN B 86 1.39 10.27 -13.74
N SER B 87 0.43 9.50 -14.26
CA SER B 87 -0.94 9.96 -14.37
C SER B 87 -1.75 9.55 -13.13
N THR B 88 -1.11 8.80 -12.23
CA THR B 88 -1.75 8.35 -11.00
C THR B 88 -1.69 9.40 -9.90
N ALA B 89 -0.81 10.37 -10.06
CA ALA B 89 -0.65 11.44 -9.08
C ALA B 89 -1.94 12.22 -8.88
N SER B 90 -2.90 12.01 -9.79
CA SER B 90 -4.19 12.71 -9.72
C SER B 90 -4.93 12.42 -8.41
N LYS B 91 -4.52 11.37 -7.71
CA LYS B 91 -5.16 10.99 -6.45
C LYS B 91 -5.59 12.24 -5.67
N ILE B 92 -6.87 12.29 -5.28
CA ILE B 92 -7.39 13.43 -4.53
C ILE B 92 -8.08 12.98 -3.25
N VAL B 93 -7.83 13.71 -2.17
CA VAL B 93 -8.43 13.39 -0.88
C VAL B 93 -9.24 14.55 -0.34
N ILE B 94 -10.43 14.27 0.18
CA ILE B 94 -11.29 15.30 0.73
C ILE B 94 -11.90 14.86 2.06
N PRO B 95 -11.92 15.75 3.05
CA PRO B 95 -12.46 15.47 4.38
C PRO B 95 -13.96 15.15 4.33
N PRO B 96 -14.54 14.79 5.49
CA PRO B 96 -15.96 14.45 5.58
C PRO B 96 -16.85 15.54 5.00
N GLY B 97 -18.06 15.16 4.58
CA GLY B 97 -18.98 16.11 4.01
C GLY B 97 -18.29 17.14 3.13
N MET B 98 -18.04 18.32 3.70
CA MET B 98 -17.38 19.40 2.96
C MET B 98 -16.33 20.07 3.83
N GLY B 99 -16.72 20.43 5.05
CA GLY B 99 -15.80 21.09 5.96
C GLY B 99 -16.47 21.53 7.25
N ARG B 100 -16.81 22.81 7.33
CA ARG B 100 -17.46 23.35 8.51
C ARG B 100 -17.73 24.84 8.36
#